data_7DK7
#
_entry.id   7DK7
#
loop_
_entity.id
_entity.type
_entity.pdbx_description
1 polymer 'The heavy chain fragment of 2H2 Fab'
2 polymer 'The light chain fragment of 2H2 Fab'
3 polymer 'Spike glycoprotein'
#
loop_
_entity_poly.entity_id
_entity_poly.type
_entity_poly.pdbx_seq_one_letter_code
_entity_poly.pdbx_strand_id
1 'polypeptide(L)'
;QVQLKQSGPSLVQPSQSLSITCTVSGFSLTSYGVHWVRQSPGKGLEWLGVMWRGGNTDYNAAFMSRLSITKDNSKSQVFF
KMNSLQTDDTAIYYCAKNGGAHAMDFWGQGTSVTVSSAKTTPPSVYPLAPGSAAQTNSMVTLGCLVKGYFPEPVTVTWNS
GSLSSGVHTFPAVLQSDLYTLSSSVTVPSSTWPSETVTCNVAHPASSTKVDKKI
;
e,a,c
2 'polypeptide(L)'
;NIVLTQSPASLAVSLGQRATISCRASESVDSYGNSFLHWYQQKPGQPPKLLIYLASNLESGVPARFSGSGSRTDFTLTID
PVEADDAATYYCQQNNEDPFTFGSGTKLEIKRADAAPTVSIFPPSSEQLTSGGASVVCFLNNFYPKDINVKWKIDGSERQ
NGVLNSWTDQDSKDSTYSMSSTLTLTKDEYERHNSYTCEATHKTSTSPIVKSFNRNEC
;
f,b,d
3 'polypeptide(L)'
;MFVFLVLLPLVSSQCVNLTTRTQLPPAYTNSFTRGVYYPDKVFRSSVLHSTQDLFLPFFSNVTWFHAIHVSGTNGTKRFD
NPVLPFNDGVYFASTEKSNIIRGWIFGTTLDSKTQSLLIVNNATNVVIKVCEFQFCNDPFLGVYYHKNNKSWMESEFRVY
SSANNCTFEYVSQPFLMDLEGKQGNFKNLREFVFKNIDGYFKIYSKHTPINLVRDLPQGFSALEPLVDLPIGINITRFQT
LLALHRSYLTPGDSSSGWTAGAAAYYVGYLQPRTFLLKYNENGTITDAVDCALDPLSETKCTLKSFTVEKGIYQTSNFRV
QPTESIVRFPNITNLCPFGEVFNATRFASVYAWNRKRISNCVADYSVLYNSASFSTFKCYGVSPTKLNDLCFTNVYADSF
VIRGDEVRQIAPGQTGKIADYNYKLPDDFTGCVIAWNSNNLDSKVGGNYNYLYRLFRKSNLKPFERDISTEIYQAGSTPC
NGVEGFNCYFPLQSYGFQPTNGVGYQPYRVVVLSFELLHAPATVCGPKKSTNLVKNKCVNFNFNGLTGTGVLTESNKKFL
PFQQFGRDIADTTDAVRDPQTLEILDITPCSFGGVSVITPGTNTSNQVAVLYQDVNCTEVPVAIHADQLTPTWRVYSTGS
NVFQTRAGCLIGAEHVNNSYECDIPIGAGICASYQTQTNSPGSASSVASQSIIAYTMSLGAENSVAYSNNSIAIPTNFTI
SVTTEILPVSMTKTSVDCTMYICGDSTECSNLLLQYGSFCTQLNRALTGIAVEQDKNTQEVFAQVKQIYKTPPIKDFGGF
NFSQILPDPSKPSKRSFIEDLLFNKVTLADAGFIKQYGDCLGDIAARDLICAQKFNGLTVLPPLLTDEMIAQYTSALLAG
TITSGWTFGAGAALQIPFAMQMAYRFNGIGVTQNVLYENQKLIANQFNSAIGKIQDSLSSTASALGKLQDVVNQNAQALN
TLVKQLSSNFGAISSVLNDILSRLDPPEAEVQIDRLITGRLQSLQTYVTQQLIRAAEIRASANLAATKMSECVLGQSKRV
DFCGKGYHLMSFPQSAPHGVVFLHVTYVPAQEKNFTTAPAICHDGKAHFPREGVFVSNGTHWFVTQRNFYEPQIITTDNT
FVSGNCDVVIGIVNNTVYDPLQPELDSFKEELDKYFKNHTSPDVDLGDISGINASVVNIQKEIDRLNEVAKNLNESLIDL
QELGKYEQGSGYIPEAPRDGQAYVRKDGEWVLLSTFLENLYFQGDYKDDDDKHHHHHHHHH
;
A,B,C
#
# COMPACT_ATOMS: atom_id res chain seq x y z
N ALA A 91 15.31 69.07 47.97
CA ALA A 91 14.24 68.62 47.10
C ALA A 91 13.13 68.03 47.96
N ILE A 92 11.98 67.79 47.33
CA ILE A 92 10.82 67.24 48.02
C ILE A 92 10.91 65.72 47.88
N TYR A 93 11.38 65.06 48.93
CA TYR A 93 11.57 63.61 48.91
C TYR A 93 10.26 62.89 49.10
N TYR A 94 10.16 61.72 48.46
CA TYR A 94 8.97 60.87 48.54
C TYR A 94 9.39 59.43 48.78
N CYS A 95 8.46 58.66 49.32
CA CYS A 95 8.68 57.24 49.60
C CYS A 95 7.71 56.41 48.76
N ALA A 96 8.14 55.20 48.40
CA ALA A 96 7.34 54.31 47.59
C ALA A 96 7.69 52.87 47.90
N LYS A 97 6.72 51.99 47.72
CA LYS A 97 6.89 50.56 47.96
C LYS A 97 7.08 49.82 46.64
N ASN A 98 7.70 48.64 46.73
CA ASN A 98 7.94 47.84 45.54
C ASN A 98 6.64 47.16 45.07
N GLY A 99 6.44 47.15 43.76
CA GLY A 99 5.27 46.54 43.16
C GLY A 99 5.50 45.11 42.73
N GLY A 100 4.66 44.65 41.82
CA GLY A 100 4.75 43.30 41.30
C GLY A 100 5.80 43.14 40.23
N ALA A 101 5.86 44.10 39.31
CA ALA A 101 6.81 44.07 38.21
C ALA A 101 8.02 44.97 38.47
N HIS A 102 8.44 45.06 39.74
CA HIS A 102 9.58 45.87 40.19
C HIS A 102 9.42 47.34 39.82
N ALA A 103 8.30 47.93 40.25
CA ALA A 103 7.99 49.32 39.99
C ALA A 103 7.46 49.97 41.26
N MET A 104 7.35 51.30 41.22
CA MET A 104 6.86 52.08 42.36
C MET A 104 5.37 52.37 42.13
N ASP A 105 4.53 51.43 42.58
CA ASP A 105 3.09 51.58 42.39
C ASP A 105 2.45 52.36 43.52
N PHE A 106 2.86 52.10 44.76
CA PHE A 106 2.27 52.74 45.93
C PHE A 106 2.95 54.07 46.20
N TRP A 107 2.15 55.11 46.47
CA TRP A 107 2.66 56.43 46.80
C TRP A 107 1.82 57.02 47.91
N GLY A 108 2.42 57.95 48.66
CA GLY A 108 1.74 58.61 49.76
C GLY A 108 1.04 59.88 49.31
N ASN B 1 27.09 53.44 37.47
CA ASN B 1 26.28 54.66 37.38
C ASN B 1 26.05 55.04 35.92
N ILE B 2 24.87 54.70 35.41
CA ILE B 2 24.49 54.99 34.03
C ILE B 2 23.63 56.25 34.03
N VAL B 3 24.14 57.31 33.43
CA VAL B 3 23.43 58.58 33.36
C VAL B 3 22.46 58.49 32.20
N LEU B 4 21.18 58.30 32.51
CA LEU B 4 20.12 58.21 31.50
C LEU B 4 19.84 59.62 30.99
N THR B 5 20.41 59.95 29.82
CA THR B 5 20.22 61.26 29.22
C THR B 5 18.82 61.35 28.63
N GLN B 6 17.94 62.11 29.28
CA GLN B 6 16.57 62.29 28.83
C GLN B 6 16.42 63.62 28.12
N SER B 7 15.86 63.57 26.91
CA SER B 7 15.71 64.74 26.06
C SER B 7 14.23 64.96 25.74
N PRO B 8 13.76 66.22 25.76
CA PRO B 8 14.50 67.45 26.09
C PRO B 8 14.51 67.75 27.59
N ALA B 9 15.16 68.85 27.97
CA ALA B 9 15.20 69.24 29.38
C ALA B 9 13.92 69.94 29.79
N SER B 10 13.47 70.92 29.00
CA SER B 10 12.27 71.68 29.30
C SER B 10 11.70 72.24 28.01
N LEU B 11 10.39 72.14 27.85
CA LEU B 11 9.72 72.64 26.65
C LEU B 11 8.26 72.92 26.98
N ALA B 12 7.80 74.13 26.70
CA ALA B 12 6.41 74.50 26.93
C ALA B 12 5.58 74.17 25.70
N VAL B 13 4.62 73.26 25.87
CA VAL B 13 3.77 72.81 24.77
C VAL B 13 2.34 73.31 25.01
N SER B 14 1.54 73.29 23.94
CA SER B 14 0.15 73.70 24.00
C SER B 14 -0.77 72.50 23.85
N LEU B 15 -2.07 72.77 23.88
CA LEU B 15 -3.07 71.71 23.78
C LEU B 15 -3.21 71.25 22.33
N GLY B 16 -3.42 69.94 22.16
CA GLY B 16 -3.61 69.37 20.85
C GLY B 16 -2.34 69.05 20.09
N GLN B 17 -1.18 69.16 20.74
CA GLN B 17 0.09 68.90 20.09
C GLN B 17 0.58 67.48 20.44
N ARG B 18 1.80 67.16 20.02
CA ARG B 18 2.41 65.86 20.28
C ARG B 18 3.82 66.09 20.82
N ALA B 19 4.02 65.76 22.09
CA ALA B 19 5.32 65.93 22.74
C ALA B 19 6.14 64.66 22.62
N THR B 20 7.45 64.83 22.45
CA THR B 20 8.39 63.72 22.29
C THR B 20 9.32 63.70 23.49
N ILE B 21 9.22 62.64 24.30
CA ILE B 21 10.04 62.48 25.50
C ILE B 21 10.89 61.22 25.29
N SER B 22 12.17 61.42 24.99
CA SER B 22 13.07 60.32 24.69
C SER B 22 13.90 59.96 25.92
N CYS B 23 14.08 58.67 26.16
CA CYS B 23 14.91 58.16 27.23
C CYS B 23 16.03 57.31 26.64
N ARG B 24 17.27 57.69 26.92
CA ARG B 24 18.43 56.94 26.45
C ARG B 24 18.92 56.00 27.55
N ALA B 25 19.03 54.73 27.19
CA ALA B 25 19.47 53.69 28.14
C ALA B 25 20.15 52.59 27.35
N SER B 26 20.78 51.67 28.08
CA SER B 26 21.49 50.55 27.46
C SER B 26 21.17 49.24 28.16
N GLU B 27 20.84 49.30 29.45
CA GLU B 27 20.61 48.11 30.26
C GLU B 27 19.28 48.23 30.97
N SER B 28 18.49 47.15 30.98
CA SER B 28 18.82 45.86 30.35
C SER B 28 17.72 45.42 29.39
N VAL B 29 17.87 44.21 28.85
CA VAL B 29 16.93 43.66 27.87
C VAL B 29 16.50 42.27 28.32
N ASP B 30 15.30 41.88 27.87
CA ASP B 30 14.74 40.53 28.02
C ASP B 30 14.62 40.12 29.49
N SER B 31 13.75 40.83 30.22
CA SER B 31 13.45 40.50 31.60
C SER B 31 12.76 39.15 31.71
N TYR B 32 11.53 39.07 31.24
CA TYR B 32 10.88 37.77 31.06
C TYR B 32 10.27 37.59 29.69
N GLY B 33 9.67 38.64 29.12
CA GLY B 33 9.14 38.58 27.78
C GLY B 33 9.23 39.90 27.02
N ASN B 34 9.88 40.88 27.62
CA ASN B 34 9.96 42.22 27.04
C ASN B 34 11.23 42.89 27.53
N SER B 35 11.49 44.10 27.00
CA SER B 35 12.71 44.83 27.31
C SER B 35 12.42 46.31 27.55
N PHE B 36 11.27 46.64 28.12
CA PHE B 36 10.88 48.02 28.35
C PHE B 36 11.09 48.41 29.82
N LEU B 37 11.05 49.71 30.07
CA LEU B 37 11.23 50.27 31.40
C LEU B 37 9.92 50.87 31.92
N HIS B 38 9.99 51.43 33.11
CA HIS B 38 8.82 52.06 33.73
C HIS B 38 8.81 53.56 33.44
N TRP B 39 7.60 54.12 33.39
CA TRP B 39 7.39 55.54 33.14
C TRP B 39 6.63 56.15 34.31
N TYR B 40 7.01 57.36 34.70
CA TYR B 40 6.40 58.04 35.83
C TYR B 40 6.09 59.49 35.46
N GLN B 41 5.34 60.14 36.34
CA GLN B 41 4.96 61.54 36.17
C GLN B 41 5.05 62.22 37.53
N GLN B 42 6.08 63.06 37.71
CA GLN B 42 6.39 63.68 39.00
C GLN B 42 5.98 65.14 38.94
N LYS B 43 4.94 65.51 39.69
CA LYS B 43 4.50 66.88 39.79
C LYS B 43 5.27 67.62 40.88
N PRO B 44 5.54 68.92 40.69
CA PRO B 44 6.28 69.68 41.71
C PRO B 44 5.47 69.99 42.97
N GLY B 45 4.15 69.82 42.94
CA GLY B 45 3.34 70.07 44.11
C GLY B 45 2.35 68.96 44.39
N GLN B 46 2.70 67.74 44.00
CA GLN B 46 1.84 66.57 44.16
C GLN B 46 2.73 65.34 44.12
N PRO B 47 2.45 64.33 44.94
CA PRO B 47 3.19 63.05 44.86
C PRO B 47 2.96 62.38 43.52
N PRO B 48 3.97 61.69 42.99
CA PRO B 48 3.88 61.15 41.63
C PRO B 48 3.01 59.89 41.57
N LYS B 49 2.80 59.41 40.35
CA LYS B 49 1.99 58.23 40.11
C LYS B 49 2.60 57.44 38.97
N LEU B 50 2.35 56.13 38.97
CA LEU B 50 2.84 55.25 37.92
C LEU B 50 1.92 55.33 36.70
N LEU B 51 2.49 55.68 35.55
CA LEU B 51 1.69 55.75 34.33
C LEU B 51 1.43 54.37 33.77
N ILE B 52 2.47 53.63 33.42
CA ILE B 52 2.35 52.27 32.90
C ILE B 52 3.65 51.52 33.17
N TYR B 53 3.53 50.31 33.71
CA TYR B 53 4.69 49.46 34.01
C TYR B 53 4.95 48.54 32.83
N LEU B 54 6.21 48.46 32.40
CA LEU B 54 6.75 47.60 31.35
C LEU B 54 6.18 47.88 29.95
N ALA B 55 5.40 48.95 29.78
CA ALA B 55 4.92 49.48 28.49
C ALA B 55 4.09 48.48 27.69
N SER B 56 3.55 47.43 28.33
CA SER B 56 2.77 46.44 27.62
C SER B 56 1.60 45.90 28.43
N ASN B 57 1.34 46.43 29.62
CA ASN B 57 0.29 45.93 30.48
C ASN B 57 -0.66 47.06 30.85
N LEU B 58 -1.88 46.66 31.24
CA LEU B 58 -2.93 47.62 31.58
C LEU B 58 -2.85 48.03 33.04
N GLU B 59 -3.17 49.29 33.31
CA GLU B 59 -3.15 49.83 34.67
C GLU B 59 -4.08 51.02 34.72
N SER B 60 -4.92 51.08 35.75
CA SER B 60 -5.86 52.18 35.90
C SER B 60 -5.17 53.40 36.50
N GLY B 61 -5.86 54.54 36.42
CA GLY B 61 -5.37 55.78 36.96
C GLY B 61 -4.61 56.67 35.98
N VAL B 62 -4.27 56.15 34.81
CA VAL B 62 -3.50 56.91 33.82
C VAL B 62 -4.46 57.40 32.74
N PRO B 63 -4.31 58.64 32.25
CA PRO B 63 -5.09 59.06 31.08
C PRO B 63 -4.66 58.31 29.83
N ALA B 64 -5.55 58.34 28.83
CA ALA B 64 -5.33 57.60 27.59
C ALA B 64 -4.33 58.28 26.66
N ARG B 65 -3.90 59.50 26.97
CA ARG B 65 -2.96 60.21 26.10
C ARG B 65 -1.54 59.67 26.22
N PHE B 66 -1.22 58.95 27.28
CA PHE B 66 0.13 58.43 27.49
C PHE B 66 0.27 57.09 26.78
N SER B 67 1.07 57.05 25.72
CA SER B 67 1.31 55.83 24.96
C SER B 67 2.64 55.98 24.23
N GLY B 68 3.02 54.94 23.53
CA GLY B 68 4.25 54.97 22.77
C GLY B 68 4.91 53.60 22.74
N SER B 69 6.10 53.58 22.15
CA SER B 69 6.89 52.37 22.03
C SER B 69 8.37 52.75 22.10
N GLY B 70 9.23 51.80 21.76
CA GLY B 70 10.66 52.06 21.77
C GLY B 70 11.42 50.81 21.36
N SER B 71 12.73 50.98 21.25
CA SER B 71 13.62 49.90 20.85
C SER B 71 14.07 49.14 22.10
N ARG B 72 15.08 48.27 21.94
CA ARG B 72 15.60 47.52 23.08
C ARG B 72 16.43 48.40 24.02
N THR B 73 17.01 49.48 23.49
CA THR B 73 17.86 50.37 24.28
C THR B 73 17.23 51.74 24.52
N ASP B 74 16.70 52.37 23.49
CA ASP B 74 16.11 53.71 23.60
C ASP B 74 14.60 53.61 23.62
N PHE B 75 13.95 54.54 24.32
CA PHE B 75 12.50 54.54 24.45
C PHE B 75 11.98 55.95 24.18
N THR B 76 10.68 56.04 23.89
CA THR B 76 10.05 57.30 23.55
C THR B 76 8.67 57.36 24.18
N LEU B 77 8.42 58.41 24.96
CA LEU B 77 7.13 58.66 25.57
C LEU B 77 6.39 59.71 24.75
N THR B 78 5.24 59.34 24.20
CA THR B 78 4.46 60.20 23.32
C THR B 78 3.18 60.64 24.04
N ILE B 79 2.99 61.95 24.15
CA ILE B 79 1.79 62.54 24.74
C ILE B 79 0.96 63.11 23.60
N ASP B 80 -0.14 62.45 23.26
CA ASP B 80 -0.98 62.84 22.15
C ASP B 80 -2.42 62.41 22.39
N PRO B 81 -3.37 63.34 22.57
CA PRO B 81 -3.18 64.80 22.58
C PRO B 81 -2.77 65.35 23.94
N VAL B 82 -2.12 66.51 23.94
CA VAL B 82 -1.68 67.13 25.19
C VAL B 82 -2.87 67.79 25.86
N GLU B 83 -3.16 67.36 27.10
CA GLU B 83 -4.22 67.94 27.90
C GLU B 83 -3.64 68.89 28.94
N ALA B 84 -4.52 69.45 29.77
CA ALA B 84 -4.09 70.39 30.81
C ALA B 84 -3.81 69.68 32.13
N ASP B 85 -3.00 68.62 32.08
CA ASP B 85 -2.53 67.94 33.27
C ASP B 85 -1.08 67.48 33.10
N ASP B 86 -0.31 68.16 32.25
CA ASP B 86 1.05 67.76 31.93
C ASP B 86 2.08 68.74 32.47
N ALA B 87 1.75 69.49 33.52
CA ALA B 87 2.69 70.40 34.17
C ALA B 87 3.48 69.61 35.21
N ALA B 88 4.37 68.75 34.72
CA ALA B 88 5.12 67.84 35.58
C ALA B 88 6.40 67.42 34.87
N THR B 89 7.24 66.71 35.62
CA THR B 89 8.49 66.17 35.10
C THR B 89 8.35 64.66 34.91
N TYR B 90 8.89 64.16 33.81
CA TYR B 90 8.78 62.75 33.47
C TYR B 90 10.16 62.09 33.55
N TYR B 91 10.19 60.84 33.99
CA TYR B 91 11.43 60.09 34.15
C TYR B 91 11.23 58.66 33.67
N CYS B 92 12.33 57.97 33.44
CA CYS B 92 12.35 56.55 33.12
C CYS B 92 13.13 55.81 34.19
N GLN B 93 12.60 54.69 34.66
CA GLN B 93 13.20 53.93 35.75
C GLN B 93 13.86 52.67 35.20
N GLN B 94 15.16 52.53 35.45
CA GLN B 94 15.88 51.30 35.15
C GLN B 94 15.53 50.27 36.22
N ASN B 95 15.01 49.11 35.80
CA ASN B 95 14.44 48.14 36.72
C ASN B 95 15.20 46.82 36.76
N ASN B 96 16.38 46.74 36.13
CA ASN B 96 17.07 45.46 36.03
C ASN B 96 18.52 45.53 36.53
N GLU B 97 19.16 46.68 36.37
CA GLU B 97 20.58 46.84 36.68
C GLU B 97 20.74 47.69 37.92
N ASP B 98 21.61 47.25 38.84
CA ASP B 98 22.00 48.01 40.02
C ASP B 98 23.21 48.88 39.69
N PRO B 99 23.19 50.19 39.97
CA PRO B 99 22.12 50.97 40.62
C PRO B 99 20.97 51.34 39.69
N PHE B 100 19.76 51.48 40.26
CA PHE B 100 18.55 51.78 39.50
C PHE B 100 18.45 53.29 39.28
N THR B 101 19.25 53.77 38.33
CA THR B 101 19.30 55.19 38.03
C THR B 101 18.06 55.63 37.27
N PHE B 102 17.90 56.95 37.13
CA PHE B 102 16.75 57.56 36.50
C PHE B 102 17.20 58.51 35.40
N GLY B 103 16.22 59.09 34.71
CA GLY B 103 16.51 60.04 33.66
C GLY B 103 16.80 61.42 34.19
N SER B 104 17.11 62.33 33.25
CA SER B 104 17.41 63.71 33.64
C SER B 104 16.14 64.52 33.88
N GLY B 105 15.06 64.21 33.17
CA GLY B 105 13.80 64.88 33.40
C GLY B 105 13.39 65.85 32.30
N THR B 106 12.13 65.79 31.90
CA THR B 106 11.56 66.71 30.90
C THR B 106 10.46 67.51 31.58
N LYS B 107 10.76 68.77 31.88
CA LYS B 107 9.82 69.65 32.57
C LYS B 107 8.92 70.31 31.51
N LEU B 108 7.72 69.76 31.34
CA LEU B 108 6.77 70.28 30.37
C LEU B 108 5.88 71.33 31.02
N GLU B 109 5.52 72.34 30.23
CA GLU B 109 4.59 73.38 30.67
C GLU B 109 3.39 73.40 29.74
N ILE B 110 2.25 73.85 30.27
CA ILE B 110 0.97 73.84 29.56
C ILE B 110 0.68 75.24 29.05
N LYS B 111 0.49 75.35 27.73
CA LYS B 111 0.04 76.61 27.13
C LYS B 111 -1.46 76.52 26.86
N ARG B 112 -2.22 76.66 27.94
CA ARG B 112 -3.68 76.56 27.87
C ARG B 112 -4.28 77.90 27.46
N ALA B 113 -5.60 78.01 27.58
CA ALA B 113 -6.27 79.27 27.26
C ALA B 113 -6.04 80.30 28.36
N ASP B 114 -6.35 81.56 28.04
CA ASP B 114 -6.17 82.64 28.98
C ASP B 114 -7.21 82.59 30.08
N ALA B 115 -6.82 83.04 31.27
CA ALA B 115 -7.69 83.00 32.44
C ALA B 115 -7.41 84.22 33.32
N ALA B 116 -8.48 84.80 33.85
CA ALA B 116 -8.38 85.97 34.71
C ALA B 116 -8.12 85.56 36.15
N PRO B 117 -7.32 86.34 36.89
CA PRO B 117 -7.09 86.03 38.29
C PRO B 117 -8.30 86.33 39.17
N THR B 118 -8.31 85.72 40.34
CA THR B 118 -9.40 85.92 41.28
C THR B 118 -9.29 87.27 41.97
N VAL B 119 -10.41 87.99 42.00
CA VAL B 119 -10.44 89.31 42.63
C VAL B 119 -11.24 89.23 43.94
N GLN C 14 45.29 4.54 -32.52
CA GLN C 14 44.70 5.69 -33.20
C GLN C 14 43.56 5.27 -34.12
N CYS C 15 43.38 6.01 -35.21
CA CYS C 15 42.33 5.74 -36.17
C CYS C 15 42.81 4.90 -37.35
N VAL C 16 43.90 4.16 -37.18
CA VAL C 16 44.45 3.34 -38.26
C VAL C 16 43.66 2.04 -38.34
N ASN C 17 43.12 1.75 -39.52
CA ASN C 17 42.36 0.54 -39.76
C ASN C 17 43.08 -0.34 -40.78
N LEU C 18 42.79 -1.65 -40.73
CA LEU C 18 43.41 -2.59 -41.64
C LEU C 18 42.75 -2.50 -43.01
N THR C 19 43.55 -2.22 -44.04
CA THR C 19 43.03 -2.07 -45.40
C THR C 19 43.44 -3.22 -46.33
N THR C 20 44.44 -4.00 -45.95
CA THR C 20 44.89 -5.10 -46.81
C THR C 20 44.02 -6.34 -46.68
N ARG C 21 43.09 -6.36 -45.75
CA ARG C 21 42.22 -7.52 -45.57
C ARG C 21 41.16 -7.58 -46.67
N THR C 22 40.66 -8.78 -46.92
CA THR C 22 39.60 -9.01 -47.90
C THR C 22 38.28 -9.15 -47.18
N GLN C 23 37.29 -8.37 -47.58
CA GLN C 23 35.99 -8.37 -46.93
C GLN C 23 35.17 -9.58 -47.40
N LEU C 24 34.91 -10.50 -46.49
CA LEU C 24 34.08 -11.66 -46.75
C LEU C 24 32.72 -11.50 -46.08
N PRO C 25 31.66 -12.05 -46.67
CA PRO C 25 30.33 -11.92 -46.07
C PRO C 25 30.20 -12.77 -44.82
N PRO C 26 29.45 -12.32 -43.81
CA PRO C 26 29.35 -13.07 -42.56
C PRO C 26 28.46 -14.31 -42.67
N ALA C 27 29.05 -15.45 -43.03
CA ALA C 27 28.31 -16.69 -43.07
C ALA C 27 27.92 -17.14 -41.66
N TYR C 28 26.83 -17.88 -41.56
CA TYR C 28 26.27 -18.29 -40.27
C TYR C 28 26.11 -19.81 -40.25
N THR C 29 25.81 -20.31 -39.07
CA THR C 29 25.60 -21.75 -38.86
C THR C 29 24.56 -21.92 -37.74
N ASN C 30 24.48 -23.12 -37.21
CA ASN C 30 23.52 -23.45 -36.14
C ASN C 30 24.28 -24.06 -34.97
N SER C 31 24.14 -23.45 -33.79
CA SER C 31 24.78 -23.97 -32.60
C SER C 31 23.99 -25.16 -32.04
N PHE C 32 24.71 -26.17 -31.57
CA PHE C 32 24.07 -27.38 -31.07
C PHE C 32 23.62 -27.20 -29.62
N THR C 33 24.57 -27.05 -28.69
CA THR C 33 24.21 -26.91 -27.29
C THR C 33 25.00 -25.81 -26.58
N ARG C 34 25.70 -24.94 -27.30
CA ARG C 34 26.49 -23.90 -26.65
C ARG C 34 25.59 -22.77 -26.16
N GLY C 35 26.10 -22.02 -25.19
CA GLY C 35 25.37 -20.89 -24.64
C GLY C 35 24.61 -21.20 -23.37
N VAL C 36 25.05 -22.25 -22.65
CA VAL C 36 24.42 -22.67 -21.40
C VAL C 36 25.43 -22.49 -20.28
N TYR C 37 24.99 -21.83 -19.20
CA TYR C 37 25.85 -21.55 -18.06
C TYR C 37 25.02 -21.59 -16.79
N TYR C 38 25.65 -21.25 -15.68
CA TYR C 38 24.97 -21.18 -14.39
C TYR C 38 24.24 -19.85 -14.26
N PRO C 39 22.91 -19.84 -14.17
CA PRO C 39 22.19 -18.57 -14.07
C PRO C 39 22.24 -17.93 -12.70
N ASP C 40 22.55 -18.68 -11.65
CA ASP C 40 22.57 -18.16 -10.29
C ASP C 40 23.59 -18.95 -9.48
N LYS C 41 23.69 -18.59 -8.19
CA LYS C 41 24.64 -19.23 -7.28
C LYS C 41 23.97 -20.23 -6.34
N VAL C 42 22.94 -20.93 -6.82
CA VAL C 42 22.23 -21.92 -6.04
C VAL C 42 22.69 -23.30 -6.48
N PHE C 43 23.29 -24.05 -5.56
CA PHE C 43 23.80 -25.38 -5.87
C PHE C 43 22.67 -26.40 -5.83
N ARG C 44 22.58 -27.21 -6.87
CA ARG C 44 21.59 -28.29 -6.94
C ARG C 44 22.28 -29.55 -7.41
N SER C 45 21.65 -30.69 -7.13
CA SER C 45 22.22 -31.98 -7.47
C SER C 45 21.11 -33.01 -7.67
N SER C 46 21.26 -33.82 -8.72
CA SER C 46 20.38 -34.94 -9.06
C SER C 46 18.93 -34.49 -9.27
N VAL C 47 18.76 -33.30 -9.87
CA VAL C 47 17.44 -32.75 -10.16
C VAL C 47 17.46 -32.14 -11.56
N LEU C 48 16.27 -31.84 -12.05
CA LEU C 48 16.06 -31.18 -13.34
C LEU C 48 15.38 -29.85 -13.06
N HIS C 49 16.18 -28.80 -12.88
CA HIS C 49 15.68 -27.49 -12.50
C HIS C 49 15.29 -26.68 -13.71
N SER C 50 14.17 -25.98 -13.60
CA SER C 50 13.68 -25.09 -14.66
C SER C 50 13.92 -23.64 -14.27
N THR C 51 14.51 -22.87 -15.16
CA THR C 51 14.78 -21.47 -14.91
C THR C 51 14.78 -20.71 -16.23
N GLN C 52 14.63 -19.39 -16.15
CA GLN C 52 14.61 -18.51 -17.30
C GLN C 52 15.65 -17.42 -17.13
N ASP C 53 16.61 -17.38 -18.05
CA ASP C 53 17.67 -16.37 -18.01
C ASP C 53 18.17 -16.18 -19.44
N LEU C 54 19.16 -15.31 -19.59
CA LEU C 54 19.72 -15.00 -20.91
C LEU C 54 20.60 -16.13 -21.42
N PHE C 55 20.02 -17.04 -22.20
CA PHE C 55 20.75 -18.15 -22.79
C PHE C 55 20.62 -18.11 -24.30
N LEU C 56 21.49 -18.85 -24.98
CA LEU C 56 21.46 -18.93 -26.44
C LEU C 56 20.44 -19.97 -26.86
N PRO C 57 19.53 -19.64 -27.78
CA PRO C 57 18.58 -20.64 -28.28
C PRO C 57 19.28 -21.68 -29.15
N PHE C 58 18.85 -22.93 -29.01
CA PHE C 58 19.47 -24.03 -29.73
C PHE C 58 19.03 -24.03 -31.19
N PHE C 59 19.97 -24.38 -32.08
CA PHE C 59 19.78 -24.46 -33.53
C PHE C 59 19.31 -23.14 -34.13
N SER C 60 19.81 -22.03 -33.60
CA SER C 60 19.48 -20.70 -34.09
C SER C 60 20.58 -20.19 -35.01
N ASN C 61 20.27 -19.10 -35.71
CA ASN C 61 21.23 -18.48 -36.62
C ASN C 61 22.32 -17.76 -35.81
N VAL C 62 23.51 -18.35 -35.76
CA VAL C 62 24.65 -17.77 -35.06
C VAL C 62 25.73 -17.49 -36.09
N THR C 63 26.30 -16.29 -36.02
CA THR C 63 27.30 -15.88 -37.00
C THR C 63 28.65 -16.53 -36.71
N TRP C 64 29.49 -16.58 -37.75
CA TRP C 64 30.82 -17.18 -37.66
C TRP C 64 31.81 -16.22 -38.30
N PHE C 65 32.66 -15.61 -37.47
CA PHE C 65 33.70 -14.71 -37.95
C PHE C 65 35.05 -15.39 -37.86
N HIS C 66 35.97 -14.98 -38.75
CA HIS C 66 37.31 -15.53 -38.81
C HIS C 66 38.33 -14.41 -38.70
N ALA C 67 39.57 -14.79 -38.39
CA ALA C 67 40.70 -13.87 -38.35
C ALA C 67 41.90 -14.60 -38.92
N ILE C 68 42.10 -14.47 -40.24
CA ILE C 68 43.21 -15.08 -40.96
C ILE C 68 43.78 -14.05 -41.92
N HIS C 69 44.73 -14.48 -42.74
CA HIS C 69 45.37 -13.58 -43.70
C HIS C 69 44.42 -13.17 -44.81
N ARG C 78 40.54 -13.60 -44.60
CA ARG C 78 39.34 -13.05 -43.97
C ARG C 78 39.67 -12.47 -42.60
N PHE C 79 39.37 -11.19 -42.42
CA PHE C 79 39.57 -10.51 -41.14
C PHE C 79 38.33 -9.65 -40.87
N ASP C 80 37.56 -10.03 -39.86
CA ASP C 80 36.29 -9.38 -39.56
C ASP C 80 36.30 -8.84 -38.14
N ASN C 81 35.89 -7.58 -37.98
CA ASN C 81 35.71 -6.96 -36.67
C ASN C 81 34.56 -5.97 -36.76
N PRO C 82 33.32 -6.46 -36.70
CA PRO C 82 32.17 -5.57 -36.90
C PRO C 82 31.69 -4.94 -35.61
N VAL C 83 30.76 -4.00 -35.76
CA VAL C 83 30.10 -3.35 -34.64
C VAL C 83 28.71 -3.96 -34.50
N LEU C 84 28.55 -4.84 -33.52
CA LEU C 84 27.32 -5.59 -33.31
C LEU C 84 26.58 -5.08 -32.07
N PRO C 85 25.25 -5.17 -32.04
CA PRO C 85 24.50 -4.69 -30.88
C PRO C 85 24.70 -5.56 -29.65
N PHE C 86 24.53 -4.94 -28.48
CA PHE C 86 24.72 -5.58 -27.19
C PHE C 86 23.56 -5.25 -26.27
N ASN C 87 22.34 -5.44 -26.78
CA ASN C 87 21.14 -5.05 -26.04
C ASN C 87 20.90 -5.96 -24.84
N ASP C 88 20.87 -7.27 -25.06
CA ASP C 88 20.61 -8.23 -24.00
C ASP C 88 21.85 -9.01 -23.57
N GLY C 89 22.56 -9.64 -24.50
CA GLY C 89 23.73 -10.43 -24.16
C GLY C 89 24.27 -11.21 -25.34
N VAL C 90 25.59 -11.38 -25.40
CA VAL C 90 26.24 -12.03 -26.52
C VAL C 90 27.15 -13.14 -25.99
N TYR C 91 26.93 -14.36 -26.46
CA TYR C 91 27.76 -15.50 -26.14
C TYR C 91 28.98 -15.53 -27.04
N PHE C 92 30.13 -15.92 -26.47
CA PHE C 92 31.38 -15.96 -27.20
C PHE C 92 31.96 -17.37 -27.16
N ALA C 93 32.43 -17.84 -28.31
CA ALA C 93 33.11 -19.12 -28.43
C ALA C 93 34.25 -18.97 -29.42
N SER C 94 35.47 -18.84 -28.90
CA SER C 94 36.65 -18.52 -29.71
C SER C 94 37.65 -19.68 -29.63
N THR C 95 38.02 -20.20 -30.80
CA THR C 95 39.06 -21.21 -30.91
C THR C 95 40.35 -20.52 -31.37
N GLU C 96 41.38 -20.56 -30.52
CA GLU C 96 42.62 -19.85 -30.78
C GLU C 96 43.78 -20.84 -30.83
N LYS C 97 44.87 -20.41 -31.46
CA LYS C 97 46.08 -21.20 -31.54
C LYS C 97 47.34 -20.43 -31.17
N SER C 98 47.31 -19.10 -31.21
CA SER C 98 48.48 -18.28 -30.90
C SER C 98 48.12 -17.08 -30.03
N ASN C 99 47.01 -17.16 -29.28
CA ASN C 99 46.49 -16.12 -28.39
C ASN C 99 46.26 -14.81 -29.14
N ILE C 100 45.34 -14.86 -30.10
CA ILE C 100 45.03 -13.69 -30.90
C ILE C 100 44.09 -12.75 -30.17
N ILE C 101 43.17 -13.29 -29.36
CA ILE C 101 42.26 -12.48 -28.56
C ILE C 101 43.05 -11.82 -27.44
N ARG C 102 43.07 -10.47 -27.44
CA ARG C 102 43.82 -9.71 -26.46
C ARG C 102 42.93 -8.88 -25.56
N GLY C 103 41.62 -9.07 -25.61
CA GLY C 103 40.70 -8.35 -24.76
C GLY C 103 39.41 -8.07 -25.48
N TRP C 104 38.55 -7.28 -24.83
CA TRP C 104 37.24 -6.95 -25.38
C TRP C 104 36.99 -5.45 -25.20
N ILE C 105 36.03 -4.94 -25.97
CA ILE C 105 35.65 -3.54 -25.95
C ILE C 105 34.14 -3.46 -25.71
N PHE C 106 33.74 -2.60 -24.78
CA PHE C 106 32.32 -2.41 -24.47
C PHE C 106 32.04 -0.92 -24.28
N GLY C 107 30.88 -0.49 -24.76
CA GLY C 107 30.51 0.92 -24.62
C GLY C 107 29.15 1.17 -25.23
N THR C 108 28.71 2.42 -25.10
CA THR C 108 27.42 2.84 -25.64
C THR C 108 27.55 3.33 -27.08
N THR C 109 28.38 4.36 -27.29
CA THR C 109 28.59 4.91 -28.62
C THR C 109 30.02 4.77 -29.12
N LEU C 110 30.95 4.32 -28.26
CA LEU C 110 32.35 4.04 -28.59
C LEU C 110 33.07 5.28 -29.13
N ASP C 111 33.12 6.32 -28.29
CA ASP C 111 33.87 7.53 -28.61
C ASP C 111 34.29 8.18 -27.29
N SER C 112 34.95 9.33 -27.41
CA SER C 112 35.43 10.06 -26.23
C SER C 112 34.37 10.94 -25.59
N LYS C 113 33.18 11.00 -26.17
CA LYS C 113 32.11 11.83 -25.60
C LYS C 113 31.52 11.21 -24.34
N THR C 114 31.63 9.90 -24.15
CA THR C 114 31.11 9.23 -22.98
C THR C 114 32.12 8.19 -22.51
N GLN C 115 31.78 7.50 -21.42
CA GLN C 115 32.65 6.48 -20.85
C GLN C 115 32.40 5.13 -21.53
N SER C 116 33.47 4.33 -21.63
CA SER C 116 33.40 3.04 -22.27
C SER C 116 34.25 2.03 -21.49
N LEU C 117 33.81 0.78 -21.50
CA LEU C 117 34.53 -0.29 -20.80
C LEU C 117 35.59 -0.89 -21.71
N LEU C 118 36.85 -0.80 -21.29
CA LEU C 118 37.97 -1.30 -22.06
C LEU C 118 38.63 -2.45 -21.31
N ILE C 119 38.81 -3.57 -21.99
CA ILE C 119 39.51 -4.73 -21.46
C ILE C 119 40.71 -5.00 -22.36
N VAL C 120 41.91 -4.89 -21.81
CA VAL C 120 43.14 -5.11 -22.56
C VAL C 120 44.00 -6.11 -21.80
N ASN C 121 44.95 -6.71 -22.53
CA ASN C 121 45.86 -7.69 -21.97
C ASN C 121 47.26 -7.41 -22.51
N ASN C 122 48.15 -6.94 -21.63
CA ASN C 122 49.55 -6.70 -21.99
C ASN C 122 50.46 -7.85 -21.55
N ALA C 123 49.96 -9.08 -21.57
CA ALA C 123 50.60 -10.35 -21.22
C ALA C 123 51.01 -10.45 -19.74
N THR C 124 50.65 -9.48 -18.90
CA THR C 124 50.92 -9.54 -17.47
C THR C 124 49.65 -9.48 -16.62
N ASN C 125 48.77 -8.52 -16.88
CA ASN C 125 47.54 -8.36 -16.12
C ASN C 125 46.44 -7.88 -17.06
N VAL C 126 45.22 -8.29 -16.79
CA VAL C 126 44.06 -7.83 -17.54
C VAL C 126 43.62 -6.49 -16.95
N VAL C 127 43.97 -5.40 -17.63
CA VAL C 127 43.64 -4.06 -17.16
C VAL C 127 42.20 -3.75 -17.55
N ILE C 128 41.33 -3.58 -16.56
CA ILE C 128 39.92 -3.28 -16.77
C ILE C 128 39.66 -1.89 -16.22
N LYS C 129 39.56 -0.91 -17.11
CA LYS C 129 39.31 0.48 -16.72
C LYS C 129 38.19 1.04 -17.58
N VAL C 130 37.50 2.04 -17.03
CA VAL C 130 36.40 2.71 -17.70
C VAL C 130 36.76 4.19 -17.79
N CYS C 131 37.16 4.64 -18.97
CA CYS C 131 37.47 6.04 -19.24
C CYS C 131 36.77 6.44 -20.52
N GLU C 132 37.09 7.64 -21.01
CA GLU C 132 36.52 8.14 -22.28
C GLU C 132 37.49 7.81 -23.41
N PHE C 133 37.55 6.52 -23.75
CA PHE C 133 38.42 6.05 -24.82
C PHE C 133 37.79 6.34 -26.17
N GLN C 134 38.61 6.81 -27.11
CA GLN C 134 38.17 7.04 -28.49
C GLN C 134 38.54 5.82 -29.32
N PHE C 135 37.55 5.01 -29.68
CA PHE C 135 37.77 3.77 -30.42
C PHE C 135 37.60 4.00 -31.91
N CYS C 136 38.43 3.31 -32.69
CA CYS C 136 38.36 3.35 -34.14
C CYS C 136 37.53 2.17 -34.67
N ASN C 137 37.55 1.99 -35.98
CA ASN C 137 36.78 0.92 -36.61
C ASN C 137 37.45 -0.45 -36.48
N ASP C 138 38.77 -0.49 -36.32
CA ASP C 138 39.50 -1.76 -36.23
C ASP C 138 40.79 -1.53 -35.45
N PRO C 139 40.73 -1.65 -34.12
CA PRO C 139 41.95 -1.53 -33.32
C PRO C 139 42.72 -2.84 -33.28
N PHE C 140 44.03 -2.73 -33.06
CA PHE C 140 44.91 -3.88 -33.05
C PHE C 140 46.16 -3.55 -32.26
N LEU C 141 47.03 -4.55 -32.09
CA LEU C 141 48.31 -4.39 -31.43
C LEU C 141 49.45 -4.54 -32.43
N GLY C 142 50.64 -4.18 -32.01
CA GLY C 142 51.80 -4.17 -32.90
C GLY C 142 52.84 -5.18 -32.49
N VAL C 143 53.02 -6.20 -33.34
CA VAL C 143 54.09 -7.18 -33.19
C VAL C 143 54.89 -7.17 -34.48
N TYR C 144 56.21 -7.03 -34.36
CA TYR C 144 57.10 -6.88 -35.51
C TYR C 144 58.15 -7.98 -35.52
N TYR C 145 58.61 -8.30 -36.74
CA TYR C 145 59.81 -9.09 -37.02
C TYR C 145 59.71 -10.51 -36.45
N HIS C 146 58.79 -11.28 -37.03
CA HIS C 146 58.59 -12.67 -36.61
C HIS C 146 59.67 -13.62 -37.13
N LYS C 147 60.65 -13.14 -37.89
CA LYS C 147 61.72 -13.99 -38.42
C LYS C 147 63.01 -13.87 -37.60
N ASN C 148 63.53 -12.65 -37.45
CA ASN C 148 64.78 -12.43 -36.74
C ASN C 148 64.59 -11.37 -35.66
N ASN C 149 65.21 -11.62 -34.50
CA ASN C 149 65.17 -10.75 -33.32
C ASN C 149 63.73 -10.50 -32.86
N LYS C 150 62.96 -11.59 -32.78
CA LYS C 150 61.53 -11.53 -32.46
C LYS C 150 61.26 -11.03 -31.05
N SER C 151 61.70 -11.80 -30.05
CA SER C 151 61.61 -11.58 -28.61
C SER C 151 60.18 -11.63 -28.05
N TRP C 152 59.18 -11.74 -28.92
CA TRP C 152 57.75 -11.88 -28.60
C TRP C 152 57.26 -10.78 -27.65
N MET C 153 57.61 -9.54 -27.99
CA MET C 153 57.24 -8.38 -27.20
C MET C 153 56.29 -7.49 -27.98
N GLU C 154 55.41 -6.81 -27.25
CA GLU C 154 54.46 -5.88 -27.87
C GLU C 154 55.10 -4.52 -28.05
N SER C 155 54.94 -3.93 -29.24
CA SER C 155 55.53 -2.64 -29.57
C SER C 155 54.51 -1.53 -29.70
N GLU C 156 53.50 -1.71 -30.54
CA GLU C 156 52.49 -0.68 -30.79
C GLU C 156 51.18 -1.07 -30.11
N PHE C 157 50.54 -0.09 -29.47
CA PHE C 157 49.24 -0.28 -28.82
C PHE C 157 48.26 0.69 -29.46
N ARG C 158 47.66 0.29 -30.57
CA ARG C 158 46.68 1.11 -31.29
C ARG C 158 45.25 0.75 -30.88
N VAL C 159 44.96 0.88 -29.60
CA VAL C 159 43.63 0.56 -29.08
C VAL C 159 42.75 1.79 -29.01
N TYR C 160 43.29 2.91 -28.54
CA TYR C 160 42.50 4.13 -28.39
C TYR C 160 43.39 5.33 -28.67
N SER C 161 42.75 6.49 -28.85
CA SER C 161 43.48 7.72 -29.12
C SER C 161 43.86 8.45 -27.83
N SER C 162 42.90 8.62 -26.94
CA SER C 162 43.15 9.33 -25.69
C SER C 162 42.27 8.73 -24.59
N ALA C 163 42.51 9.18 -23.36
CA ALA C 163 41.76 8.69 -22.21
C ALA C 163 41.70 9.78 -21.15
N ASN C 164 40.48 10.20 -20.81
CA ASN C 164 40.26 11.22 -19.79
C ASN C 164 39.02 10.87 -18.99
N ASN C 165 38.98 11.36 -17.75
CA ASN C 165 37.85 11.24 -16.82
C ASN C 165 37.49 9.78 -16.54
N CYS C 166 38.44 9.06 -15.95
CA CYS C 166 38.26 7.67 -15.62
C CYS C 166 37.43 7.53 -14.35
N THR C 167 36.48 6.59 -14.38
CA THR C 167 35.58 6.35 -13.24
C THR C 167 35.74 4.99 -12.60
N PHE C 168 36.37 4.03 -13.27
CA PHE C 168 36.52 2.68 -12.74
C PHE C 168 37.89 2.15 -13.10
N GLU C 169 38.45 1.33 -12.21
CA GLU C 169 39.75 0.71 -12.41
C GLU C 169 39.78 -0.62 -11.69
N TYR C 170 40.30 -1.65 -12.37
CA TYR C 170 40.37 -2.99 -11.80
C TYR C 170 41.57 -3.71 -12.38
N VAL C 171 42.36 -4.34 -11.49
CA VAL C 171 43.53 -5.11 -11.87
C VAL C 171 43.31 -6.55 -11.44
N SER C 172 43.43 -7.48 -12.38
CA SER C 172 43.18 -8.89 -12.10
C SER C 172 44.45 -9.57 -11.60
N GLN C 173 44.41 -10.90 -11.53
CA GLN C 173 45.54 -11.67 -11.06
C GLN C 173 46.63 -11.74 -12.14
N PRO C 174 47.90 -11.72 -11.74
CA PRO C 174 48.98 -11.80 -12.72
C PRO C 174 49.13 -13.21 -13.28
N PHE C 175 49.64 -13.27 -14.51
CA PHE C 175 49.85 -14.53 -15.22
C PHE C 175 50.93 -14.28 -16.27
N LEU C 176 51.07 -15.25 -17.18
CA LEU C 176 52.04 -15.16 -18.28
C LEU C 176 51.35 -15.63 -19.56
N MET C 177 51.02 -14.70 -20.44
CA MET C 177 50.37 -15.03 -21.70
C MET C 177 51.41 -15.40 -22.75
N ASP C 178 51.18 -16.51 -23.44
CA ASP C 178 52.10 -17.00 -24.47
C ASP C 178 51.87 -16.18 -25.73
N LEU C 179 52.77 -15.25 -26.01
CA LEU C 179 52.69 -14.41 -27.19
C LEU C 179 53.39 -15.02 -28.40
N GLU C 180 53.89 -16.25 -28.28
CA GLU C 180 54.58 -16.91 -29.38
C GLU C 180 53.57 -17.41 -30.40
N GLY C 181 53.79 -17.07 -31.67
CA GLY C 181 52.89 -17.50 -32.73
C GLY C 181 53.09 -18.96 -33.06
N LYS C 182 52.06 -19.76 -32.88
CA LYS C 182 52.11 -21.19 -33.14
C LYS C 182 51.46 -21.50 -34.49
N GLN C 183 51.79 -22.67 -35.02
CA GLN C 183 51.25 -23.15 -36.29
C GLN C 183 50.54 -24.47 -36.08
N GLY C 184 49.76 -24.87 -37.09
CA GLY C 184 49.02 -26.11 -37.02
C GLY C 184 47.56 -25.93 -36.70
N ASN C 185 47.04 -26.74 -35.78
CA ASN C 185 45.65 -26.68 -35.39
C ASN C 185 45.46 -25.75 -34.19
N PHE C 186 44.20 -25.52 -33.84
CA PHE C 186 43.89 -24.72 -32.68
C PHE C 186 44.12 -25.50 -31.39
N LYS C 187 44.62 -24.80 -30.37
CA LYS C 187 44.99 -25.43 -29.11
C LYS C 187 44.28 -24.87 -27.89
N ASN C 188 43.63 -23.73 -27.99
CA ASN C 188 42.98 -23.10 -26.85
C ASN C 188 41.52 -22.79 -27.17
N LEU C 189 40.65 -22.95 -26.17
CA LEU C 189 39.24 -22.60 -26.27
C LEU C 189 38.89 -21.68 -25.11
N ARG C 190 38.51 -20.45 -25.42
CA ARG C 190 38.16 -19.45 -24.42
C ARG C 190 36.73 -18.99 -24.67
N GLU C 191 35.78 -19.60 -23.97
CA GLU C 191 34.38 -19.23 -24.07
C GLU C 191 34.03 -18.21 -23.01
N PHE C 192 33.26 -17.19 -23.40
CA PHE C 192 32.89 -16.12 -22.49
C PHE C 192 31.40 -15.82 -22.61
N VAL C 193 30.84 -15.34 -21.51
CA VAL C 193 29.46 -14.86 -21.46
C VAL C 193 29.48 -13.45 -20.88
N PHE C 194 29.07 -12.46 -21.67
CA PHE C 194 29.04 -11.06 -21.24
C PHE C 194 27.59 -10.59 -21.22
N LYS C 195 27.19 -9.98 -20.11
CA LYS C 195 25.84 -9.44 -19.97
C LYS C 195 25.88 -8.31 -18.96
N ASN C 196 24.96 -7.35 -19.13
CA ASN C 196 24.86 -6.18 -18.27
C ASN C 196 23.45 -6.14 -17.70
N ILE C 197 23.30 -6.55 -16.45
CA ILE C 197 22.00 -6.61 -15.78
C ILE C 197 21.93 -5.42 -14.82
N ASP C 198 21.28 -4.34 -15.28
CA ASP C 198 21.04 -3.11 -14.51
C ASP C 198 22.33 -2.48 -14.01
N GLY C 199 23.36 -2.50 -14.86
CA GLY C 199 24.65 -1.95 -14.52
C GLY C 199 25.61 -2.91 -13.83
N TYR C 200 25.12 -4.04 -13.33
CA TYR C 200 25.96 -5.01 -12.66
C TYR C 200 26.64 -5.87 -13.71
N PHE C 201 27.91 -5.60 -13.95
CA PHE C 201 28.66 -6.32 -14.99
C PHE C 201 29.05 -7.72 -14.51
N LYS C 202 28.66 -8.73 -15.28
CA LYS C 202 29.00 -10.11 -15.00
C LYS C 202 29.79 -10.69 -16.16
N ILE C 203 30.69 -11.62 -15.84
CA ILE C 203 31.56 -12.22 -16.84
C ILE C 203 31.82 -13.67 -16.46
N TYR C 204 31.54 -14.57 -17.42
CA TYR C 204 31.83 -15.98 -17.27
C TYR C 204 33.05 -16.34 -18.10
N SER C 205 33.86 -17.27 -17.61
CA SER C 205 35.10 -17.63 -18.29
C SER C 205 35.49 -19.06 -17.94
N LYS C 206 36.03 -19.76 -18.94
CA LYS C 206 36.52 -21.13 -18.75
C LYS C 206 37.52 -21.42 -19.85
N HIS C 207 38.75 -21.80 -19.48
CA HIS C 207 39.82 -22.07 -20.43
C HIS C 207 40.09 -23.58 -20.43
N THR C 208 40.01 -24.18 -21.62
CA THR C 208 40.25 -25.61 -21.79
C THR C 208 40.91 -25.85 -23.14
N PRO C 209 41.88 -26.77 -23.19
CA PRO C 209 42.52 -27.08 -24.48
C PRO C 209 41.63 -27.93 -25.38
N ILE C 210 41.75 -27.69 -26.68
CA ILE C 210 40.98 -28.38 -27.70
C ILE C 210 41.90 -28.73 -28.86
N ASN C 211 41.38 -29.56 -29.79
CA ASN C 211 42.07 -29.91 -31.03
C ASN C 211 41.03 -29.90 -32.13
N LEU C 212 40.87 -28.74 -32.79
CA LEU C 212 39.84 -28.55 -33.79
C LEU C 212 40.46 -28.05 -35.09
N VAL C 213 39.98 -28.58 -36.21
CA VAL C 213 40.42 -28.16 -37.53
C VAL C 213 39.20 -27.82 -38.37
N ARG C 214 38.09 -27.54 -37.71
CA ARG C 214 36.82 -27.33 -38.40
C ARG C 214 35.99 -26.32 -37.61
N ASP C 215 34.67 -26.42 -37.74
CA ASP C 215 33.74 -25.47 -37.13
C ASP C 215 33.54 -25.82 -35.64
N LEU C 216 32.50 -25.20 -35.04
CA LEU C 216 32.09 -25.31 -33.64
C LEU C 216 31.89 -26.76 -33.22
N PRO C 217 32.50 -27.20 -32.12
CA PRO C 217 32.41 -28.60 -31.73
C PRO C 217 31.06 -28.92 -31.10
N GLN C 218 30.62 -30.16 -31.29
CA GLN C 218 29.37 -30.66 -30.72
C GLN C 218 29.66 -31.13 -29.30
N GLY C 219 29.34 -30.30 -28.31
CA GLY C 219 29.59 -30.65 -26.94
C GLY C 219 28.74 -29.83 -25.99
N PHE C 220 29.09 -29.89 -24.71
CA PHE C 220 28.35 -29.19 -23.68
C PHE C 220 29.29 -28.87 -22.53
N SER C 221 29.27 -27.62 -22.07
CA SER C 221 30.13 -27.20 -20.96
C SER C 221 29.50 -25.98 -20.31
N ALA C 222 29.09 -26.13 -19.05
CA ALA C 222 28.53 -25.01 -18.30
C ALA C 222 29.65 -24.10 -17.82
N LEU C 223 29.55 -22.82 -18.15
CA LEU C 223 30.60 -21.86 -17.79
C LEU C 223 30.38 -21.31 -16.39
N GLU C 224 31.48 -21.19 -15.63
CA GLU C 224 31.52 -20.69 -14.26
C GLU C 224 31.85 -19.21 -14.23
N PRO C 225 31.28 -18.45 -13.29
CA PRO C 225 31.59 -17.01 -13.22
C PRO C 225 32.98 -16.76 -12.66
N LEU C 226 33.67 -15.79 -13.24
CA LEU C 226 35.03 -15.46 -12.84
C LEU C 226 35.05 -14.37 -11.77
N VAL C 227 34.57 -13.17 -12.10
CA VAL C 227 34.56 -12.02 -11.21
C VAL C 227 33.27 -11.25 -11.44
N ASP C 228 32.98 -10.31 -10.53
CA ASP C 228 31.82 -9.44 -10.62
C ASP C 228 32.29 -8.00 -10.42
N LEU C 229 32.01 -7.15 -11.40
CA LEU C 229 32.49 -5.77 -11.37
C LEU C 229 31.32 -4.80 -11.27
N PRO C 230 31.10 -4.16 -10.12
CA PRO C 230 30.02 -3.16 -10.03
C PRO C 230 30.37 -1.84 -10.71
N ILE C 231 30.22 -1.79 -12.03
CA ILE C 231 30.56 -0.60 -12.79
C ILE C 231 29.37 0.35 -12.81
N GLY C 232 28.25 -0.10 -13.36
CA GLY C 232 27.05 0.72 -13.41
C GLY C 232 26.96 1.60 -14.63
N ILE C 233 27.18 1.03 -15.82
CA ILE C 233 27.10 1.75 -17.08
C ILE C 233 26.16 0.99 -18.01
N ASN C 234 25.74 1.68 -19.07
CA ASN C 234 24.89 1.10 -20.10
C ASN C 234 25.72 0.79 -21.33
N ILE C 235 25.64 -0.45 -21.80
CA ILE C 235 26.43 -0.93 -22.93
C ILE C 235 25.47 -1.35 -24.04
N THR C 236 25.65 -0.76 -25.23
CA THR C 236 24.82 -1.11 -26.39
C THR C 236 25.62 -1.69 -27.56
N ARG C 237 26.90 -1.38 -27.68
CA ARG C 237 27.72 -1.92 -28.77
C ARG C 237 28.98 -2.53 -28.17
N PHE C 238 29.65 -3.36 -28.98
CA PHE C 238 30.88 -4.00 -28.55
C PHE C 238 31.76 -4.29 -29.76
N GLN C 239 33.05 -4.45 -29.50
CA GLN C 239 34.03 -4.76 -30.52
C GLN C 239 34.89 -5.93 -30.03
N THR C 240 35.75 -6.42 -30.93
CA THR C 240 36.62 -7.56 -30.65
C THR C 240 38.06 -7.17 -30.94
N LEU C 241 38.92 -7.29 -29.92
CA LEU C 241 40.33 -6.98 -30.09
C LEU C 241 41.06 -8.16 -30.72
N LEU C 242 41.77 -7.90 -31.80
CA LEU C 242 42.56 -8.91 -32.51
C LEU C 242 43.95 -8.38 -32.76
N ALA C 243 44.94 -9.26 -32.65
CA ALA C 243 46.34 -8.89 -32.81
C ALA C 243 46.79 -9.05 -34.25
N LEU C 244 47.50 -8.05 -34.77
CA LEU C 244 48.05 -8.07 -36.11
C LEU C 244 49.57 -8.12 -36.05
N HIS C 245 50.17 -8.28 -37.23
CA HIS C 245 51.62 -8.37 -37.35
C HIS C 245 52.06 -7.71 -38.65
N ARG C 246 53.25 -7.12 -38.62
CA ARG C 246 53.84 -6.50 -39.80
C ARG C 246 55.34 -6.74 -39.78
N SER C 247 55.86 -7.29 -40.87
CA SER C 247 57.29 -7.58 -40.97
C SER C 247 57.91 -6.89 -42.18
N SER C 255 50.62 2.94 -42.97
CA SER C 255 50.72 2.18 -41.72
C SER C 255 49.60 1.16 -41.60
N SER C 256 49.02 0.79 -42.74
CA SER C 256 47.92 -0.17 -42.79
C SER C 256 48.31 -1.47 -43.47
N GLY C 257 49.60 -1.70 -43.71
CA GLY C 257 50.06 -2.93 -44.32
C GLY C 257 50.34 -4.02 -43.32
N TRP C 258 49.33 -4.45 -42.59
CA TRP C 258 49.46 -5.44 -41.54
C TRP C 258 48.91 -6.79 -41.98
N THR C 259 49.43 -7.84 -41.36
CA THR C 259 48.99 -9.21 -41.60
C THR C 259 48.40 -9.80 -40.33
N ALA C 260 47.55 -10.81 -40.51
CA ALA C 260 46.88 -11.47 -39.40
C ALA C 260 47.39 -12.90 -39.23
N GLY C 261 47.04 -13.50 -38.10
CA GLY C 261 47.42 -14.86 -37.80
C GLY C 261 46.42 -15.88 -38.26
N ALA C 262 45.89 -16.68 -37.32
CA ALA C 262 44.90 -17.71 -37.66
C ALA C 262 44.02 -17.91 -36.43
N ALA C 263 42.79 -17.39 -36.50
CA ALA C 263 41.86 -17.51 -35.39
C ALA C 263 40.43 -17.45 -35.92
N ALA C 264 39.49 -17.88 -35.08
CA ALA C 264 38.07 -17.86 -35.41
C ALA C 264 37.28 -17.79 -34.12
N TYR C 265 36.16 -17.06 -34.18
CA TYR C 265 35.30 -16.90 -33.01
C TYR C 265 33.85 -16.86 -33.46
N TYR C 266 32.95 -17.12 -32.51
CA TYR C 266 31.51 -17.14 -32.75
C TYR C 266 30.81 -16.05 -31.95
N VAL C 267 29.70 -15.57 -32.50
CA VAL C 267 28.88 -14.55 -31.86
C VAL C 267 27.46 -15.09 -31.79
N GLY C 268 26.95 -15.28 -30.59
CA GLY C 268 25.59 -15.78 -30.38
C GLY C 268 24.82 -14.87 -29.45
N TYR C 269 23.68 -14.36 -29.94
CA TYR C 269 22.87 -13.41 -29.18
C TYR C 269 22.01 -14.15 -28.18
N LEU C 270 22.13 -13.76 -26.91
CA LEU C 270 21.36 -14.40 -25.84
C LEU C 270 19.94 -13.86 -25.80
N GLN C 271 19.01 -14.75 -25.46
CA GLN C 271 17.59 -14.41 -25.36
C GLN C 271 17.04 -14.98 -24.07
N PRO C 272 16.16 -14.23 -23.38
CA PRO C 272 15.60 -14.72 -22.10
C PRO C 272 14.54 -15.80 -22.28
N ARG C 273 15.01 -17.03 -22.48
CA ARG C 273 14.13 -18.19 -22.65
C ARG C 273 14.32 -19.16 -21.50
N THR C 274 13.38 -20.10 -21.39
CA THR C 274 13.40 -21.10 -20.33
C THR C 274 14.23 -22.30 -20.77
N PHE C 275 15.20 -22.68 -19.95
CA PHE C 275 16.06 -23.81 -20.22
C PHE C 275 16.16 -24.70 -18.99
N LEU C 276 16.14 -26.01 -19.22
CA LEU C 276 16.28 -26.97 -18.13
C LEU C 276 17.75 -27.17 -17.80
N LEU C 277 18.00 -27.53 -16.54
CA LEU C 277 19.35 -27.77 -16.04
C LEU C 277 19.41 -29.16 -15.43
N LYS C 278 20.09 -30.08 -16.11
CA LYS C 278 20.23 -31.46 -15.64
C LYS C 278 21.45 -31.54 -14.73
N TYR C 279 21.21 -31.61 -13.42
CA TYR C 279 22.28 -31.72 -12.44
C TYR C 279 22.58 -33.20 -12.20
N ASN C 280 23.86 -33.54 -12.17
CA ASN C 280 24.29 -34.90 -11.90
C ASN C 280 24.44 -35.12 -10.38
N GLU C 281 25.05 -36.24 -10.01
CA GLU C 281 25.30 -36.51 -8.60
C GLU C 281 26.42 -35.64 -8.06
N ASN C 282 27.29 -35.12 -8.93
CA ASN C 282 28.34 -34.20 -8.52
C ASN C 282 27.86 -32.75 -8.44
N GLY C 283 26.73 -32.43 -9.05
CA GLY C 283 26.18 -31.09 -8.99
C GLY C 283 26.49 -30.20 -10.17
N THR C 284 26.94 -30.75 -11.28
CA THR C 284 27.27 -29.97 -12.47
C THR C 284 26.17 -30.12 -13.53
N ILE C 285 26.06 -29.13 -14.40
CA ILE C 285 25.07 -29.15 -15.46
C ILE C 285 25.60 -30.01 -16.61
N THR C 286 24.81 -31.01 -17.01
CA THR C 286 25.23 -31.93 -18.06
C THR C 286 24.37 -31.86 -19.32
N ASP C 287 23.16 -31.31 -19.24
CA ASP C 287 22.29 -31.25 -20.40
C ASP C 287 21.33 -30.08 -20.23
N ALA C 288 20.89 -29.54 -21.36
CA ALA C 288 19.98 -28.41 -21.39
C ALA C 288 18.92 -28.64 -22.46
N VAL C 289 17.68 -28.28 -22.13
CA VAL C 289 16.53 -28.49 -23.01
C VAL C 289 15.90 -27.13 -23.29
N ASP C 290 15.69 -26.82 -24.57
CA ASP C 290 15.08 -25.58 -24.97
C ASP C 290 13.56 -25.63 -24.75
N CYS C 291 12.90 -24.49 -24.94
CA CYS C 291 11.46 -24.39 -24.74
C CYS C 291 10.71 -23.90 -25.98
N ALA C 292 11.42 -23.50 -27.04
CA ALA C 292 10.75 -23.02 -28.24
C ALA C 292 11.35 -23.57 -29.52
N LEU C 293 12.24 -24.56 -29.44
CA LEU C 293 12.84 -25.13 -30.63
C LEU C 293 11.88 -26.09 -31.33
N ASP C 294 11.26 -26.99 -30.57
CA ASP C 294 10.39 -28.02 -31.11
C ASP C 294 9.40 -28.43 -30.02
N PRO C 295 8.22 -28.94 -30.40
CA PRO C 295 7.28 -29.41 -29.37
C PRO C 295 7.72 -30.68 -28.66
N LEU C 296 8.74 -31.38 -29.15
CA LEU C 296 9.33 -32.49 -28.39
C LEU C 296 10.03 -31.98 -27.13
N SER C 297 10.67 -30.81 -27.23
CA SER C 297 11.31 -30.22 -26.06
C SER C 297 10.29 -29.60 -25.12
N GLU C 298 9.13 -29.20 -25.63
CA GLU C 298 8.08 -28.64 -24.78
C GLU C 298 7.43 -29.72 -23.93
N THR C 299 7.43 -30.97 -24.41
CA THR C 299 6.90 -32.07 -23.63
C THR C 299 7.85 -32.44 -22.49
N LYS C 300 9.16 -32.29 -22.71
CA LYS C 300 10.14 -32.61 -21.68
C LYS C 300 10.14 -31.55 -20.58
N CYS C 301 9.87 -30.28 -20.94
CA CYS C 301 9.81 -29.23 -19.94
C CYS C 301 8.53 -29.30 -19.13
N THR C 302 7.45 -29.83 -19.72
CA THR C 302 6.18 -29.93 -19.00
C THR C 302 6.18 -31.11 -18.04
N LEU C 303 6.62 -32.28 -18.52
CA LEU C 303 6.63 -33.49 -17.70
C LEU C 303 7.84 -33.57 -16.77
N LYS C 304 8.81 -32.65 -16.92
CA LYS C 304 10.05 -32.59 -16.12
C LYS C 304 10.83 -33.90 -16.19
N SER C 305 10.90 -34.48 -17.38
CA SER C 305 11.62 -35.74 -17.58
C SER C 305 12.07 -35.83 -19.03
N PHE C 306 13.15 -36.58 -19.25
CA PHE C 306 13.67 -36.75 -20.60
C PHE C 306 12.95 -37.85 -21.36
N THR C 307 12.49 -38.89 -20.67
CA THR C 307 11.78 -39.98 -21.33
C THR C 307 10.33 -39.58 -21.54
N VAL C 308 9.91 -39.59 -22.81
CA VAL C 308 8.55 -39.23 -23.19
C VAL C 308 7.87 -40.48 -23.74
N GLU C 309 6.80 -40.89 -23.09
CA GLU C 309 6.06 -42.08 -23.50
C GLU C 309 5.02 -41.72 -24.55
N LYS C 310 4.35 -42.75 -25.07
CA LYS C 310 3.33 -42.55 -26.10
C LYS C 310 2.06 -42.02 -25.48
N GLY C 311 1.59 -40.87 -25.95
CA GLY C 311 0.39 -40.27 -25.43
C GLY C 311 0.30 -38.81 -25.83
N ILE C 312 -0.72 -38.14 -25.28
CA ILE C 312 -0.97 -36.74 -25.52
C ILE C 312 -0.72 -35.97 -24.23
N TYR C 313 0.08 -34.91 -24.32
CA TYR C 313 0.43 -34.10 -23.16
C TYR C 313 0.21 -32.64 -23.49
N GLN C 314 -0.46 -31.93 -22.59
CA GLN C 314 -0.74 -30.50 -22.76
C GLN C 314 0.45 -29.71 -22.22
N THR C 315 1.11 -28.95 -23.09
CA THR C 315 2.29 -28.19 -22.70
C THR C 315 1.97 -26.77 -22.25
N SER C 316 1.14 -26.05 -22.99
CA SER C 316 0.81 -24.67 -22.66
C SER C 316 -0.56 -24.35 -23.24
N ASN C 317 -0.92 -23.07 -23.20
CA ASN C 317 -2.17 -22.57 -23.72
C ASN C 317 -1.92 -21.53 -24.80
N PHE C 318 -2.72 -21.60 -25.87
CA PHE C 318 -2.61 -20.68 -26.99
C PHE C 318 -3.74 -19.67 -26.95
N ARG C 319 -3.40 -18.39 -27.09
CA ARG C 319 -4.37 -17.30 -27.09
C ARG C 319 -4.05 -16.36 -28.24
N VAL C 320 -5.05 -16.08 -29.07
CA VAL C 320 -4.85 -15.21 -30.22
C VAL C 320 -4.80 -13.75 -29.76
N GLN C 321 -3.72 -13.06 -30.09
CA GLN C 321 -3.57 -11.64 -29.77
C GLN C 321 -4.27 -10.79 -30.83
N PRO C 322 -4.87 -9.67 -30.42
CA PRO C 322 -5.52 -8.80 -31.41
C PRO C 322 -4.51 -8.05 -32.26
N THR C 323 -4.83 -7.92 -33.55
CA THR C 323 -3.93 -7.25 -34.47
C THR C 323 -3.97 -5.73 -34.32
N GLU C 324 -5.17 -5.17 -34.27
CA GLU C 324 -5.34 -3.73 -34.16
C GLU C 324 -6.58 -3.45 -33.32
N SER C 325 -6.75 -2.18 -32.96
CA SER C 325 -7.91 -1.74 -32.17
C SER C 325 -8.81 -0.89 -33.05
N ILE C 326 -10.07 -1.29 -33.16
CA ILE C 326 -11.05 -0.61 -34.00
C ILE C 326 -11.77 0.44 -33.16
N VAL C 327 -11.67 1.70 -33.57
CA VAL C 327 -12.36 2.81 -32.92
C VAL C 327 -13.41 3.33 -33.90
N ARG C 328 -14.67 3.34 -33.47
CA ARG C 328 -15.78 3.76 -34.32
C ARG C 328 -16.51 4.93 -33.66
N PHE C 329 -17.16 5.72 -34.50
CA PHE C 329 -17.86 6.94 -34.11
C PHE C 329 -18.81 7.33 -35.23
N PRO C 330 -19.97 7.95 -34.93
CA PRO C 330 -20.87 8.40 -36.01
C PRO C 330 -20.34 9.58 -36.82
N ASN C 331 -21.18 10.08 -37.71
CA ASN C 331 -20.79 11.21 -38.56
C ASN C 331 -20.60 12.48 -37.73
N ILE C 332 -19.52 13.20 -38.00
CA ILE C 332 -19.14 14.37 -37.21
C ILE C 332 -20.07 15.53 -37.55
N THR C 333 -21.06 15.76 -36.70
CA THR C 333 -21.99 16.87 -36.87
C THR C 333 -22.20 17.51 -35.49
N ASN C 334 -23.02 18.57 -35.48
CA ASN C 334 -23.33 19.38 -34.29
C ASN C 334 -22.05 19.92 -33.63
N LEU C 335 -21.27 20.65 -34.42
CA LEU C 335 -20.00 21.19 -33.94
C LEU C 335 -20.23 22.47 -33.16
N CYS C 336 -19.30 22.76 -32.25
CA CYS C 336 -19.34 24.01 -31.51
C CYS C 336 -18.95 25.17 -32.41
N PRO C 337 -19.56 26.35 -32.21
CA PRO C 337 -19.23 27.52 -33.05
C PRO C 337 -17.89 28.14 -32.69
N PHE C 338 -16.80 27.45 -33.07
CA PHE C 338 -15.47 28.02 -32.92
C PHE C 338 -15.05 28.77 -34.19
N GLY C 339 -15.42 28.24 -35.35
CA GLY C 339 -15.16 28.93 -36.60
C GLY C 339 -16.09 30.12 -36.85
N GLU C 340 -17.23 30.16 -36.16
CA GLU C 340 -18.13 31.30 -36.28
C GLU C 340 -17.57 32.52 -35.57
N VAL C 341 -16.91 32.32 -34.43
CA VAL C 341 -16.24 33.42 -33.75
C VAL C 341 -14.99 33.83 -34.51
N PHE C 342 -14.31 32.88 -35.16
CA PHE C 342 -13.14 33.20 -35.97
C PHE C 342 -13.54 33.96 -37.23
N ASN C 343 -14.73 33.67 -37.76
CA ASN C 343 -15.26 34.37 -38.92
C ASN C 343 -16.40 35.32 -38.55
N ALA C 344 -16.31 35.97 -37.39
CA ALA C 344 -17.37 36.86 -36.94
C ALA C 344 -17.28 38.19 -37.69
N THR C 345 -18.30 39.03 -37.47
CA THR C 345 -18.35 40.33 -38.13
C THR C 345 -17.41 41.32 -37.46
N ARG C 346 -17.64 41.60 -36.18
CA ARG C 346 -16.83 42.57 -35.45
C ARG C 346 -16.93 42.26 -33.96
N PHE C 347 -15.77 42.23 -33.30
CA PHE C 347 -15.73 41.97 -31.86
C PHE C 347 -16.03 43.24 -31.08
N ALA C 348 -16.19 43.08 -29.77
CA ALA C 348 -16.49 44.17 -28.86
C ALA C 348 -15.20 44.64 -28.19
N SER C 349 -15.35 45.43 -27.12
CA SER C 349 -14.21 45.98 -26.42
C SER C 349 -13.61 44.94 -25.47
N VAL C 350 -12.55 45.34 -24.76
CA VAL C 350 -11.86 44.41 -23.87
C VAL C 350 -12.52 44.33 -22.49
N TYR C 351 -13.53 45.16 -22.21
CA TYR C 351 -14.25 45.11 -20.96
C TYR C 351 -15.73 44.78 -21.13
N ALA C 352 -16.27 44.90 -22.34
CA ALA C 352 -17.66 44.59 -22.63
C ALA C 352 -17.75 43.50 -23.69
N TRP C 353 -16.98 42.43 -23.51
CA TRP C 353 -16.88 41.39 -24.51
C TRP C 353 -18.16 40.55 -24.60
N ASN C 354 -18.43 40.03 -25.78
CA ASN C 354 -19.58 39.17 -26.02
C ASN C 354 -19.20 37.75 -25.64
N ARG C 355 -19.54 37.35 -24.42
CA ARG C 355 -19.21 36.01 -23.93
C ARG C 355 -20.17 34.99 -24.55
N LYS C 356 -19.67 34.22 -25.50
CA LYS C 356 -20.46 33.21 -26.18
C LYS C 356 -20.43 31.92 -25.37
N ARG C 357 -21.57 31.57 -24.77
CA ARG C 357 -21.67 30.35 -23.98
C ARG C 357 -21.74 29.14 -24.90
N ILE C 358 -20.72 28.29 -24.84
CA ILE C 358 -20.62 27.12 -25.69
C ILE C 358 -21.07 25.90 -24.91
N SER C 359 -22.08 25.19 -25.42
CA SER C 359 -22.62 24.03 -24.74
C SER C 359 -23.32 23.14 -25.75
N ASN C 360 -23.45 21.85 -25.39
CA ASN C 360 -24.22 20.83 -26.12
C ASN C 360 -23.68 20.61 -27.54
N CYS C 361 -22.36 20.43 -27.63
CA CYS C 361 -21.69 20.24 -28.92
C CYS C 361 -20.35 19.59 -28.65
N VAL C 362 -19.62 19.31 -29.74
CA VAL C 362 -18.25 18.82 -29.68
C VAL C 362 -17.38 19.73 -30.54
N ALA C 363 -16.08 19.75 -30.22
CA ALA C 363 -15.16 20.64 -30.92
C ALA C 363 -13.77 20.01 -30.91
N ASP C 364 -13.14 19.97 -32.08
CA ASP C 364 -11.79 19.44 -32.22
C ASP C 364 -10.80 20.57 -31.98
N TYR C 365 -10.05 20.49 -30.89
CA TYR C 365 -9.09 21.52 -30.55
C TYR C 365 -7.73 21.30 -31.19
N SER C 366 -7.42 20.07 -31.60
CA SER C 366 -6.14 19.79 -32.22
C SER C 366 -6.12 20.25 -33.69
N VAL C 367 -7.29 20.36 -34.31
CA VAL C 367 -7.34 20.80 -35.70
C VAL C 367 -7.21 22.31 -35.80
N LEU C 368 -7.40 23.03 -34.69
CA LEU C 368 -7.25 24.48 -34.70
C LEU C 368 -5.79 24.90 -34.56
N TYR C 369 -4.96 24.03 -33.97
CA TYR C 369 -3.54 24.36 -33.81
C TYR C 369 -2.80 24.21 -35.13
N ASN C 370 -3.19 23.23 -35.95
CA ASN C 370 -2.58 22.98 -37.24
C ASN C 370 -3.40 23.53 -38.39
N SER C 371 -4.26 24.52 -38.13
CA SER C 371 -5.09 25.11 -39.18
C SER C 371 -4.34 26.15 -40.00
N ALA C 372 -3.19 26.62 -39.51
CA ALA C 372 -2.33 27.63 -40.16
C ALA C 372 -3.07 28.93 -40.44
N SER C 373 -3.98 29.32 -39.54
CA SER C 373 -4.74 30.55 -39.68
C SER C 373 -4.63 31.47 -38.47
N PHE C 374 -3.98 31.04 -37.40
CA PHE C 374 -3.83 31.84 -36.19
C PHE C 374 -2.42 32.37 -36.09
N SER C 375 -2.29 33.64 -35.68
CA SER C 375 -0.97 34.24 -35.51
C SER C 375 -0.33 33.83 -34.19
N THR C 376 -1.15 33.55 -33.17
CA THR C 376 -0.64 33.12 -31.87
C THR C 376 -1.57 32.04 -31.33
N PHE C 377 -1.01 30.86 -31.07
CA PHE C 377 -1.77 29.73 -30.53
C PHE C 377 -0.95 29.12 -29.40
N LYS C 378 -1.22 29.57 -28.17
CA LYS C 378 -0.49 29.11 -27.00
C LYS C 378 -1.46 28.96 -25.84
N CYS C 379 -1.60 27.73 -25.34
CA CYS C 379 -2.44 27.45 -24.20
C CYS C 379 -1.61 27.47 -22.91
N TYR C 380 -2.33 27.47 -21.78
CA TYR C 380 -1.69 27.54 -20.46
C TYR C 380 -2.17 26.37 -19.62
N GLY C 381 -1.25 25.46 -19.29
CA GLY C 381 -1.55 24.37 -18.38
C GLY C 381 -2.01 23.10 -19.05
N VAL C 382 -2.98 23.21 -19.95
CA VAL C 382 -3.58 22.07 -20.63
C VAL C 382 -3.24 22.15 -22.12
N SER C 383 -2.73 21.05 -22.67
CA SER C 383 -2.41 21.00 -24.08
C SER C 383 -3.70 20.97 -24.91
N PRO C 384 -3.68 21.59 -26.11
CA PRO C 384 -4.88 21.53 -26.97
C PRO C 384 -5.14 20.15 -27.54
N THR C 385 -4.12 19.29 -27.63
CA THR C 385 -4.34 17.92 -28.05
C THR C 385 -5.01 17.10 -26.95
N LYS C 386 -4.84 17.50 -25.68
CA LYS C 386 -5.48 16.80 -24.58
C LYS C 386 -6.90 17.30 -24.34
N LEU C 387 -7.30 18.38 -25.00
CA LEU C 387 -8.65 18.91 -24.82
C LEU C 387 -9.70 18.04 -25.50
N ASN C 388 -9.30 17.27 -26.52
CA ASN C 388 -10.25 16.40 -27.20
C ASN C 388 -10.55 15.15 -26.37
N ASP C 389 -9.65 14.77 -25.47
CA ASP C 389 -9.84 13.62 -24.60
C ASP C 389 -10.38 14.01 -23.22
N LEU C 390 -10.86 15.24 -23.07
CA LEU C 390 -11.40 15.73 -21.81
C LEU C 390 -12.71 16.46 -22.05
N CYS C 391 -13.65 16.31 -21.13
CA CYS C 391 -14.94 16.98 -21.19
C CYS C 391 -14.97 18.13 -20.19
N PHE C 392 -15.79 19.13 -20.49
CA PHE C 392 -15.96 20.29 -19.61
C PHE C 392 -17.43 20.65 -19.53
N THR C 393 -17.79 21.31 -18.43
CA THR C 393 -19.19 21.67 -18.20
C THR C 393 -19.62 22.85 -19.07
N ASN C 394 -18.97 24.00 -18.88
CA ASN C 394 -19.30 25.20 -19.63
C ASN C 394 -18.03 25.78 -20.26
N VAL C 395 -18.14 26.19 -21.52
CA VAL C 395 -17.04 26.80 -22.25
C VAL C 395 -17.46 28.22 -22.64
N TYR C 396 -16.63 29.19 -22.27
CA TYR C 396 -16.90 30.60 -22.56
C TYR C 396 -15.82 31.14 -23.49
N ALA C 397 -16.24 31.80 -24.56
CA ALA C 397 -15.33 32.38 -25.54
C ALA C 397 -15.41 33.90 -25.44
N ASP C 398 -14.47 34.48 -24.70
CA ASP C 398 -14.41 35.93 -24.51
C ASP C 398 -13.66 36.54 -25.68
N SER C 399 -14.39 37.21 -26.57
CA SER C 399 -13.84 37.77 -27.79
C SER C 399 -13.60 39.27 -27.62
N PHE C 400 -12.36 39.70 -27.83
CA PHE C 400 -12.01 41.11 -27.72
C PHE C 400 -10.82 41.38 -28.62
N VAL C 401 -10.57 42.67 -28.86
CA VAL C 401 -9.50 43.12 -29.75
C VAL C 401 -8.54 43.98 -28.97
N ILE C 402 -7.26 43.59 -28.97
CA ILE C 402 -6.18 44.34 -28.34
C ILE C 402 -5.15 44.69 -29.39
N ARG C 403 -4.08 45.37 -28.97
CA ARG C 403 -3.02 45.78 -29.87
C ARG C 403 -2.00 44.66 -30.05
N GLY C 404 -0.91 44.98 -30.74
CA GLY C 404 0.08 43.96 -31.07
C GLY C 404 0.97 43.60 -29.88
N ASP C 405 1.39 44.59 -29.11
CA ASP C 405 2.29 44.35 -27.99
C ASP C 405 1.56 43.95 -26.71
N GLU C 406 0.23 43.94 -26.71
CA GLU C 406 -0.55 43.59 -25.53
C GLU C 406 -0.89 42.10 -25.47
N VAL C 407 -0.38 41.30 -26.39
CA VAL C 407 -0.70 39.87 -26.39
C VAL C 407 0.06 39.13 -25.30
N ARG C 408 1.15 39.71 -24.79
CA ARG C 408 1.88 39.09 -23.70
C ARG C 408 1.22 39.32 -22.36
N GLN C 409 0.37 40.34 -22.24
CA GLN C 409 -0.30 40.65 -20.98
C GLN C 409 -1.53 39.78 -20.73
N ILE C 410 -2.08 39.13 -21.75
CA ILE C 410 -3.25 38.26 -21.58
C ILE C 410 -2.69 36.88 -21.25
N ALA C 411 -2.37 36.70 -19.98
CA ALA C 411 -1.75 35.48 -19.46
C ALA C 411 -1.92 35.47 -17.94
N PRO C 412 -2.08 34.29 -17.35
CA PRO C 412 -2.17 34.22 -15.88
C PRO C 412 -0.82 34.52 -15.22
N GLY C 413 -0.85 35.41 -14.24
CA GLY C 413 0.37 35.80 -13.56
C GLY C 413 1.11 36.95 -14.22
N GLN C 414 0.40 37.84 -14.90
CA GLN C 414 1.00 38.99 -15.56
C GLN C 414 0.31 40.27 -15.12
N THR C 415 1.02 41.39 -15.26
CA THR C 415 0.50 42.70 -14.90
C THR C 415 0.04 43.46 -16.13
N GLY C 416 -0.50 44.64 -15.90
CA GLY C 416 -1.01 45.49 -16.98
C GLY C 416 -2.33 46.12 -16.61
N LYS C 417 -2.67 47.19 -17.33
CA LYS C 417 -3.94 47.88 -17.09
C LYS C 417 -5.12 47.09 -17.61
N ILE C 418 -4.94 46.38 -18.72
CA ILE C 418 -6.03 45.56 -19.27
C ILE C 418 -6.12 44.22 -18.55
N ALA C 419 -5.06 43.83 -17.84
CA ALA C 419 -5.05 42.56 -17.12
C ALA C 419 -5.64 42.68 -15.72
N ASP C 420 -5.78 43.89 -15.19
CA ASP C 420 -6.29 44.09 -13.83
C ASP C 420 -7.67 44.73 -13.81
N TYR C 421 -7.89 45.79 -14.59
CA TYR C 421 -9.14 46.53 -14.57
C TYR C 421 -10.08 46.18 -15.70
N ASN C 422 -9.61 45.42 -16.70
CA ASN C 422 -10.46 45.04 -17.84
C ASN C 422 -10.73 43.54 -17.89
N TYR C 423 -9.69 42.71 -17.87
CA TYR C 423 -9.85 41.25 -17.97
C TYR C 423 -8.91 40.62 -16.95
N LYS C 424 -9.46 40.22 -15.81
CA LYS C 424 -8.68 39.61 -14.74
C LYS C 424 -8.57 38.11 -14.97
N LEU C 425 -7.35 37.59 -14.97
CA LEU C 425 -7.11 36.16 -15.13
C LEU C 425 -6.77 35.53 -13.78
N PRO C 426 -7.31 34.35 -13.48
CA PRO C 426 -7.03 33.71 -12.20
C PRO C 426 -5.65 33.07 -12.19
N ASP C 427 -5.21 32.69 -10.97
CA ASP C 427 -3.91 32.05 -10.82
C ASP C 427 -3.94 30.60 -11.27
N ASP C 428 -5.12 29.97 -11.34
CA ASP C 428 -5.27 28.60 -11.78
C ASP C 428 -5.95 28.53 -13.15
N PHE C 429 -5.59 29.45 -14.04
CA PHE C 429 -6.18 29.49 -15.38
C PHE C 429 -5.64 28.34 -16.22
N THR C 430 -6.50 27.36 -16.50
CA THR C 430 -6.13 26.20 -17.30
C THR C 430 -6.75 26.24 -18.70
N GLY C 431 -7.11 27.41 -19.18
CA GLY C 431 -7.70 27.57 -20.49
C GLY C 431 -6.68 27.76 -21.60
N CYS C 432 -7.10 28.44 -22.66
CA CYS C 432 -6.22 28.70 -23.79
C CYS C 432 -6.52 30.09 -24.34
N VAL C 433 -5.47 30.79 -24.75
CA VAL C 433 -5.57 32.12 -25.33
C VAL C 433 -5.01 32.08 -26.75
N ILE C 434 -5.87 32.38 -27.72
CA ILE C 434 -5.48 32.36 -29.14
C ILE C 434 -5.64 33.76 -29.69
N ALA C 435 -4.95 34.02 -30.80
CA ALA C 435 -4.96 35.34 -31.42
C ALA C 435 -4.62 35.22 -32.89
N TRP C 436 -5.12 36.16 -33.69
CA TRP C 436 -4.80 36.24 -35.10
C TRP C 436 -4.91 37.70 -35.54
N ASN C 437 -4.22 38.02 -36.62
CA ASN C 437 -4.18 39.39 -37.11
C ASN C 437 -5.48 39.75 -37.83
N SER C 438 -6.00 40.94 -37.55
CA SER C 438 -7.22 41.44 -38.17
C SER C 438 -7.06 42.90 -38.56
N ASN C 439 -5.92 43.24 -39.17
CA ASN C 439 -5.66 44.62 -39.56
C ASN C 439 -6.45 45.00 -40.81
N ASN C 440 -6.71 44.05 -41.70
CA ASN C 440 -7.45 44.31 -42.92
C ASN C 440 -8.95 44.07 -42.77
N LEU C 441 -9.42 43.79 -41.56
CA LEU C 441 -10.83 43.48 -41.34
C LEU C 441 -11.51 44.47 -40.39
N ASP C 442 -10.88 44.80 -39.26
CA ASP C 442 -11.50 45.63 -38.25
C ASP C 442 -11.07 47.09 -38.28
N SER C 443 -9.94 47.39 -38.91
CA SER C 443 -9.46 48.77 -38.94
C SER C 443 -10.25 49.59 -39.96
N LYS C 444 -10.15 50.91 -39.82
CA LYS C 444 -10.82 51.84 -40.70
C LYS C 444 -9.79 52.77 -41.34
N VAL C 445 -10.25 53.54 -42.33
CA VAL C 445 -9.38 54.49 -43.01
C VAL C 445 -9.16 55.69 -42.10
N GLY C 446 -7.91 55.90 -41.69
CA GLY C 446 -7.56 56.98 -40.80
C GLY C 446 -7.44 56.60 -39.34
N GLY C 447 -7.97 55.45 -38.94
CA GLY C 447 -7.89 55.01 -37.57
C GLY C 447 -9.24 54.63 -36.97
N ASN C 448 -9.34 53.41 -36.45
CA ASN C 448 -10.56 52.93 -35.81
C ASN C 448 -10.45 53.23 -34.32
N TYR C 449 -11.23 54.20 -33.84
CA TYR C 449 -11.19 54.64 -32.45
C TYR C 449 -12.50 54.32 -31.72
N ASN C 450 -13.16 53.23 -32.10
CA ASN C 450 -14.39 52.82 -31.44
C ASN C 450 -14.16 51.86 -30.28
N TYR C 451 -13.03 51.16 -30.26
CA TYR C 451 -12.73 50.23 -29.17
C TYR C 451 -12.21 51.01 -27.96
N LEU C 452 -12.72 50.65 -26.78
CA LEU C 452 -12.36 51.32 -25.55
C LEU C 452 -11.73 50.33 -24.57
N TYR C 453 -10.98 50.87 -23.62
CA TYR C 453 -10.36 50.06 -22.57
C TYR C 453 -10.32 50.87 -21.28
N ARG C 454 -10.57 50.19 -20.16
CA ARG C 454 -10.63 50.85 -18.86
C ARG C 454 -9.23 51.06 -18.30
N LEU C 455 -8.95 52.28 -17.84
CA LEU C 455 -7.65 52.58 -17.26
C LEU C 455 -7.60 52.26 -15.77
N PHE C 456 -8.63 52.65 -15.02
CA PHE C 456 -8.62 52.46 -13.57
C PHE C 456 -10.04 52.18 -13.09
N ARG C 457 -10.11 51.67 -11.86
CA ARG C 457 -11.37 51.33 -11.23
C ARG C 457 -11.24 51.55 -9.72
N LYS C 458 -12.37 51.47 -9.03
CA LYS C 458 -12.36 51.61 -7.57
C LYS C 458 -11.71 50.40 -6.91
N SER C 459 -11.97 49.20 -7.45
CA SER C 459 -11.40 47.98 -6.91
C SER C 459 -11.07 47.04 -8.06
N ASN C 460 -10.30 46.00 -7.76
CA ASN C 460 -9.93 45.01 -8.77
C ASN C 460 -11.09 44.07 -9.06
N LEU C 461 -11.20 43.66 -10.32
CA LEU C 461 -12.30 42.80 -10.74
C LEU C 461 -12.00 41.34 -10.43
N LYS C 462 -13.06 40.55 -10.30
CA LYS C 462 -12.96 39.12 -10.12
C LYS C 462 -12.55 38.46 -11.43
N PRO C 463 -11.94 37.28 -11.38
CA PRO C 463 -11.65 36.54 -12.62
C PRO C 463 -12.93 36.07 -13.30
N PHE C 464 -12.95 36.22 -14.63
CA PHE C 464 -14.11 35.94 -15.49
C PHE C 464 -15.34 36.72 -15.05
N GLU C 465 -15.15 38.03 -14.83
CA GLU C 465 -16.23 38.95 -14.46
C GLU C 465 -16.24 40.11 -15.43
N ARG C 466 -17.38 40.31 -16.11
CA ARG C 466 -17.54 41.41 -17.05
C ARG C 466 -18.16 42.60 -16.35
N ASP C 467 -17.54 43.77 -16.52
CA ASP C 467 -18.00 45.01 -15.91
C ASP C 467 -18.18 46.06 -17.01
N ILE C 468 -19.41 46.52 -17.18
CA ILE C 468 -19.74 47.53 -18.18
C ILE C 468 -20.08 48.87 -17.52
N SER C 469 -19.72 49.04 -16.25
CA SER C 469 -20.03 50.27 -15.54
C SER C 469 -19.06 51.37 -15.93
N THR C 470 -19.60 52.60 -16.04
CA THR C 470 -18.82 53.77 -16.43
C THR C 470 -18.77 54.81 -15.31
N GLU C 471 -18.55 54.37 -14.07
CA GLU C 471 -18.46 55.29 -12.95
C GLU C 471 -17.12 56.04 -12.99
N ILE C 472 -17.18 57.35 -12.81
CA ILE C 472 -16.00 58.21 -12.86
C ILE C 472 -15.55 58.52 -11.44
N TYR C 473 -14.29 58.20 -11.14
CA TYR C 473 -13.69 58.46 -9.84
C TYR C 473 -12.58 59.50 -10.01
N GLN C 474 -12.47 60.40 -9.03
CA GLN C 474 -11.47 61.45 -9.11
C GLN C 474 -10.07 60.91 -8.80
N ALA C 475 -9.07 61.65 -9.25
CA ALA C 475 -7.68 61.29 -9.01
C ALA C 475 -7.13 61.96 -7.74
N GLY C 476 -7.37 63.25 -7.58
CA GLY C 476 -6.91 64.00 -6.43
C GLY C 476 -7.92 64.03 -5.30
N SER C 477 -7.81 65.07 -4.46
CA SER C 477 -8.70 65.22 -3.33
C SER C 477 -9.96 66.02 -3.65
N THR C 478 -10.01 66.67 -4.82
CA THR C 478 -11.18 67.45 -5.20
C THR C 478 -11.99 66.66 -6.22
N PRO C 479 -13.16 66.15 -5.86
CA PRO C 479 -13.98 65.41 -6.84
C PRO C 479 -14.70 66.35 -7.78
N CYS C 480 -14.98 65.83 -8.99
CA CYS C 480 -15.69 66.60 -10.00
C CYS C 480 -17.20 66.39 -9.96
N ASN C 481 -17.66 65.23 -9.46
CA ASN C 481 -19.06 64.89 -9.25
C ASN C 481 -19.86 64.96 -10.56
N GLY C 482 -19.49 64.08 -11.49
CA GLY C 482 -20.13 64.07 -12.79
C GLY C 482 -19.20 64.41 -13.94
N VAL C 483 -19.33 65.62 -14.47
CA VAL C 483 -18.52 66.04 -15.62
C VAL C 483 -17.05 66.14 -15.24
N GLU C 484 -16.21 65.46 -16.01
CA GLU C 484 -14.79 65.33 -15.73
C GLU C 484 -14.07 66.65 -15.96
N GLY C 485 -12.88 66.76 -15.37
CA GLY C 485 -12.11 67.99 -15.40
C GLY C 485 -11.64 68.39 -14.02
N PHE C 486 -10.59 69.23 -13.96
CA PHE C 486 -9.94 69.65 -12.73
C PHE C 486 -9.45 68.45 -11.92
N ASN C 487 -8.49 67.74 -12.51
CA ASN C 487 -7.90 66.49 -11.98
C ASN C 487 -8.97 65.42 -11.77
N CYS C 488 -9.75 65.15 -12.81
CA CYS C 488 -10.73 64.06 -12.82
C CYS C 488 -10.49 63.26 -14.09
N TYR C 489 -9.78 62.14 -13.97
CA TYR C 489 -9.40 61.34 -15.12
C TYR C 489 -10.59 60.53 -15.62
N PHE C 490 -10.73 60.45 -16.94
CA PHE C 490 -11.75 59.62 -17.55
C PHE C 490 -11.31 58.16 -17.48
N PRO C 491 -12.16 57.23 -17.06
CA PRO C 491 -11.72 55.84 -16.88
C PRO C 491 -11.47 55.09 -18.17
N LEU C 492 -12.09 55.51 -19.28
CA LEU C 492 -11.93 54.83 -20.55
C LEU C 492 -10.99 55.62 -21.47
N GLN C 493 -10.54 54.96 -22.52
CA GLN C 493 -9.68 55.58 -23.51
C GLN C 493 -9.85 54.84 -24.83
N SER C 494 -9.79 55.57 -25.93
CA SER C 494 -10.01 55.01 -27.26
C SER C 494 -8.76 54.27 -27.75
N TYR C 495 -8.98 53.12 -28.36
CA TYR C 495 -7.89 52.35 -28.96
C TYR C 495 -7.50 52.97 -30.30
N GLY C 496 -6.20 52.96 -30.58
CA GLY C 496 -5.71 53.44 -31.85
C GLY C 496 -5.40 52.33 -32.82
N PHE C 497 -6.29 52.10 -33.79
CA PHE C 497 -6.16 51.03 -34.76
C PHE C 497 -6.07 51.66 -36.16
N GLN C 498 -4.83 51.99 -36.57
CA GLN C 498 -4.53 52.55 -37.88
C GLN C 498 -4.09 51.44 -38.83
N PRO C 499 -4.36 51.58 -40.13
CA PRO C 499 -3.91 50.56 -41.09
C PRO C 499 -2.45 50.66 -41.47
N THR C 500 -1.78 51.79 -41.17
CA THR C 500 -0.41 52.01 -41.58
C THR C 500 0.55 52.17 -40.41
N ASN C 501 0.18 51.71 -39.21
CA ASN C 501 1.05 51.83 -38.05
C ASN C 501 2.03 50.66 -37.99
N GLY C 502 2.71 50.53 -36.84
CA GLY C 502 3.59 49.41 -36.63
C GLY C 502 2.83 48.14 -36.29
N VAL C 503 3.59 47.06 -36.09
CA VAL C 503 2.98 45.77 -35.80
C VAL C 503 2.49 45.71 -34.36
N GLY C 504 2.99 46.60 -33.49
CA GLY C 504 2.57 46.63 -32.11
C GLY C 504 1.27 47.35 -31.86
N TYR C 505 0.69 48.00 -32.87
CA TYR C 505 -0.55 48.75 -32.70
C TYR C 505 -1.66 48.27 -33.64
N GLN C 506 -1.43 47.20 -34.40
CA GLN C 506 -2.47 46.64 -35.25
C GLN C 506 -3.55 45.96 -34.41
N PRO C 507 -4.79 45.94 -34.89
CA PRO C 507 -5.83 45.21 -34.17
C PRO C 507 -5.65 43.70 -34.28
N TYR C 508 -5.69 43.03 -33.13
CA TYR C 508 -5.53 41.57 -33.06
C TYR C 508 -6.74 41.00 -32.33
N ARG C 509 -7.49 40.14 -33.02
CA ARG C 509 -8.66 39.50 -32.43
C ARG C 509 -8.21 38.38 -31.50
N VAL C 510 -8.48 38.52 -30.21
CA VAL C 510 -8.08 37.55 -29.19
C VAL C 510 -9.34 36.93 -28.59
N VAL C 511 -9.40 35.60 -28.61
CA VAL C 511 -10.52 34.85 -28.03
C VAL C 511 -9.94 33.97 -26.93
N VAL C 512 -10.29 34.28 -25.68
CA VAL C 512 -9.83 33.51 -24.53
C VAL C 512 -10.85 32.41 -24.25
N LEU C 513 -10.39 31.17 -24.25
CA LEU C 513 -11.25 30.02 -24.04
C LEU C 513 -11.25 29.67 -22.55
N SER C 514 -12.40 29.83 -21.90
CA SER C 514 -12.55 29.52 -20.49
C SER C 514 -13.11 28.12 -20.31
N PHE C 515 -12.49 27.35 -19.41
CA PHE C 515 -12.91 25.99 -19.12
C PHE C 515 -13.14 25.83 -17.62
N GLU C 516 -14.16 25.06 -17.26
CA GLU C 516 -14.49 24.81 -15.87
C GLU C 516 -15.20 23.46 -15.76
N LEU C 517 -15.14 22.87 -14.56
CA LEU C 517 -15.78 21.59 -14.28
C LEU C 517 -16.43 21.68 -12.91
N LEU C 518 -17.74 21.42 -12.86
CA LEU C 518 -18.49 21.49 -11.61
C LEU C 518 -19.23 20.19 -11.33
N HIS C 519 -20.15 20.21 -10.37
CA HIS C 519 -20.95 19.02 -10.05
C HIS C 519 -21.98 18.71 -11.13
N ALA C 520 -22.31 19.69 -11.98
CA ALA C 520 -23.20 19.46 -13.10
C ALA C 520 -22.52 18.56 -14.14
N PRO C 521 -23.30 17.76 -14.87
CA PRO C 521 -22.71 16.93 -15.93
C PRO C 521 -22.18 17.77 -17.09
N ALA C 522 -21.14 17.24 -17.74
CA ALA C 522 -20.46 17.97 -18.79
C ALA C 522 -21.27 17.98 -20.08
N THR C 523 -21.14 19.07 -20.83
CA THR C 523 -21.84 19.25 -22.09
C THR C 523 -20.90 19.32 -23.29
N VAL C 524 -19.70 19.87 -23.12
CA VAL C 524 -18.74 20.04 -24.20
C VAL C 524 -17.66 18.98 -24.06
N CYS C 525 -17.50 18.16 -25.09
CA CYS C 525 -16.44 17.16 -25.12
C CYS C 525 -15.69 17.24 -26.45
N GLY C 526 -14.81 16.27 -26.70
CA GLY C 526 -14.09 16.22 -27.95
C GLY C 526 -14.57 15.09 -28.84
N PRO C 527 -14.42 15.25 -30.16
CA PRO C 527 -14.86 14.20 -31.08
C PRO C 527 -13.89 13.04 -31.11
N LYS C 528 -14.44 11.83 -30.99
CA LYS C 528 -13.64 10.61 -31.02
C LYS C 528 -13.32 10.27 -32.47
N LYS C 529 -12.03 10.13 -32.79
CA LYS C 529 -11.61 9.86 -34.16
C LYS C 529 -11.95 8.42 -34.54
N SER C 530 -12.79 8.27 -35.56
CA SER C 530 -13.25 6.96 -36.00
C SER C 530 -12.27 6.35 -36.98
N THR C 531 -12.30 5.02 -37.07
CA THR C 531 -11.46 4.25 -37.98
C THR C 531 -12.36 3.36 -38.83
N ASN C 532 -11.74 2.49 -39.61
CA ASN C 532 -12.48 1.56 -40.44
C ASN C 532 -12.93 0.35 -39.63
N LEU C 533 -14.14 -0.13 -39.93
CA LEU C 533 -14.71 -1.29 -39.26
C LEU C 533 -14.30 -2.56 -39.99
N VAL C 534 -13.60 -3.45 -39.29
CA VAL C 534 -13.13 -4.71 -39.84
C VAL C 534 -13.90 -5.83 -39.16
N LYS C 535 -14.54 -6.68 -39.96
CA LYS C 535 -15.32 -7.81 -39.44
C LYS C 535 -14.61 -9.11 -39.78
N ASN C 536 -15.04 -10.17 -39.07
CA ASN C 536 -14.52 -11.54 -39.20
C ASN C 536 -13.02 -11.60 -38.95
N LYS C 537 -12.59 -11.00 -37.83
CA LYS C 537 -11.19 -10.97 -37.47
C LYS C 537 -11.07 -10.82 -35.97
N CYS C 538 -10.11 -11.53 -35.37
CA CYS C 538 -9.90 -11.50 -33.92
C CYS C 538 -9.14 -10.22 -33.58
N VAL C 539 -9.88 -9.11 -33.49
CA VAL C 539 -9.32 -7.80 -33.18
C VAL C 539 -10.19 -7.14 -32.13
N ASN C 540 -9.68 -6.03 -31.57
CA ASN C 540 -10.42 -5.28 -30.56
C ASN C 540 -11.45 -4.37 -31.21
N PHE C 541 -12.33 -3.82 -30.38
CA PHE C 541 -13.32 -2.85 -30.83
C PHE C 541 -13.53 -1.82 -29.73
N ASN C 542 -13.82 -0.59 -30.14
CA ASN C 542 -14.01 0.51 -29.20
C ASN C 542 -15.10 1.42 -29.77
N PHE C 543 -16.33 1.21 -29.30
CA PHE C 543 -17.46 2.01 -29.74
C PHE C 543 -17.63 3.22 -28.83
N ASN C 544 -18.71 3.97 -29.05
CA ASN C 544 -18.98 5.14 -28.23
C ASN C 544 -19.49 4.76 -26.85
N GLY C 545 -20.11 3.60 -26.71
CA GLY C 545 -20.68 3.19 -25.45
C GLY C 545 -19.82 2.25 -24.63
N LEU C 546 -19.23 1.24 -25.28
CA LEU C 546 -18.46 0.24 -24.55
C LEU C 546 -17.43 -0.37 -25.52
N THR C 547 -16.32 -0.80 -24.94
CA THR C 547 -15.25 -1.44 -25.69
C THR C 547 -15.06 -2.88 -25.19
N GLY C 548 -14.14 -3.59 -25.81
CA GLY C 548 -13.86 -4.96 -25.42
C GLY C 548 -12.99 -5.65 -26.46
N THR C 549 -13.10 -6.97 -26.49
CA THR C 549 -12.33 -7.81 -27.39
C THR C 549 -13.18 -8.97 -27.87
N GLY C 550 -13.27 -9.12 -29.19
CA GLY C 550 -14.05 -10.21 -29.77
C GLY C 550 -14.24 -10.00 -31.25
N VAL C 551 -14.62 -11.09 -31.92
CA VAL C 551 -14.89 -11.07 -33.36
C VAL C 551 -16.30 -10.53 -33.58
N LEU C 552 -16.42 -9.49 -34.40
CA LEU C 552 -17.72 -8.91 -34.72
C LEU C 552 -18.17 -9.43 -36.08
N THR C 553 -19.35 -10.05 -36.11
CA THR C 553 -19.91 -10.58 -37.35
C THR C 553 -21.41 -10.35 -37.36
N GLU C 554 -21.99 -10.39 -38.55
CA GLU C 554 -23.41 -10.11 -38.70
C GLU C 554 -24.25 -11.28 -38.20
N SER C 555 -25.45 -10.95 -37.71
CA SER C 555 -26.37 -11.94 -37.17
C SER C 555 -27.80 -11.47 -37.46
N ASN C 556 -28.76 -12.11 -36.79
CA ASN C 556 -30.17 -11.79 -36.98
C ASN C 556 -30.78 -11.05 -35.79
N LYS C 557 -29.95 -10.54 -34.88
CA LYS C 557 -30.46 -9.80 -33.74
C LYS C 557 -30.89 -8.39 -34.16
N LYS C 558 -31.86 -7.85 -33.41
CA LYS C 558 -32.39 -6.52 -33.67
C LYS C 558 -32.43 -5.76 -32.35
N PHE C 559 -31.68 -4.67 -32.26
CA PHE C 559 -31.61 -3.88 -31.04
C PHE C 559 -32.65 -2.77 -31.05
N LEU C 560 -32.94 -2.25 -29.85
CA LEU C 560 -33.76 -1.07 -29.71
C LEU C 560 -32.98 0.16 -30.15
N PRO C 561 -33.66 1.18 -30.70
CA PRO C 561 -32.94 2.34 -31.25
C PRO C 561 -32.31 3.25 -30.20
N PHE C 562 -32.58 3.05 -28.91
CA PHE C 562 -31.94 3.83 -27.85
C PHE C 562 -30.87 3.04 -27.11
N GLN C 563 -30.42 1.92 -27.68
CA GLN C 563 -29.40 1.08 -27.07
C GLN C 563 -28.19 0.99 -27.99
N GLN C 564 -27.01 0.86 -27.39
CA GLN C 564 -25.76 0.76 -28.14
C GLN C 564 -25.03 -0.55 -27.95
N PHE C 565 -25.18 -1.21 -26.81
CA PHE C 565 -24.51 -2.48 -26.56
C PHE C 565 -25.46 -3.37 -25.77
N GLY C 566 -25.12 -4.66 -25.70
CA GLY C 566 -25.95 -5.62 -25.02
C GLY C 566 -25.19 -6.60 -24.14
N ARG C 567 -25.91 -7.32 -23.29
CA ARG C 567 -25.28 -8.30 -22.40
C ARG C 567 -26.09 -9.59 -22.44
N ASP C 568 -25.43 -10.69 -22.10
CA ASP C 568 -26.04 -12.01 -22.10
C ASP C 568 -26.58 -12.32 -20.70
N ILE C 569 -26.87 -13.60 -20.45
CA ILE C 569 -27.32 -14.04 -19.13
C ILE C 569 -26.20 -13.90 -18.10
N ALA C 570 -24.94 -14.10 -18.54
CA ALA C 570 -23.78 -14.04 -17.65
C ALA C 570 -23.21 -12.62 -17.53
N ASP C 571 -23.99 -11.63 -17.93
CA ASP C 571 -23.56 -10.23 -17.83
C ASP C 571 -22.23 -10.02 -18.56
N THR C 572 -22.16 -10.46 -19.81
CA THR C 572 -20.96 -10.30 -20.62
C THR C 572 -21.29 -9.78 -22.01
N THR C 573 -20.54 -8.78 -22.45
CA THR C 573 -20.76 -8.19 -23.76
C THR C 573 -20.73 -9.25 -24.86
N ASP C 574 -21.92 -9.66 -25.30
CA ASP C 574 -22.04 -10.67 -26.34
C ASP C 574 -22.47 -10.11 -27.69
N ALA C 575 -23.00 -8.89 -27.73
CA ALA C 575 -23.45 -8.29 -28.98
C ALA C 575 -23.39 -6.77 -28.83
N VAL C 576 -23.00 -6.09 -29.91
CA VAL C 576 -22.85 -4.64 -29.92
C VAL C 576 -23.41 -4.09 -31.22
N ARG C 577 -23.86 -2.84 -31.18
CA ARG C 577 -24.36 -2.15 -32.36
C ARG C 577 -23.32 -1.12 -32.81
N ASP C 578 -23.07 -1.07 -34.11
CA ASP C 578 -22.15 -0.08 -34.64
C ASP C 578 -22.79 1.31 -34.58
N PRO C 579 -22.05 2.33 -34.13
CA PRO C 579 -22.66 3.66 -33.99
C PRO C 579 -22.91 4.36 -35.31
N GLN C 580 -22.07 4.13 -36.32
CA GLN C 580 -22.25 4.80 -37.61
C GLN C 580 -23.27 4.06 -38.47
N THR C 581 -23.01 2.78 -38.75
CA THR C 581 -23.92 1.97 -39.55
C THR C 581 -24.89 1.23 -38.65
N LEU C 582 -26.18 1.33 -38.95
CA LEU C 582 -27.23 0.72 -38.14
C LEU C 582 -27.23 -0.79 -38.39
N GLU C 583 -26.34 -1.48 -37.69
CA GLU C 583 -26.22 -2.93 -37.79
C GLU C 583 -25.81 -3.50 -36.44
N ILE C 584 -26.27 -4.71 -36.15
CA ILE C 584 -26.00 -5.39 -34.89
C ILE C 584 -24.98 -6.49 -35.13
N LEU C 585 -23.85 -6.43 -34.42
CA LEU C 585 -22.76 -7.38 -34.58
C LEU C 585 -22.52 -8.10 -33.26
N ASP C 586 -22.60 -9.43 -33.28
CA ASP C 586 -22.40 -10.22 -32.09
C ASP C 586 -20.92 -10.41 -31.79
N ILE C 587 -20.61 -10.78 -30.55
CA ILE C 587 -19.25 -11.01 -30.11
C ILE C 587 -19.01 -12.52 -30.18
N THR C 588 -18.15 -12.94 -31.11
CA THR C 588 -17.74 -14.31 -31.38
C THR C 588 -16.36 -14.57 -30.77
N PRO C 589 -16.20 -15.66 -30.02
CA PRO C 589 -14.87 -16.00 -29.49
C PRO C 589 -13.92 -16.43 -30.59
N CYS C 590 -12.64 -16.13 -30.37
CA CYS C 590 -11.62 -16.44 -31.37
C CYS C 590 -11.24 -17.92 -31.30
N SER C 591 -10.32 -18.30 -32.18
CA SER C 591 -9.87 -19.69 -32.28
C SER C 591 -8.66 -19.88 -31.36
N PHE C 592 -8.95 -20.00 -30.07
CA PHE C 592 -7.92 -20.24 -29.06
C PHE C 592 -8.20 -21.57 -28.37
N GLY C 593 -7.23 -22.01 -27.57
CA GLY C 593 -7.37 -23.26 -26.86
C GLY C 593 -6.02 -23.71 -26.31
N GLY C 594 -6.01 -24.98 -25.89
CA GLY C 594 -4.79 -25.54 -25.34
C GLY C 594 -3.87 -26.09 -26.42
N VAL C 595 -2.60 -26.24 -26.06
CA VAL C 595 -1.56 -26.74 -26.95
C VAL C 595 -1.29 -28.20 -26.58
N SER C 596 -1.63 -29.11 -27.47
CA SER C 596 -1.42 -30.54 -27.26
C SER C 596 -0.37 -31.06 -28.23
N VAL C 597 0.46 -31.98 -27.73
CA VAL C 597 1.54 -32.56 -28.50
C VAL C 597 1.29 -34.06 -28.60
N ILE C 598 1.16 -34.56 -29.82
CA ILE C 598 0.94 -35.98 -30.10
C ILE C 598 2.26 -36.58 -30.56
N THR C 599 2.75 -37.56 -29.81
CA THR C 599 4.04 -38.18 -30.11
C THR C 599 4.04 -39.59 -29.53
N PRO C 600 4.72 -40.54 -30.18
CA PRO C 600 4.90 -41.87 -29.57
C PRO C 600 6.01 -41.88 -28.54
N GLY C 601 6.41 -43.08 -28.11
CA GLY C 601 7.48 -43.21 -27.14
C GLY C 601 8.83 -42.80 -27.71
N THR C 602 9.78 -42.57 -26.79
CA THR C 602 11.10 -42.11 -27.18
C THR C 602 11.89 -43.20 -27.90
N ASN C 603 11.71 -44.45 -27.47
CA ASN C 603 12.43 -45.56 -28.09
C ASN C 603 11.85 -45.95 -29.44
N THR C 604 10.65 -45.49 -29.78
CA THR C 604 10.03 -45.83 -31.06
C THR C 604 10.40 -44.83 -32.15
N SER C 605 10.01 -43.57 -31.98
CA SER C 605 10.26 -42.53 -32.98
C SER C 605 10.21 -41.17 -32.30
N ASN C 606 11.01 -40.24 -32.83
CA ASN C 606 11.05 -38.88 -32.33
C ASN C 606 10.14 -37.93 -33.11
N GLN C 607 9.24 -38.47 -33.92
CA GLN C 607 8.32 -37.63 -34.68
C GLN C 607 7.23 -37.07 -33.76
N VAL C 608 6.95 -35.78 -33.94
CA VAL C 608 5.97 -35.07 -33.12
C VAL C 608 4.96 -34.38 -34.03
N ALA C 609 3.86 -33.92 -33.42
CA ALA C 609 2.81 -33.22 -34.14
C ALA C 609 2.23 -32.15 -33.22
N VAL C 610 1.93 -30.98 -33.80
CA VAL C 610 1.37 -29.86 -33.05
C VAL C 610 -0.14 -29.86 -33.21
N LEU C 611 -0.84 -29.74 -32.09
CA LEU C 611 -2.30 -29.78 -32.07
C LEU C 611 -2.82 -28.70 -31.13
N TYR C 612 -3.59 -27.75 -31.68
CA TYR C 612 -4.30 -26.75 -30.90
C TYR C 612 -5.77 -27.15 -30.86
N GLN C 613 -6.36 -27.14 -29.67
CA GLN C 613 -7.71 -27.65 -29.49
C GLN C 613 -8.75 -26.56 -29.74
N ASP C 614 -9.83 -26.93 -30.45
CA ASP C 614 -11.00 -26.10 -30.73
C ASP C 614 -10.62 -24.81 -31.48
N VAL C 615 -9.77 -24.97 -32.49
CA VAL C 615 -9.33 -23.88 -33.35
C VAL C 615 -9.60 -24.26 -34.80
N ASN C 616 -9.36 -23.32 -35.70
CA ASN C 616 -9.30 -23.58 -37.13
C ASN C 616 -7.85 -23.63 -37.59
N CYS C 617 -7.66 -24.03 -38.84
CA CYS C 617 -6.32 -24.11 -39.41
C CYS C 617 -5.86 -22.80 -40.04
N THR C 618 -6.59 -21.71 -39.85
CA THR C 618 -6.19 -20.42 -40.39
C THR C 618 -5.50 -19.53 -39.37
N GLU C 619 -5.86 -19.66 -38.09
CA GLU C 619 -5.31 -18.84 -37.02
C GLU C 619 -4.40 -19.65 -36.09
N VAL C 620 -3.63 -20.57 -36.65
CA VAL C 620 -2.72 -21.38 -35.86
C VAL C 620 -1.48 -20.58 -35.49
N ASN C 641 -1.70 -31.78 -46.67
CA ASN C 641 -0.70 -31.27 -45.73
C ASN C 641 -1.25 -31.24 -44.31
N VAL C 642 -2.03 -30.19 -44.02
CA VAL C 642 -2.63 -30.00 -42.70
C VAL C 642 -4.08 -30.47 -42.76
N PHE C 643 -4.46 -31.33 -41.82
CA PHE C 643 -5.80 -31.91 -41.76
C PHE C 643 -6.52 -31.40 -40.54
N GLN C 644 -7.77 -30.98 -40.72
CA GLN C 644 -8.61 -30.50 -39.64
C GLN C 644 -9.33 -31.67 -38.98
N THR C 645 -9.16 -31.80 -37.66
CA THR C 645 -9.81 -32.86 -36.89
C THR C 645 -11.00 -32.29 -36.12
N ARG C 646 -11.67 -33.18 -35.38
CA ARG C 646 -12.83 -32.76 -34.60
C ARG C 646 -12.42 -32.01 -33.35
N ALA C 647 -11.29 -32.35 -32.76
CA ALA C 647 -10.81 -31.64 -31.56
C ALA C 647 -10.18 -30.30 -31.92
N GLY C 648 -9.58 -30.18 -33.10
CA GLY C 648 -8.97 -28.93 -33.51
C GLY C 648 -8.15 -29.14 -34.77
N CYS C 649 -7.31 -28.14 -35.06
CA CYS C 649 -6.43 -28.20 -36.22
C CYS C 649 -5.18 -28.99 -35.85
N LEU C 650 -4.96 -30.10 -36.56
CA LEU C 650 -3.83 -30.99 -36.30
C LEU C 650 -2.76 -30.74 -37.35
N ILE C 651 -1.58 -30.31 -36.90
CA ILE C 651 -0.46 -30.00 -37.77
C ILE C 651 0.62 -31.06 -37.58
N GLY C 652 1.03 -31.67 -38.67
CA GLY C 652 2.08 -32.68 -38.62
C GLY C 652 1.60 -34.12 -38.64
N ALA C 653 0.39 -34.37 -39.14
CA ALA C 653 -0.14 -35.72 -39.21
C ALA C 653 -1.13 -35.82 -40.35
N GLU C 654 -1.22 -37.00 -40.95
CA GLU C 654 -2.10 -37.26 -42.07
C GLU C 654 -3.33 -38.03 -41.57
N HIS C 655 -4.50 -37.44 -41.76
CA HIS C 655 -5.73 -38.09 -41.31
C HIS C 655 -6.10 -39.23 -42.24
N VAL C 656 -6.38 -40.40 -41.65
CA VAL C 656 -6.74 -41.60 -42.40
C VAL C 656 -8.19 -41.95 -42.06
N ASN C 657 -9.00 -42.20 -43.10
CA ASN C 657 -10.39 -42.54 -42.89
C ASN C 657 -10.56 -43.96 -42.36
N ASN C 658 -9.55 -44.81 -42.56
CA ASN C 658 -9.62 -46.17 -42.04
C ASN C 658 -9.44 -46.19 -40.53
N SER C 659 -10.28 -46.95 -39.85
CA SER C 659 -10.25 -46.99 -38.39
C SER C 659 -9.22 -47.99 -37.90
N TYR C 660 -8.55 -47.65 -36.80
CA TYR C 660 -7.55 -48.50 -36.17
C TYR C 660 -7.84 -48.58 -34.68
N GLU C 661 -6.98 -49.32 -33.97
CA GLU C 661 -7.10 -49.42 -32.52
C GLU C 661 -6.64 -48.13 -31.87
N CYS C 662 -7.48 -47.58 -30.99
CA CYS C 662 -7.20 -46.30 -30.33
C CYS C 662 -6.08 -46.48 -29.30
N ASP C 663 -4.93 -45.88 -29.56
CA ASP C 663 -3.79 -45.92 -28.65
C ASP C 663 -3.61 -44.60 -27.89
N ILE C 664 -3.76 -43.47 -28.58
CA ILE C 664 -3.66 -42.15 -27.95
C ILE C 664 -5.03 -41.51 -27.96
N PRO C 665 -5.76 -41.51 -26.83
CA PRO C 665 -7.09 -40.90 -26.80
C PRO C 665 -7.00 -39.37 -26.83
N ILE C 666 -7.56 -38.78 -27.89
CA ILE C 666 -7.52 -37.33 -28.08
C ILE C 666 -8.85 -36.73 -27.67
N GLY C 667 -9.92 -37.14 -28.36
CA GLY C 667 -11.24 -36.61 -28.09
C GLY C 667 -12.15 -36.65 -29.30
N ALA C 668 -13.47 -36.68 -29.04
CA ALA C 668 -14.53 -36.70 -30.06
C ALA C 668 -14.38 -37.89 -31.02
N GLY C 669 -14.00 -39.04 -30.46
CA GLY C 669 -13.86 -40.25 -31.24
C GLY C 669 -12.65 -40.31 -32.14
N ILE C 670 -11.71 -39.39 -32.00
CA ILE C 670 -10.50 -39.36 -32.83
C ILE C 670 -9.32 -39.79 -31.97
N CYS C 671 -8.51 -40.72 -32.50
CA CYS C 671 -7.30 -41.15 -31.82
C CYS C 671 -6.14 -41.10 -32.80
N ALA C 672 -4.94 -41.38 -32.30
CA ALA C 672 -3.74 -41.35 -33.11
C ALA C 672 -2.81 -42.49 -32.70
N SER C 673 -1.95 -42.89 -33.63
CA SER C 673 -0.97 -43.94 -33.40
C SER C 673 0.15 -43.77 -34.42
N TYR C 674 1.26 -44.47 -34.18
CA TYR C 674 2.41 -44.45 -35.07
C TYR C 674 2.38 -45.76 -35.86
N GLN C 675 1.66 -45.76 -36.98
CA GLN C 675 1.52 -46.92 -37.84
C GLN C 675 2.20 -46.68 -39.18
N THR C 676 2.17 -47.71 -40.02
CA THR C 676 2.78 -47.62 -41.35
C THR C 676 1.87 -46.89 -42.32
N SER C 689 8.44 -44.67 -43.99
CA SER C 689 7.04 -44.83 -44.39
C SER C 689 6.11 -44.66 -43.20
N GLN C 690 6.59 -45.05 -42.02
CA GLN C 690 5.78 -44.93 -40.81
C GLN C 690 5.74 -43.50 -40.32
N SER C 691 4.55 -43.03 -39.98
CA SER C 691 4.36 -41.66 -39.52
C SER C 691 3.13 -41.62 -38.62
N ILE C 692 2.94 -40.47 -37.97
CA ILE C 692 1.79 -40.26 -37.10
C ILE C 692 0.55 -40.01 -37.94
N ILE C 693 -0.48 -40.83 -37.72
CA ILE C 693 -1.72 -40.74 -38.47
C ILE C 693 -2.87 -40.52 -37.49
N ALA C 694 -4.01 -40.11 -38.04
CA ALA C 694 -5.23 -39.90 -37.28
C ALA C 694 -6.33 -40.80 -37.82
N TYR C 695 -7.19 -41.29 -36.93
CA TYR C 695 -8.22 -42.24 -37.30
C TYR C 695 -9.39 -42.14 -36.33
N THR C 696 -10.45 -42.88 -36.63
CA THR C 696 -11.62 -42.93 -35.77
C THR C 696 -11.45 -44.00 -34.71
N MET C 697 -11.96 -43.73 -33.51
CA MET C 697 -11.84 -44.66 -32.39
C MET C 697 -12.75 -45.87 -32.62
N SER C 698 -12.15 -47.05 -32.70
CA SER C 698 -12.91 -48.28 -32.86
C SER C 698 -13.37 -48.80 -31.51
N LEU C 699 -14.65 -49.13 -31.42
CA LEU C 699 -15.24 -49.60 -30.16
C LEU C 699 -15.15 -51.10 -29.97
N GLY C 700 -14.52 -51.82 -30.91
CA GLY C 700 -14.38 -53.26 -30.81
C GLY C 700 -14.74 -53.94 -32.12
N ALA C 701 -14.41 -55.23 -32.17
CA ALA C 701 -14.70 -56.03 -33.35
C ALA C 701 -16.17 -56.39 -33.42
N GLU C 702 -16.64 -56.63 -34.64
CA GLU C 702 -18.04 -56.99 -34.86
C GLU C 702 -18.23 -58.49 -34.69
N ASN C 703 -19.26 -58.87 -33.92
CA ASN C 703 -19.56 -60.27 -33.68
C ASN C 703 -21.06 -60.47 -33.87
N SER C 704 -21.43 -61.28 -34.85
CA SER C 704 -22.83 -61.60 -35.15
C SER C 704 -23.06 -63.06 -34.81
N VAL C 705 -23.46 -63.32 -33.58
CA VAL C 705 -23.72 -64.69 -33.14
C VAL C 705 -25.06 -65.16 -33.71
N ALA C 706 -25.05 -66.34 -34.30
CA ALA C 706 -26.26 -66.91 -34.89
C ALA C 706 -27.21 -67.37 -33.79
N TYR C 707 -28.43 -66.83 -33.82
CA TYR C 707 -29.44 -67.11 -32.80
C TYR C 707 -30.47 -68.08 -33.34
N SER C 708 -30.85 -69.04 -32.50
CA SER C 708 -31.87 -70.03 -32.87
C SER C 708 -32.50 -70.57 -31.59
N ASN C 709 -33.67 -71.16 -31.75
CA ASN C 709 -34.43 -71.71 -30.62
C ASN C 709 -34.11 -73.18 -30.36
N ASN C 710 -33.10 -73.74 -31.02
CA ASN C 710 -32.75 -75.14 -30.86
C ASN C 710 -31.29 -75.40 -30.55
N SER C 711 -30.39 -74.46 -30.83
CA SER C 711 -28.96 -74.64 -30.59
C SER C 711 -28.52 -73.89 -29.34
N ILE C 712 -27.36 -74.27 -28.82
CA ILE C 712 -26.79 -73.64 -27.63
C ILE C 712 -25.27 -73.72 -27.75
N ALA C 713 -24.59 -72.80 -27.09
CA ALA C 713 -23.13 -72.77 -27.04
C ALA C 713 -22.68 -72.94 -25.60
N ILE C 714 -22.12 -74.12 -25.29
CA ILE C 714 -21.68 -74.44 -23.94
C ILE C 714 -20.19 -74.80 -23.99
N PRO C 715 -19.35 -74.19 -23.16
CA PRO C 715 -17.92 -74.52 -23.20
C PRO C 715 -17.62 -75.88 -22.57
N THR C 716 -16.59 -76.53 -23.10
CA THR C 716 -16.20 -77.86 -22.66
C THR C 716 -14.86 -77.91 -21.94
N ASN C 717 -13.96 -76.96 -22.21
CA ASN C 717 -12.63 -76.95 -21.61
C ASN C 717 -12.43 -75.64 -20.87
N PHE C 718 -11.70 -75.71 -19.76
CA PHE C 718 -11.49 -74.57 -18.88
C PHE C 718 -10.01 -74.44 -18.53
N THR C 719 -9.62 -73.26 -18.09
CA THR C 719 -8.25 -72.96 -17.73
C THR C 719 -8.23 -72.09 -16.48
N ILE C 720 -7.46 -72.50 -15.49
CA ILE C 720 -7.36 -71.77 -14.23
C ILE C 720 -6.49 -70.53 -14.46
N SER C 721 -7.07 -69.36 -14.26
CA SER C 721 -6.37 -68.09 -14.41
C SER C 721 -6.44 -67.32 -13.10
N VAL C 722 -5.28 -66.93 -12.58
CA VAL C 722 -5.17 -66.18 -11.34
C VAL C 722 -4.73 -64.77 -11.68
N THR C 723 -5.59 -63.80 -11.42
CA THR C 723 -5.30 -62.40 -11.70
C THR C 723 -4.67 -61.75 -10.46
N THR C 724 -4.11 -60.56 -10.68
CA THR C 724 -3.45 -59.80 -9.63
C THR C 724 -4.07 -58.41 -9.58
N GLU C 725 -4.81 -58.13 -8.51
CA GLU C 725 -5.47 -56.85 -8.31
C GLU C 725 -4.82 -56.15 -7.12
N ILE C 726 -4.32 -54.94 -7.35
CA ILE C 726 -3.64 -54.15 -6.33
C ILE C 726 -4.51 -52.97 -5.99
N LEU C 727 -4.87 -52.84 -4.71
CA LEU C 727 -5.71 -51.75 -4.23
C LEU C 727 -5.06 -51.07 -3.04
N PRO C 728 -5.06 -49.75 -2.99
CA PRO C 728 -4.48 -49.05 -1.83
C PRO C 728 -5.38 -49.12 -0.61
N VAL C 729 -4.73 -49.20 0.55
CA VAL C 729 -5.41 -49.31 1.83
C VAL C 729 -5.19 -48.07 2.69
N SER C 730 -3.93 -47.71 2.92
CA SER C 730 -3.58 -46.58 3.75
C SER C 730 -2.53 -45.72 3.06
N MET C 731 -2.17 -44.61 3.68
CA MET C 731 -1.18 -43.69 3.16
C MET C 731 -0.01 -43.56 4.14
N THR C 732 0.97 -42.75 3.77
CA THR C 732 2.12 -42.49 4.62
C THR C 732 1.76 -41.42 5.65
N LYS C 733 1.99 -41.74 6.92
CA LYS C 733 1.67 -40.81 8.00
C LYS C 733 2.71 -39.70 8.06
N THR C 734 2.28 -38.47 7.83
CA THR C 734 3.17 -37.31 7.88
C THR C 734 2.39 -36.13 8.43
N SER C 735 2.80 -35.64 9.60
CA SER C 735 2.13 -34.52 10.26
C SER C 735 2.91 -33.24 9.99
N VAL C 736 2.20 -32.19 9.59
CA VAL C 736 2.78 -30.89 9.30
C VAL C 736 2.31 -29.92 10.38
N ASP C 737 3.26 -29.36 11.13
CA ASP C 737 2.94 -28.41 12.19
C ASP C 737 2.59 -27.07 11.58
N CYS C 738 1.54 -26.43 12.12
CA CYS C 738 1.11 -25.13 11.61
C CYS C 738 2.04 -24.02 12.10
N THR C 739 2.64 -24.19 13.28
CA THR C 739 3.45 -23.11 13.87
C THR C 739 4.79 -22.97 13.16
N MET C 740 5.36 -24.07 12.67
CA MET C 740 6.66 -24.00 12.02
C MET C 740 6.53 -23.51 10.58
N TYR C 741 5.40 -23.80 9.93
CA TYR C 741 5.24 -23.42 8.53
C TYR C 741 4.93 -21.94 8.39
N ILE C 742 4.03 -21.42 9.24
CA ILE C 742 3.68 -20.00 9.17
C ILE C 742 4.81 -19.15 9.72
N CYS C 743 5.41 -19.57 10.83
CA CYS C 743 6.47 -18.82 11.51
C CYS C 743 7.76 -19.63 11.48
N GLY C 744 8.72 -19.17 10.68
CA GLY C 744 10.03 -19.81 10.65
C GLY C 744 10.92 -19.30 11.76
N ASP C 745 10.62 -19.71 13.00
CA ASP C 745 11.32 -19.30 14.23
C ASP C 745 11.32 -17.78 14.38
N SER C 746 10.13 -17.19 14.39
CA SER C 746 9.94 -15.75 14.50
C SER C 746 9.02 -15.45 15.67
N THR C 747 9.39 -14.46 16.50
CA THR C 747 8.58 -14.11 17.66
C THR C 747 7.43 -13.20 17.26
N GLU C 748 7.67 -12.27 16.33
CA GLU C 748 6.63 -11.35 15.90
C GLU C 748 5.55 -12.05 15.08
N CYS C 749 5.90 -13.15 14.41
CA CYS C 749 4.92 -13.92 13.65
C CYS C 749 3.94 -14.62 14.57
N SER C 750 4.41 -15.11 15.72
CA SER C 750 3.53 -15.82 16.65
C SER C 750 2.57 -14.88 17.36
N ASN C 751 2.97 -13.60 17.51
CA ASN C 751 2.06 -12.61 18.09
C ASN C 751 0.95 -12.26 17.12
N LEU C 752 1.26 -12.22 15.82
CA LEU C 752 0.22 -11.94 14.82
C LEU C 752 -0.56 -13.20 14.47
N LEU C 753 -0.06 -14.38 14.86
CA LEU C 753 -0.78 -15.62 14.60
C LEU C 753 -1.99 -15.77 15.52
N LEU C 754 -1.96 -15.12 16.68
CA LEU C 754 -3.08 -15.19 17.61
C LEU C 754 -4.28 -14.37 17.14
N GLN C 755 -4.07 -13.45 16.18
CA GLN C 755 -5.17 -12.67 15.65
C GLN C 755 -6.09 -13.51 14.76
N TYR C 756 -5.59 -14.61 14.21
CA TYR C 756 -6.41 -15.48 13.37
C TYR C 756 -7.11 -16.57 14.17
N GLY C 757 -6.42 -17.18 15.12
CA GLY C 757 -7.04 -18.13 16.02
C GLY C 757 -7.14 -19.55 15.49
N SER C 758 -8.34 -19.94 15.05
CA SER C 758 -8.60 -21.32 14.66
C SER C 758 -8.10 -21.65 13.26
N PHE C 759 -7.47 -20.72 12.55
CA PHE C 759 -6.93 -21.03 11.24
C PHE C 759 -5.67 -21.88 11.33
N CYS C 760 -5.00 -21.85 12.47
CA CYS C 760 -3.79 -22.65 12.70
C CYS C 760 -4.07 -23.89 13.54
N THR C 761 -4.99 -23.79 14.51
CA THR C 761 -5.22 -24.89 15.43
C THR C 761 -6.06 -25.99 14.80
N GLN C 762 -7.07 -25.63 14.02
CA GLN C 762 -7.97 -26.62 13.44
C GLN C 762 -7.29 -27.41 12.32
N LEU C 763 -6.31 -26.81 11.64
CA LEU C 763 -5.56 -27.55 10.62
C LEU C 763 -4.61 -28.55 11.27
N ASN C 764 -4.16 -28.26 12.50
CA ASN C 764 -3.38 -29.24 13.24
C ASN C 764 -4.26 -30.39 13.72
N ARG C 765 -5.51 -30.10 14.07
CA ARG C 765 -6.43 -31.16 14.47
C ARG C 765 -6.90 -31.97 13.27
N ALA C 766 -6.92 -31.35 12.09
CA ALA C 766 -7.34 -32.06 10.88
C ALA C 766 -6.26 -33.03 10.41
N LEU C 767 -5.00 -32.60 10.46
CA LEU C 767 -3.91 -33.48 10.05
C LEU C 767 -3.67 -34.58 11.08
N THR C 768 -3.99 -34.31 12.36
CA THR C 768 -3.90 -35.35 13.37
C THR C 768 -5.02 -36.37 13.20
N GLY C 769 -6.21 -35.90 12.81
CA GLY C 769 -7.34 -36.81 12.63
C GLY C 769 -7.20 -37.66 11.38
N ILE C 770 -6.40 -37.21 10.40
CA ILE C 770 -6.11 -38.02 9.23
C ILE C 770 -5.21 -39.19 9.60
N ALA C 771 -4.16 -38.91 10.40
CA ALA C 771 -3.19 -39.94 10.76
C ALA C 771 -3.78 -41.01 11.68
N VAL C 772 -4.81 -40.66 12.45
CA VAL C 772 -5.54 -41.67 13.20
C VAL C 772 -6.36 -42.54 12.25
N GLU C 773 -6.99 -41.92 11.23
CA GLU C 773 -7.79 -42.68 10.27
C GLU C 773 -6.92 -43.52 9.34
N GLN C 774 -5.65 -43.15 9.15
CA GLN C 774 -4.75 -44.00 8.37
C GLN C 774 -4.39 -45.26 9.13
N ASP C 775 -4.33 -45.19 10.46
CA ASP C 775 -4.11 -46.38 11.26
C ASP C 775 -5.39 -47.22 11.34
N LYS C 776 -6.55 -46.58 11.20
CA LYS C 776 -7.80 -47.32 11.20
C LYS C 776 -8.01 -48.08 9.89
N ASN C 777 -7.39 -47.60 8.81
CA ASN C 777 -7.49 -48.30 7.53
C ASN C 777 -6.67 -49.58 7.53
N THR C 778 -5.48 -49.54 8.14
CA THR C 778 -4.63 -50.72 8.20
C THR C 778 -5.17 -51.73 9.20
N GLN C 779 -5.89 -51.26 10.22
CA GLN C 779 -6.38 -52.16 11.26
C GLN C 779 -7.64 -52.89 10.81
N GLU C 780 -8.58 -52.18 10.18
CA GLU C 780 -9.86 -52.79 9.84
C GLU C 780 -9.78 -53.69 8.62
N VAL C 781 -8.75 -53.53 7.79
CA VAL C 781 -8.66 -54.33 6.57
C VAL C 781 -7.85 -55.59 6.81
N PHE C 782 -6.66 -55.48 7.42
CA PHE C 782 -5.77 -56.62 7.57
C PHE C 782 -6.18 -57.55 8.70
N ALA C 783 -6.71 -57.03 9.81
CA ALA C 783 -7.06 -57.86 10.96
C ALA C 783 -8.48 -58.42 10.77
N GLN C 784 -8.54 -59.50 10.00
CA GLN C 784 -9.77 -60.23 9.77
C GLN C 784 -9.83 -61.55 10.53
N VAL C 785 -8.90 -61.76 11.47
CA VAL C 785 -8.84 -63.00 12.23
C VAL C 785 -8.92 -62.68 13.72
N LYS C 786 -9.32 -63.67 14.51
CA LYS C 786 -9.35 -63.49 15.96
C LYS C 786 -8.01 -63.89 16.58
N GLN C 787 -7.46 -65.03 16.18
CA GLN C 787 -6.18 -65.50 16.67
C GLN C 787 -5.25 -65.78 15.49
N ILE C 788 -3.96 -65.83 15.78
CA ILE C 788 -2.95 -66.01 14.75
C ILE C 788 -2.88 -67.49 14.37
N TYR C 789 -3.06 -67.78 13.09
CA TYR C 789 -2.98 -69.14 12.58
C TYR C 789 -1.59 -69.40 11.99
N LYS C 790 -1.18 -70.66 12.03
CA LYS C 790 0.14 -71.06 11.56
C LYS C 790 -0.01 -72.16 10.51
N THR C 791 1.07 -72.40 9.78
CA THR C 791 1.07 -73.41 8.73
C THR C 791 1.23 -74.80 9.34
N PRO C 792 0.34 -75.74 9.03
CA PRO C 792 0.49 -77.11 9.54
C PRO C 792 1.59 -77.84 8.80
N PRO C 793 2.18 -78.88 9.39
CA PRO C 793 3.22 -79.64 8.68
C PRO C 793 2.69 -80.50 7.55
N ILE C 794 1.39 -80.80 7.53
CA ILE C 794 0.79 -81.58 6.45
C ILE C 794 0.62 -80.65 5.25
N LYS C 795 1.53 -80.75 4.29
CA LYS C 795 1.52 -79.89 3.11
C LYS C 795 0.90 -80.57 1.89
N ASP C 796 0.12 -81.62 2.09
CA ASP C 796 -0.54 -82.32 0.98
C ASP C 796 -1.92 -81.69 0.78
N PHE C 797 -2.05 -80.87 -0.25
CA PHE C 797 -3.30 -80.19 -0.57
C PHE C 797 -3.90 -80.69 -1.89
N GLY C 798 -3.53 -81.89 -2.31
CA GLY C 798 -4.04 -82.43 -3.56
C GLY C 798 -3.32 -81.96 -4.79
N GLY C 799 -2.01 -81.72 -4.70
CA GLY C 799 -1.24 -81.27 -5.83
C GLY C 799 -1.12 -79.76 -5.97
N PHE C 800 -1.81 -78.99 -5.14
CA PHE C 800 -1.74 -77.54 -5.21
C PHE C 800 -0.54 -77.04 -4.42
N ASN C 801 0.40 -76.40 -5.11
CA ASN C 801 1.61 -75.88 -4.48
C ASN C 801 1.39 -74.41 -4.14
N PHE C 802 1.32 -74.11 -2.85
CA PHE C 802 1.15 -72.74 -2.38
C PHE C 802 2.46 -72.10 -1.93
N SER C 803 3.57 -72.45 -2.58
CA SER C 803 4.87 -71.92 -2.17
C SER C 803 5.05 -70.47 -2.60
N GLN C 804 4.28 -70.02 -3.60
CA GLN C 804 4.40 -68.64 -4.06
C GLN C 804 3.76 -67.66 -3.10
N ILE C 805 2.71 -68.07 -2.39
CA ILE C 805 2.04 -67.18 -1.46
C ILE C 805 2.55 -67.34 -0.03
N LEU C 806 3.09 -68.51 0.32
CA LEU C 806 3.65 -68.70 1.66
C LEU C 806 4.96 -67.94 1.81
N PRO C 807 5.18 -67.31 2.96
CA PRO C 807 6.37 -66.46 3.12
C PRO C 807 7.66 -67.28 3.21
N ASP C 808 8.70 -66.76 2.57
CA ASP C 808 9.99 -67.44 2.54
C ASP C 808 10.71 -67.21 3.86
N PRO C 809 11.08 -68.28 4.59
CA PRO C 809 11.86 -68.08 5.83
C PRO C 809 13.29 -67.67 5.58
N SER C 810 13.83 -67.89 4.38
CA SER C 810 15.20 -67.48 4.07
C SER C 810 15.31 -65.99 3.83
N LYS C 811 14.26 -65.36 3.30
CA LYS C 811 14.26 -63.93 3.05
C LYS C 811 13.68 -63.16 4.24
N SER C 813 12.94 -58.55 5.33
CA SER C 813 11.75 -58.83 6.13
C SER C 813 11.07 -60.12 5.67
N LYS C 814 10.01 -60.51 6.39
CA LYS C 814 9.26 -61.71 6.04
C LYS C 814 8.40 -61.47 4.80
N ARG C 815 8.87 -61.96 3.66
CA ARG C 815 8.15 -61.76 2.40
C ARG C 815 8.14 -63.08 1.64
N SER C 816 7.10 -63.25 0.81
CA SER C 816 7.00 -64.43 -0.03
C SER C 816 7.72 -64.18 -1.36
N PHE C 817 7.51 -65.09 -2.32
CA PHE C 817 8.06 -64.89 -3.65
C PHE C 817 7.31 -63.79 -4.39
N ILE C 818 6.01 -63.67 -4.16
CA ILE C 818 5.23 -62.60 -4.78
C ILE C 818 5.42 -61.30 -3.99
N GLU C 819 5.50 -61.41 -2.66
CA GLU C 819 5.61 -60.21 -1.84
C GLU C 819 7.00 -59.59 -1.88
N ASP C 820 7.99 -60.32 -2.40
CA ASP C 820 9.32 -59.73 -2.55
C ASP C 820 9.35 -58.68 -3.65
N LEU C 821 8.59 -58.90 -4.72
CA LEU C 821 8.53 -57.93 -5.81
C LEU C 821 7.60 -56.77 -5.49
N LEU C 822 6.70 -56.93 -4.50
CA LEU C 822 5.79 -55.86 -4.14
C LEU C 822 6.49 -54.81 -3.29
N PHE C 823 7.52 -55.20 -2.54
CA PHE C 823 8.25 -54.27 -1.69
C PHE C 823 9.49 -53.69 -2.36
N ASN C 824 10.04 -54.39 -3.36
CA ASN C 824 11.24 -53.90 -4.02
C ASN C 824 10.95 -52.88 -5.13
N LYS C 825 9.74 -52.89 -5.68
CA LYS C 825 9.36 -51.95 -6.72
C LYS C 825 8.79 -50.66 -6.16
N VAL C 826 8.75 -50.51 -4.83
CA VAL C 826 8.25 -49.31 -4.18
C VAL C 826 9.36 -48.73 -3.32
N THR C 827 9.79 -47.51 -3.63
CA THR C 827 10.86 -46.87 -2.88
C THR C 827 10.34 -46.33 -1.55
N LYS C 854 14.31 -33.04 6.78
CA LYS C 854 13.36 -34.03 7.29
C LYS C 854 12.32 -33.38 8.19
N PHE C 855 12.78 -32.56 9.13
CA PHE C 855 11.92 -31.87 10.08
C PHE C 855 11.71 -30.40 9.72
N ASN C 856 11.68 -30.08 8.42
CA ASN C 856 11.43 -28.72 7.96
C ASN C 856 9.93 -28.46 7.88
N GLY C 857 9.30 -28.39 9.06
CA GLY C 857 7.87 -28.28 9.18
C GLY C 857 7.13 -29.61 9.14
N LEU C 858 7.83 -30.71 8.90
CA LEU C 858 7.23 -32.02 8.81
C LEU C 858 7.56 -32.86 10.04
N THR C 859 6.73 -33.88 10.27
CA THR C 859 6.95 -34.82 11.37
C THR C 859 6.62 -36.22 10.87
N VAL C 860 7.63 -37.08 10.82
CA VAL C 860 7.46 -38.44 10.32
C VAL C 860 6.85 -39.29 11.43
N LEU C 861 5.58 -39.63 11.29
CA LEU C 861 4.93 -40.45 12.31
C LEU C 861 4.97 -41.92 11.92
N PRO C 862 5.33 -42.80 12.85
CA PRO C 862 5.35 -44.24 12.54
C PRO C 862 3.93 -44.80 12.49
N PRO C 863 3.70 -45.83 11.68
CA PRO C 863 2.36 -46.42 11.62
C PRO C 863 2.06 -47.29 12.83
N LEU C 864 0.79 -47.68 12.94
CA LEU C 864 0.37 -48.54 14.04
C LEU C 864 0.88 -49.97 13.85
N LEU C 865 0.69 -50.51 12.65
CA LEU C 865 1.19 -51.83 12.30
C LEU C 865 2.43 -51.69 11.44
N THR C 866 3.49 -52.42 11.83
CA THR C 866 4.74 -52.39 11.09
C THR C 866 4.67 -53.36 9.90
N ASP C 867 5.80 -53.51 9.21
CA ASP C 867 5.85 -54.42 8.06
C ASP C 867 5.81 -55.87 8.51
N GLU C 868 6.27 -56.15 9.73
CA GLU C 868 6.18 -57.50 10.27
C GLU C 868 4.77 -57.82 10.73
N MET C 869 4.10 -56.87 11.38
CA MET C 869 2.76 -57.12 11.91
C MET C 869 1.71 -57.18 10.80
N ILE C 870 1.97 -56.49 9.69
CA ILE C 870 1.10 -56.62 8.52
C ILE C 870 1.24 -58.02 7.92
N ALA C 871 2.47 -58.53 7.84
CA ALA C 871 2.69 -59.87 7.30
C ALA C 871 2.19 -60.95 8.25
N GLN C 872 2.12 -60.64 9.56
CA GLN C 872 1.60 -61.62 10.51
C GLN C 872 0.09 -61.76 10.40
N TYR C 873 -0.61 -60.67 10.04
CA TYR C 873 -2.06 -60.75 9.85
C TYR C 873 -2.39 -61.49 8.56
N THR C 874 -1.57 -61.32 7.53
CA THR C 874 -1.81 -62.02 6.28
C THR C 874 -1.43 -63.49 6.38
N SER C 875 -0.49 -63.82 7.27
CA SER C 875 -0.10 -65.20 7.45
C SER C 875 -1.18 -66.02 8.14
N ALA C 876 -1.99 -65.38 8.99
CA ALA C 876 -3.15 -66.05 9.57
C ALA C 876 -4.26 -66.21 8.53
N LEU C 877 -4.34 -65.28 7.58
CA LEU C 877 -5.35 -65.39 6.53
C LEU C 877 -4.93 -66.40 5.47
N LEU C 878 -3.63 -66.51 5.21
CA LEU C 878 -3.15 -67.49 4.23
C LEU C 878 -3.23 -68.91 4.79
N ALA C 879 -2.92 -69.07 6.09
CA ALA C 879 -3.08 -70.38 6.71
C ALA C 879 -4.54 -70.69 6.99
N GLY C 880 -5.39 -69.66 7.07
CA GLY C 880 -6.79 -69.88 7.33
C GLY C 880 -7.58 -70.24 6.09
N THR C 881 -7.19 -69.68 4.94
CA THR C 881 -7.93 -69.94 3.70
C THR C 881 -7.63 -71.34 3.15
N ILE C 882 -6.42 -71.84 3.36
CA ILE C 882 -6.07 -73.15 2.83
C ILE C 882 -6.58 -74.27 3.75
N THR C 883 -6.40 -74.10 5.06
CA THR C 883 -6.78 -75.14 6.01
C THR C 883 -8.24 -75.05 6.42
N SER C 884 -8.66 -73.93 6.99
CA SER C 884 -10.03 -73.80 7.47
C SER C 884 -11.00 -73.38 6.38
N GLY C 885 -10.52 -72.73 5.33
CA GLY C 885 -11.37 -72.38 4.20
C GLY C 885 -12.21 -71.14 4.42
N TRP C 886 -13.53 -71.33 4.60
CA TRP C 886 -14.47 -70.24 4.76
C TRP C 886 -15.11 -70.20 6.14
N THR C 887 -14.77 -71.13 7.02
CA THR C 887 -15.41 -71.19 8.34
C THR C 887 -14.76 -70.25 9.33
N PHE C 888 -13.46 -69.96 9.16
CA PHE C 888 -12.75 -69.11 10.10
C PHE C 888 -13.10 -67.63 9.92
N GLY C 889 -13.60 -67.24 8.74
CA GLY C 889 -13.98 -65.86 8.53
C GLY C 889 -15.34 -65.51 9.12
N ALA C 890 -16.27 -66.47 9.12
CA ALA C 890 -17.59 -66.22 9.69
C ALA C 890 -17.61 -66.48 11.19
N GLY C 891 -17.27 -67.69 11.60
CA GLY C 891 -17.30 -68.04 13.01
C GLY C 891 -16.03 -68.71 13.51
N ALA C 892 -16.17 -69.86 14.15
CA ALA C 892 -15.02 -70.57 14.69
C ALA C 892 -14.23 -71.25 13.58
N ALA C 893 -12.95 -71.47 13.85
CA ALA C 893 -12.06 -72.09 12.88
C ALA C 893 -12.35 -73.59 12.80
N LEU C 894 -12.80 -74.04 11.64
CA LEU C 894 -13.11 -75.45 11.39
C LEU C 894 -12.25 -75.94 10.25
N GLN C 895 -11.33 -76.85 10.55
CA GLN C 895 -10.43 -77.38 9.53
C GLN C 895 -11.17 -78.33 8.59
N ILE C 896 -10.71 -78.38 7.35
CA ILE C 896 -11.33 -79.16 6.28
C ILE C 896 -10.27 -79.45 5.24
N PRO C 897 -10.17 -80.67 4.71
CA PRO C 897 -9.17 -80.96 3.67
C PRO C 897 -9.44 -80.19 2.39
N PHE C 898 -8.35 -79.86 1.67
CA PHE C 898 -8.45 -78.98 0.52
C PHE C 898 -9.09 -79.66 -0.68
N ALA C 899 -9.12 -81.00 -0.70
CA ALA C 899 -9.86 -81.71 -1.73
C ALA C 899 -11.36 -81.53 -1.55
N MET C 900 -11.82 -81.32 -0.32
CA MET C 900 -13.24 -81.06 -0.07
C MET C 900 -13.54 -79.57 -0.12
N GLN C 901 -12.52 -78.71 -0.04
CA GLN C 901 -12.76 -77.27 -0.11
C GLN C 901 -13.10 -76.83 -1.52
N MET C 902 -12.34 -77.31 -2.51
CA MET C 902 -12.59 -76.95 -3.90
C MET C 902 -13.84 -77.62 -4.45
N ALA C 903 -14.30 -78.70 -3.79
CA ALA C 903 -15.56 -79.30 -4.17
C ALA C 903 -16.73 -78.40 -3.80
N TYR C 904 -16.59 -77.64 -2.70
CA TYR C 904 -17.64 -76.70 -2.32
C TYR C 904 -17.57 -75.42 -3.14
N ARG C 905 -16.36 -74.99 -3.51
CA ARG C 905 -16.21 -73.78 -4.31
C ARG C 905 -16.66 -74.00 -5.75
N PHE C 906 -16.55 -75.23 -6.25
CA PHE C 906 -17.14 -75.56 -7.53
C PHE C 906 -18.66 -75.68 -7.41
N ASN C 907 -19.15 -76.13 -6.25
CA ASN C 907 -20.59 -76.28 -6.05
C ASN C 907 -21.28 -74.94 -5.91
N GLY C 908 -20.56 -73.90 -5.51
CA GLY C 908 -21.14 -72.57 -5.40
C GLY C 908 -21.47 -71.93 -6.74
N ILE C 909 -20.80 -72.34 -7.81
CA ILE C 909 -21.08 -71.84 -9.15
C ILE C 909 -21.79 -72.87 -10.01
N GLY C 910 -22.14 -74.04 -9.46
CA GLY C 910 -22.89 -75.05 -10.16
C GLY C 910 -22.09 -76.24 -10.64
N VAL C 911 -20.75 -76.15 -10.60
CA VAL C 911 -19.91 -77.23 -11.11
C VAL C 911 -19.95 -78.40 -10.14
N THR C 912 -20.11 -79.61 -10.67
CA THR C 912 -20.19 -80.80 -9.85
C THR C 912 -18.81 -81.18 -9.30
N GLN C 913 -18.82 -82.14 -8.38
CA GLN C 913 -17.60 -82.52 -7.67
C GLN C 913 -16.71 -83.44 -8.50
N ASN C 914 -17.25 -84.09 -9.53
CA ASN C 914 -16.47 -85.04 -10.31
C ASN C 914 -15.51 -84.34 -11.26
N VAL C 915 -15.74 -83.06 -11.56
CA VAL C 915 -14.84 -82.33 -12.45
C VAL C 915 -13.53 -82.01 -11.75
N LEU C 916 -13.55 -81.90 -10.43
CA LEU C 916 -12.34 -81.57 -9.68
C LEU C 916 -11.38 -82.76 -9.59
N TYR C 917 -11.92 -83.94 -9.26
CA TYR C 917 -11.06 -85.09 -8.99
C TYR C 917 -10.58 -85.75 -10.29
N GLU C 918 -11.41 -85.73 -11.33
CA GLU C 918 -10.99 -86.30 -12.61
C GLU C 918 -9.95 -85.42 -13.31
N ASN C 919 -9.94 -84.12 -13.00
CA ASN C 919 -8.97 -83.18 -13.53
C ASN C 919 -8.10 -82.61 -12.42
N GLN C 920 -7.66 -83.48 -11.51
CA GLN C 920 -6.85 -83.05 -10.37
C GLN C 920 -5.46 -82.61 -10.83
N LYS C 921 -4.92 -83.28 -11.84
CA LYS C 921 -3.63 -82.88 -12.38
C LYS C 921 -3.78 -81.68 -13.32
N LEU C 922 -4.99 -81.43 -13.80
CA LEU C 922 -5.21 -80.33 -14.74
C LEU C 922 -5.41 -79.01 -14.01
N ILE C 923 -6.17 -79.04 -12.91
CA ILE C 923 -6.45 -77.80 -12.17
C ILE C 923 -5.24 -77.36 -11.36
N ALA C 924 -4.52 -78.30 -10.74
CA ALA C 924 -3.40 -77.96 -9.86
C ALA C 924 -2.20 -77.45 -10.66
N ASN C 925 -1.96 -78.01 -11.84
CA ASN C 925 -0.84 -77.55 -12.66
C ASN C 925 -1.13 -76.20 -13.30
N GLN C 926 -2.40 -75.95 -13.64
CA GLN C 926 -2.77 -74.64 -14.17
C GLN C 926 -2.78 -73.58 -13.07
N PHE C 927 -3.03 -74.00 -11.83
CA PHE C 927 -2.97 -73.06 -10.72
C PHE C 927 -1.53 -72.69 -10.37
N ASN C 928 -0.62 -73.66 -10.46
CA ASN C 928 0.79 -73.38 -10.17
C ASN C 928 1.45 -72.59 -11.29
N SER C 929 0.95 -72.75 -12.52
CA SER C 929 1.51 -71.98 -13.63
C SER C 929 0.97 -70.56 -13.66
N ALA C 930 -0.23 -70.34 -13.12
CA ALA C 930 -0.81 -69.00 -13.11
C ALA C 930 -0.15 -68.12 -12.05
N ILE C 931 0.21 -68.72 -10.91
CA ILE C 931 0.89 -67.95 -9.87
C ILE C 931 2.36 -67.77 -10.21
N GLY C 932 2.89 -68.59 -11.12
CA GLY C 932 4.25 -68.40 -11.58
C GLY C 932 4.39 -67.24 -12.53
N LYS C 933 3.30 -66.87 -13.22
CA LYS C 933 3.33 -65.72 -14.12
C LYS C 933 3.23 -64.40 -13.36
N ILE C 934 2.84 -64.43 -12.09
CA ILE C 934 2.82 -63.22 -11.29
C ILE C 934 4.24 -62.75 -10.99
N GLN C 935 5.18 -63.69 -10.85
CA GLN C 935 6.57 -63.33 -10.65
C GLN C 935 7.17 -62.72 -11.90
N ASP C 936 6.75 -63.19 -13.07
CA ASP C 936 7.23 -62.62 -14.33
C ASP C 936 6.55 -61.29 -14.64
N SER C 937 5.34 -61.07 -14.12
CA SER C 937 4.63 -59.83 -14.42
C SER C 937 5.12 -58.67 -13.55
N LEU C 938 5.35 -58.92 -12.26
CA LEU C 938 5.74 -57.85 -11.34
C LEU C 938 7.20 -57.47 -11.50
N SER C 939 8.06 -58.42 -11.86
CA SER C 939 9.48 -58.13 -12.01
C SER C 939 9.81 -57.52 -13.37
N SER C 940 8.88 -57.55 -14.33
CA SER C 940 9.16 -56.99 -15.64
C SER C 940 9.12 -55.47 -15.63
N THR C 941 8.17 -54.87 -14.90
CA THR C 941 8.05 -53.43 -14.85
C THR C 941 7.44 -53.03 -13.52
N ALA C 942 7.69 -51.78 -13.13
CA ALA C 942 7.13 -51.24 -11.89
C ALA C 942 5.77 -50.62 -12.08
N SER C 943 5.22 -50.62 -13.30
CA SER C 943 3.92 -50.02 -13.56
C SER C 943 2.77 -50.89 -13.09
N ALA C 944 3.02 -52.14 -12.70
CA ALA C 944 1.96 -52.98 -12.15
C ALA C 944 1.52 -52.51 -10.77
N LEU C 945 2.43 -51.91 -10.01
CA LEU C 945 2.12 -51.31 -8.72
C LEU C 945 1.94 -49.80 -8.82
N GLY C 946 1.39 -49.32 -9.94
CA GLY C 946 1.26 -47.88 -10.14
C GLY C 946 0.20 -47.25 -9.26
N LYS C 947 -0.76 -48.04 -8.79
CA LYS C 947 -1.78 -47.50 -7.88
C LYS C 947 -1.19 -47.22 -6.50
N LEU C 948 -0.26 -48.07 -6.05
CA LEU C 948 0.42 -47.81 -4.79
C LEU C 948 1.46 -46.71 -4.93
N GLN C 949 2.07 -46.58 -6.11
CA GLN C 949 3.05 -45.52 -6.33
C GLN C 949 2.37 -44.15 -6.44
N ASP C 950 1.10 -44.12 -6.86
CA ASP C 950 0.39 -42.84 -6.92
C ASP C 950 0.02 -42.34 -5.53
N VAL C 951 -0.05 -43.25 -4.55
CA VAL C 951 -0.26 -42.83 -3.17
C VAL C 951 0.98 -42.13 -2.63
N VAL C 952 2.17 -42.65 -2.96
CA VAL C 952 3.42 -42.05 -2.50
C VAL C 952 3.73 -40.77 -3.29
N ASN C 953 3.39 -40.74 -4.57
CA ASN C 953 3.73 -39.59 -5.40
C ASN C 953 2.83 -38.39 -5.10
N GLN C 954 1.54 -38.63 -4.86
CA GLN C 954 0.65 -37.53 -4.51
C GLN C 954 0.91 -37.02 -3.10
N ASN C 955 1.43 -37.89 -2.23
CA ASN C 955 1.84 -37.45 -0.89
C ASN C 955 3.14 -36.68 -0.94
N ALA C 956 4.03 -37.01 -1.88
CA ALA C 956 5.30 -36.31 -1.98
C ALA C 956 5.15 -34.97 -2.70
N GLN C 957 4.30 -34.93 -3.73
CA GLN C 957 4.09 -33.69 -4.46
C GLN C 957 3.30 -32.67 -3.64
N ALA C 958 2.47 -33.14 -2.70
CA ALA C 958 1.78 -32.23 -1.80
C ALA C 958 2.74 -31.65 -0.77
N LEU C 959 3.79 -32.40 -0.42
CA LEU C 959 4.75 -31.93 0.57
C LEU C 959 5.86 -31.10 -0.08
N ASN C 960 6.26 -31.46 -1.30
CA ASN C 960 7.34 -30.73 -1.96
C ASN C 960 6.90 -29.36 -2.43
N THR C 961 5.66 -29.27 -2.95
CA THR C 961 5.16 -27.98 -3.40
C THR C 961 4.72 -27.09 -2.24
N LEU C 962 4.57 -27.68 -1.05
CA LEU C 962 4.18 -26.89 0.13
C LEU C 962 5.34 -26.02 0.59
N VAL C 963 6.56 -26.57 0.59
CA VAL C 963 7.74 -25.79 1.00
C VAL C 963 8.11 -24.78 -0.08
N LYS C 964 7.72 -25.02 -1.33
CA LYS C 964 7.99 -24.07 -2.40
C LYS C 964 7.11 -22.82 -2.29
N GLN C 965 6.01 -22.90 -1.52
CA GLN C 965 5.18 -21.73 -1.29
C GLN C 965 5.76 -20.81 -0.22
N LEU C 966 6.80 -21.24 0.49
CA LEU C 966 7.44 -20.37 1.48
C LEU C 966 8.24 -19.27 0.82
N SER C 967 8.73 -19.51 -0.40
CA SER C 967 9.44 -18.47 -1.15
C SER C 967 8.50 -17.48 -1.82
N SER C 968 7.19 -17.76 -1.83
CA SER C 968 6.23 -16.86 -2.44
C SER C 968 5.95 -15.67 -1.52
N ASN C 969 5.66 -14.53 -2.14
CA ASN C 969 5.46 -13.29 -1.39
C ASN C 969 4.02 -13.08 -0.98
N PHE C 970 3.06 -13.58 -1.79
CA PHE C 970 1.61 -13.42 -1.57
C PHE C 970 1.19 -11.95 -1.47
N GLY C 971 1.82 -11.12 -2.29
CA GLY C 971 1.54 -9.70 -2.30
C GLY C 971 2.40 -8.86 -1.38
N ALA C 972 3.21 -9.48 -0.53
CA ALA C 972 4.08 -8.73 0.38
C ALA C 972 5.37 -8.33 -0.32
N ILE C 973 6.22 -7.61 0.42
CA ILE C 973 7.48 -7.14 -0.15
C ILE C 973 8.50 -8.28 -0.22
N SER C 974 8.61 -9.09 0.83
CA SER C 974 9.59 -10.17 0.87
C SER C 974 8.96 -11.38 1.54
N SER C 975 9.43 -12.56 1.12
CA SER C 975 8.89 -13.81 1.65
C SER C 975 9.52 -14.21 2.98
N VAL C 976 10.68 -13.64 3.33
CA VAL C 976 11.36 -13.97 4.57
C VAL C 976 10.79 -13.12 5.69
N LEU C 977 10.44 -13.78 6.81
CA LEU C 977 9.90 -13.05 7.96
C LEU C 977 10.97 -12.22 8.66
N ASN C 978 12.23 -12.63 8.55
CA ASN C 978 13.31 -11.87 9.18
C ASN C 978 13.61 -10.58 8.44
N ASP C 979 13.33 -10.53 7.14
CA ASP C 979 13.59 -9.31 6.37
C ASP C 979 12.55 -8.25 6.65
N ILE C 980 11.32 -8.67 6.97
CA ILE C 980 10.25 -7.70 7.22
C ILE C 980 10.42 -7.07 8.60
N LEU C 981 10.80 -7.87 9.60
CA LEU C 981 10.91 -7.38 10.96
C LEU C 981 12.13 -6.49 11.16
N SER C 982 13.22 -6.78 10.47
CA SER C 982 14.47 -6.03 10.64
C SER C 982 14.46 -4.73 9.83
N ARG C 983 14.07 -4.79 8.56
CA ARG C 983 14.15 -3.62 7.70
C ARG C 983 12.99 -2.66 7.93
N LEU C 984 11.76 -3.16 7.84
CA LEU C 984 10.58 -2.32 7.93
C LEU C 984 10.29 -1.95 9.39
N ASP C 985 9.38 -0.99 9.55
CA ASP C 985 8.98 -0.50 10.87
C ASP C 985 8.09 -1.54 11.55
N PRO C 986 8.09 -1.58 12.88
CA PRO C 986 7.16 -2.45 13.61
C PRO C 986 5.69 -2.08 13.42
N PRO C 987 5.31 -0.81 13.17
CA PRO C 987 3.96 -0.60 12.61
C PRO C 987 3.82 -1.12 11.18
N GLU C 988 4.87 -1.05 10.37
CA GLU C 988 4.76 -1.55 9.01
C GLU C 988 4.88 -3.07 8.95
N ALA C 989 5.39 -3.69 10.01
CA ALA C 989 5.51 -5.15 10.01
C ALA C 989 4.18 -5.82 10.31
N GLU C 990 3.20 -5.09 10.81
CA GLU C 990 1.91 -5.69 11.12
C GLU C 990 1.08 -5.93 9.86
N VAL C 991 1.42 -5.26 8.77
CA VAL C 991 0.66 -5.39 7.53
C VAL C 991 1.30 -6.43 6.62
N GLN C 992 2.63 -6.39 6.49
CA GLN C 992 3.30 -7.22 5.49
C GLN C 992 3.43 -8.66 5.94
N ILE C 993 3.54 -8.90 7.25
CA ILE C 993 3.62 -10.26 7.76
C ILE C 993 2.25 -10.93 7.66
N ASP C 994 1.17 -10.18 7.89
CA ASP C 994 -0.18 -10.74 7.81
C ASP C 994 -0.57 -11.09 6.37
N ARG C 995 0.08 -10.49 5.38
CA ARG C 995 -0.10 -10.94 4.00
C ARG C 995 0.58 -12.28 3.79
N LEU C 996 1.68 -12.55 4.49
CA LEU C 996 2.34 -13.84 4.40
C LEU C 996 1.62 -14.89 5.23
N ILE C 997 0.98 -14.48 6.32
CA ILE C 997 0.24 -15.42 7.17
C ILE C 997 -1.03 -15.88 6.46
N THR C 998 -1.76 -14.94 5.87
CA THR C 998 -3.00 -15.27 5.17
C THR C 998 -2.70 -16.01 3.86
N GLY C 999 -1.54 -15.73 3.26
CA GLY C 999 -1.19 -16.41 2.01
C GLY C 999 -0.74 -17.84 2.24
N ARG C 1000 0.05 -18.09 3.29
CA ARG C 1000 0.55 -19.43 3.54
C ARG C 1000 -0.52 -20.31 4.20
N LEU C 1001 -1.49 -19.71 4.90
CA LEU C 1001 -2.59 -20.49 5.44
C LEU C 1001 -3.53 -20.96 4.35
N GLN C 1002 -3.63 -20.20 3.26
CA GLN C 1002 -4.38 -20.67 2.10
C GLN C 1002 -3.68 -21.84 1.42
N SER C 1003 -2.34 -21.85 1.42
CA SER C 1003 -1.60 -23.01 0.94
C SER C 1003 -1.73 -24.17 1.92
N LEU C 1004 -1.85 -23.87 3.22
CA LEU C 1004 -2.14 -24.92 4.20
C LEU C 1004 -3.57 -25.41 4.08
N GLN C 1005 -4.50 -24.51 3.74
CA GLN C 1005 -5.88 -24.93 3.49
C GLN C 1005 -5.97 -25.76 2.22
N THR C 1006 -5.12 -25.46 1.24
CA THR C 1006 -5.05 -26.29 0.04
C THR C 1006 -4.42 -27.64 0.33
N TYR C 1007 -3.50 -27.69 1.31
CA TYR C 1007 -2.86 -28.95 1.65
C TYR C 1007 -3.76 -29.83 2.50
N VAL C 1008 -4.54 -29.22 3.40
CA VAL C 1008 -5.38 -30.00 4.30
C VAL C 1008 -6.61 -30.54 3.58
N THR C 1009 -7.28 -29.68 2.80
CA THR C 1009 -8.56 -30.06 2.21
C THR C 1009 -8.39 -31.06 1.07
N GLN C 1010 -7.36 -30.88 0.23
CA GLN C 1010 -7.15 -31.78 -0.90
C GLN C 1010 -6.67 -33.15 -0.44
N GLN C 1011 -5.93 -33.20 0.67
CA GLN C 1011 -5.51 -34.49 1.20
C GLN C 1011 -6.64 -35.18 1.94
N LEU C 1012 -7.58 -34.41 2.50
CA LEU C 1012 -8.70 -35.01 3.22
C LEU C 1012 -9.70 -35.65 2.25
N ILE C 1013 -9.91 -35.02 1.10
CA ILE C 1013 -10.73 -35.64 0.05
C ILE C 1013 -10.00 -36.84 -0.55
N ARG C 1014 -8.67 -36.76 -0.65
CA ARG C 1014 -7.88 -37.88 -1.12
C ARG C 1014 -7.88 -39.02 -0.10
N ALA C 1015 -7.85 -38.69 1.20
CA ALA C 1015 -7.99 -39.72 2.22
C ALA C 1015 -9.41 -40.28 2.27
N ALA C 1016 -10.39 -39.47 1.87
CA ALA C 1016 -11.75 -40.00 1.73
C ALA C 1016 -11.85 -40.95 0.54
N GLU C 1017 -11.07 -40.71 -0.52
CA GLU C 1017 -10.99 -41.66 -1.62
C GLU C 1017 -10.18 -42.89 -1.21
N ILE C 1018 -9.20 -42.70 -0.31
CA ILE C 1018 -8.48 -43.82 0.26
C ILE C 1018 -9.39 -44.62 1.19
N ARG C 1019 -10.23 -43.93 1.98
CA ARG C 1019 -11.21 -44.61 2.81
C ARG C 1019 -12.27 -45.31 1.97
N ALA C 1020 -12.62 -44.72 0.82
CA ALA C 1020 -13.51 -45.39 -0.12
C ALA C 1020 -12.81 -46.57 -0.77
N SER C 1021 -11.50 -46.47 -0.98
CA SER C 1021 -10.74 -47.61 -1.48
C SER C 1021 -10.51 -48.65 -0.40
N ALA C 1022 -10.42 -48.21 0.85
CA ALA C 1022 -10.25 -49.16 1.96
C ALA C 1022 -11.55 -49.92 2.24
N ASN C 1023 -12.69 -49.24 2.12
CA ASN C 1023 -13.97 -49.93 2.28
C ASN C 1023 -14.27 -50.84 1.09
N LEU C 1024 -13.75 -50.48 -0.09
CA LEU C 1024 -13.87 -51.38 -1.24
C LEU C 1024 -12.95 -52.58 -1.09
N ALA C 1025 -11.78 -52.37 -0.47
CA ALA C 1025 -10.86 -53.49 -0.23
C ALA C 1025 -11.36 -54.39 0.89
N ALA C 1026 -11.91 -53.79 1.96
CA ALA C 1026 -12.41 -54.58 3.08
C ALA C 1026 -13.69 -55.33 2.71
N THR C 1027 -14.42 -54.84 1.71
CA THR C 1027 -15.53 -55.62 1.15
C THR C 1027 -15.01 -56.87 0.44
N LYS C 1028 -13.92 -56.73 -0.32
CA LYS C 1028 -13.30 -57.87 -0.96
C LYS C 1028 -12.50 -58.72 0.02
N MET C 1029 -12.03 -58.12 1.12
CA MET C 1029 -11.34 -58.89 2.14
C MET C 1029 -12.30 -59.72 2.98
N SER C 1030 -13.58 -59.37 2.98
CA SER C 1030 -14.58 -60.11 3.75
C SER C 1030 -15.40 -61.06 2.88
N GLU C 1031 -15.77 -60.64 1.67
CA GLU C 1031 -16.60 -61.47 0.80
C GLU C 1031 -15.78 -62.39 -0.09
N CYS C 1032 -14.73 -61.87 -0.71
CA CYS C 1032 -13.95 -62.69 -1.65
C CYS C 1032 -12.86 -63.50 -0.97
N VAL C 1033 -12.27 -62.97 0.11
CA VAL C 1033 -11.17 -63.65 0.78
C VAL C 1033 -11.71 -64.64 1.80
N LEU C 1034 -12.56 -64.18 2.71
CA LEU C 1034 -13.07 -65.05 3.77
C LEU C 1034 -14.16 -66.00 3.28
N GLY C 1035 -14.69 -65.79 2.07
CA GLY C 1035 -15.72 -66.68 1.54
C GLY C 1035 -15.74 -66.73 0.04
N GLN C 1036 -16.89 -67.10 -0.53
CA GLN C 1036 -17.05 -67.17 -1.98
C GLN C 1036 -18.15 -66.20 -2.40
N SER C 1037 -17.84 -65.34 -3.36
CA SER C 1037 -18.77 -64.32 -3.86
C SER C 1037 -19.12 -64.63 -5.31
N LYS C 1038 -20.41 -64.67 -5.60
CA LYS C 1038 -20.90 -64.93 -6.95
C LYS C 1038 -21.14 -63.65 -7.74
N ARG C 1039 -20.69 -62.50 -7.23
CA ARG C 1039 -20.90 -61.24 -7.93
C ARG C 1039 -19.94 -61.12 -9.11
N VAL C 1040 -20.48 -60.74 -10.27
CA VAL C 1040 -19.65 -60.55 -11.44
C VAL C 1040 -18.84 -59.26 -11.30
N ASP C 1041 -17.61 -59.29 -11.82
CA ASP C 1041 -16.63 -58.20 -11.74
C ASP C 1041 -16.31 -57.80 -10.30
N PHE C 1042 -16.35 -58.76 -9.37
CA PHE C 1042 -15.99 -58.53 -7.98
C PHE C 1042 -14.66 -59.15 -7.61
N CYS C 1043 -14.40 -60.39 -8.02
CA CYS C 1043 -13.13 -61.06 -7.82
C CYS C 1043 -12.47 -61.22 -9.19
N GLY C 1044 -11.92 -60.13 -9.71
CA GLY C 1044 -11.28 -60.20 -11.02
C GLY C 1044 -12.31 -60.32 -12.14
N LYS C 1045 -12.12 -61.32 -12.99
CA LYS C 1045 -12.98 -61.54 -14.15
C LYS C 1045 -13.28 -63.02 -14.29
N GLY C 1046 -14.55 -63.38 -14.22
CA GLY C 1046 -15.00 -64.75 -14.38
C GLY C 1046 -15.59 -65.31 -13.10
N TYR C 1047 -15.74 -66.63 -13.10
CA TYR C 1047 -16.29 -67.34 -11.94
C TYR C 1047 -15.25 -67.41 -10.83
N HIS C 1048 -15.60 -66.91 -9.65
CA HIS C 1048 -14.67 -66.85 -8.54
C HIS C 1048 -14.59 -68.19 -7.83
N LEU C 1049 -13.38 -68.69 -7.64
CA LEU C 1049 -13.13 -69.91 -6.87
C LEU C 1049 -12.61 -69.60 -5.47
N MET C 1050 -11.48 -68.91 -5.38
CA MET C 1050 -10.86 -68.58 -4.09
C MET C 1050 -10.00 -67.35 -4.28
N SER C 1051 -9.56 -66.79 -3.15
CA SER C 1051 -8.74 -65.59 -3.15
C SER C 1051 -7.76 -65.65 -1.98
N PHE C 1052 -6.56 -65.12 -2.20
CA PHE C 1052 -5.52 -65.09 -1.18
C PHE C 1052 -4.94 -63.69 -1.04
N PRO C 1053 -4.90 -63.14 0.17
CA PRO C 1053 -4.33 -61.81 0.37
C PRO C 1053 -2.81 -61.84 0.50
N GLN C 1054 -2.19 -60.75 0.05
CA GLN C 1054 -0.75 -60.57 0.12
C GLN C 1054 -0.43 -59.20 0.70
N SER C 1055 0.67 -59.10 1.43
CA SER C 1055 1.07 -57.84 2.01
C SER C 1055 1.66 -56.92 0.95
N ALA C 1056 1.55 -55.62 1.18
CA ALA C 1056 1.99 -54.61 0.23
C ALA C 1056 2.30 -53.33 1.00
N PRO C 1057 3.24 -52.51 0.50
CA PRO C 1057 3.51 -51.22 1.16
C PRO C 1057 2.36 -50.24 1.03
N HIS C 1058 1.72 -49.93 2.17
CA HIS C 1058 0.56 -49.03 2.27
C HIS C 1058 -0.59 -49.49 1.39
N GLY C 1059 -0.83 -50.79 1.32
CA GLY C 1059 -1.90 -51.34 0.52
C GLY C 1059 -1.98 -52.83 0.68
N VAL C 1060 -2.87 -53.44 -0.10
CA VAL C 1060 -3.05 -54.89 -0.10
C VAL C 1060 -3.18 -55.34 -1.56
N VAL C 1061 -2.83 -56.60 -1.80
CA VAL C 1061 -2.86 -57.20 -3.13
C VAL C 1061 -3.78 -58.41 -3.11
N PHE C 1062 -4.77 -58.41 -3.98
CA PHE C 1062 -5.70 -59.52 -4.11
C PHE C 1062 -5.25 -60.46 -5.23
N LEU C 1063 -5.36 -61.76 -5.00
CA LEU C 1063 -5.04 -62.78 -5.98
C LEU C 1063 -6.31 -63.59 -6.22
N HIS C 1064 -7.11 -63.15 -7.20
CA HIS C 1064 -8.39 -63.79 -7.49
C HIS C 1064 -8.17 -64.99 -8.40
N VAL C 1065 -8.45 -66.17 -7.89
CA VAL C 1065 -8.38 -67.40 -8.68
C VAL C 1065 -9.70 -67.54 -9.43
N THR C 1066 -9.65 -67.41 -10.76
CA THR C 1066 -10.84 -67.38 -11.58
C THR C 1066 -10.96 -68.67 -12.39
N TYR C 1067 -12.18 -68.94 -12.86
CA TYR C 1067 -12.52 -70.12 -13.65
C TYR C 1067 -12.98 -69.64 -15.01
N VAL C 1068 -12.02 -69.45 -15.92
CA VAL C 1068 -12.30 -68.86 -17.23
C VAL C 1068 -12.35 -69.95 -18.30
N PRO C 1069 -13.41 -70.03 -19.09
CA PRO C 1069 -13.46 -71.02 -20.17
C PRO C 1069 -12.60 -70.61 -21.36
N ALA C 1070 -12.09 -71.63 -22.05
CA ALA C 1070 -11.24 -71.42 -23.21
C ALA C 1070 -11.83 -71.98 -24.49
N GLN C 1071 -12.24 -73.25 -24.49
CA GLN C 1071 -12.78 -73.91 -25.67
C GLN C 1071 -14.29 -74.09 -25.53
N GLU C 1072 -15.01 -73.79 -26.61
CA GLU C 1072 -16.46 -73.91 -26.63
C GLU C 1072 -16.88 -74.71 -27.85
N LYS C 1073 -18.09 -75.26 -27.78
CA LYS C 1073 -18.63 -76.08 -28.86
C LYS C 1073 -20.14 -75.96 -28.86
N ASN C 1074 -20.71 -75.91 -30.07
CA ASN C 1074 -22.15 -75.76 -30.23
C ASN C 1074 -22.85 -77.11 -30.16
N PHE C 1075 -23.98 -77.14 -29.46
CA PHE C 1075 -24.78 -78.35 -29.32
C PHE C 1075 -26.25 -78.01 -29.54
N THR C 1076 -27.06 -79.04 -29.68
CA THR C 1076 -28.51 -78.89 -29.85
C THR C 1076 -29.19 -79.02 -28.49
N THR C 1077 -30.06 -78.05 -28.18
CA THR C 1077 -30.70 -77.97 -26.88
C THR C 1077 -32.21 -78.04 -27.03
N ALA C 1078 -32.90 -78.15 -25.90
CA ALA C 1078 -34.35 -78.22 -25.82
C ALA C 1078 -34.80 -77.77 -24.43
N PRO C 1079 -35.97 -77.13 -24.30
CA PRO C 1079 -36.41 -76.69 -22.96
C PRO C 1079 -36.84 -77.83 -22.05
N ALA C 1080 -37.60 -78.79 -22.55
CA ALA C 1080 -38.07 -79.93 -21.75
C ALA C 1080 -38.38 -81.07 -22.71
N ILE C 1081 -38.63 -82.25 -22.15
CA ILE C 1081 -38.94 -83.45 -22.91
C ILE C 1081 -40.25 -84.04 -22.39
N CYS C 1082 -40.79 -84.99 -23.16
CA CYS C 1082 -42.04 -85.66 -22.82
C CYS C 1082 -41.83 -87.17 -22.92
N HIS C 1083 -42.05 -87.87 -21.80
CA HIS C 1083 -41.90 -89.32 -21.75
C HIS C 1083 -43.22 -90.06 -21.88
N ASP C 1084 -44.22 -89.68 -21.08
CA ASP C 1084 -45.53 -90.31 -21.13
C ASP C 1084 -46.63 -89.25 -21.11
N GLY C 1085 -46.41 -88.15 -21.82
CA GLY C 1085 -47.36 -87.06 -21.87
C GLY C 1085 -47.12 -85.95 -20.87
N LYS C 1086 -46.46 -86.25 -19.75
CA LYS C 1086 -46.18 -85.25 -18.75
C LYS C 1086 -44.91 -84.48 -19.10
N ALA C 1087 -44.82 -83.26 -18.59
CA ALA C 1087 -43.67 -82.39 -18.84
C ALA C 1087 -42.59 -82.67 -17.80
N HIS C 1088 -41.42 -83.10 -18.26
CA HIS C 1088 -40.29 -83.40 -17.39
C HIS C 1088 -39.31 -82.24 -17.44
N PHE C 1089 -39.15 -81.56 -16.31
CA PHE C 1089 -38.23 -80.44 -16.18
C PHE C 1089 -37.01 -80.83 -15.36
N PRO C 1090 -35.82 -80.42 -15.77
CA PRO C 1090 -34.61 -80.80 -15.02
C PRO C 1090 -34.44 -79.97 -13.75
N ARG C 1091 -33.92 -80.61 -12.71
CA ARG C 1091 -33.74 -79.93 -11.44
C ARG C 1091 -32.54 -78.99 -11.47
N GLU C 1092 -31.49 -79.37 -12.22
CA GLU C 1092 -30.27 -78.57 -12.27
C GLU C 1092 -29.66 -78.75 -13.65
N GLY C 1093 -29.90 -77.78 -14.54
CA GLY C 1093 -29.35 -77.82 -15.88
C GLY C 1093 -30.39 -77.67 -16.96
N VAL C 1094 -30.00 -77.93 -18.22
CA VAL C 1094 -30.91 -77.91 -19.36
C VAL C 1094 -30.63 -79.12 -20.23
N PHE C 1095 -31.62 -79.52 -21.03
CA PHE C 1095 -31.46 -80.65 -21.91
C PHE C 1095 -30.60 -80.28 -23.11
N VAL C 1096 -29.54 -81.05 -23.34
CA VAL C 1096 -28.65 -80.86 -24.49
C VAL C 1096 -28.55 -82.18 -25.24
N SER C 1097 -27.98 -82.09 -26.44
CA SER C 1097 -27.79 -83.27 -27.30
C SER C 1097 -26.44 -83.17 -28.00
N ASN C 1098 -25.77 -84.31 -28.11
CA ASN C 1098 -24.49 -84.38 -28.80
C ASN C 1098 -24.60 -85.00 -30.19
N GLY C 1099 -25.83 -85.22 -30.68
CA GLY C 1099 -26.05 -85.78 -32.00
C GLY C 1099 -26.56 -87.21 -31.98
N THR C 1100 -26.33 -87.96 -30.90
CA THR C 1100 -26.77 -89.34 -30.83
C THR C 1100 -27.77 -89.55 -29.70
N HIS C 1101 -27.51 -88.93 -28.55
CA HIS C 1101 -28.38 -89.08 -27.38
C HIS C 1101 -28.58 -87.71 -26.74
N TRP C 1102 -29.44 -87.68 -25.73
CA TRP C 1102 -29.76 -86.46 -25.00
C TRP C 1102 -29.29 -86.56 -23.56
N PHE C 1103 -28.68 -85.48 -23.07
CA PHE C 1103 -28.15 -85.42 -21.72
C PHE C 1103 -28.52 -84.08 -21.09
N VAL C 1104 -28.19 -83.93 -19.81
CA VAL C 1104 -28.51 -82.73 -19.04
C VAL C 1104 -27.21 -82.11 -18.55
N THR C 1105 -27.05 -80.81 -18.81
CA THR C 1105 -25.90 -80.07 -18.29
C THR C 1105 -26.30 -78.62 -18.07
N GLN C 1106 -25.45 -77.90 -17.36
CA GLN C 1106 -25.68 -76.49 -17.08
C GLN C 1106 -25.15 -75.62 -18.22
N ARG C 1107 -25.50 -74.33 -18.18
CA ARG C 1107 -25.13 -73.41 -19.23
C ARG C 1107 -23.65 -73.04 -19.22
N ASN C 1108 -22.95 -73.27 -18.10
CA ASN C 1108 -21.55 -72.85 -17.98
C ASN C 1108 -20.56 -73.99 -18.12
N PHE C 1109 -21.00 -75.24 -18.09
CA PHE C 1109 -20.11 -76.37 -18.29
C PHE C 1109 -20.87 -77.51 -18.95
N TYR C 1110 -20.18 -78.23 -19.83
CA TYR C 1110 -20.77 -79.34 -20.58
C TYR C 1110 -20.38 -80.64 -19.88
N GLU C 1111 -21.34 -81.22 -19.16
CA GLU C 1111 -21.15 -82.49 -18.47
C GLU C 1111 -22.36 -83.38 -18.73
N PRO C 1112 -22.22 -84.43 -19.54
CA PRO C 1112 -23.37 -85.26 -19.90
C PRO C 1112 -23.86 -86.10 -18.72
N GLN C 1113 -25.07 -85.81 -18.26
CA GLN C 1113 -25.71 -86.55 -17.18
C GLN C 1113 -26.85 -87.39 -17.74
N ILE C 1114 -27.07 -88.55 -17.13
CA ILE C 1114 -28.15 -89.43 -17.57
C ILE C 1114 -29.49 -88.86 -17.14
N ILE C 1115 -30.44 -88.82 -18.06
CA ILE C 1115 -31.78 -88.29 -17.78
C ILE C 1115 -32.53 -89.32 -16.96
N THR C 1116 -32.56 -89.12 -15.64
CA THR C 1116 -33.25 -90.02 -14.73
C THR C 1116 -34.32 -89.26 -13.97
N THR C 1117 -35.06 -89.98 -13.12
CA THR C 1117 -36.08 -89.34 -12.29
C THR C 1117 -35.48 -88.57 -11.12
N ASP C 1118 -34.25 -88.92 -10.71
CA ASP C 1118 -33.61 -88.20 -9.63
C ASP C 1118 -32.99 -86.88 -10.10
N ASN C 1119 -32.53 -86.83 -11.35
CA ASN C 1119 -31.96 -85.61 -11.90
C ASN C 1119 -33.00 -84.66 -12.44
N THR C 1120 -34.13 -85.17 -12.89
CA THR C 1120 -35.21 -84.35 -13.44
C THR C 1120 -36.36 -84.26 -12.43
N PHE C 1121 -37.43 -83.58 -12.85
CA PHE C 1121 -38.60 -83.41 -11.99
C PHE C 1121 -39.84 -83.37 -12.88
N VAL C 1122 -40.91 -84.02 -12.41
CA VAL C 1122 -42.15 -84.10 -13.16
C VAL C 1122 -43.08 -82.99 -12.66
N SER C 1123 -43.48 -82.11 -13.58
CA SER C 1123 -44.38 -81.01 -13.24
C SER C 1123 -45.11 -80.56 -14.50
N GLY C 1124 -46.44 -80.54 -14.43
CA GLY C 1124 -47.24 -80.08 -15.54
C GLY C 1124 -47.41 -81.14 -16.62
N ASN C 1125 -47.82 -80.67 -17.79
CA ASN C 1125 -48.06 -81.54 -18.93
C ASN C 1125 -47.45 -80.92 -20.18
N CYS C 1126 -47.41 -81.70 -21.26
CA CYS C 1126 -46.80 -81.25 -22.51
C CYS C 1126 -47.80 -80.60 -23.46
N ASP C 1127 -49.05 -80.41 -23.04
CA ASP C 1127 -50.03 -79.77 -23.92
C ASP C 1127 -49.98 -78.24 -23.82
N VAL C 1128 -49.46 -77.71 -22.71
CA VAL C 1128 -49.43 -76.26 -22.52
C VAL C 1128 -48.09 -75.69 -22.99
N VAL C 1129 -47.01 -76.45 -22.84
CA VAL C 1129 -45.68 -75.95 -23.18
C VAL C 1129 -45.50 -75.92 -24.69
N ILE C 1130 -45.12 -74.77 -25.21
CA ILE C 1130 -44.93 -74.56 -26.65
C ILE C 1130 -43.45 -74.73 -26.98
N GLY C 1131 -43.17 -75.49 -28.04
CA GLY C 1131 -41.80 -75.73 -28.44
C GLY C 1131 -41.13 -76.88 -27.72
N ILE C 1132 -41.86 -77.94 -27.40
CA ILE C 1132 -41.34 -79.04 -26.62
C ILE C 1132 -41.06 -80.23 -27.52
N VAL C 1133 -40.21 -81.14 -27.05
CA VAL C 1133 -39.83 -82.33 -27.78
C VAL C 1133 -40.18 -83.56 -26.93
N ASN C 1134 -39.89 -84.74 -27.49
CA ASN C 1134 -40.17 -86.01 -26.82
C ASN C 1134 -38.88 -86.81 -26.67
N ASN C 1135 -38.76 -87.51 -25.54
CA ASN C 1135 -37.59 -88.34 -25.25
C ASN C 1135 -38.02 -89.41 -24.25
N THR C 1136 -37.04 -90.12 -23.69
CA THR C 1136 -37.27 -91.19 -22.73
C THR C 1136 -36.54 -90.88 -21.43
N VAL C 1137 -37.27 -90.91 -20.32
CA VAL C 1137 -36.70 -90.68 -18.99
C VAL C 1137 -36.46 -92.03 -18.33
N TYR C 1138 -35.27 -92.22 -17.79
CA TYR C 1138 -34.91 -93.49 -17.14
C TYR C 1138 -35.62 -93.58 -15.80
N ASP C 1139 -36.76 -94.27 -15.79
CA ASP C 1139 -37.51 -94.50 -14.56
C ASP C 1139 -37.03 -95.81 -13.95
N PRO C 1140 -36.41 -95.79 -12.76
CA PRO C 1140 -35.89 -97.04 -12.18
C PRO C 1140 -36.97 -97.95 -11.61
N LEU C 1141 -38.22 -97.51 -11.54
CA LEU C 1141 -39.29 -98.37 -11.03
C LEU C 1141 -39.70 -99.43 -12.05
N GLN C 1142 -39.43 -99.19 -13.34
CA GLN C 1142 -39.84 -100.15 -14.36
C GLN C 1142 -38.96 -101.38 -14.45
N PRO C 1143 -37.61 -101.30 -14.60
CA PRO C 1143 -36.87 -102.55 -14.80
C PRO C 1143 -36.65 -103.34 -13.52
N GLU C 1144 -36.79 -102.73 -12.35
CA GLU C 1144 -36.67 -103.47 -11.10
C GLU C 1144 -37.89 -104.34 -10.85
N LEU C 1145 -39.04 -103.97 -11.40
CA LEU C 1145 -40.24 -104.79 -11.28
C LEU C 1145 -40.14 -106.02 -12.16
N ASP C 1146 -39.63 -105.87 -13.38
CA ASP C 1146 -39.49 -106.98 -14.31
C ASP C 1146 -38.20 -107.77 -14.13
N SER C 1147 -37.40 -107.43 -13.12
CA SER C 1147 -36.15 -108.14 -12.87
C SER C 1147 -36.40 -109.49 -12.20
N GLN D 14 11.09 8.71 65.92
CA GLN D 14 12.12 9.35 65.11
C GLN D 14 12.79 8.36 64.17
N CYS D 15 14.11 8.47 64.04
CA CYS D 15 14.88 7.57 63.19
C CYS D 15 15.48 6.39 63.95
N VAL D 16 14.97 6.10 65.15
CA VAL D 16 15.47 5.00 65.95
C VAL D 16 14.86 3.70 65.43
N ASN D 17 15.70 2.76 65.03
CA ASN D 17 15.27 1.47 64.52
C ASN D 17 15.38 0.39 65.59
N LEU D 18 14.67 -0.71 65.38
CA LEU D 18 14.69 -1.81 66.33
C LEU D 18 15.96 -2.62 66.16
N THR D 19 16.69 -2.81 67.26
CA THR D 19 17.97 -3.53 67.24
C THR D 19 17.93 -4.85 68.00
N THR D 20 16.81 -5.18 68.65
CA THR D 20 16.70 -6.42 69.41
C THR D 20 16.16 -7.59 68.59
N ARG D 21 16.25 -7.51 67.27
CA ARG D 21 15.73 -8.59 66.44
C ARG D 21 16.73 -9.74 66.36
N THR D 22 16.21 -10.94 66.12
CA THR D 22 17.04 -12.13 66.01
C THR D 22 17.20 -12.49 64.53
N GLN D 23 18.45 -12.64 64.10
CA GLN D 23 18.74 -12.98 62.71
C GLN D 23 18.58 -14.48 62.48
N LEU D 24 17.85 -14.84 61.42
CA LEU D 24 17.61 -16.22 61.08
C LEU D 24 17.57 -16.33 59.56
N PRO D 25 17.98 -17.48 59.00
CA PRO D 25 17.88 -17.67 57.56
C PRO D 25 16.43 -17.84 57.13
N PRO D 26 16.09 -17.43 55.90
CA PRO D 26 14.68 -17.54 55.46
C PRO D 26 14.25 -18.97 55.18
N ALA D 27 13.38 -19.50 56.03
CA ALA D 27 12.84 -20.84 55.83
C ALA D 27 11.77 -20.83 54.74
N TYR D 28 11.62 -21.95 54.06
CA TYR D 28 10.68 -22.08 52.97
C TYR D 28 9.53 -23.02 53.34
N THR D 29 8.34 -22.69 52.85
CA THR D 29 7.14 -23.47 53.07
C THR D 29 6.56 -23.88 51.72
N ASN D 30 5.55 -24.75 51.77
CA ASN D 30 4.92 -25.29 50.57
C ASN D 30 3.53 -24.65 50.42
N SER D 31 3.33 -23.94 49.31
CA SER D 31 2.03 -23.35 49.01
C SER D 31 1.23 -24.33 48.15
N PHE D 32 0.05 -24.73 48.66
CA PHE D 32 -0.75 -25.73 47.97
C PHE D 32 -1.53 -25.12 46.80
N THR D 33 -2.48 -24.23 47.11
CA THR D 33 -3.31 -23.62 46.08
C THR D 33 -3.51 -22.12 46.31
N ARG D 34 -2.59 -21.45 47.00
CA ARG D 34 -2.73 -20.03 47.25
C ARG D 34 -2.34 -19.22 46.01
N GLY D 35 -2.85 -18.00 45.95
CA GLY D 35 -2.54 -17.11 44.86
C GLY D 35 -3.52 -17.18 43.70
N VAL D 36 -4.79 -17.39 44.01
CA VAL D 36 -5.85 -17.46 43.00
C VAL D 36 -6.82 -16.32 43.25
N TYR D 37 -7.10 -15.54 42.20
CA TYR D 37 -7.98 -14.39 42.31
C TYR D 37 -8.75 -14.25 41.00
N TYR D 38 -9.52 -13.16 40.91
CA TYR D 38 -10.25 -12.82 39.70
C TYR D 38 -9.40 -11.90 38.83
N PRO D 39 -8.96 -12.37 37.65
CA PRO D 39 -8.13 -11.50 36.79
C PRO D 39 -8.94 -10.45 36.04
N ASP D 40 -10.25 -10.63 35.93
CA ASP D 40 -11.10 -9.69 35.20
C ASP D 40 -12.48 -9.71 35.84
N LYS D 41 -13.35 -8.80 35.37
CA LYS D 41 -14.70 -8.66 35.88
C LYS D 41 -15.73 -9.38 35.02
N VAL D 42 -15.35 -10.50 34.41
CA VAL D 42 -16.24 -11.29 33.57
C VAL D 42 -16.77 -12.43 34.42
N PHE D 43 -18.07 -12.40 34.70
CA PHE D 43 -18.70 -13.44 35.52
C PHE D 43 -18.86 -14.71 34.71
N ARG D 44 -18.56 -15.85 35.34
CA ARG D 44 -18.73 -17.16 34.73
C ARG D 44 -19.48 -18.07 35.68
N SER D 45 -20.12 -19.09 35.12
CA SER D 45 -20.89 -20.03 35.93
C SER D 45 -20.91 -21.39 35.24
N SER D 46 -20.40 -22.41 35.94
CA SER D 46 -20.32 -23.80 35.47
C SER D 46 -19.54 -23.91 34.16
N VAL D 47 -18.42 -23.20 34.08
CA VAL D 47 -17.56 -23.23 32.89
C VAL D 47 -16.13 -22.96 33.34
N LEU D 48 -15.22 -23.83 32.91
CA LEU D 48 -13.80 -23.70 33.25
C LEU D 48 -13.19 -22.63 32.33
N HIS D 49 -12.98 -21.44 32.89
CA HIS D 49 -12.44 -20.32 32.13
C HIS D 49 -10.93 -20.40 32.09
N SER D 50 -10.37 -20.31 30.88
CA SER D 50 -8.93 -20.35 30.69
C SER D 50 -8.38 -18.93 30.58
N THR D 51 -7.32 -18.65 31.33
CA THR D 51 -6.71 -17.33 31.33
C THR D 51 -5.23 -17.46 31.67
N GLN D 52 -4.48 -16.40 31.38
CA GLN D 52 -3.05 -16.35 31.65
C GLN D 52 -2.70 -14.98 32.23
N ASP D 53 -2.35 -14.95 33.50
CA ASP D 53 -2.02 -13.70 34.18
C ASP D 53 -1.05 -14.02 35.31
N LEU D 54 -0.73 -13.01 36.11
CA LEU D 54 0.23 -13.13 37.20
C LEU D 54 -0.41 -13.88 38.35
N PHE D 55 -0.18 -15.18 38.42
CA PHE D 55 -0.68 -16.02 39.51
C PHE D 55 0.49 -16.73 40.18
N LEU D 56 0.22 -17.26 41.37
CA LEU D 56 1.23 -18.01 42.11
C LEU D 56 1.26 -19.45 41.62
N PRO D 57 2.43 -19.99 41.27
CA PRO D 57 2.49 -21.40 40.84
C PRO D 57 2.25 -22.34 42.01
N PHE D 58 1.50 -23.40 41.75
CA PHE D 58 1.14 -24.36 42.79
C PHE D 58 2.32 -25.27 43.09
N PHE D 59 2.34 -25.76 44.34
CA PHE D 59 3.39 -26.63 44.89
C PHE D 59 4.78 -26.01 44.79
N SER D 60 4.87 -24.70 44.97
CA SER D 60 6.13 -23.97 44.90
C SER D 60 6.60 -23.60 46.31
N ASN D 61 7.84 -23.14 46.39
CA ASN D 61 8.43 -22.75 47.65
C ASN D 61 8.37 -21.23 47.82
N VAL D 62 7.76 -20.78 48.91
CA VAL D 62 7.65 -19.37 49.24
C VAL D 62 8.38 -19.12 50.56
N THR D 63 8.78 -17.88 50.79
CA THR D 63 9.55 -17.55 51.97
C THR D 63 8.64 -17.47 53.20
N TRP D 64 9.29 -17.44 54.37
CA TRP D 64 8.59 -17.36 55.65
C TRP D 64 9.35 -16.39 56.54
N PHE D 65 8.71 -15.28 56.89
CA PHE D 65 9.26 -14.31 57.82
C PHE D 65 8.35 -14.19 59.05
N HIS D 66 8.97 -13.91 60.19
CA HIS D 66 8.27 -13.85 61.46
C HIS D 66 8.10 -12.41 61.92
N ALA D 67 7.05 -12.18 62.69
CA ALA D 67 6.70 -10.88 63.26
C ALA D 67 6.39 -11.01 64.74
N ILE D 68 7.26 -11.72 65.46
CA ILE D 68 7.05 -12.00 66.87
C ILE D 68 8.06 -11.24 67.71
N HIS D 69 7.97 -11.38 69.03
CA HIS D 69 8.83 -10.60 69.93
C HIS D 69 10.28 -11.07 69.87
N ARG D 78 11.75 -13.09 66.96
CA ARG D 78 12.20 -12.95 65.58
C ARG D 78 11.44 -11.80 64.93
N PHE D 79 12.19 -10.80 64.43
CA PHE D 79 11.61 -9.62 63.79
C PHE D 79 12.35 -9.41 62.48
N ASP D 80 11.70 -9.78 61.36
CA ASP D 80 12.31 -9.73 60.05
C ASP D 80 11.60 -8.68 59.20
N ASN D 81 12.38 -7.87 58.49
CA ASN D 81 11.85 -6.94 57.49
C ASN D 81 12.90 -6.73 56.40
N PRO D 82 13.01 -7.68 55.47
CA PRO D 82 14.02 -7.58 54.42
C PRO D 82 13.49 -6.79 53.23
N VAL D 83 14.33 -6.69 52.20
CA VAL D 83 13.96 -6.04 50.94
C VAL D 83 13.72 -7.12 49.90
N LEU D 84 12.47 -7.23 49.44
CA LEU D 84 12.07 -8.24 48.48
C LEU D 84 11.84 -7.62 47.11
N PRO D 85 12.20 -8.31 46.03
CA PRO D 85 12.03 -7.74 44.69
C PRO D 85 10.58 -7.77 44.22
N PHE D 86 10.27 -6.82 43.36
CA PHE D 86 8.94 -6.66 42.77
C PHE D 86 9.06 -6.44 41.27
N ASN D 87 9.80 -7.33 40.60
CA ASN D 87 10.05 -7.18 39.17
C ASN D 87 8.79 -7.43 38.36
N ASP D 88 8.05 -8.48 38.70
CA ASP D 88 6.83 -8.82 37.98
C ASP D 88 5.58 -8.85 38.86
N GLY D 89 5.73 -9.15 40.15
CA GLY D 89 4.58 -9.24 41.04
C GLY D 89 4.92 -10.09 42.24
N VAL D 90 4.03 -10.04 43.23
CA VAL D 90 4.25 -10.74 44.48
C VAL D 90 2.91 -11.15 45.06
N TYR D 91 2.93 -12.15 45.94
CA TYR D 91 1.76 -12.59 46.68
C TYR D 91 2.03 -12.43 48.17
N PHE D 92 1.03 -11.92 48.89
CA PHE D 92 1.17 -11.62 50.31
C PHE D 92 0.09 -12.33 51.10
N ALA D 93 0.49 -13.07 52.12
CA ALA D 93 -0.44 -13.75 53.03
C ALA D 93 0.07 -13.57 54.44
N SER D 94 -0.78 -13.02 55.31
CA SER D 94 -0.39 -12.70 56.68
C SER D 94 -1.40 -13.29 57.65
N THR D 95 -0.88 -13.92 58.71
CA THR D 95 -1.70 -14.45 59.80
C THR D 95 -1.68 -13.43 60.93
N GLU D 96 -2.79 -12.72 61.12
CA GLU D 96 -2.86 -11.62 62.06
C GLU D 96 -3.47 -12.06 63.38
N LYS D 97 -2.95 -11.52 64.47
CA LYS D 97 -3.49 -11.69 65.81
C LYS D 97 -3.86 -10.37 66.46
N SER D 98 -3.02 -9.34 66.29
CA SER D 98 -3.28 -8.02 66.87
C SER D 98 -3.11 -6.91 65.84
N ASN D 99 -3.31 -7.23 64.55
CA ASN D 99 -3.21 -6.29 63.42
C ASN D 99 -1.83 -5.63 63.35
N ILE D 100 -0.81 -6.47 63.13
CA ILE D 100 0.56 -5.97 63.09
C ILE D 100 0.87 -5.34 61.75
N ILE D 101 0.30 -5.86 60.66
CA ILE D 101 0.55 -5.33 59.32
C ILE D 101 -0.16 -3.99 59.18
N ARG D 102 0.61 -2.94 58.94
CA ARG D 102 0.08 -1.59 58.79
C ARG D 102 0.14 -1.07 57.36
N GLY D 103 0.69 -1.83 56.43
CA GLY D 103 0.77 -1.41 55.05
C GLY D 103 2.06 -1.89 54.41
N TRP D 104 2.31 -1.38 53.21
CA TRP D 104 3.49 -1.76 52.44
C TRP D 104 4.08 -0.52 51.79
N ILE D 105 5.34 -0.65 51.36
CA ILE D 105 6.07 0.43 50.71
C ILE D 105 6.49 -0.06 49.34
N PHE D 106 6.13 0.69 48.30
CA PHE D 106 6.47 0.36 46.93
C PHE D 106 7.24 1.51 46.30
N GLY D 107 8.32 1.19 45.59
CA GLY D 107 9.12 2.21 44.95
C GLY D 107 10.27 1.59 44.19
N THR D 108 11.07 2.47 43.58
CA THR D 108 12.23 2.00 42.82
C THR D 108 13.43 1.79 43.73
N THR D 109 13.87 2.84 44.42
CA THR D 109 15.00 2.76 45.33
C THR D 109 14.64 3.07 46.78
N LEU D 110 13.37 3.42 47.05
CA LEU D 110 12.83 3.68 48.39
C LEU D 110 13.58 4.82 49.09
N ASP D 111 13.52 6.00 48.45
CA ASP D 111 14.16 7.19 48.98
C ASP D 111 13.39 8.41 48.48
N SER D 112 13.90 9.59 48.82
CA SER D 112 13.25 10.85 48.48
C SER D 112 13.75 11.46 47.18
N LYS D 113 14.52 10.71 46.38
CA LYS D 113 14.98 11.23 45.10
C LYS D 113 13.87 11.24 44.06
N THR D 114 12.87 10.37 44.20
CA THR D 114 11.74 10.33 43.29
C THR D 114 10.48 10.01 44.09
N GLN D 115 9.36 9.87 43.38
CA GLN D 115 8.09 9.54 44.00
C GLN D 115 7.98 8.04 44.23
N SER D 116 7.27 7.67 45.29
CA SER D 116 7.11 6.27 45.64
C SER D 116 5.74 6.05 46.26
N LEU D 117 5.25 4.82 46.16
CA LEU D 117 3.96 4.47 46.73
C LEU D 117 4.11 4.12 48.20
N LEU D 118 3.25 4.70 49.03
CA LEU D 118 3.27 4.47 50.47
C LEU D 118 1.87 4.16 50.97
N ILE D 119 1.74 3.07 51.71
CA ILE D 119 0.48 2.66 52.32
C ILE D 119 0.69 2.58 53.82
N VAL D 120 0.00 3.45 54.57
CA VAL D 120 0.11 3.49 56.02
C VAL D 120 -1.29 3.32 56.61
N ASN D 121 -1.31 3.02 57.91
CA ASN D 121 -2.56 2.82 58.64
C ASN D 121 -2.36 3.30 60.07
N ASN D 122 -3.06 4.37 60.44
CA ASN D 122 -3.03 4.90 61.81
C ASN D 122 -4.21 4.42 62.64
N ALA D 123 -4.69 3.20 62.40
CA ALA D 123 -5.79 2.50 63.05
C ALA D 123 -7.16 3.15 62.84
N THR D 124 -7.26 4.18 62.01
CA THR D 124 -8.54 4.79 61.65
C THR D 124 -8.82 4.72 60.16
N ASN D 125 -7.87 5.07 59.32
CA ASN D 125 -8.04 5.06 57.87
C ASN D 125 -6.73 4.63 57.21
N VAL D 126 -6.86 4.04 56.04
CA VAL D 126 -5.70 3.64 55.25
C VAL D 126 -5.34 4.80 54.33
N VAL D 127 -4.28 5.52 54.68
CA VAL D 127 -3.84 6.69 53.92
C VAL D 127 -2.86 6.21 52.84
N ILE D 128 -3.23 6.43 51.58
CA ILE D 128 -2.40 6.06 50.44
C ILE D 128 -2.02 7.33 49.70
N LYS D 129 -0.75 7.73 49.82
CA LYS D 129 -0.25 8.93 49.16
C LYS D 129 1.04 8.59 48.43
N VAL D 130 1.29 9.31 47.33
CA VAL D 130 2.48 9.15 46.52
C VAL D 130 3.25 10.46 46.56
N CYS D 131 4.27 10.53 47.41
CA CYS D 131 5.12 11.70 47.53
C CYS D 131 6.57 11.24 47.49
N GLU D 132 7.49 12.17 47.78
CA GLU D 132 8.91 11.85 47.89
C GLU D 132 9.26 11.71 49.36
N PHE D 133 8.89 10.56 49.92
CA PHE D 133 9.11 10.29 51.34
C PHE D 133 10.57 9.93 51.59
N GLN D 134 11.08 10.32 52.75
CA GLN D 134 12.42 9.96 53.20
C GLN D 134 12.28 8.77 54.14
N PHE D 135 12.46 7.57 53.60
CA PHE D 135 12.32 6.36 54.38
C PHE D 135 13.58 6.07 55.17
N CYS D 136 13.42 5.42 56.31
CA CYS D 136 14.53 5.03 57.16
C CYS D 136 14.96 3.61 56.84
N ASN D 137 15.92 3.09 57.60
CA ASN D 137 16.38 1.72 57.40
C ASN D 137 15.38 0.69 57.90
N ASP D 138 14.52 1.06 58.84
CA ASP D 138 13.51 0.13 59.36
C ASP D 138 12.32 0.96 59.85
N PRO D 139 11.33 1.18 58.99
CA PRO D 139 10.13 1.91 59.43
C PRO D 139 9.11 0.99 60.08
N PHE D 140 8.49 1.49 61.15
CA PHE D 140 7.47 0.74 61.86
C PHE D 140 6.55 1.71 62.60
N LEU D 141 5.48 1.16 63.17
CA LEU D 141 4.58 1.89 64.05
C LEU D 141 4.61 1.26 65.44
N GLY D 142 3.96 1.94 66.39
CA GLY D 142 3.95 1.45 67.75
C GLY D 142 2.82 1.95 68.62
N VAL D 143 2.32 1.07 69.50
CA VAL D 143 1.31 1.41 70.49
C VAL D 143 1.97 1.32 71.87
N TYR D 144 1.69 2.32 72.71
CA TYR D 144 2.38 2.48 73.98
C TYR D 144 1.44 2.22 75.15
N TYR D 145 2.04 1.82 76.28
CA TYR D 145 1.37 1.64 77.58
C TYR D 145 0.25 0.59 77.49
N HIS D 146 0.65 -0.65 77.20
CA HIS D 146 -0.30 -1.76 77.12
C HIS D 146 -0.69 -2.33 78.48
N LYS D 147 -0.08 -1.85 79.57
CA LYS D 147 -0.38 -2.38 80.90
C LYS D 147 -1.51 -1.60 81.57
N ASN D 148 -1.33 -0.29 81.76
CA ASN D 148 -2.33 0.54 82.41
C ASN D 148 -2.55 1.80 81.58
N ASN D 149 -3.82 2.24 81.54
CA ASN D 149 -4.26 3.44 80.81
C ASN D 149 -3.93 3.35 79.33
N LYS D 150 -4.33 2.23 78.71
CA LYS D 150 -4.04 1.95 77.31
C LYS D 150 -4.70 2.94 76.35
N SER D 151 -6.04 2.98 76.36
CA SER D 151 -6.91 3.89 75.61
C SER D 151 -6.86 3.75 74.09
N TRP D 152 -6.02 2.84 73.58
CA TRP D 152 -5.88 2.49 72.17
C TRP D 152 -5.58 3.70 71.30
N MET D 153 -4.44 4.33 71.57
CA MET D 153 -4.01 5.53 70.87
C MET D 153 -2.63 5.32 70.24
N GLU D 154 -2.46 5.86 69.04
CA GLU D 154 -1.20 5.77 68.31
C GLU D 154 -0.36 7.02 68.59
N SER D 155 0.91 6.80 68.91
CA SER D 155 1.84 7.89 69.21
C SER D 155 3.00 7.97 68.23
N GLU D 156 3.69 6.85 68.00
CA GLU D 156 4.91 6.85 67.18
C GLU D 156 4.55 6.60 65.73
N PHE D 157 5.06 7.48 64.85
CA PHE D 157 4.90 7.35 63.40
C PHE D 157 6.29 7.49 62.78
N ARG D 158 7.02 6.38 62.71
CA ARG D 158 8.39 6.37 62.21
C ARG D 158 8.48 5.82 60.79
N VAL D 159 7.47 6.10 59.97
CA VAL D 159 7.46 5.60 58.60
C VAL D 159 8.33 6.48 57.71
N TYR D 160 8.21 7.79 57.82
CA TYR D 160 8.95 8.70 56.97
C TYR D 160 9.29 9.96 57.76
N SER D 161 10.13 10.81 57.15
CA SER D 161 10.51 12.07 57.77
C SER D 161 9.70 13.24 57.23
N SER D 162 9.60 13.37 55.91
CA SER D 162 8.87 14.47 55.29
C SER D 162 8.23 13.95 54.00
N ALA D 163 7.47 14.84 53.35
CA ALA D 163 6.79 14.49 52.11
C ALA D 163 6.78 15.70 51.20
N ASN D 164 7.32 15.54 49.99
CA ASN D 164 7.39 16.61 49.02
C ASN D 164 6.92 16.11 47.66
N ASN D 165 6.29 17.01 46.90
CA ASN D 165 5.81 16.78 45.53
C ASN D 165 4.82 15.62 45.46
N CYS D 166 3.71 15.77 46.16
CA CYS D 166 2.67 14.75 46.18
C CYS D 166 1.77 14.90 44.96
N THR D 167 1.44 13.76 44.33
CA THR D 167 0.58 13.75 43.16
C THR D 167 -0.67 12.89 43.31
N PHE D 168 -0.74 12.01 44.33
CA PHE D 168 -1.87 11.13 44.50
C PHE D 168 -2.22 11.06 45.98
N GLU D 169 -3.51 10.94 46.28
CA GLU D 169 -4.00 10.83 47.65
C GLU D 169 -5.28 10.04 47.65
N TYR D 170 -5.37 9.06 48.57
CA TYR D 170 -6.54 8.21 48.66
C TYR D 170 -6.80 7.88 50.13
N VAL D 171 -8.03 8.12 50.57
CA VAL D 171 -8.47 7.83 51.93
C VAL D 171 -9.60 6.80 51.86
N SER D 172 -9.42 5.68 52.54
CA SER D 172 -10.40 4.60 52.52
C SER D 172 -11.49 4.85 53.57
N GLN D 173 -12.32 3.83 53.77
CA GLN D 173 -13.40 3.90 54.74
C GLN D 173 -12.87 3.78 56.16
N PRO D 174 -13.48 4.49 57.11
CA PRO D 174 -13.03 4.39 58.51
C PRO D 174 -13.46 3.08 59.15
N PHE D 175 -12.68 2.65 60.13
CA PHE D 175 -12.95 1.40 60.84
C PHE D 175 -12.35 1.51 62.24
N LEU D 176 -12.41 0.39 62.97
CA LEU D 176 -11.88 0.30 64.33
C LEU D 176 -10.87 -0.85 64.38
N MET D 177 -9.60 -0.51 64.55
CA MET D 177 -8.54 -1.51 64.61
C MET D 177 -8.22 -1.87 66.05
N ASP D 178 -8.19 -3.17 66.33
CA ASP D 178 -7.85 -3.66 67.67
C ASP D 178 -6.34 -3.53 67.87
N LEU D 179 -5.94 -2.61 68.73
CA LEU D 179 -4.52 -2.35 68.99
C LEU D 179 -3.99 -3.07 70.22
N GLU D 180 -4.80 -3.88 70.88
CA GLU D 180 -4.36 -4.60 72.07
C GLU D 180 -3.48 -5.78 71.68
N GLY D 181 -2.26 -5.79 72.21
CA GLY D 181 -1.33 -6.88 71.95
C GLY D 181 -1.70 -8.15 72.69
N LYS D 182 -2.14 -9.17 71.94
CA LYS D 182 -2.56 -10.43 72.52
C LYS D 182 -1.65 -11.56 72.04
N GLN D 183 -1.50 -12.57 72.90
CA GLN D 183 -0.68 -13.73 72.61
C GLN D 183 -1.57 -14.94 72.35
N GLY D 184 -0.98 -15.96 71.71
CA GLY D 184 -1.66 -17.20 71.41
C GLY D 184 -1.51 -17.53 69.94
N ASN D 185 -2.48 -18.28 69.43
CA ASN D 185 -2.47 -18.71 68.03
C ASN D 185 -3.01 -17.59 67.14
N PHE D 186 -2.95 -17.81 65.83
CA PHE D 186 -3.44 -16.83 64.87
C PHE D 186 -4.94 -16.95 64.70
N LYS D 187 -5.61 -15.79 64.62
CA LYS D 187 -7.07 -15.74 64.52
C LYS D 187 -7.58 -15.16 63.22
N ASN D 188 -6.78 -14.39 62.50
CA ASN D 188 -7.20 -13.76 61.26
C ASN D 188 -6.19 -14.03 60.15
N LEU D 189 -6.70 -14.23 58.94
CA LEU D 189 -5.86 -14.48 57.77
C LEU D 189 -6.27 -13.52 56.66
N ARG D 190 -5.35 -12.65 56.26
CA ARG D 190 -5.59 -11.65 55.23
C ARG D 190 -4.60 -11.87 54.09
N GLU D 191 -5.11 -12.29 52.94
CA GLU D 191 -4.29 -12.53 51.76
C GLU D 191 -4.35 -11.33 50.82
N PHE D 192 -3.23 -11.02 50.19
CA PHE D 192 -3.13 -9.88 49.30
C PHE D 192 -2.35 -10.27 48.04
N VAL D 193 -2.69 -9.60 46.94
CA VAL D 193 -2.01 -9.77 45.66
C VAL D 193 -1.64 -8.40 45.13
N PHE D 194 -0.35 -8.18 44.88
CA PHE D 194 0.15 -6.89 44.40
C PHE D 194 0.75 -7.08 43.02
N LYS D 195 0.34 -6.24 42.08
CA LYS D 195 0.90 -6.24 40.74
C LYS D 195 0.75 -4.85 40.14
N ASN D 196 1.64 -4.53 39.20
CA ASN D 196 1.66 -3.22 38.54
C ASN D 196 1.62 -3.46 37.03
N ILE D 197 0.51 -3.07 36.40
CA ILE D 197 0.31 -3.24 34.97
C ILE D 197 0.14 -1.86 34.36
N ASP D 198 1.17 -1.40 33.63
CA ASP D 198 1.19 -0.12 32.91
C ASP D 198 0.94 1.07 33.82
N GLY D 199 1.51 1.02 35.03
CA GLY D 199 1.34 2.08 35.99
C GLY D 199 0.10 2.00 36.85
N TYR D 200 -0.85 1.13 36.52
CA TYR D 200 -2.08 0.97 37.30
C TYR D 200 -1.86 -0.15 38.31
N PHE D 201 -1.71 0.23 39.58
CA PHE D 201 -1.41 -0.73 40.63
C PHE D 201 -2.71 -1.31 41.18
N LYS D 202 -2.95 -2.59 40.93
CA LYS D 202 -4.14 -3.26 41.41
C LYS D 202 -3.85 -3.99 42.72
N ILE D 203 -4.78 -3.87 43.67
CA ILE D 203 -4.64 -4.46 44.99
C ILE D 203 -5.81 -5.39 45.23
N TYR D 204 -5.52 -6.67 45.51
CA TYR D 204 -6.52 -7.65 45.86
C TYR D 204 -6.46 -7.92 47.36
N SER D 205 -7.60 -8.32 47.91
CA SER D 205 -7.70 -8.56 49.34
C SER D 205 -8.77 -9.61 49.62
N LYS D 206 -8.57 -10.36 50.70
CA LYS D 206 -9.52 -11.39 51.12
C LYS D 206 -9.33 -11.63 52.61
N HIS D 207 -10.39 -11.45 53.40
CA HIS D 207 -10.34 -11.61 54.84
C HIS D 207 -11.14 -12.84 55.23
N THR D 208 -10.50 -13.79 55.92
CA THR D 208 -11.14 -15.01 56.37
C THR D 208 -10.55 -15.41 57.72
N PRO D 209 -11.38 -15.89 58.65
CA PRO D 209 -10.86 -16.35 59.94
C PRO D 209 -10.23 -17.73 59.81
N ILE D 210 -9.29 -18.00 60.72
CA ILE D 210 -8.54 -19.25 60.71
C ILE D 210 -8.04 -19.50 62.13
N ASN D 211 -7.68 -20.76 62.40
CA ASN D 211 -7.08 -21.16 63.67
C ASN D 211 -5.81 -21.94 63.34
N LEU D 212 -4.70 -21.21 63.21
CA LEU D 212 -3.43 -21.77 62.75
C LEU D 212 -2.45 -21.83 63.92
N VAL D 213 -1.79 -22.98 64.06
CA VAL D 213 -0.79 -23.18 65.11
C VAL D 213 0.52 -23.65 64.49
N ARG D 214 0.68 -23.45 63.19
CA ARG D 214 1.84 -23.96 62.47
C ARG D 214 2.14 -23.02 61.32
N ASP D 215 2.81 -23.53 60.29
CA ASP D 215 3.20 -22.76 59.13
C ASP D 215 2.01 -22.60 58.18
N LEU D 216 2.30 -22.13 56.95
CA LEU D 216 1.37 -21.77 55.88
C LEU D 216 0.33 -22.83 55.58
N PRO D 217 -0.96 -22.52 55.73
CA PRO D 217 -2.00 -23.55 55.58
C PRO D 217 -2.25 -23.91 54.13
N GLN D 218 -2.76 -25.13 53.93
CA GLN D 218 -3.08 -25.65 52.60
C GLN D 218 -4.57 -25.50 52.38
N GLY D 219 -4.95 -24.62 51.46
CA GLY D 219 -6.35 -24.40 51.19
C GLY D 219 -6.56 -23.61 49.91
N PHE D 220 -7.80 -23.19 49.69
CA PHE D 220 -8.17 -22.46 48.49
C PHE D 220 -9.03 -21.27 48.89
N SER D 221 -8.74 -20.11 48.31
CA SER D 221 -9.49 -18.89 48.61
C SER D 221 -9.35 -17.94 47.44
N ALA D 222 -10.49 -17.53 46.87
CA ALA D 222 -10.50 -16.60 45.75
C ALA D 222 -10.46 -15.17 46.28
N LEU D 223 -9.47 -14.40 45.86
CA LEU D 223 -9.32 -13.03 46.32
C LEU D 223 -10.17 -12.09 45.49
N GLU D 224 -10.72 -11.07 46.13
CA GLU D 224 -11.58 -10.08 45.50
C GLU D 224 -10.81 -8.78 45.25
N PRO D 225 -11.13 -8.08 44.17
CA PRO D 225 -10.45 -6.79 43.90
C PRO D 225 -10.91 -5.72 44.88
N LEU D 226 -9.94 -5.00 45.43
CA LEU D 226 -10.20 -3.96 46.43
C LEU D 226 -10.19 -2.56 45.82
N VAL D 227 -9.05 -2.15 45.25
CA VAL D 227 -8.88 -0.82 44.68
C VAL D 227 -8.05 -0.94 43.40
N ASP D 228 -7.97 0.16 42.66
CA ASP D 228 -7.15 0.24 41.45
C ASP D 228 -6.47 1.60 41.48
N LEU D 229 -5.18 1.61 41.81
CA LEU D 229 -4.45 2.86 42.03
C LEU D 229 -3.61 3.20 40.82
N PRO D 230 -3.91 4.29 40.11
CA PRO D 230 -3.07 4.72 38.96
C PRO D 230 -1.82 5.50 39.39
N ILE D 231 -0.79 4.75 39.78
CA ILE D 231 0.42 5.38 40.30
C ILE D 231 1.28 5.91 39.15
N GLY D 232 1.72 5.04 38.26
CA GLY D 232 2.47 5.47 37.10
C GLY D 232 3.97 5.58 37.32
N ILE D 233 4.52 4.77 38.23
CA ILE D 233 5.96 4.76 38.49
C ILE D 233 6.48 3.35 38.26
N ASN D 234 7.81 3.23 38.21
CA ASN D 234 8.45 1.94 38.09
C ASN D 234 8.81 1.40 39.46
N ILE D 235 8.37 0.17 39.75
CA ILE D 235 8.61 -0.47 41.04
C ILE D 235 9.48 -1.69 40.81
N THR D 236 10.58 -1.78 41.55
CA THR D 236 11.52 -2.89 41.39
C THR D 236 11.63 -3.70 42.68
N ARG D 237 11.56 -3.02 43.83
CA ARG D 237 11.65 -3.67 45.12
C ARG D 237 10.55 -3.12 46.02
N PHE D 238 10.29 -3.83 47.12
CA PHE D 238 9.25 -3.42 48.06
C PHE D 238 9.58 -3.94 49.44
N GLN D 239 8.90 -3.39 50.44
CA GLN D 239 9.03 -3.78 51.84
C GLN D 239 7.66 -3.99 52.44
N THR D 240 7.63 -4.26 53.75
CA THR D 240 6.40 -4.50 54.49
C THR D 240 6.48 -3.81 55.84
N LEU D 241 5.46 -3.03 56.17
CA LEU D 241 5.42 -2.33 57.45
C LEU D 241 4.93 -3.25 58.56
N LEU D 242 5.42 -3.01 59.77
CA LEU D 242 5.05 -3.79 60.94
C LEU D 242 4.77 -2.85 62.10
N ALA D 243 4.14 -3.39 63.14
CA ALA D 243 3.77 -2.62 64.32
C ALA D 243 4.48 -3.18 65.55
N LEU D 244 4.80 -2.30 66.49
CA LEU D 244 5.45 -2.66 67.73
C LEU D 244 4.55 -2.38 68.93
N HIS D 245 4.94 -2.93 70.08
CA HIS D 245 4.17 -2.77 71.31
C HIS D 245 5.13 -2.53 72.47
N ARG D 246 4.68 -1.75 73.45
CA ARG D 246 5.49 -1.44 74.62
C ARG D 246 4.55 -1.13 75.77
N SER D 247 4.66 -1.91 76.85
CA SER D 247 3.82 -1.72 78.02
C SER D 247 4.42 -0.69 78.96
N SER D 255 14.03 5.62 73.72
CA SER D 255 12.99 5.21 72.77
C SER D 255 13.44 4.00 71.96
N SER D 256 14.08 3.05 72.62
CA SER D 256 14.57 1.84 71.96
C SER D 256 14.19 0.57 72.71
N GLY D 257 13.33 0.67 73.72
CA GLY D 257 12.91 -0.50 74.48
C GLY D 257 11.57 -1.05 74.02
N TRP D 258 11.37 -1.07 72.70
CA TRP D 258 10.12 -1.54 72.12
C TRP D 258 10.21 -3.02 71.75
N THR D 259 9.09 -3.72 71.88
CA THR D 259 8.98 -5.13 71.53
C THR D 259 7.92 -5.30 70.45
N ALA D 260 7.82 -6.52 69.93
CA ALA D 260 6.87 -6.83 68.88
C ALA D 260 5.75 -7.72 69.41
N GLY D 261 4.73 -7.92 68.58
CA GLY D 261 3.59 -8.73 68.95
C GLY D 261 3.81 -10.21 68.69
N ALA D 262 2.84 -10.86 68.03
CA ALA D 262 2.93 -12.28 67.69
C ALA D 262 2.13 -12.50 66.40
N ALA D 263 2.83 -12.46 65.27
CA ALA D 263 2.21 -12.66 63.97
C ALA D 263 3.26 -13.19 63.00
N ALA D 264 2.81 -13.44 61.76
CA ALA D 264 3.69 -13.92 60.70
C ALA D 264 3.09 -13.53 59.36
N TYR D 265 3.96 -13.39 58.37
CA TYR D 265 3.54 -13.04 57.01
C TYR D 265 4.37 -13.85 56.02
N TYR D 266 3.83 -13.98 54.81
CA TYR D 266 4.44 -14.77 53.75
C TYR D 266 4.62 -13.93 52.50
N VAL D 267 5.69 -14.22 51.76
CA VAL D 267 6.03 -13.51 50.53
C VAL D 267 6.24 -14.54 49.44
N GLY D 268 5.46 -14.45 48.37
CA GLY D 268 5.55 -15.38 47.27
C GLY D 268 5.58 -14.67 45.93
N TYR D 269 6.58 -15.01 45.12
CA TYR D 269 6.79 -14.36 43.83
C TYR D 269 5.83 -14.93 42.79
N LEU D 270 5.20 -14.04 42.04
CA LEU D 270 4.22 -14.43 41.03
C LEU D 270 4.92 -14.71 39.70
N GLN D 271 4.35 -15.64 38.93
CA GLN D 271 4.86 -16.00 37.61
C GLN D 271 3.70 -16.04 36.63
N PRO D 272 3.84 -15.40 35.46
CA PRO D 272 2.74 -15.36 34.47
C PRO D 272 2.56 -16.68 33.72
N ARG D 273 1.87 -17.62 34.37
CA ARG D 273 1.59 -18.92 33.78
C ARG D 273 0.10 -19.07 33.51
N THR D 274 -0.24 -20.10 32.74
CA THR D 274 -1.63 -20.38 32.39
C THR D 274 -2.33 -21.10 33.53
N PHE D 275 -3.46 -20.55 33.97
CA PHE D 275 -4.23 -21.12 35.06
C PHE D 275 -5.70 -21.22 34.66
N LEU D 276 -6.34 -22.30 35.08
CA LEU D 276 -7.76 -22.52 34.84
C LEU D 276 -8.57 -22.06 36.04
N LEU D 277 -9.81 -21.65 35.78
CA LEU D 277 -10.71 -21.16 36.82
C LEU D 277 -12.00 -21.98 36.75
N LYS D 278 -12.17 -22.89 37.70
CA LYS D 278 -13.36 -23.73 37.75
C LYS D 278 -14.44 -23.02 38.55
N TYR D 279 -15.55 -22.68 37.90
CA TYR D 279 -16.66 -22.00 38.53
C TYR D 279 -17.76 -23.00 38.87
N ASN D 280 -18.37 -22.83 40.04
CA ASN D 280 -19.45 -23.69 40.48
C ASN D 280 -20.79 -23.13 40.00
N GLU D 281 -21.88 -23.67 40.56
CA GLU D 281 -23.21 -23.19 40.20
C GLU D 281 -23.51 -21.82 40.80
N ASN D 282 -22.82 -21.47 41.89
CA ASN D 282 -23.01 -20.15 42.48
C ASN D 282 -22.24 -19.06 41.74
N GLY D 283 -21.16 -19.41 41.05
CA GLY D 283 -20.40 -18.45 40.28
C GLY D 283 -19.09 -18.02 40.89
N THR D 284 -18.57 -18.75 41.88
CA THR D 284 -17.31 -18.42 42.51
C THR D 284 -16.23 -19.41 42.09
N ILE D 285 -14.98 -18.97 42.16
CA ILE D 285 -13.84 -19.82 41.83
C ILE D 285 -13.62 -20.80 42.97
N THR D 286 -13.83 -22.08 42.69
CA THR D 286 -13.69 -23.13 43.70
C THR D 286 -12.46 -24.01 43.51
N ASP D 287 -11.90 -24.05 42.31
CA ASP D 287 -10.74 -24.88 42.03
C ASP D 287 -9.93 -24.26 40.91
N ALA D 288 -8.62 -24.51 40.94
CA ALA D 288 -7.72 -23.99 39.92
C ALA D 288 -6.69 -25.06 39.58
N VAL D 289 -6.28 -25.09 38.32
CA VAL D 289 -5.36 -26.09 37.80
C VAL D 289 -4.18 -25.37 37.16
N ASP D 290 -2.97 -25.67 37.65
CA ASP D 290 -1.74 -25.11 37.09
C ASP D 290 -1.31 -26.00 35.92
N CYS D 291 -1.22 -25.41 34.73
CA CYS D 291 -0.87 -26.18 33.55
C CYS D 291 0.61 -26.52 33.52
N ALA D 292 1.45 -25.65 34.10
CA ALA D 292 2.89 -25.84 34.13
C ALA D 292 3.37 -26.59 35.36
N LEU D 293 2.49 -27.28 36.06
CA LEU D 293 2.87 -28.00 37.28
C LEU D 293 3.38 -29.41 36.95
N ASP D 294 2.57 -30.21 36.29
CA ASP D 294 2.90 -31.60 36.02
C ASP D 294 2.33 -31.95 34.65
N PRO D 295 2.87 -32.99 33.99
CA PRO D 295 2.30 -33.42 32.70
C PRO D 295 0.90 -34.00 32.79
N LEU D 296 0.43 -34.37 33.99
CA LEU D 296 -0.96 -34.78 34.15
C LEU D 296 -1.91 -33.61 33.96
N SER D 297 -1.55 -32.43 34.49
CA SER D 297 -2.39 -31.25 34.32
C SER D 297 -2.19 -30.60 32.96
N GLU D 298 -1.16 -31.00 32.22
CA GLU D 298 -0.97 -30.52 30.85
C GLU D 298 -2.05 -31.07 29.94
N THR D 299 -2.51 -32.29 30.21
CA THR D 299 -3.66 -32.84 29.47
C THR D 299 -4.97 -32.25 29.97
N LYS D 300 -4.99 -31.74 31.20
CA LYS D 300 -6.20 -31.12 31.74
C LYS D 300 -6.46 -29.77 31.09
N CYS D 301 -5.40 -28.99 30.86
CA CYS D 301 -5.56 -27.70 30.20
C CYS D 301 -5.73 -27.85 28.68
N THR D 302 -5.30 -28.99 28.13
CA THR D 302 -5.50 -29.22 26.70
C THR D 302 -6.93 -29.64 26.39
N LEU D 303 -7.46 -30.58 27.16
CA LEU D 303 -8.82 -31.07 26.97
C LEU D 303 -9.87 -30.16 27.60
N LYS D 304 -9.44 -29.17 28.40
CA LYS D 304 -10.32 -28.24 29.13
C LYS D 304 -11.29 -28.98 30.04
N SER D 305 -10.78 -29.97 30.75
CA SER D 305 -11.58 -30.78 31.65
C SER D 305 -10.70 -31.35 32.75
N PHE D 306 -11.28 -31.58 33.93
CA PHE D 306 -10.52 -32.13 35.04
C PHE D 306 -10.29 -33.62 34.87
N THR D 307 -11.34 -34.36 34.52
CA THR D 307 -11.24 -35.80 34.33
C THR D 307 -10.58 -36.11 32.99
N VAL D 308 -9.49 -36.88 33.04
CA VAL D 308 -8.74 -37.25 31.85
C VAL D 308 -8.86 -38.77 31.68
N GLU D 309 -9.35 -39.18 30.51
CA GLU D 309 -9.48 -40.60 30.21
C GLU D 309 -8.13 -41.21 29.85
N LYS D 310 -8.12 -42.53 29.72
CA LYS D 310 -6.89 -43.24 29.39
C LYS D 310 -6.56 -43.06 27.91
N GLY D 311 -5.35 -42.58 27.64
CA GLY D 311 -4.92 -42.34 26.28
C GLY D 311 -3.70 -41.45 26.25
N ILE D 312 -3.32 -41.09 25.02
CA ILE D 312 -2.15 -40.24 24.78
C ILE D 312 -2.64 -38.89 24.24
N TYR D 313 -1.97 -37.83 24.68
CA TYR D 313 -2.31 -36.48 24.27
C TYR D 313 -1.03 -35.68 24.03
N GLN D 314 -1.00 -34.94 22.93
CA GLN D 314 0.14 -34.09 22.60
C GLN D 314 -0.13 -32.69 23.17
N THR D 315 0.59 -32.35 24.23
CA THR D 315 0.34 -31.07 24.91
C THR D 315 1.21 -29.96 24.35
N SER D 316 2.53 -30.13 24.38
CA SER D 316 3.47 -29.13 23.93
C SER D 316 4.40 -29.73 22.88
N ASN D 317 5.33 -28.92 22.38
CA ASN D 317 6.28 -29.32 21.36
C ASN D 317 7.70 -29.27 21.90
N PHE D 318 8.56 -30.12 21.34
CA PHE D 318 9.96 -30.20 21.74
C PHE D 318 10.83 -29.59 20.66
N ARG D 319 11.67 -28.63 21.04
CA ARG D 319 12.55 -27.95 20.10
C ARG D 319 13.88 -27.68 20.79
N VAL D 320 14.98 -28.02 20.11
CA VAL D 320 16.31 -27.84 20.67
C VAL D 320 16.69 -26.36 20.56
N GLN D 321 17.13 -25.79 21.68
CA GLN D 321 17.52 -24.39 21.76
C GLN D 321 19.02 -24.24 21.57
N PRO D 322 19.47 -23.16 20.92
CA PRO D 322 20.91 -22.96 20.72
C PRO D 322 21.60 -22.52 22.01
N THR D 323 22.86 -22.91 22.11
CA THR D 323 23.69 -22.58 23.28
C THR D 323 24.95 -21.80 22.92
N GLU D 324 25.60 -22.13 21.80
CA GLU D 324 26.81 -21.45 21.38
C GLU D 324 26.70 -21.15 19.90
N SER D 325 26.99 -19.91 19.51
CA SER D 325 26.76 -19.44 18.16
C SER D 325 27.74 -20.07 17.18
N ILE D 326 27.27 -20.24 15.94
CA ILE D 326 28.08 -20.86 14.87
C ILE D 326 28.16 -19.91 13.68
N VAL D 327 27.98 -18.61 13.94
CA VAL D 327 27.95 -17.62 12.86
C VAL D 327 29.35 -17.44 12.30
N ARG D 328 29.48 -17.69 10.99
CA ARG D 328 30.74 -17.57 10.28
C ARG D 328 30.70 -16.35 9.37
N PHE D 329 31.86 -15.87 8.99
CA PHE D 329 32.02 -14.70 8.15
C PHE D 329 33.06 -14.98 7.07
N PRO D 330 32.84 -14.47 5.84
CA PRO D 330 33.72 -14.87 4.71
C PRO D 330 35.10 -14.22 4.73
N ASN D 331 35.94 -14.73 5.64
CA ASN D 331 37.38 -14.46 5.72
C ASN D 331 37.68 -12.96 5.87
N ILE D 332 37.31 -12.45 7.04
CA ILE D 332 37.52 -11.04 7.35
C ILE D 332 39.01 -10.78 7.52
N THR D 333 39.63 -10.26 6.47
CA THR D 333 41.06 -9.95 6.42
C THR D 333 41.28 -8.94 5.29
N ASN D 334 42.55 -8.66 5.00
CA ASN D 334 43.00 -7.71 3.98
C ASN D 334 42.41 -6.31 4.22
N LEU D 335 42.94 -5.65 5.24
CA LEU D 335 42.46 -4.34 5.62
C LEU D 335 42.83 -3.28 4.58
N CYS D 336 42.00 -2.23 4.51
CA CYS D 336 42.29 -1.09 3.66
C CYS D 336 43.51 -0.34 4.20
N PRO D 337 44.30 0.30 3.32
CA PRO D 337 45.42 1.14 3.77
C PRO D 337 45.01 2.55 4.19
N PHE D 338 44.02 2.64 5.10
CA PHE D 338 43.59 3.93 5.60
C PHE D 338 44.58 4.48 6.62
N GLY D 339 45.25 3.59 7.36
CA GLY D 339 46.29 4.03 8.28
C GLY D 339 47.53 4.55 7.58
N GLU D 340 47.78 4.09 6.35
CA GLU D 340 48.89 4.61 5.57
C GLU D 340 48.59 6.03 5.07
N VAL D 341 47.31 6.35 4.86
CA VAL D 341 46.93 7.71 4.51
C VAL D 341 47.07 8.61 5.75
N PHE D 342 46.71 8.10 6.92
CA PHE D 342 46.84 8.88 8.15
C PHE D 342 48.30 9.05 8.55
N ASN D 343 49.14 8.07 8.22
CA ASN D 343 50.57 8.12 8.50
C ASN D 343 51.39 8.32 7.23
N ALA D 344 50.96 9.21 6.35
CA ALA D 344 51.66 9.45 5.10
C ALA D 344 52.90 10.31 5.32
N THR D 345 53.67 10.50 4.25
CA THR D 345 54.89 11.28 4.35
C THR D 345 54.59 12.78 4.41
N ARG D 346 53.88 13.29 3.41
CA ARG D 346 53.57 14.71 3.35
C ARG D 346 52.21 14.90 2.70
N PHE D 347 51.37 15.72 3.32
CA PHE D 347 50.03 15.97 2.82
C PHE D 347 50.04 17.10 1.80
N ALA D 348 48.90 17.28 1.13
CA ALA D 348 48.73 18.34 0.16
C ALA D 348 48.03 19.54 0.81
N SER D 349 47.60 20.49 -0.02
CA SER D 349 46.94 21.70 0.49
C SER D 349 45.45 21.46 0.69
N VAL D 350 44.76 22.48 1.19
CA VAL D 350 43.33 22.37 1.45
C VAL D 350 42.51 22.58 0.18
N TYR D 351 43.12 23.08 -0.89
CA TYR D 351 42.42 23.26 -2.16
C TYR D 351 42.85 22.27 -3.24
N ALA D 352 44.00 21.63 -3.07
CA ALA D 352 44.53 20.66 -4.02
C ALA D 352 44.87 19.35 -3.31
N TRP D 353 43.94 18.87 -2.48
CA TRP D 353 44.18 17.71 -1.63
C TRP D 353 44.26 16.43 -2.45
N ASN D 354 44.97 15.45 -1.90
CA ASN D 354 45.13 14.14 -2.54
C ASN D 354 43.98 13.24 -2.11
N ARG D 355 43.04 13.01 -3.03
CA ARG D 355 41.88 12.18 -2.77
C ARG D 355 42.22 10.74 -3.14
N LYS D 356 42.35 9.88 -2.14
CA LYS D 356 42.69 8.47 -2.33
C LYS D 356 41.41 7.66 -2.39
N ARG D 357 41.13 7.07 -3.54
CA ARG D 357 39.94 6.25 -3.71
C ARG D 357 40.19 4.87 -3.12
N ILE D 358 39.37 4.48 -2.15
CA ILE D 358 39.51 3.22 -1.43
C ILE D 358 38.35 2.31 -1.79
N SER D 359 38.67 1.09 -2.22
CA SER D 359 37.65 0.13 -2.62
C SER D 359 38.21 -1.28 -2.49
N ASN D 360 37.29 -2.26 -2.53
CA ASN D 360 37.59 -3.70 -2.58
C ASN D 360 38.37 -4.17 -1.34
N CYS D 361 38.01 -3.62 -0.19
CA CYS D 361 38.64 -4.00 1.08
C CYS D 361 37.68 -3.66 2.21
N VAL D 362 38.01 -4.12 3.41
CA VAL D 362 37.29 -3.76 4.62
C VAL D 362 38.21 -2.94 5.50
N ALA D 363 37.61 -2.13 6.38
CA ALA D 363 38.42 -1.22 7.20
C ALA D 363 37.72 -1.02 8.54
N ASP D 364 38.38 -1.42 9.62
CA ASP D 364 37.87 -1.22 10.98
C ASP D 364 38.35 0.14 11.47
N TYR D 365 37.46 1.11 11.50
CA TYR D 365 37.79 2.45 11.97
C TYR D 365 37.63 2.61 13.47
N SER D 366 37.22 1.57 14.18
CA SER D 366 37.07 1.65 15.63
C SER D 366 38.40 1.55 16.36
N VAL D 367 39.44 0.99 15.73
CA VAL D 367 40.73 0.87 16.39
C VAL D 367 41.46 2.20 16.38
N LEU D 368 41.07 3.13 15.50
CA LEU D 368 41.68 4.45 15.50
C LEU D 368 41.16 5.31 16.64
N TYR D 369 39.98 4.98 17.17
CA TYR D 369 39.44 5.73 18.31
C TYR D 369 40.18 5.39 19.59
N ASN D 370 40.70 4.16 19.71
CA ASN D 370 41.44 3.72 20.88
C ASN D 370 42.93 3.61 20.60
N SER D 371 43.43 4.29 19.57
CA SER D 371 44.85 4.22 19.24
C SER D 371 45.68 5.25 20.02
N ALA D 372 45.03 6.28 20.58
CA ALA D 372 45.64 7.36 21.37
C ALA D 372 46.74 8.09 20.60
N SER D 373 46.53 8.27 19.29
CA SER D 373 47.48 8.97 18.43
C SER D 373 46.78 10.03 17.58
N PHE D 374 45.81 10.72 18.16
CA PHE D 374 45.05 11.73 17.44
C PHE D 374 44.85 12.94 18.33
N SER D 375 44.41 14.03 17.72
CA SER D 375 44.10 15.27 18.43
C SER D 375 42.61 15.56 18.51
N THR D 376 41.87 15.33 17.43
CA THR D 376 40.43 15.56 17.41
C THR D 376 39.75 14.37 16.73
N PHE D 377 38.75 13.82 17.40
CA PHE D 377 37.98 12.67 16.86
C PHE D 377 36.50 13.02 17.00
N LYS D 378 35.94 13.61 15.93
CA LYS D 378 34.54 14.01 15.93
C LYS D 378 33.90 13.57 14.62
N CYS D 379 32.97 12.64 14.70
CA CYS D 379 32.25 12.15 13.54
C CYS D 379 30.95 12.92 13.36
N TYR D 380 30.28 12.67 12.24
CA TYR D 380 29.04 13.36 11.89
C TYR D 380 27.99 12.33 11.49
N GLY D 381 26.94 12.21 12.31
CA GLY D 381 25.81 11.35 12.01
C GLY D 381 25.83 9.99 12.68
N VAL D 382 27.00 9.34 12.74
CA VAL D 382 27.13 8.01 13.30
C VAL D 382 28.33 7.95 14.23
N SER D 383 28.37 6.89 15.03
CA SER D 383 29.46 6.59 15.95
C SER D 383 30.52 5.76 15.23
N PRO D 384 31.79 5.87 15.65
CA PRO D 384 32.84 5.09 14.97
C PRO D 384 32.78 3.59 15.21
N THR D 385 32.01 3.13 16.20
CA THR D 385 31.87 1.70 16.44
C THR D 385 30.75 1.07 15.63
N LYS D 386 29.83 1.87 15.10
CA LYS D 386 28.68 1.34 14.37
C LYS D 386 28.79 1.48 12.86
N LEU D 387 29.73 2.30 12.37
CA LEU D 387 29.87 2.46 10.92
C LEU D 387 30.62 1.31 10.26
N ASN D 388 31.16 0.36 11.05
CA ASN D 388 31.84 -0.78 10.46
C ASN D 388 30.85 -1.76 9.83
N ASP D 389 29.61 -1.76 10.33
CA ASP D 389 28.57 -2.62 9.77
C ASP D 389 27.74 -1.84 8.75
N LEU D 390 28.44 -1.32 7.74
CA LEU D 390 27.81 -0.53 6.68
C LEU D 390 28.47 -0.87 5.36
N CYS D 391 27.77 -0.56 4.27
CA CYS D 391 28.27 -0.77 2.92
C CYS D 391 28.07 0.51 2.11
N PHE D 392 29.09 0.88 1.34
CA PHE D 392 29.05 2.07 0.50
C PHE D 392 29.68 1.76 -0.84
N THR D 393 29.48 2.68 -1.79
CA THR D 393 30.01 2.48 -3.14
C THR D 393 31.49 2.82 -3.21
N ASN D 394 31.86 4.06 -2.90
CA ASN D 394 33.23 4.51 -2.97
C ASN D 394 33.63 5.15 -1.65
N VAL D 395 34.86 4.86 -1.22
CA VAL D 395 35.42 5.40 0.02
C VAL D 395 36.58 6.31 -0.35
N TYR D 396 36.57 7.53 0.18
CA TYR D 396 37.60 8.52 -0.09
C TYR D 396 38.24 8.98 1.21
N ALA D 397 39.50 9.41 1.11
CA ALA D 397 40.27 9.90 2.26
C ALA D 397 40.94 11.20 1.83
N ASP D 398 40.29 12.32 2.15
CA ASP D 398 40.81 13.64 1.81
C ASP D 398 41.80 14.08 2.88
N SER D 399 43.05 14.27 2.50
CA SER D 399 44.11 14.66 3.42
C SER D 399 44.56 16.09 3.10
N PHE D 400 44.57 16.94 4.13
CA PHE D 400 45.00 18.32 3.97
C PHE D 400 45.51 18.82 5.32
N VAL D 401 46.20 19.96 5.28
CA VAL D 401 46.76 20.58 6.48
C VAL D 401 46.10 21.93 6.68
N ILE D 402 45.61 22.17 7.90
CA ILE D 402 45.00 23.44 8.28
C ILE D 402 45.56 23.83 9.65
N ARG D 403 45.11 24.96 10.17
CA ARG D 403 45.56 25.45 11.46
C ARG D 403 44.81 24.74 12.59
N GLY D 404 45.13 25.15 13.82
CA GLY D 404 44.49 24.53 14.98
C GLY D 404 43.05 24.98 15.17
N ASP D 405 42.78 26.27 14.94
CA ASP D 405 41.43 26.80 15.08
C ASP D 405 40.59 26.63 13.82
N GLU D 406 41.18 26.16 12.72
CA GLU D 406 40.46 25.98 11.47
C GLU D 406 39.81 24.60 11.34
N VAL D 407 39.89 23.76 12.39
CA VAL D 407 39.27 22.45 12.33
C VAL D 407 37.77 22.50 12.58
N ARG D 408 37.26 23.64 13.07
CA ARG D 408 35.83 23.74 13.34
C ARG D 408 35.02 23.92 12.07
N GLN D 409 35.64 24.46 11.00
CA GLN D 409 34.94 24.72 9.76
C GLN D 409 34.83 23.48 8.87
N ILE D 410 35.57 22.41 9.18
CA ILE D 410 35.50 21.17 8.40
C ILE D 410 34.31 20.39 8.93
N ALA D 411 33.14 20.65 8.35
CA ALA D 411 31.89 20.03 8.77
C ALA D 411 30.91 20.14 7.61
N PRO D 412 30.01 19.15 7.47
CA PRO D 412 28.98 19.25 6.43
C PRO D 412 27.95 20.32 6.77
N GLY D 413 27.69 21.19 5.80
CA GLY D 413 26.78 22.29 6.02
C GLY D 413 27.34 23.41 6.86
N GLN D 414 28.66 23.61 6.81
CA GLN D 414 29.33 24.64 7.60
C GLN D 414 29.86 25.73 6.67
N THR D 415 29.72 26.98 7.09
CA THR D 415 30.20 28.13 6.34
C THR D 415 31.62 28.50 6.76
N GLY D 416 32.23 29.39 5.99
CA GLY D 416 33.59 29.83 6.26
C GLY D 416 34.38 30.05 5.00
N LYS D 417 35.63 30.50 5.13
CA LYS D 417 36.47 30.73 3.97
C LYS D 417 37.01 29.42 3.40
N ILE D 418 37.56 28.56 4.28
CA ILE D 418 38.04 27.26 3.82
C ILE D 418 36.93 26.23 3.70
N ALA D 419 35.72 26.54 4.16
CA ALA D 419 34.61 25.62 4.09
C ALA D 419 33.75 25.84 2.85
N ASP D 420 33.79 27.03 2.26
CA ASP D 420 32.98 27.34 1.08
C ASP D 420 33.82 27.55 -0.18
N TYR D 421 35.01 28.15 -0.05
CA TYR D 421 35.84 28.46 -1.21
C TYR D 421 36.95 27.45 -1.44
N ASN D 422 37.24 26.58 -0.47
CA ASN D 422 38.32 25.62 -0.59
C ASN D 422 37.83 24.18 -0.64
N TYR D 423 37.06 23.75 0.36
CA TYR D 423 36.60 22.36 0.43
C TYR D 423 35.27 22.33 1.17
N LYS D 424 34.21 21.95 0.47
CA LYS D 424 32.88 21.87 1.05
C LYS D 424 32.45 20.40 1.12
N LEU D 425 32.10 19.95 2.32
CA LEU D 425 31.65 18.58 2.52
C LEU D 425 30.24 18.41 1.97
N PRO D 426 29.92 17.23 1.45
CA PRO D 426 28.56 17.01 0.94
C PRO D 426 27.54 16.87 2.07
N ASP D 427 26.28 17.06 1.72
CA ASP D 427 25.20 16.97 2.70
C ASP D 427 24.92 15.54 3.14
N ASP D 428 25.33 14.55 2.36
CA ASP D 428 25.15 13.14 2.70
C ASP D 428 26.38 12.55 3.38
N PHE D 429 27.12 13.36 4.14
CA PHE D 429 28.35 12.93 4.80
C PHE D 429 27.99 12.04 5.99
N THR D 430 28.24 10.73 5.84
CA THR D 430 27.98 9.76 6.89
C THR D 430 29.26 9.12 7.42
N GLY D 431 30.38 9.83 7.33
CA GLY D 431 31.65 9.29 7.78
C GLY D 431 32.16 9.92 9.06
N CYS D 432 33.45 10.27 9.08
CA CYS D 432 34.06 10.85 10.27
C CYS D 432 35.23 11.74 9.83
N VAL D 433 35.50 12.76 10.64
CA VAL D 433 36.61 13.68 10.41
C VAL D 433 37.56 13.60 11.60
N ILE D 434 38.82 13.27 11.32
CA ILE D 434 39.83 13.12 12.36
C ILE D 434 40.91 14.17 12.15
N ALA D 435 41.70 14.41 13.20
CA ALA D 435 42.76 15.40 13.14
C ALA D 435 43.87 14.98 14.09
N TRP D 436 45.10 15.37 13.75
CA TRP D 436 46.27 15.05 14.56
C TRP D 436 47.35 16.08 14.31
N ASN D 437 48.05 16.47 15.37
CA ASN D 437 49.10 17.47 15.26
C ASN D 437 50.35 16.88 14.61
N SER D 438 50.93 17.61 13.66
CA SER D 438 52.13 17.20 12.95
C SER D 438 53.15 18.33 12.91
N ASN D 439 53.41 18.93 14.07
CA ASN D 439 54.38 20.02 14.15
C ASN D 439 55.81 19.51 14.01
N ASN D 440 56.07 18.26 14.39
CA ASN D 440 57.40 17.68 14.30
C ASN D 440 57.62 16.89 13.02
N LEU D 441 56.63 16.84 12.12
CA LEU D 441 56.74 16.06 10.90
C LEU D 441 56.64 16.92 9.64
N ASP D 442 55.60 17.76 9.53
CA ASP D 442 55.37 18.52 8.32
C ASP D 442 56.06 19.87 8.31
N SER D 443 56.43 20.41 9.47
CA SER D 443 57.08 21.71 9.52
C SER D 443 58.55 21.60 9.10
N LYS D 444 59.14 22.75 8.82
CA LYS D 444 60.54 22.84 8.41
C LYS D 444 61.29 23.74 9.37
N VAL D 445 62.59 23.88 9.12
CA VAL D 445 63.44 24.73 9.95
C VAL D 445 63.17 26.19 9.58
N GLY D 446 62.70 26.96 10.57
CA GLY D 446 62.38 28.35 10.36
C GLY D 446 60.95 28.63 9.94
N GLY D 447 60.18 27.62 9.57
CA GLY D 447 58.79 27.83 9.18
C GLY D 447 58.52 27.26 7.80
N ASN D 448 57.47 26.45 7.71
CA ASN D 448 57.05 25.83 6.46
C ASN D 448 55.98 26.72 5.84
N TYR D 449 56.36 27.48 4.81
CA TYR D 449 55.46 28.40 4.13
C TYR D 449 55.14 27.95 2.71
N ASN D 450 55.16 26.64 2.47
CA ASN D 450 54.85 26.11 1.15
C ASN D 450 53.38 25.76 0.97
N TYR D 451 52.63 25.58 2.06
CA TYR D 451 51.22 25.27 1.96
C TYR D 451 50.42 26.53 1.65
N LEU D 452 49.46 26.41 0.73
CA LEU D 452 48.65 27.53 0.28
C LEU D 452 47.18 27.21 0.49
N TYR D 453 46.37 28.27 0.56
CA TYR D 453 44.92 28.12 0.65
C TYR D 453 44.25 29.28 -0.06
N ARG D 454 43.11 29.00 -0.66
CA ARG D 454 42.36 30.01 -1.42
C ARG D 454 41.64 30.93 -0.44
N LEU D 455 41.93 32.24 -0.53
CA LEU D 455 41.30 33.19 0.38
C LEU D 455 39.87 33.51 -0.06
N PHE D 456 39.66 33.69 -1.36
CA PHE D 456 38.34 34.05 -1.87
C PHE D 456 38.18 33.51 -3.28
N ARG D 457 36.93 33.45 -3.72
CA ARG D 457 36.59 33.00 -5.07
C ARG D 457 35.48 33.87 -5.62
N LYS D 458 35.25 33.76 -6.93
CA LYS D 458 34.18 34.53 -7.57
C LYS D 458 32.81 34.01 -7.13
N SER D 459 32.67 32.70 -6.99
CA SER D 459 31.40 32.11 -6.56
C SER D 459 31.71 31.00 -5.57
N ASN D 460 30.68 30.61 -4.81
CA ASN D 460 30.82 29.54 -3.84
C ASN D 460 30.86 28.19 -4.53
N LEU D 461 31.72 27.30 -4.02
CA LEU D 461 31.87 25.98 -4.61
C LEU D 461 30.72 25.06 -4.21
N LYS D 462 30.42 24.12 -5.09
CA LYS D 462 29.42 23.09 -4.82
C LYS D 462 29.97 22.08 -3.83
N PRO D 463 29.09 21.37 -3.10
CA PRO D 463 29.56 20.29 -2.23
C PRO D 463 30.16 19.14 -3.04
N PHE D 464 31.25 18.58 -2.49
CA PHE D 464 32.04 17.50 -3.12
C PHE D 464 32.55 17.91 -4.49
N GLU D 465 33.38 18.96 -4.50
CA GLU D 465 33.94 19.50 -5.73
C GLU D 465 35.31 20.09 -5.42
N ARG D 466 36.26 19.84 -6.31
CA ARG D 466 37.63 20.33 -6.18
C ARG D 466 37.91 21.38 -7.25
N ASP D 467 38.50 22.50 -6.84
CA ASP D 467 38.85 23.59 -7.74
C ASP D 467 40.28 24.01 -7.45
N ILE D 468 41.16 23.86 -8.44
CA ILE D 468 42.57 24.21 -8.29
C ILE D 468 42.95 25.39 -9.19
N SER D 469 41.97 26.19 -9.62
CA SER D 469 42.25 27.32 -10.48
C SER D 469 42.88 28.46 -9.70
N THR D 470 43.83 29.14 -10.33
CA THR D 470 44.54 30.27 -9.73
C THR D 470 44.18 31.60 -10.39
N GLU D 471 42.91 31.77 -10.74
CA GLU D 471 42.47 33.01 -11.39
C GLU D 471 42.40 34.14 -10.37
N ILE D 472 43.16 35.19 -10.61
CA ILE D 472 43.21 36.33 -9.70
C ILE D 472 42.11 37.32 -10.06
N TYR D 473 41.29 37.68 -9.06
CA TYR D 473 40.20 38.62 -9.24
C TYR D 473 40.55 39.95 -8.60
N GLN D 474 40.07 41.03 -9.19
CA GLN D 474 40.38 42.37 -8.74
C GLN D 474 39.47 42.78 -7.58
N ALA D 475 39.93 43.75 -6.81
CA ALA D 475 39.16 44.29 -5.69
C ALA D 475 38.47 45.59 -6.05
N GLY D 476 39.09 46.43 -6.87
CA GLY D 476 38.52 47.69 -7.29
C GLY D 476 37.77 47.56 -8.60
N SER D 477 37.76 48.66 -9.36
CA SER D 477 37.07 48.71 -10.64
C SER D 477 37.98 48.34 -11.81
N THR D 478 39.29 48.59 -11.70
CA THR D 478 40.21 48.32 -12.78
C THR D 478 40.85 46.95 -12.57
N PRO D 479 40.61 45.97 -13.45
CA PRO D 479 41.25 44.67 -13.28
C PRO D 479 42.70 44.69 -13.73
N CYS D 480 43.52 43.86 -13.08
CA CYS D 480 44.94 43.77 -13.42
C CYS D 480 45.23 42.79 -14.55
N ASN D 481 44.40 41.75 -14.68
CA ASN D 481 44.43 40.78 -15.78
C ASN D 481 45.78 40.06 -15.86
N GLY D 482 46.03 39.24 -14.84
CA GLY D 482 47.31 38.55 -14.77
C GLY D 482 48.22 39.00 -13.65
N VAL D 483 49.20 39.85 -13.99
CA VAL D 483 50.20 40.31 -13.03
C VAL D 483 49.54 41.13 -11.93
N GLU D 484 49.79 40.74 -10.68
CA GLU D 484 49.13 41.34 -9.53
C GLU D 484 49.65 42.76 -9.29
N GLY D 485 48.73 43.68 -9.06
CA GLY D 485 49.05 45.06 -8.79
C GLY D 485 47.89 45.97 -9.15
N PHE D 486 47.95 47.21 -8.65
CA PHE D 486 46.96 48.26 -8.85
C PHE D 486 45.57 47.82 -8.38
N ASN D 487 45.47 47.59 -7.07
CA ASN D 487 44.26 47.15 -6.36
C ASN D 487 43.73 45.83 -6.93
N CYS D 488 44.57 44.80 -6.83
CA CYS D 488 44.23 43.46 -7.32
C CYS D 488 44.59 42.46 -6.21
N TYR D 489 43.57 41.88 -5.59
CA TYR D 489 43.82 40.94 -4.51
C TYR D 489 44.18 39.56 -5.07
N PHE D 490 45.21 38.95 -4.49
CA PHE D 490 45.60 37.61 -4.89
C PHE D 490 44.74 36.59 -4.17
N PRO D 491 44.20 35.58 -4.86
CA PRO D 491 43.26 34.67 -4.18
C PRO D 491 43.92 33.65 -3.28
N LEU D 492 45.22 33.40 -3.43
CA LEU D 492 45.91 32.39 -2.66
C LEU D 492 46.75 33.04 -1.56
N GLN D 493 46.70 32.44 -0.37
CA GLN D 493 47.44 32.91 0.79
C GLN D 493 48.32 31.79 1.32
N SER D 494 49.55 32.15 1.72
CA SER D 494 50.50 31.18 2.22
C SER D 494 50.22 30.85 3.69
N TYR D 495 50.41 29.59 4.05
CA TYR D 495 50.23 29.15 5.43
C TYR D 495 51.50 29.40 6.23
N GLY D 496 51.33 29.83 7.48
CA GLY D 496 52.44 29.99 8.39
C GLY D 496 52.52 28.86 9.40
N PHE D 497 53.45 27.94 9.19
CA PHE D 497 53.61 26.76 10.05
C PHE D 497 54.99 26.83 10.72
N GLN D 498 55.03 27.48 11.89
CA GLN D 498 56.25 27.61 12.68
C GLN D 498 56.32 26.52 13.74
N PRO D 499 57.52 26.00 14.03
CA PRO D 499 57.63 24.96 15.07
C PRO D 499 57.42 25.47 16.48
N THR D 500 57.67 26.75 16.75
CA THR D 500 57.46 27.34 18.07
C THR D 500 56.18 28.18 18.12
N ASN D 501 55.17 27.82 17.33
CA ASN D 501 53.94 28.59 17.27
C ASN D 501 52.97 28.13 18.36
N GLY D 502 51.81 28.79 18.42
CA GLY D 502 50.80 28.43 19.39
C GLY D 502 50.02 27.19 19.00
N VAL D 503 49.10 26.80 19.88
CA VAL D 503 48.32 25.58 19.66
C VAL D 503 47.26 25.79 18.58
N GLY D 504 46.86 27.03 18.34
CA GLY D 504 45.89 27.36 17.32
C GLY D 504 46.46 27.68 15.96
N TYR D 505 47.77 27.53 15.77
CA TYR D 505 48.42 27.83 14.51
C TYR D 505 49.37 26.76 14.01
N GLN D 506 49.54 25.65 14.75
CA GLN D 506 50.42 24.58 14.32
C GLN D 506 49.79 23.83 13.15
N PRO D 507 50.61 23.19 12.31
CA PRO D 507 50.06 22.33 11.25
C PRO D 507 49.43 21.08 11.83
N TYR D 508 48.20 20.79 11.38
CA TYR D 508 47.43 19.64 11.83
C TYR D 508 47.10 18.75 10.64
N ARG D 509 47.35 17.45 10.77
CA ARG D 509 47.01 16.50 9.73
C ARG D 509 45.55 16.09 9.88
N VAL D 510 44.71 16.57 8.97
CA VAL D 510 43.27 16.29 9.01
C VAL D 510 42.92 15.34 7.87
N VAL D 511 42.32 14.21 8.22
CA VAL D 511 41.89 13.21 7.25
C VAL D 511 40.37 13.11 7.32
N VAL D 512 39.71 13.27 6.17
CA VAL D 512 38.26 13.27 6.08
C VAL D 512 37.83 11.96 5.43
N LEU D 513 37.08 11.15 6.18
CA LEU D 513 36.55 9.89 5.68
C LEU D 513 35.18 10.15 5.08
N SER D 514 35.12 10.24 3.75
CA SER D 514 33.89 10.57 3.05
C SER D 514 33.33 9.35 2.34
N PHE D 515 32.00 9.31 2.22
CA PHE D 515 31.30 8.24 1.52
C PHE D 515 30.29 8.85 0.56
N GLU D 516 29.91 8.06 -0.44
CA GLU D 516 28.93 8.49 -1.42
C GLU D 516 28.20 7.28 -1.98
N LEU D 517 27.07 7.53 -2.63
CA LEU D 517 26.26 6.49 -3.24
C LEU D 517 26.04 6.84 -4.70
N LEU D 518 26.27 5.87 -5.58
CA LEU D 518 26.15 6.05 -7.03
C LEU D 518 25.21 4.97 -7.59
N HIS D 519 25.18 4.87 -8.91
CA HIS D 519 24.36 3.86 -9.57
C HIS D 519 24.94 2.45 -9.38
N ALA D 520 26.23 2.35 -9.10
CA ALA D 520 26.84 1.06 -8.82
C ALA D 520 26.37 0.56 -7.45
N PRO D 521 26.21 -0.76 -7.27
CA PRO D 521 25.79 -1.28 -5.97
C PRO D 521 26.89 -1.15 -4.93
N ALA D 522 26.47 -1.04 -3.67
CA ALA D 522 27.38 -0.86 -2.55
C ALA D 522 28.01 -2.20 -2.22
N THR D 523 29.14 -2.50 -2.87
CA THR D 523 29.87 -3.73 -2.63
C THR D 523 31.00 -3.57 -1.63
N VAL D 524 31.49 -2.35 -1.43
CA VAL D 524 32.57 -2.08 -0.47
C VAL D 524 31.93 -1.95 0.91
N CYS D 525 32.05 -3.00 1.72
CA CYS D 525 31.51 -3.03 3.07
C CYS D 525 32.66 -2.99 4.08
N GLY D 526 32.30 -3.11 5.36
CA GLY D 526 33.28 -3.10 6.41
C GLY D 526 33.53 -4.47 6.99
N PRO D 527 34.33 -4.53 8.07
CA PRO D 527 34.67 -5.83 8.65
C PRO D 527 33.59 -6.34 9.58
N LYS D 528 33.63 -7.66 9.82
CA LYS D 528 32.67 -8.34 10.68
C LYS D 528 33.35 -8.81 11.95
N LYS D 529 32.61 -9.60 12.73
CA LYS D 529 33.10 -10.12 14.01
C LYS D 529 33.87 -11.42 13.77
N SER D 530 34.17 -12.13 14.85
CA SER D 530 34.92 -13.38 14.76
C SER D 530 34.03 -14.51 14.26
N THR D 531 34.66 -15.64 13.97
CA THR D 531 34.00 -16.82 13.44
C THR D 531 34.06 -17.98 14.44
N ASN D 532 32.97 -18.74 14.49
CA ASN D 532 32.88 -19.92 15.34
C ASN D 532 32.31 -21.08 14.54
N LEU D 533 32.56 -22.30 15.01
CA LEU D 533 32.09 -23.49 14.31
C LEU D 533 31.90 -24.60 15.34
N VAL D 534 30.63 -24.90 15.66
CA VAL D 534 30.29 -25.99 16.56
C VAL D 534 29.34 -26.92 15.82
N LYS D 535 29.71 -28.20 15.75
CA LYS D 535 28.94 -29.19 15.01
C LYS D 535 28.01 -29.96 15.95
N ASN D 536 27.04 -30.64 15.33
CA ASN D 536 26.08 -31.55 15.99
C ASN D 536 25.25 -30.84 17.06
N LYS D 537 24.90 -29.58 16.79
CA LYS D 537 24.06 -28.80 17.69
C LYS D 537 23.11 -27.95 16.88
N CYS D 538 21.86 -27.82 17.36
CA CYS D 538 20.86 -27.02 16.68
C CYS D 538 21.06 -25.56 17.04
N VAL D 539 21.80 -24.83 16.21
CA VAL D 539 22.08 -23.42 16.43
C VAL D 539 21.59 -22.64 15.21
N ASN D 540 20.86 -21.56 15.46
CA ASN D 540 20.45 -20.64 14.40
C ASN D 540 21.67 -19.91 13.86
N PHE D 541 21.96 -20.11 12.58
CA PHE D 541 23.16 -19.57 11.96
C PHE D 541 22.82 -18.35 11.09
N ASN D 542 23.85 -17.57 10.78
CA ASN D 542 23.74 -16.42 9.88
C ASN D 542 25.01 -16.40 9.04
N PHE D 543 24.97 -17.05 7.88
CA PHE D 543 26.12 -17.14 7.00
C PHE D 543 26.08 -16.03 5.96
N ASN D 544 26.99 -16.13 4.98
CA ASN D 544 27.06 -15.09 3.95
C ASN D 544 25.99 -15.29 2.89
N GLY D 545 25.59 -16.54 2.63
CA GLY D 545 24.64 -16.80 1.56
C GLY D 545 23.32 -17.40 2.01
N LEU D 546 23.32 -18.07 3.17
CA LEU D 546 22.11 -18.74 3.66
C LEU D 546 21.94 -18.47 5.14
N THR D 547 20.71 -18.12 5.52
CA THR D 547 20.36 -17.87 6.92
C THR D 547 19.24 -18.80 7.34
N GLY D 548 19.23 -19.16 8.61
CA GLY D 548 18.20 -20.03 9.15
C GLY D 548 18.71 -20.76 10.38
N THR D 549 18.08 -21.89 10.66
CA THR D 549 18.42 -22.71 11.81
C THR D 549 18.62 -24.15 11.36
N GLY D 550 19.74 -24.74 11.74
CA GLY D 550 20.03 -26.11 11.34
C GLY D 550 21.15 -26.70 12.16
N VAL D 551 21.51 -27.93 11.80
CA VAL D 551 22.56 -28.68 12.48
C VAL D 551 23.68 -28.94 11.48
N LEU D 552 24.90 -28.55 11.84
CA LEU D 552 26.06 -28.72 10.98
C LEU D 552 26.63 -30.13 11.18
N THR D 553 26.44 -31.00 10.19
CA THR D 553 26.95 -32.35 10.21
C THR D 553 27.93 -32.56 9.07
N GLU D 554 28.75 -33.60 9.21
CA GLU D 554 29.76 -33.94 8.22
C GLU D 554 29.24 -35.03 7.28
N SER D 555 29.45 -34.83 5.99
CA SER D 555 29.01 -35.79 4.98
C SER D 555 29.97 -35.72 3.80
N ASN D 556 29.75 -36.58 2.81
CA ASN D 556 30.58 -36.65 1.62
C ASN D 556 29.97 -35.92 0.42
N LYS D 557 29.12 -34.93 0.68
CA LYS D 557 28.50 -34.19 -0.41
C LYS D 557 29.47 -33.18 -1.02
N LYS D 558 29.38 -33.01 -2.34
CA LYS D 558 30.21 -32.06 -3.05
C LYS D 558 29.53 -30.71 -3.15
N PHE D 559 30.30 -29.69 -3.52
CA PHE D 559 29.79 -28.33 -3.61
C PHE D 559 30.68 -27.54 -4.57
N LEU D 560 30.05 -26.71 -5.40
CA LEU D 560 30.78 -25.88 -6.35
C LEU D 560 31.31 -24.63 -5.66
N PRO D 561 32.62 -24.37 -5.71
CA PRO D 561 33.17 -23.20 -4.98
C PRO D 561 32.79 -21.86 -5.58
N PHE D 562 32.26 -21.82 -6.80
CA PHE D 562 31.82 -20.58 -7.42
C PHE D 562 30.43 -20.15 -6.98
N GLN D 563 29.77 -20.92 -6.12
CA GLN D 563 28.43 -20.61 -5.65
C GLN D 563 28.47 -20.36 -4.14
N GLN D 564 27.35 -19.86 -3.61
CA GLN D 564 27.26 -19.48 -2.20
C GLN D 564 26.58 -20.55 -1.36
N PHE D 565 25.35 -20.90 -1.69
CA PHE D 565 24.57 -21.86 -0.90
C PHE D 565 23.89 -22.85 -1.84
N GLY D 566 23.31 -23.89 -1.24
CA GLY D 566 22.64 -24.93 -1.99
C GLY D 566 21.21 -25.14 -1.49
N ARG D 567 20.42 -25.81 -2.33
CA ARG D 567 19.04 -26.13 -2.02
C ARG D 567 18.78 -27.60 -2.36
N ASP D 568 17.68 -28.11 -1.82
CA ASP D 568 17.29 -29.50 -2.02
C ASP D 568 16.21 -29.58 -3.09
N ILE D 569 15.53 -30.73 -3.18
CA ILE D 569 14.44 -30.89 -4.13
C ILE D 569 13.24 -30.05 -3.71
N ALA D 570 13.01 -29.95 -2.40
CA ALA D 570 11.91 -29.17 -1.85
C ALA D 570 12.32 -27.76 -1.47
N ASP D 571 13.44 -27.26 -2.02
CA ASP D 571 13.98 -25.92 -1.79
C ASP D 571 14.26 -25.64 -0.31
N THR D 572 14.76 -26.65 0.40
CA THR D 572 15.08 -26.50 1.82
C THR D 572 16.57 -26.21 2.00
N THR D 573 16.99 -26.14 3.26
CA THR D 573 18.39 -25.89 3.57
C THR D 573 19.21 -27.15 3.33
N ASP D 574 20.05 -27.12 2.29
CA ASP D 574 20.90 -28.23 1.93
C ASP D 574 22.32 -27.96 2.43
N ALA D 575 23.26 -28.81 2.00
CA ALA D 575 24.66 -28.65 2.39
C ALA D 575 25.27 -27.45 1.67
N VAL D 576 25.95 -26.60 2.45
CA VAL D 576 26.60 -25.41 1.92
C VAL D 576 28.09 -25.50 2.21
N ARG D 577 28.84 -24.57 1.62
CA ARG D 577 30.28 -24.52 1.82
C ARG D 577 30.63 -23.53 2.93
N ASP D 578 31.87 -23.59 3.36
CA ASP D 578 32.36 -22.65 4.35
C ASP D 578 32.64 -21.31 3.67
N PRO D 579 32.15 -20.19 4.22
CA PRO D 579 32.56 -18.88 3.69
C PRO D 579 34.02 -18.55 3.93
N GLN D 580 34.64 -19.21 4.92
CA GLN D 580 36.09 -19.20 5.12
C GLN D 580 36.77 -20.18 4.18
N THR D 581 37.99 -20.60 4.53
CA THR D 581 38.69 -21.68 3.83
C THR D 581 37.82 -22.93 3.74
N LEU D 582 37.88 -23.58 2.58
CA LEU D 582 36.87 -24.55 2.12
C LEU D 582 36.71 -25.77 3.02
N GLU D 583 35.53 -25.90 3.61
CA GLU D 583 35.15 -27.07 4.40
C GLU D 583 33.65 -27.28 4.23
N ILE D 584 33.27 -28.43 3.69
CA ILE D 584 31.89 -28.73 3.33
C ILE D 584 31.19 -29.32 4.54
N LEU D 585 30.12 -28.67 4.99
CA LEU D 585 29.30 -29.14 6.11
C LEU D 585 27.86 -29.28 5.64
N ASP D 586 27.18 -30.31 6.15
CA ASP D 586 25.82 -30.61 5.77
C ASP D 586 24.86 -29.98 6.78
N ILE D 587 23.97 -29.12 6.29
CA ILE D 587 22.97 -28.48 7.14
C ILE D 587 21.83 -29.47 7.33
N THR D 588 21.73 -30.05 8.51
CA THR D 588 20.70 -30.99 8.94
C THR D 588 19.60 -30.24 9.69
N PRO D 589 18.32 -30.51 9.38
CA PRO D 589 17.23 -29.93 10.16
C PRO D 589 17.23 -30.42 11.60
N CYS D 590 16.79 -29.56 12.51
CA CYS D 590 16.86 -29.84 13.94
C CYS D 590 15.83 -30.88 14.34
N SER D 591 16.09 -31.53 15.47
CA SER D 591 15.17 -32.53 16.00
C SER D 591 13.92 -31.85 16.58
N PHE D 592 12.76 -32.19 16.02
CA PHE D 592 11.50 -31.62 16.44
C PHE D 592 10.50 -32.73 16.71
N GLY D 593 9.67 -32.54 17.71
CA GLY D 593 8.65 -33.51 18.06
C GLY D 593 7.56 -32.88 18.88
N GLY D 594 7.00 -33.67 19.79
CA GLY D 594 5.93 -33.19 20.66
C GLY D 594 6.06 -33.82 22.03
N VAL D 595 5.55 -33.10 23.03
CA VAL D 595 5.60 -33.57 24.42
C VAL D 595 4.38 -34.45 24.62
N SER D 596 4.54 -35.75 24.36
CA SER D 596 3.48 -36.72 24.56
C SER D 596 3.53 -37.25 25.98
N VAL D 597 2.37 -37.30 26.64
CA VAL D 597 2.28 -37.76 28.01
C VAL D 597 1.73 -39.19 28.02
N ILE D 598 2.52 -40.11 28.59
CA ILE D 598 2.11 -41.50 28.74
C ILE D 598 1.55 -41.65 30.15
N THR D 599 0.23 -41.81 30.25
CA THR D 599 -0.43 -41.87 31.54
C THR D 599 -1.70 -42.69 31.42
N PRO D 600 -2.08 -43.42 32.47
CA PRO D 600 -3.39 -44.09 32.47
C PRO D 600 -4.53 -43.14 32.80
N GLY D 601 -5.72 -43.69 33.01
CA GLY D 601 -6.88 -42.88 33.34
C GLY D 601 -6.78 -42.26 34.73
N THR D 602 -7.73 -41.35 34.99
CA THR D 602 -7.72 -40.61 36.26
C THR D 602 -8.13 -41.52 37.42
N ASN D 603 -9.04 -42.46 37.17
CA ASN D 603 -9.48 -43.38 38.22
C ASN D 603 -8.44 -44.45 38.54
N THR D 604 -7.44 -44.65 37.69
CA THR D 604 -6.43 -45.67 37.93
C THR D 604 -5.26 -45.14 38.75
N SER D 605 -4.52 -44.17 38.20
CA SER D 605 -3.35 -43.63 38.88
C SER D 605 -3.05 -42.25 38.31
N ASN D 606 -2.12 -41.55 38.95
CA ASN D 606 -1.70 -40.23 38.53
C ASN D 606 -0.25 -40.21 38.04
N GLN D 607 0.35 -41.37 37.85
CA GLN D 607 1.73 -41.43 37.37
C GLN D 607 1.78 -41.17 35.87
N VAL D 608 2.70 -40.28 35.46
CA VAL D 608 2.85 -39.90 34.06
C VAL D 608 4.25 -40.25 33.59
N ALA D 609 4.44 -40.20 32.28
CA ALA D 609 5.73 -40.44 31.65
C ALA D 609 5.89 -39.50 30.47
N VAL D 610 7.04 -38.86 30.37
CA VAL D 610 7.30 -37.88 29.32
C VAL D 610 7.85 -38.61 28.09
N LEU D 611 7.23 -38.35 26.94
CA LEU D 611 7.62 -38.98 25.68
C LEU D 611 7.84 -37.88 24.64
N TYR D 612 9.02 -37.88 24.03
CA TYR D 612 9.36 -36.95 22.96
C TYR D 612 9.31 -37.71 21.65
N GLN D 613 8.56 -37.18 20.68
CA GLN D 613 8.29 -37.92 19.45
C GLN D 613 9.41 -37.72 18.43
N ASP D 614 9.85 -38.83 17.82
CA ASP D 614 10.71 -38.86 16.63
C ASP D 614 12.10 -38.26 16.87
N VAL D 615 12.54 -38.18 18.13
CA VAL D 615 13.87 -37.70 18.46
C VAL D 615 14.56 -38.75 19.31
N ASN D 616 15.86 -38.57 19.51
CA ASN D 616 16.64 -39.42 20.38
C ASN D 616 16.71 -38.84 21.80
N CYS D 617 17.37 -39.56 22.69
CA CYS D 617 17.54 -39.07 24.05
C CYS D 617 18.74 -38.15 24.19
N THR D 618 19.56 -38.02 23.14
CA THR D 618 20.74 -37.16 23.22
C THR D 618 20.40 -35.69 23.15
N GLU D 619 19.22 -35.34 22.65
CA GLU D 619 18.84 -33.92 22.55
C GLU D 619 18.46 -33.34 23.91
N VAL D 620 18.03 -34.19 24.84
CA VAL D 620 17.65 -33.73 26.17
C VAL D 620 18.89 -33.44 27.01
N ASN D 641 14.64 -44.88 33.99
CA ASN D 641 13.53 -44.14 33.41
C ASN D 641 13.79 -43.83 31.94
N VAL D 642 15.04 -43.49 31.63
CA VAL D 642 15.40 -43.14 30.26
C VAL D 642 15.53 -44.41 29.44
N PHE D 643 14.76 -44.50 28.35
CA PHE D 643 14.80 -45.66 27.46
C PHE D 643 14.46 -45.20 26.05
N GLN D 644 15.32 -45.55 25.10
CA GLN D 644 15.13 -45.14 23.71
C GLN D 644 14.25 -46.15 22.99
N THR D 645 13.15 -45.67 22.43
CA THR D 645 12.22 -46.48 21.65
C THR D 645 12.32 -46.11 20.17
N ARG D 646 11.62 -46.88 19.34
CA ARG D 646 11.59 -46.59 17.91
C ARG D 646 10.74 -45.36 17.60
N ALA D 647 9.73 -45.09 18.44
CA ALA D 647 8.92 -43.90 18.23
C ALA D 647 9.62 -42.64 18.73
N GLY D 648 10.46 -42.77 19.75
CA GLY D 648 11.17 -41.62 20.27
C GLY D 648 11.80 -41.95 21.62
N CYS D 649 12.21 -40.89 22.31
CA CYS D 649 12.83 -41.03 23.63
C CYS D 649 11.73 -41.05 24.69
N LEU D 650 11.65 -42.15 25.44
CA LEU D 650 10.66 -42.32 26.50
C LEU D 650 11.37 -42.22 27.84
N ILE D 651 10.94 -41.26 28.65
CA ILE D 651 11.53 -41.00 29.97
C ILE D 651 10.45 -41.19 31.01
N GLY D 652 10.62 -42.19 31.88
CA GLY D 652 9.67 -42.43 32.95
C GLY D 652 8.98 -43.77 32.88
N ALA D 653 9.65 -44.76 32.29
CA ALA D 653 9.09 -46.10 32.16
C ALA D 653 10.22 -47.12 32.17
N GLU D 654 9.95 -48.26 32.82
CA GLU D 654 10.91 -49.36 32.90
C GLU D 654 10.53 -50.40 31.84
N HIS D 655 11.46 -50.69 30.93
CA HIS D 655 11.18 -51.61 29.84
C HIS D 655 11.19 -53.05 30.35
N VAL D 656 10.16 -53.81 29.97
CA VAL D 656 10.02 -55.21 30.32
C VAL D 656 10.14 -56.04 29.04
N ASN D 657 10.93 -57.11 29.10
CA ASN D 657 11.13 -57.96 27.92
C ASN D 657 9.88 -58.76 27.58
N ASN D 658 9.04 -59.02 28.58
CA ASN D 658 7.81 -59.77 28.33
C ASN D 658 6.79 -58.90 27.63
N SER D 659 6.15 -59.45 26.60
CA SER D 659 5.16 -58.73 25.82
C SER D 659 3.76 -58.94 26.37
N TYR D 660 2.93 -57.91 26.26
CA TYR D 660 1.55 -57.95 26.74
C TYR D 660 0.65 -57.33 25.67
N GLU D 661 -0.64 -57.23 25.99
CA GLU D 661 -1.59 -56.60 25.09
C GLU D 661 -1.46 -55.08 25.14
N CYS D 662 -1.80 -54.43 24.04
CA CYS D 662 -1.65 -52.98 23.91
C CYS D 662 -2.74 -52.28 24.70
N ASP D 663 -2.34 -51.49 25.71
CA ASP D 663 -3.27 -50.70 26.50
C ASP D 663 -3.10 -49.20 26.25
N ILE D 664 -1.89 -48.68 26.38
CA ILE D 664 -1.59 -47.29 26.07
C ILE D 664 -0.59 -47.27 24.93
N PRO D 665 -1.00 -46.91 23.70
CA PRO D 665 -0.08 -47.00 22.56
C PRO D 665 0.96 -45.88 22.56
N ILE D 666 2.18 -46.24 22.16
CA ILE D 666 3.29 -45.30 22.06
C ILE D 666 3.63 -45.00 20.60
N GLY D 667 3.87 -46.02 19.81
CA GLY D 667 4.19 -45.86 18.40
C GLY D 667 5.19 -46.91 17.95
N ALA D 668 5.15 -47.20 16.64
CA ALA D 668 6.02 -48.16 15.96
C ALA D 668 5.94 -49.56 16.58
N GLY D 669 4.73 -50.02 16.84
CA GLY D 669 4.54 -51.34 17.41
C GLY D 669 4.88 -51.46 18.88
N ILE D 670 4.95 -50.34 19.60
CA ILE D 670 5.26 -50.32 21.03
C ILE D 670 4.08 -49.70 21.76
N CYS D 671 3.64 -50.35 22.83
CA CYS D 671 2.58 -49.83 23.67
C CYS D 671 3.05 -49.81 25.12
N ALA D 672 2.17 -49.37 26.02
CA ALA D 672 2.48 -49.26 27.44
C ALA D 672 1.28 -49.66 28.26
N SER D 673 1.53 -49.98 29.53
CA SER D 673 0.48 -50.36 30.46
C SER D 673 0.93 -50.04 31.87
N TYR D 674 -0.05 -49.96 32.78
CA TYR D 674 0.19 -49.67 34.19
C TYR D 674 -0.15 -50.92 35.00
N GLN D 675 0.87 -51.70 35.36
CA GLN D 675 0.68 -52.91 36.14
C GLN D 675 1.97 -53.20 36.88
N THR D 676 2.01 -54.34 37.56
CA THR D 676 3.19 -54.76 38.31
C THR D 676 4.29 -55.25 37.37
N SER D 689 3.74 -50.72 43.87
CA SER D 689 4.36 -51.78 43.07
C SER D 689 4.07 -51.59 41.58
N GLN D 690 2.87 -51.09 41.28
CA GLN D 690 2.48 -50.87 39.90
C GLN D 690 3.16 -49.62 39.33
N SER D 691 3.59 -49.72 38.09
CA SER D 691 4.28 -48.62 37.43
C SER D 691 4.09 -48.75 35.92
N ILE D 692 4.36 -47.66 35.21
CA ILE D 692 4.24 -47.65 33.77
C ILE D 692 5.41 -48.41 33.15
N ILE D 693 5.10 -49.42 32.34
CA ILE D 693 6.10 -50.27 31.74
C ILE D 693 6.03 -50.11 30.21
N ALA D 694 7.12 -50.52 29.56
CA ALA D 694 7.23 -50.49 28.11
C ALA D 694 7.44 -51.89 27.58
N TYR D 695 6.74 -52.23 26.50
CA TYR D 695 6.81 -53.56 25.93
C TYR D 695 6.38 -53.50 24.47
N THR D 696 6.67 -54.57 23.74
CA THR D 696 6.29 -54.67 22.35
C THR D 696 4.82 -55.08 22.24
N MET D 697 4.10 -54.44 21.31
CA MET D 697 2.69 -54.74 21.12
C MET D 697 2.51 -56.10 20.47
N SER D 698 1.70 -56.95 21.11
CA SER D 698 1.40 -58.28 20.60
C SER D 698 0.04 -58.24 19.91
N LEU D 699 -0.06 -58.91 18.76
CA LEU D 699 -1.30 -58.94 17.99
C LEU D 699 -2.31 -59.93 18.54
N GLY D 700 -1.92 -60.78 19.48
CA GLY D 700 -2.83 -61.75 20.06
C GLY D 700 -2.21 -63.13 20.22
N ALA D 701 -2.94 -64.05 20.82
CA ALA D 701 -2.45 -65.41 21.02
C ALA D 701 -2.52 -66.18 19.71
N GLU D 702 -1.60 -67.15 19.58
CA GLU D 702 -1.55 -67.97 18.38
C GLU D 702 -2.53 -69.14 18.49
N ASN D 703 -2.88 -69.69 17.33
CA ASN D 703 -3.82 -70.81 17.25
C ASN D 703 -3.22 -71.85 16.31
N SER D 704 -2.64 -72.90 16.89
CA SER D 704 -2.06 -73.99 16.11
C SER D 704 -3.17 -74.98 15.78
N VAL D 705 -3.91 -74.68 14.72
CA VAL D 705 -5.02 -75.53 14.29
C VAL D 705 -4.46 -76.75 13.57
N ALA D 706 -4.85 -77.94 14.04
CA ALA D 706 -4.40 -79.17 13.41
C ALA D 706 -5.11 -79.37 12.08
N TYR D 707 -4.37 -79.89 11.10
CA TYR D 707 -4.91 -80.08 9.75
C TYR D 707 -4.36 -81.38 9.17
N SER D 708 -5.26 -82.15 8.57
CA SER D 708 -4.89 -83.39 7.88
C SER D 708 -5.94 -83.66 6.81
N ASN D 709 -5.68 -84.71 6.04
CA ASN D 709 -6.58 -85.10 4.95
C ASN D 709 -7.66 -86.10 5.41
N ASN D 710 -7.75 -86.38 6.70
CA ASN D 710 -8.74 -87.33 7.22
C ASN D 710 -9.37 -86.84 8.51
N SER D 711 -9.46 -85.52 8.69
CA SER D 711 -10.06 -84.95 9.89
C SER D 711 -10.84 -83.71 9.53
N ILE D 712 -11.88 -83.43 10.33
CA ILE D 712 -12.74 -82.26 10.12
C ILE D 712 -13.22 -81.82 11.48
N ALA D 713 -13.62 -80.55 11.58
CA ALA D 713 -14.12 -79.99 12.83
C ALA D 713 -15.59 -79.65 12.68
N ILE D 714 -16.45 -80.37 13.39
CA ILE D 714 -17.88 -80.16 13.33
C ILE D 714 -18.35 -79.58 14.67
N PRO D 715 -19.09 -78.48 14.67
CA PRO D 715 -19.57 -77.93 15.95
C PRO D 715 -20.66 -78.79 16.57
N THR D 716 -20.56 -78.98 17.88
CA THR D 716 -21.54 -79.77 18.62
C THR D 716 -22.53 -78.92 19.40
N ASN D 717 -22.24 -77.64 19.62
CA ASN D 717 -23.13 -76.76 20.35
C ASN D 717 -22.99 -75.36 19.79
N PHE D 718 -24.01 -74.54 20.01
CA PHE D 718 -24.03 -73.18 19.51
C PHE D 718 -24.75 -72.28 20.52
N THR D 719 -24.65 -70.98 20.28
CA THR D 719 -25.28 -69.99 21.15
C THR D 719 -25.69 -68.79 20.29
N ILE D 720 -26.99 -68.49 20.29
CA ILE D 720 -27.49 -67.36 19.52
C ILE D 720 -27.11 -66.07 20.23
N SER D 721 -26.37 -65.21 19.53
CA SER D 721 -25.91 -63.94 20.09
C SER D 721 -26.45 -62.79 19.25
N VAL D 722 -26.60 -61.64 19.88
CA VAL D 722 -27.09 -60.42 19.24
C VAL D 722 -25.95 -59.41 19.19
N THR D 723 -25.59 -58.99 17.98
CA THR D 723 -24.53 -58.02 17.77
C THR D 723 -25.15 -56.65 17.53
N THR D 724 -24.76 -55.68 18.36
CA THR D 724 -25.29 -54.32 18.29
C THR D 724 -24.34 -53.45 17.50
N GLU D 725 -24.83 -52.86 16.40
CA GLU D 725 -24.07 -51.95 15.57
C GLU D 725 -24.76 -50.60 15.54
N ILE D 726 -24.00 -49.54 15.79
CA ILE D 726 -24.53 -48.19 15.88
C ILE D 726 -23.98 -47.38 14.71
N LEU D 727 -24.88 -46.83 13.90
CA LEU D 727 -24.52 -46.01 12.76
C LEU D 727 -25.27 -44.68 12.83
N PRO D 728 -24.58 -43.55 12.73
CA PRO D 728 -25.27 -42.26 12.78
C PRO D 728 -25.96 -41.93 11.46
N VAL D 729 -27.09 -41.24 11.55
CA VAL D 729 -27.90 -40.88 10.40
C VAL D 729 -28.06 -39.37 10.27
N SER D 730 -28.59 -38.72 11.30
CA SER D 730 -28.92 -37.30 11.26
C SER D 730 -27.96 -36.50 12.13
N MET D 731 -28.04 -35.19 11.98
CA MET D 731 -27.26 -34.24 12.76
C MET D 731 -28.17 -33.19 13.36
N THR D 732 -27.57 -32.29 14.15
CA THR D 732 -28.30 -31.17 14.72
C THR D 732 -28.47 -30.08 13.67
N LYS D 733 -29.72 -29.77 13.33
CA LYS D 733 -30.03 -28.79 12.29
C LYS D 733 -29.83 -27.39 12.86
N THR D 734 -28.64 -26.83 12.64
CA THR D 734 -28.32 -25.47 13.05
C THR D 734 -27.80 -24.71 11.84
N SER D 735 -28.63 -23.84 11.28
CA SER D 735 -28.31 -23.08 10.08
C SER D 735 -27.64 -21.76 10.51
N VAL D 736 -26.35 -21.63 10.23
CA VAL D 736 -25.61 -20.42 10.56
C VAL D 736 -25.80 -19.41 9.43
N ASP D 737 -26.34 -18.24 9.78
CA ASP D 737 -26.59 -17.20 8.79
C ASP D 737 -25.28 -16.53 8.39
N CYS D 738 -25.14 -16.23 7.10
CA CYS D 738 -23.93 -15.58 6.61
C CYS D 738 -23.88 -14.11 7.03
N THR D 739 -25.04 -13.46 7.07
CA THR D 739 -25.08 -12.02 7.35
C THR D 739 -24.94 -11.74 8.85
N MET D 740 -25.68 -12.48 9.67
CA MET D 740 -25.72 -12.19 11.11
C MET D 740 -24.43 -12.59 11.81
N TYR D 741 -23.68 -13.54 11.25
CA TYR D 741 -22.42 -13.96 11.86
C TYR D 741 -21.32 -12.94 11.60
N ILE D 742 -21.17 -12.51 10.35
CA ILE D 742 -20.12 -11.56 10.00
C ILE D 742 -20.51 -10.15 10.46
N CYS D 743 -21.76 -9.75 10.21
CA CYS D 743 -22.25 -8.42 10.54
C CYS D 743 -23.44 -8.56 11.48
N GLY D 744 -23.16 -8.60 12.78
CA GLY D 744 -24.23 -8.70 13.76
C GLY D 744 -24.96 -7.39 13.95
N ASP D 745 -26.17 -7.30 13.39
CA ASP D 745 -27.07 -6.15 13.48
C ASP D 745 -26.41 -4.86 12.99
N SER D 746 -26.08 -4.87 11.69
CA SER D 746 -25.42 -3.72 11.07
C SER D 746 -25.78 -3.69 9.59
N THR D 747 -26.16 -2.52 9.10
CA THR D 747 -26.51 -2.35 7.69
C THR D 747 -25.34 -1.85 6.85
N GLU D 748 -24.46 -1.02 7.44
CA GLU D 748 -23.30 -0.55 6.70
C GLU D 748 -22.25 -1.64 6.54
N CYS D 749 -22.24 -2.63 7.44
CA CYS D 749 -21.33 -3.75 7.31
C CYS D 749 -21.74 -4.66 6.17
N SER D 750 -23.05 -4.80 5.93
CA SER D 750 -23.54 -5.66 4.86
C SER D 750 -23.39 -5.04 3.48
N ASN D 751 -23.13 -3.73 3.41
CA ASN D 751 -22.91 -3.10 2.12
C ASN D 751 -21.58 -3.51 1.51
N LEU D 752 -20.58 -3.81 2.35
CA LEU D 752 -19.31 -4.30 1.84
C LEU D 752 -19.38 -5.78 1.49
N LEU D 753 -20.35 -6.51 2.04
CA LEU D 753 -20.53 -7.91 1.68
C LEU D 753 -21.08 -8.06 0.27
N LEU D 754 -21.82 -7.05 -0.21
CA LEU D 754 -22.31 -7.08 -1.58
C LEU D 754 -21.21 -6.82 -2.61
N GLN D 755 -20.09 -6.25 -2.19
CA GLN D 755 -18.96 -6.04 -3.09
C GLN D 755 -18.25 -7.34 -3.43
N TYR D 756 -18.38 -8.38 -2.61
CA TYR D 756 -17.79 -9.68 -2.88
C TYR D 756 -18.68 -10.57 -3.73
N GLY D 757 -19.87 -10.10 -4.10
CA GLY D 757 -20.75 -10.85 -4.98
C GLY D 757 -21.63 -11.80 -4.18
N SER D 758 -21.66 -13.06 -4.60
CA SER D 758 -22.52 -14.07 -4.01
C SER D 758 -21.80 -14.98 -3.02
N PHE D 759 -20.80 -14.45 -2.31
CA PHE D 759 -20.11 -15.26 -1.31
C PHE D 759 -20.97 -15.51 -0.08
N CYS D 760 -21.91 -14.62 0.21
CA CYS D 760 -22.81 -14.81 1.35
C CYS D 760 -23.87 -15.86 1.03
N THR D 761 -24.41 -15.83 -0.19
CA THR D 761 -25.50 -16.74 -0.54
C THR D 761 -25.02 -18.16 -0.77
N GLN D 762 -23.76 -18.34 -1.20
CA GLN D 762 -23.24 -19.69 -1.42
C GLN D 762 -23.01 -20.41 -0.09
N LEU D 763 -22.72 -19.66 0.98
CA LEU D 763 -22.60 -20.27 2.28
C LEU D 763 -23.96 -20.57 2.90
N ASN D 764 -24.97 -19.77 2.55
CA ASN D 764 -26.32 -20.01 3.06
C ASN D 764 -26.99 -21.18 2.35
N ARG D 765 -26.73 -21.33 1.05
CA ARG D 765 -27.32 -22.46 0.32
C ARG D 765 -26.65 -23.77 0.68
N ALA D 766 -25.38 -23.71 1.08
CA ALA D 766 -24.66 -24.94 1.44
C ALA D 766 -25.07 -25.43 2.82
N LEU D 767 -25.25 -24.51 3.77
CA LEU D 767 -25.62 -24.90 5.12
C LEU D 767 -27.08 -25.34 5.21
N THR D 768 -27.97 -24.63 4.48
CA THR D 768 -29.36 -25.08 4.41
C THR D 768 -29.50 -26.32 3.53
N GLY D 769 -28.56 -26.53 2.60
CA GLY D 769 -28.58 -27.75 1.81
C GLY D 769 -28.17 -28.97 2.62
N ILE D 770 -27.40 -28.76 3.69
CA ILE D 770 -27.06 -29.85 4.60
C ILE D 770 -28.30 -30.26 5.40
N ALA D 771 -29.05 -29.28 5.92
CA ALA D 771 -30.18 -29.55 6.79
C ALA D 771 -31.34 -30.22 6.03
N VAL D 772 -31.42 -30.01 4.71
CA VAL D 772 -32.35 -30.78 3.90
C VAL D 772 -31.87 -32.22 3.78
N GLU D 773 -30.55 -32.41 3.60
CA GLU D 773 -30.00 -33.76 3.46
C GLU D 773 -30.01 -34.52 4.78
N GLN D 774 -30.01 -33.80 5.91
CA GLN D 774 -30.18 -34.47 7.19
C GLN D 774 -31.60 -34.99 7.37
N ASP D 775 -32.57 -34.28 6.79
CA ASP D 775 -33.94 -34.79 6.77
C ASP D 775 -34.13 -35.84 5.69
N LYS D 776 -33.35 -35.75 4.61
CA LYS D 776 -33.42 -36.76 3.56
C LYS D 776 -32.78 -38.07 3.98
N ASN D 777 -31.80 -38.02 4.90
CA ASN D 777 -31.21 -39.24 5.43
C ASN D 777 -32.18 -39.98 6.33
N THR D 778 -33.09 -39.25 6.97
CA THR D 778 -34.14 -39.88 7.76
C THR D 778 -35.17 -40.57 6.86
N GLN D 779 -35.42 -40.01 5.67
CA GLN D 779 -36.39 -40.60 4.76
C GLN D 779 -35.81 -41.79 4.01
N GLU D 780 -34.49 -41.78 3.75
CA GLU D 780 -33.88 -42.88 3.03
C GLU D 780 -33.71 -44.12 3.90
N VAL D 781 -33.62 -43.95 5.21
CA VAL D 781 -33.41 -45.07 6.13
C VAL D 781 -34.74 -45.52 6.71
N PHE D 782 -35.42 -44.64 7.43
CA PHE D 782 -36.61 -45.04 8.18
C PHE D 782 -37.83 -45.14 7.29
N ALA D 783 -38.06 -44.15 6.43
CA ALA D 783 -39.25 -44.11 5.58
C ALA D 783 -39.05 -45.03 4.38
N GLN D 784 -39.25 -46.33 4.62
CA GLN D 784 -39.16 -47.33 3.57
C GLN D 784 -40.43 -48.15 3.42
N VAL D 785 -41.43 -47.96 4.29
CA VAL D 785 -42.69 -48.68 4.20
C VAL D 785 -43.81 -47.68 3.92
N LYS D 786 -44.91 -48.20 3.38
CA LYS D 786 -46.03 -47.34 3.03
C LYS D 786 -47.00 -47.20 4.19
N GLN D 787 -47.46 -48.32 4.74
CA GLN D 787 -48.43 -48.32 5.83
C GLN D 787 -47.76 -48.72 7.14
N ILE D 788 -48.36 -48.27 8.24
CA ILE D 788 -47.88 -48.60 9.58
C ILE D 788 -48.46 -49.94 9.99
N TYR D 789 -47.58 -50.89 10.31
CA TYR D 789 -48.01 -52.23 10.69
C TYR D 789 -48.22 -52.32 12.19
N LYS D 790 -49.22 -53.09 12.59
CA LYS D 790 -49.59 -53.25 13.99
C LYS D 790 -49.35 -54.69 14.43
N THR D 791 -48.97 -54.85 15.69
CA THR D 791 -48.74 -56.18 16.25
C THR D 791 -50.06 -56.91 16.46
N PRO D 792 -50.22 -58.11 15.94
CA PRO D 792 -51.47 -58.86 16.14
C PRO D 792 -51.57 -59.37 17.57
N PRO D 793 -52.79 -59.59 18.08
CA PRO D 793 -52.92 -60.09 19.45
C PRO D 793 -52.50 -61.54 19.64
N ILE D 794 -52.40 -62.32 18.57
CA ILE D 794 -51.94 -63.70 18.66
C ILE D 794 -50.43 -63.68 18.83
N LYS D 795 -49.96 -63.97 20.04
CA LYS D 795 -48.54 -63.92 20.37
C LYS D 795 -47.88 -65.29 20.28
N ASP D 796 -48.41 -66.20 19.46
CA ASP D 796 -47.84 -67.53 19.31
C ASP D 796 -46.77 -67.49 18.21
N PHE D 797 -45.61 -66.95 18.58
CA PHE D 797 -44.47 -66.85 17.67
C PHE D 797 -43.43 -67.93 17.94
N GLY D 798 -43.79 -68.98 18.67
CA GLY D 798 -42.85 -70.05 18.95
C GLY D 798 -42.05 -69.91 20.21
N GLY D 799 -42.57 -69.20 21.21
CA GLY D 799 -41.87 -69.02 22.47
C GLY D 799 -40.83 -67.93 22.48
N PHE D 800 -40.74 -67.14 21.40
CA PHE D 800 -39.77 -66.06 21.32
C PHE D 800 -40.37 -64.81 21.94
N ASN D 801 -39.68 -64.25 22.94
CA ASN D 801 -40.16 -63.06 23.65
C ASN D 801 -39.63 -61.82 22.94
N PHE D 802 -40.54 -60.95 22.51
CA PHE D 802 -40.18 -59.69 21.85
C PHE D 802 -40.61 -58.47 22.67
N SER D 803 -40.71 -58.61 23.99
CA SER D 803 -41.23 -57.52 24.82
C SER D 803 -40.20 -56.40 25.00
N GLN D 804 -38.92 -56.69 24.76
CA GLN D 804 -37.88 -55.68 24.96
C GLN D 804 -37.67 -54.80 23.74
N ILE D 805 -38.06 -55.27 22.55
CA ILE D 805 -37.85 -54.49 21.33
C ILE D 805 -39.16 -53.83 20.91
N LEU D 806 -40.29 -54.38 21.36
CA LEU D 806 -41.58 -53.75 21.07
C LEU D 806 -41.76 -52.50 21.93
N PRO D 807 -42.39 -51.46 21.39
CA PRO D 807 -42.54 -50.22 22.14
C PRO D 807 -43.51 -50.36 23.30
N ASP D 808 -43.34 -49.50 24.29
CA ASP D 808 -44.11 -49.57 25.54
C ASP D 808 -45.54 -49.09 25.29
N PRO D 809 -46.55 -49.94 25.53
CA PRO D 809 -47.94 -49.47 25.34
C PRO D 809 -48.43 -48.55 26.45
N SER D 810 -47.72 -48.48 27.58
CA SER D 810 -48.14 -47.61 28.67
C SER D 810 -47.84 -46.15 28.35
N LYS D 811 -46.57 -45.84 28.11
CA LYS D 811 -46.16 -44.48 27.77
C LYS D 811 -46.23 -44.25 26.27
N SER D 813 -42.80 -41.18 25.34
CA SER D 813 -42.65 -41.48 23.93
C SER D 813 -42.89 -42.97 23.66
N LYS D 814 -43.49 -43.27 22.51
CA LYS D 814 -43.77 -44.65 22.11
C LYS D 814 -42.47 -45.30 21.64
N ARG D 815 -41.72 -45.83 22.61
CA ARG D 815 -40.44 -46.46 22.33
C ARG D 815 -40.24 -47.64 23.27
N SER D 816 -39.33 -48.52 22.90
CA SER D 816 -39.08 -49.73 23.68
C SER D 816 -38.15 -49.41 24.86
N PHE D 817 -37.86 -50.45 25.65
CA PHE D 817 -36.93 -50.29 26.77
C PHE D 817 -35.50 -50.15 26.26
N ILE D 818 -35.18 -50.77 25.12
CA ILE D 818 -33.86 -50.60 24.52
C ILE D 818 -33.74 -49.22 23.90
N GLU D 819 -34.83 -48.74 23.27
CA GLU D 819 -34.81 -47.43 22.63
C GLU D 819 -34.84 -46.31 23.66
N ASP D 820 -35.33 -46.59 24.87
CA ASP D 820 -35.34 -45.59 25.92
C ASP D 820 -33.94 -45.31 26.44
N LEU D 821 -33.08 -46.35 26.43
CA LEU D 821 -31.70 -46.16 26.90
C LEU D 821 -30.85 -45.46 25.85
N LEU D 822 -31.28 -45.47 24.59
CA LEU D 822 -30.52 -44.79 23.54
C LEU D 822 -30.63 -43.27 23.65
N PHE D 823 -31.79 -42.78 24.08
CA PHE D 823 -31.97 -41.33 24.24
C PHE D 823 -31.39 -40.82 25.54
N ASN D 824 -31.19 -41.71 26.53
CA ASN D 824 -30.67 -41.27 27.83
C ASN D 824 -29.16 -41.14 27.82
N LYS D 825 -28.46 -42.01 27.10
CA LYS D 825 -27.00 -41.97 27.06
C LYS D 825 -26.45 -40.89 26.13
N VAL D 826 -27.27 -40.33 25.25
CA VAL D 826 -26.86 -39.26 24.36
C VAL D 826 -27.75 -38.06 24.61
N THR D 827 -27.17 -36.99 25.15
CA THR D 827 -27.93 -35.78 25.47
C THR D 827 -27.42 -34.60 24.65
N LYS D 854 -25.78 -18.68 20.52
CA LYS D 854 -27.16 -19.12 20.56
C LYS D 854 -28.06 -18.18 19.77
N PHE D 855 -27.62 -16.93 19.63
CA PHE D 855 -28.39 -15.92 18.91
C PHE D 855 -27.51 -15.09 17.99
N ASN D 856 -26.31 -15.57 17.69
CA ASN D 856 -25.36 -14.89 16.81
C ASN D 856 -25.41 -15.44 15.39
N GLY D 857 -26.59 -15.86 14.95
CA GLY D 857 -26.77 -16.48 13.65
C GLY D 857 -27.05 -17.96 13.70
N LEU D 858 -26.91 -18.59 14.87
CA LEU D 858 -27.16 -20.02 15.03
C LEU D 858 -28.66 -20.23 15.11
N THR D 859 -29.29 -20.52 13.97
CA THR D 859 -30.73 -20.76 13.90
C THR D 859 -30.99 -22.24 14.12
N VAL D 860 -31.49 -22.59 15.30
CA VAL D 860 -31.79 -23.98 15.63
C VAL D 860 -33.17 -24.31 15.09
N LEU D 861 -33.21 -25.15 14.06
CA LEU D 861 -34.45 -25.53 13.43
C LEU D 861 -34.85 -26.96 13.79
N PRO D 862 -36.13 -27.21 14.02
CA PRO D 862 -36.57 -28.58 14.30
C PRO D 862 -36.57 -29.43 13.04
N PRO D 863 -36.36 -30.73 13.17
CA PRO D 863 -36.36 -31.60 11.98
C PRO D 863 -37.77 -31.82 11.45
N LEU D 864 -37.82 -32.29 10.20
CA LEU D 864 -39.10 -32.59 9.56
C LEU D 864 -39.74 -33.83 10.19
N LEU D 865 -38.94 -34.87 10.40
CA LEU D 865 -39.40 -36.09 11.07
C LEU D 865 -38.88 -36.06 12.50
N THR D 866 -39.79 -35.89 13.45
CA THR D 866 -39.43 -35.81 14.86
C THR D 866 -39.07 -37.20 15.40
N ASP D 867 -38.56 -37.21 16.64
CA ASP D 867 -38.11 -38.46 17.24
C ASP D 867 -39.27 -39.37 17.61
N GLU D 868 -40.48 -38.81 17.74
CA GLU D 868 -41.65 -39.64 17.98
C GLU D 868 -42.03 -40.42 16.73
N MET D 869 -41.98 -39.78 15.57
CA MET D 869 -42.36 -40.45 14.32
C MET D 869 -41.24 -41.34 13.80
N ILE D 870 -40.00 -41.13 14.25
CA ILE D 870 -38.90 -42.04 13.91
C ILE D 870 -39.11 -43.39 14.57
N ALA D 871 -39.55 -43.39 15.84
CA ALA D 871 -39.87 -44.63 16.52
C ALA D 871 -41.14 -45.27 15.96
N GLN D 872 -42.04 -44.47 15.39
CA GLN D 872 -43.22 -45.03 14.73
C GLN D 872 -42.85 -45.67 13.40
N TYR D 873 -41.78 -45.19 12.76
CA TYR D 873 -41.30 -45.85 11.54
C TYR D 873 -40.66 -47.19 11.87
N THR D 874 -39.93 -47.26 12.98
CA THR D 874 -39.32 -48.53 13.38
C THR D 874 -40.35 -49.50 13.94
N SER D 875 -41.47 -48.99 14.44
CA SER D 875 -42.51 -49.86 14.99
C SER D 875 -43.23 -50.61 13.87
N ALA D 876 -43.34 -50.00 12.69
CA ALA D 876 -43.89 -50.71 11.55
C ALA D 876 -42.90 -51.73 11.01
N LEU D 877 -41.60 -51.45 11.14
CA LEU D 877 -40.59 -52.41 10.71
C LEU D 877 -40.47 -53.56 11.70
N LEU D 878 -40.67 -53.30 12.99
CA LEU D 878 -40.62 -54.36 13.99
C LEU D 878 -41.85 -55.25 13.91
N ALA D 879 -43.01 -54.67 13.59
CA ALA D 879 -44.23 -55.47 13.45
C ALA D 879 -44.23 -56.24 12.15
N GLY D 880 -43.51 -55.74 11.13
CA GLY D 880 -43.49 -56.44 9.86
C GLY D 880 -42.49 -57.58 9.82
N THR D 881 -41.35 -57.42 10.52
CA THR D 881 -40.32 -58.45 10.50
C THR D 881 -40.71 -59.67 11.34
N ILE D 882 -41.43 -59.44 12.44
CA ILE D 882 -41.82 -60.55 13.31
C ILE D 882 -43.02 -61.30 12.74
N THR D 883 -44.05 -60.57 12.32
CA THR D 883 -45.29 -61.20 11.86
C THR D 883 -45.22 -61.60 10.38
N SER D 884 -44.97 -60.64 9.50
CA SER D 884 -44.95 -60.92 8.06
C SER D 884 -43.60 -61.40 7.55
N GLY D 885 -42.53 -61.15 8.29
CA GLY D 885 -41.21 -61.60 7.89
C GLY D 885 -40.50 -60.69 6.91
N TRP D 886 -40.34 -61.16 5.67
CA TRP D 886 -39.60 -60.43 4.64
C TRP D 886 -40.44 -60.13 3.41
N THR D 887 -41.73 -60.47 3.44
CA THR D 887 -42.60 -60.26 2.28
C THR D 887 -43.23 -58.88 2.26
N PHE D 888 -43.29 -58.19 3.41
CA PHE D 888 -43.92 -56.88 3.46
C PHE D 888 -43.06 -55.80 2.82
N GLY D 889 -41.75 -56.01 2.71
CA GLY D 889 -40.89 -55.03 2.08
C GLY D 889 -40.82 -55.15 0.57
N ALA D 890 -40.93 -56.38 0.05
CA ALA D 890 -40.84 -56.58 -1.39
C ALA D 890 -42.19 -56.39 -2.07
N GLY D 891 -43.27 -56.69 -1.37
CA GLY D 891 -44.60 -56.58 -1.94
C GLY D 891 -45.71 -56.47 -0.92
N ALA D 892 -46.81 -57.20 -1.14
CA ALA D 892 -47.92 -57.17 -0.20
C ALA D 892 -47.60 -57.95 1.05
N ALA D 893 -48.41 -57.74 2.09
CA ALA D 893 -48.20 -58.40 3.37
C ALA D 893 -48.64 -59.85 3.28
N LEU D 894 -47.68 -60.77 3.37
CA LEU D 894 -47.94 -62.21 3.35
C LEU D 894 -47.61 -62.74 4.75
N GLN D 895 -48.62 -63.26 5.43
CA GLN D 895 -48.43 -63.75 6.79
C GLN D 895 -47.70 -65.09 6.79
N ILE D 896 -46.54 -65.10 7.45
CA ILE D 896 -45.75 -66.33 7.60
C ILE D 896 -45.53 -66.60 9.08
N PRO D 897 -45.75 -67.84 9.51
CA PRO D 897 -45.48 -68.20 10.91
C PRO D 897 -43.99 -68.11 11.24
N PHE D 898 -43.70 -67.72 12.49
CA PHE D 898 -42.33 -67.44 12.89
C PHE D 898 -41.49 -68.72 12.99
N ALA D 899 -42.14 -69.87 13.18
CA ALA D 899 -41.41 -71.13 13.10
C ALA D 899 -41.00 -71.45 11.67
N MET D 900 -41.74 -70.93 10.68
CA MET D 900 -41.37 -71.11 9.29
C MET D 900 -40.57 -69.92 8.76
N GLN D 901 -40.57 -68.80 9.49
CA GLN D 901 -39.76 -67.65 9.08
C GLN D 901 -38.29 -67.89 9.34
N MET D 902 -37.96 -68.45 10.52
CA MET D 902 -36.56 -68.72 10.84
C MET D 902 -36.04 -69.97 10.14
N ALA D 903 -36.94 -70.79 9.57
CA ALA D 903 -36.51 -71.96 8.82
C ALA D 903 -35.88 -71.56 7.48
N TYR D 904 -36.44 -70.53 6.83
CA TYR D 904 -35.84 -70.04 5.60
C TYR D 904 -34.57 -69.25 5.89
N ARG D 905 -34.51 -68.59 7.05
CA ARG D 905 -33.30 -67.88 7.43
C ARG D 905 -32.18 -68.82 7.82
N PHE D 906 -32.54 -70.02 8.31
CA PHE D 906 -31.51 -71.03 8.59
C PHE D 906 -30.99 -71.66 7.31
N ASN D 907 -31.85 -71.76 6.28
CA ASN D 907 -31.42 -72.38 5.03
C ASN D 907 -30.50 -71.47 4.23
N GLY D 908 -30.50 -70.17 4.53
CA GLY D 908 -29.59 -69.26 3.86
C GLY D 908 -28.15 -69.34 4.35
N ILE D 909 -27.92 -69.95 5.52
CA ILE D 909 -26.59 -70.08 6.07
C ILE D 909 -26.16 -71.56 6.13
N GLY D 910 -26.93 -72.45 5.51
CA GLY D 910 -26.59 -73.85 5.46
C GLY D 910 -27.21 -74.72 6.54
N VAL D 911 -27.94 -74.13 7.48
CA VAL D 911 -28.57 -74.90 8.55
C VAL D 911 -29.86 -75.50 8.03
N THR D 912 -30.03 -76.80 8.22
CA THR D 912 -31.26 -77.46 7.79
C THR D 912 -32.41 -77.11 8.72
N GLN D 913 -33.63 -77.18 8.18
CA GLN D 913 -34.79 -76.72 8.91
C GLN D 913 -35.31 -77.74 9.91
N ASN D 914 -34.78 -78.97 9.92
CA ASN D 914 -35.24 -79.96 10.87
C ASN D 914 -34.70 -79.73 12.27
N VAL D 915 -33.61 -78.98 12.41
CA VAL D 915 -33.06 -78.69 13.73
C VAL D 915 -33.94 -77.67 14.45
N LEU D 916 -34.56 -76.76 13.70
CA LEU D 916 -35.39 -75.72 14.31
C LEU D 916 -36.73 -76.31 14.77
N TYR D 917 -37.29 -77.23 14.01
CA TYR D 917 -38.60 -77.77 14.34
C TYR D 917 -38.54 -78.72 15.53
N GLU D 918 -37.44 -79.45 15.67
CA GLU D 918 -37.29 -80.38 16.78
C GLU D 918 -36.77 -79.71 18.05
N ASN D 919 -36.28 -78.47 17.95
CA ASN D 919 -35.71 -77.74 19.07
C ASN D 919 -36.28 -76.32 19.11
N GLN D 920 -37.61 -76.21 19.11
CA GLN D 920 -38.25 -74.91 19.16
C GLN D 920 -38.04 -74.21 20.51
N LYS D 921 -37.86 -74.98 21.59
CA LYS D 921 -37.65 -74.38 22.90
C LYS D 921 -36.20 -73.98 23.10
N LEU D 922 -35.27 -74.65 22.42
CA LEU D 922 -33.86 -74.35 22.62
C LEU D 922 -33.46 -73.06 21.90
N ILE D 923 -34.05 -72.79 20.73
CA ILE D 923 -33.76 -71.56 20.02
C ILE D 923 -34.44 -70.38 20.72
N ALA D 924 -35.61 -70.62 21.31
CA ALA D 924 -36.34 -69.55 21.99
C ALA D 924 -35.66 -69.18 23.31
N ASN D 925 -35.03 -70.15 23.98
CA ASN D 925 -34.33 -69.85 25.22
C ASN D 925 -33.01 -69.12 24.96
N GLN D 926 -32.33 -69.47 23.87
CA GLN D 926 -31.09 -68.78 23.52
C GLN D 926 -31.36 -67.38 22.96
N PHE D 927 -32.55 -67.16 22.40
CA PHE D 927 -32.88 -65.84 21.89
C PHE D 927 -33.23 -64.88 23.01
N ASN D 928 -34.04 -65.33 23.98
CA ASN D 928 -34.48 -64.46 25.06
C ASN D 928 -33.34 -64.17 26.04
N SER D 929 -32.38 -65.09 26.14
CA SER D 929 -31.19 -64.83 26.95
C SER D 929 -30.27 -63.84 26.27
N ALA D 930 -30.30 -63.79 24.95
CA ALA D 930 -29.42 -62.87 24.21
C ALA D 930 -29.96 -61.45 24.24
N ILE D 931 -31.28 -61.28 24.21
CA ILE D 931 -31.88 -59.95 24.26
C ILE D 931 -31.69 -59.32 25.64
N GLY D 932 -31.73 -60.15 26.70
CA GLY D 932 -31.51 -59.63 28.05
C GLY D 932 -30.08 -59.18 28.29
N LYS D 933 -29.13 -59.72 27.52
CA LYS D 933 -27.75 -59.26 27.62
C LYS D 933 -27.57 -57.91 26.94
N ILE D 934 -28.39 -57.61 25.93
CA ILE D 934 -28.32 -56.30 25.28
C ILE D 934 -28.87 -55.22 26.19
N GLN D 935 -29.90 -55.55 26.98
CA GLN D 935 -30.47 -54.58 27.92
C GLN D 935 -29.51 -54.26 29.06
N ASP D 936 -28.76 -55.26 29.51
CA ASP D 936 -27.82 -55.04 30.60
C ASP D 936 -26.54 -54.35 30.14
N SER D 937 -26.07 -54.64 28.92
CA SER D 937 -24.83 -54.06 28.44
C SER D 937 -25.02 -52.61 28.00
N LEU D 938 -26.24 -52.26 27.57
CA LEU D 938 -26.50 -50.89 27.12
C LEU D 938 -26.61 -49.94 28.29
N SER D 939 -27.21 -50.39 29.39
CA SER D 939 -27.33 -49.56 30.59
C SER D 939 -26.10 -49.63 31.48
N SER D 940 -25.09 -50.42 31.12
CA SER D 940 -23.90 -50.53 31.95
C SER D 940 -22.98 -49.34 31.78
N THR D 941 -22.80 -48.88 30.54
CA THR D 941 -21.93 -47.74 30.26
C THR D 941 -22.43 -47.01 29.02
N ALA D 942 -22.02 -45.75 28.91
CA ALA D 942 -22.39 -44.92 27.76
C ALA D 942 -21.36 -44.98 26.64
N SER D 943 -20.28 -45.75 26.81
CA SER D 943 -19.23 -45.84 25.79
C SER D 943 -19.62 -46.71 24.61
N ALA D 944 -20.71 -47.47 24.71
CA ALA D 944 -21.15 -48.29 23.59
C ALA D 944 -21.77 -47.45 22.49
N LEU D 945 -22.29 -46.27 22.84
CA LEU D 945 -22.90 -45.35 21.87
C LEU D 945 -21.94 -44.25 21.46
N GLY D 946 -20.65 -44.56 21.33
CA GLY D 946 -19.67 -43.55 20.97
C GLY D 946 -19.77 -43.09 19.53
N LYS D 947 -20.43 -43.89 18.67
CA LYS D 947 -20.64 -43.47 17.29
C LYS D 947 -21.62 -42.32 17.19
N LEU D 948 -22.61 -42.29 18.09
CA LEU D 948 -23.56 -41.17 18.12
C LEU D 948 -23.02 -39.98 18.90
N GLN D 949 -22.19 -40.23 19.93
CA GLN D 949 -21.68 -39.13 20.75
C GLN D 949 -20.58 -38.36 20.02
N ASP D 950 -19.90 -38.99 19.05
CA ASP D 950 -18.86 -38.29 18.31
C ASP D 950 -19.47 -37.29 17.33
N VAL D 951 -20.68 -37.56 16.84
CA VAL D 951 -21.32 -36.64 15.90
C VAL D 951 -21.85 -35.41 16.63
N VAL D 952 -22.39 -35.61 17.85
CA VAL D 952 -22.91 -34.49 18.62
C VAL D 952 -21.77 -33.62 19.14
N ASN D 953 -20.66 -34.23 19.56
CA ASN D 953 -19.52 -33.46 20.06
C ASN D 953 -18.79 -32.74 18.94
N GLN D 954 -18.91 -33.24 17.70
CA GLN D 954 -18.27 -32.55 16.57
C GLN D 954 -19.04 -31.30 16.18
N ASN D 955 -20.38 -31.38 16.17
CA ASN D 955 -21.19 -30.22 15.79
C ASN D 955 -21.24 -29.19 16.91
N ALA D 956 -21.04 -29.62 18.16
CA ALA D 956 -21.06 -28.68 19.28
C ALA D 956 -19.76 -27.91 19.36
N GLN D 957 -18.62 -28.59 19.22
CA GLN D 957 -17.32 -27.93 19.33
C GLN D 957 -17.02 -27.07 18.12
N ALA D 958 -17.61 -27.39 16.96
CA ALA D 958 -17.44 -26.54 15.79
C ALA D 958 -18.22 -25.25 15.94
N LEU D 959 -19.37 -25.30 16.58
CA LEU D 959 -20.15 -24.09 16.83
C LEU D 959 -19.57 -23.29 17.99
N ASN D 960 -18.96 -23.97 18.96
CA ASN D 960 -18.33 -23.26 20.08
C ASN D 960 -17.06 -22.55 19.63
N THR D 961 -16.33 -23.15 18.69
CA THR D 961 -15.17 -22.48 18.12
C THR D 961 -15.58 -21.35 17.19
N LEU D 962 -16.76 -21.45 16.60
CA LEU D 962 -17.22 -20.41 15.67
C LEU D 962 -17.67 -19.16 16.41
N VAL D 963 -18.33 -19.33 17.56
CA VAL D 963 -18.78 -18.19 18.35
C VAL D 963 -17.59 -17.51 19.03
N LYS D 964 -16.65 -18.29 19.55
CA LYS D 964 -15.46 -17.73 20.19
C LYS D 964 -14.49 -17.12 19.19
N GLN D 965 -14.65 -17.40 17.89
CA GLN D 965 -13.82 -16.76 16.88
C GLN D 965 -14.21 -15.30 16.66
N LEU D 966 -15.40 -14.89 17.07
CA LEU D 966 -15.82 -13.50 16.95
C LEU D 966 -15.09 -12.59 17.92
N SER D 967 -14.48 -13.14 18.98
CA SER D 967 -13.72 -12.33 19.91
C SER D 967 -12.36 -11.91 19.35
N SER D 968 -11.91 -12.53 18.26
CA SER D 968 -10.64 -12.17 17.65
C SER D 968 -10.81 -10.95 16.77
N ASN D 969 -9.69 -10.23 16.57
CA ASN D 969 -9.71 -8.98 15.81
C ASN D 969 -9.38 -9.17 14.33
N PHE D 970 -8.69 -10.27 13.98
CA PHE D 970 -8.28 -10.60 12.61
C PHE D 970 -7.44 -9.50 11.96
N GLY D 971 -6.58 -8.87 12.76
CA GLY D 971 -5.71 -7.81 12.28
C GLY D 971 -6.33 -6.42 12.26
N ALA D 972 -7.61 -6.29 12.62
CA ALA D 972 -8.24 -4.99 12.63
C ALA D 972 -7.90 -4.23 13.92
N ILE D 973 -8.44 -3.01 14.03
CA ILE D 973 -8.17 -2.19 15.20
C ILE D 973 -9.01 -2.65 16.39
N SER D 974 -10.11 -3.34 16.14
CA SER D 974 -10.98 -3.81 17.22
C SER D 974 -11.74 -5.04 16.76
N SER D 975 -12.10 -5.88 17.73
CA SER D 975 -12.87 -7.08 17.43
C SER D 975 -14.37 -6.81 17.40
N VAL D 976 -14.83 -5.79 18.10
CA VAL D 976 -16.26 -5.44 18.12
C VAL D 976 -16.58 -4.65 16.87
N LEU D 977 -17.68 -5.03 16.21
CA LEU D 977 -18.08 -4.35 14.98
C LEU D 977 -18.63 -2.95 15.28
N ASN D 978 -19.32 -2.80 16.40
CA ASN D 978 -19.87 -1.49 16.76
C ASN D 978 -18.81 -0.53 17.27
N ASP D 979 -17.62 -1.03 17.60
CA ASP D 979 -16.53 -0.18 18.09
C ASP D 979 -15.74 0.46 16.95
N ILE D 980 -16.08 0.17 15.70
CA ILE D 980 -15.37 0.71 14.55
C ILE D 980 -16.24 1.67 13.75
N LEU D 981 -17.48 1.29 13.48
CA LEU D 981 -18.36 2.11 12.64
C LEU D 981 -18.82 3.37 13.37
N SER D 982 -19.23 3.22 14.64
CA SER D 982 -19.72 4.35 15.41
C SER D 982 -18.61 5.20 16.00
N ARG D 983 -17.37 4.73 15.97
CA ARG D 983 -16.26 5.45 16.58
C ARG D 983 -15.37 6.12 15.53
N LEU D 984 -14.88 5.35 14.57
CA LEU D 984 -13.94 5.86 13.58
C LEU D 984 -14.67 6.60 12.45
N ASP D 985 -13.88 7.20 11.56
CA ASP D 985 -14.40 7.90 10.41
C ASP D 985 -14.93 6.88 9.39
N PRO D 986 -15.94 7.27 8.61
CA PRO D 986 -16.47 6.37 7.56
C PRO D 986 -15.48 6.06 6.45
N PRO D 987 -14.52 6.94 6.10
CA PRO D 987 -13.38 6.43 5.31
C PRO D 987 -12.48 5.46 6.08
N GLU D 988 -12.38 5.59 7.40
CA GLU D 988 -11.50 4.73 8.18
C GLU D 988 -12.19 3.46 8.68
N ALA D 989 -13.53 3.46 8.74
CA ALA D 989 -14.24 2.30 9.25
C ALA D 989 -14.31 1.19 8.22
N GLU D 990 -14.36 1.54 6.93
CA GLU D 990 -14.52 0.53 5.89
C GLU D 990 -13.26 -0.31 5.69
N VAL D 991 -12.11 0.19 6.13
CA VAL D 991 -10.88 -0.60 6.05
C VAL D 991 -10.81 -1.62 7.17
N GLN D 992 -11.20 -1.23 8.38
CA GLN D 992 -11.08 -2.12 9.52
C GLN D 992 -12.22 -3.13 9.56
N ILE D 993 -13.39 -2.77 9.02
CA ILE D 993 -14.50 -3.73 8.93
C ILE D 993 -14.17 -4.81 7.90
N ASP D 994 -13.52 -4.43 6.79
CA ASP D 994 -13.13 -5.39 5.77
C ASP D 994 -12.06 -6.36 6.28
N ARG D 995 -11.25 -5.94 7.26
CA ARG D 995 -10.36 -6.88 7.93
C ARG D 995 -11.15 -7.86 8.79
N LEU D 996 -12.24 -7.40 9.40
CA LEU D 996 -13.11 -8.30 10.13
C LEU D 996 -13.98 -9.13 9.19
N ILE D 997 -14.25 -8.60 8.00
CA ILE D 997 -15.06 -9.34 7.02
C ILE D 997 -14.25 -10.49 6.43
N THR D 998 -13.01 -10.22 6.02
CA THR D 998 -12.18 -11.27 5.43
C THR D 998 -11.71 -12.29 6.46
N GLY D 999 -11.67 -11.90 7.73
CA GLY D 999 -11.34 -12.84 8.79
C GLY D 999 -12.49 -13.79 9.09
N ARG D 1000 -13.72 -13.29 9.01
CA ARG D 1000 -14.89 -14.10 9.29
C ARG D 1000 -15.39 -14.85 8.06
N LEU D 1001 -15.08 -14.37 6.86
CA LEU D 1001 -15.48 -15.09 5.65
C LEU D 1001 -14.65 -16.35 5.47
N GLN D 1002 -13.34 -16.26 5.69
CA GLN D 1002 -12.48 -17.43 5.63
C GLN D 1002 -12.73 -18.37 6.79
N SER D 1003 -13.20 -17.84 7.93
CA SER D 1003 -13.62 -18.70 9.03
C SER D 1003 -14.91 -19.44 8.67
N LEU D 1004 -15.79 -18.80 7.92
CA LEU D 1004 -16.98 -19.49 7.42
C LEU D 1004 -16.63 -20.43 6.27
N GLN D 1005 -15.62 -20.06 5.46
CA GLN D 1005 -15.18 -20.94 4.38
C GLN D 1005 -14.46 -22.16 4.93
N THR D 1006 -13.89 -22.05 6.14
CA THR D 1006 -13.31 -23.23 6.79
C THR D 1006 -14.38 -24.05 7.48
N TYR D 1007 -15.43 -23.40 7.98
CA TYR D 1007 -16.47 -24.12 8.73
C TYR D 1007 -17.41 -24.86 7.79
N VAL D 1008 -17.81 -24.23 6.68
CA VAL D 1008 -18.79 -24.83 5.77
C VAL D 1008 -18.15 -25.99 5.00
N THR D 1009 -16.89 -25.82 4.58
CA THR D 1009 -16.21 -26.88 3.84
C THR D 1009 -15.93 -28.09 4.71
N GLN D 1010 -15.64 -27.88 6.00
CA GLN D 1010 -15.48 -29.00 6.91
C GLN D 1010 -16.83 -29.63 7.24
N GLN D 1011 -17.90 -28.84 7.24
CA GLN D 1011 -19.23 -29.39 7.53
C GLN D 1011 -19.77 -30.15 6.32
N LEU D 1012 -19.36 -29.77 5.11
CA LEU D 1012 -19.81 -30.47 3.91
C LEU D 1012 -19.17 -31.85 3.80
N ILE D 1013 -17.97 -32.01 4.34
CA ILE D 1013 -17.32 -33.32 4.38
C ILE D 1013 -17.96 -34.19 5.45
N ARG D 1014 -18.26 -33.59 6.61
CA ARG D 1014 -18.90 -34.34 7.70
C ARG D 1014 -20.35 -34.70 7.37
N ALA D 1015 -21.04 -33.86 6.59
CA ALA D 1015 -22.39 -34.21 6.16
C ALA D 1015 -22.36 -35.31 5.11
N ALA D 1016 -21.34 -35.30 4.25
CA ALA D 1016 -21.19 -36.39 3.28
C ALA D 1016 -20.66 -37.66 3.93
N GLU D 1017 -19.97 -37.53 5.07
CA GLU D 1017 -19.50 -38.72 5.78
C GLU D 1017 -20.65 -39.41 6.50
N ILE D 1018 -21.57 -38.63 7.08
CA ILE D 1018 -22.71 -39.23 7.77
C ILE D 1018 -23.76 -39.67 6.77
N ARG D 1019 -23.73 -39.14 5.54
CA ARG D 1019 -24.64 -39.61 4.51
C ARG D 1019 -24.19 -40.94 3.94
N ALA D 1020 -22.88 -41.18 3.88
CA ALA D 1020 -22.36 -42.48 3.46
C ALA D 1020 -22.67 -43.54 4.49
N SER D 1021 -22.69 -43.17 5.77
CA SER D 1021 -23.13 -44.10 6.81
C SER D 1021 -24.65 -44.25 6.79
N ALA D 1022 -25.37 -43.21 6.36
CA ALA D 1022 -26.82 -43.33 6.22
C ALA D 1022 -27.18 -44.18 5.02
N ASN D 1023 -26.39 -44.09 3.94
CA ASN D 1023 -26.58 -45.00 2.82
C ASN D 1023 -26.16 -46.41 3.17
N LEU D 1024 -25.20 -46.55 4.09
CA LEU D 1024 -24.86 -47.87 4.61
C LEU D 1024 -25.96 -48.38 5.53
N ALA D 1025 -26.57 -47.49 6.31
CA ALA D 1025 -27.68 -47.89 7.17
C ALA D 1025 -28.93 -48.19 6.36
N ALA D 1026 -29.11 -47.51 5.22
CA ALA D 1026 -30.21 -47.84 4.33
C ALA D 1026 -29.94 -49.14 3.59
N THR D 1027 -28.66 -49.47 3.39
CA THR D 1027 -28.32 -50.77 2.80
C THR D 1027 -28.52 -51.90 3.79
N LYS D 1028 -28.17 -51.66 5.06
CA LYS D 1028 -28.33 -52.69 6.09
C LYS D 1028 -29.80 -52.91 6.43
N MET D 1029 -30.61 -51.85 6.39
CA MET D 1029 -32.02 -52.00 6.73
C MET D 1029 -32.79 -52.67 5.59
N SER D 1030 -32.40 -52.41 4.34
CA SER D 1030 -33.11 -53.00 3.21
C SER D 1030 -32.73 -54.45 3.00
N GLU D 1031 -31.53 -54.85 3.41
CA GLU D 1031 -31.05 -56.20 3.14
C GLU D 1031 -31.19 -57.13 4.33
N CYS D 1032 -30.94 -56.65 5.55
CA CYS D 1032 -30.93 -57.50 6.74
C CYS D 1032 -32.23 -57.41 7.54
N VAL D 1033 -32.87 -56.24 7.58
CA VAL D 1033 -34.14 -56.14 8.29
C VAL D 1033 -35.29 -56.55 7.39
N LEU D 1034 -35.30 -56.08 6.14
CA LEU D 1034 -36.34 -56.43 5.18
C LEU D 1034 -36.13 -57.79 4.55
N GLY D 1035 -35.02 -58.47 4.85
CA GLY D 1035 -34.75 -59.79 4.29
C GLY D 1035 -33.65 -60.53 5.01
N GLN D 1036 -32.79 -61.20 4.25
CA GLN D 1036 -31.66 -61.93 4.81
C GLN D 1036 -30.43 -61.68 3.95
N SER D 1037 -29.31 -61.40 4.61
CA SER D 1037 -28.05 -61.11 3.94
C SER D 1037 -27.08 -62.27 4.14
N LYS D 1038 -26.42 -62.69 3.07
CA LYS D 1038 -25.41 -63.72 3.11
C LYS D 1038 -23.99 -63.17 3.05
N ARG D 1039 -23.83 -61.86 3.25
CA ARG D 1039 -22.51 -61.23 3.18
C ARG D 1039 -21.78 -61.41 4.50
N VAL D 1040 -20.47 -61.64 4.42
CA VAL D 1040 -19.65 -61.88 5.59
C VAL D 1040 -19.24 -60.53 6.20
N ASP D 1041 -19.42 -60.41 7.52
CA ASP D 1041 -19.06 -59.23 8.32
C ASP D 1041 -19.77 -57.96 7.83
N PHE D 1042 -21.04 -58.10 7.43
CA PHE D 1042 -21.85 -56.97 7.01
C PHE D 1042 -22.90 -56.60 8.04
N CYS D 1043 -23.70 -57.57 8.49
CA CYS D 1043 -24.74 -57.37 9.50
C CYS D 1043 -24.42 -58.27 10.68
N GLY D 1044 -23.62 -57.76 11.62
CA GLY D 1044 -23.24 -58.52 12.79
C GLY D 1044 -22.13 -59.50 12.53
N LYS D 1045 -21.64 -60.09 13.62
CA LYS D 1045 -20.57 -61.08 13.55
C LYS D 1045 -21.15 -62.48 13.43
N GLY D 1046 -20.65 -63.23 12.45
CA GLY D 1046 -21.10 -64.58 12.23
C GLY D 1046 -22.15 -64.67 11.13
N TYR D 1047 -22.85 -65.80 11.12
CA TYR D 1047 -23.90 -66.06 10.14
C TYR D 1047 -25.14 -65.26 10.52
N HIS D 1048 -25.49 -64.28 9.69
CA HIS D 1048 -26.61 -63.40 10.01
C HIS D 1048 -27.93 -64.10 9.76
N LEU D 1049 -28.84 -64.01 10.74
CA LEU D 1049 -30.20 -64.53 10.60
C LEU D 1049 -31.21 -63.41 10.34
N MET D 1050 -31.28 -62.44 11.24
CA MET D 1050 -32.24 -61.34 11.10
C MET D 1050 -31.71 -60.15 11.91
N SER D 1051 -32.38 -59.01 11.73
CA SER D 1051 -32.00 -57.77 12.41
C SER D 1051 -33.24 -56.99 12.78
N PHE D 1052 -33.17 -56.30 13.91
CA PHE D 1052 -34.28 -55.48 14.41
C PHE D 1052 -33.83 -54.03 14.53
N PRO D 1053 -34.58 -53.08 13.97
CA PRO D 1053 -34.19 -51.67 14.09
C PRO D 1053 -34.61 -51.07 15.42
N GLN D 1054 -33.78 -50.14 15.89
CA GLN D 1054 -34.05 -49.43 17.15
C GLN D 1054 -33.96 -47.93 16.87
N SER D 1055 -34.92 -47.18 17.38
CA SER D 1055 -34.93 -45.73 17.21
C SER D 1055 -33.87 -45.09 18.09
N ALA D 1056 -32.91 -44.43 17.47
CA ALA D 1056 -31.80 -43.77 18.14
C ALA D 1056 -31.86 -42.28 17.88
N PRO D 1057 -31.42 -41.45 18.85
CA PRO D 1057 -31.37 -40.00 18.61
C PRO D 1057 -30.30 -39.62 17.59
N HIS D 1058 -30.74 -39.04 16.46
CA HIS D 1058 -29.89 -38.64 15.33
C HIS D 1058 -29.09 -39.82 14.78
N GLY D 1059 -29.73 -40.97 14.70
CA GLY D 1059 -29.05 -42.16 14.22
C GLY D 1059 -29.97 -43.35 14.20
N VAL D 1060 -29.37 -44.54 14.13
CA VAL D 1060 -30.12 -45.79 14.12
C VAL D 1060 -29.24 -46.87 14.75
N VAL D 1061 -29.89 -47.83 15.42
CA VAL D 1061 -29.21 -48.93 16.09
C VAL D 1061 -29.81 -50.24 15.61
N PHE D 1062 -28.95 -51.12 15.09
CA PHE D 1062 -29.37 -52.43 14.62
C PHE D 1062 -29.02 -53.49 15.65
N LEU D 1063 -29.93 -54.46 15.81
CA LEU D 1063 -29.71 -55.61 16.69
C LEU D 1063 -29.63 -56.85 15.81
N HIS D 1064 -28.42 -57.21 15.42
CA HIS D 1064 -28.20 -58.31 14.47
C HIS D 1064 -28.26 -59.64 15.22
N VAL D 1065 -29.37 -60.36 15.07
CA VAL D 1065 -29.49 -61.71 15.61
C VAL D 1065 -28.73 -62.65 14.68
N THR D 1066 -27.67 -63.26 15.21
CA THR D 1066 -26.77 -64.08 14.41
C THR D 1066 -26.67 -65.48 14.99
N TYR D 1067 -26.20 -66.40 14.15
CA TYR D 1067 -25.96 -67.79 14.55
C TYR D 1067 -24.46 -67.98 14.72
N VAL D 1068 -24.01 -68.08 15.97
CA VAL D 1068 -22.60 -68.21 16.30
C VAL D 1068 -22.39 -69.55 16.99
N PRO D 1069 -21.50 -70.40 16.49
CA PRO D 1069 -21.23 -71.66 17.19
C PRO D 1069 -20.38 -71.45 18.43
N ALA D 1070 -20.54 -72.35 19.40
CA ALA D 1070 -19.85 -72.27 20.67
C ALA D 1070 -18.80 -73.35 20.84
N GLN D 1071 -19.18 -74.62 20.71
CA GLN D 1071 -18.28 -75.74 20.91
C GLN D 1071 -17.90 -76.37 19.58
N GLU D 1072 -16.89 -77.24 19.62
CA GLU D 1072 -16.43 -77.94 18.43
C GLU D 1072 -15.75 -79.23 18.86
N LYS D 1073 -15.67 -80.17 17.93
CA LYS D 1073 -15.05 -81.46 18.18
C LYS D 1073 -14.55 -82.04 16.87
N ASN D 1074 -13.39 -82.68 16.91
CA ASN D 1074 -12.78 -83.23 15.70
C ASN D 1074 -13.32 -84.63 15.42
N PHE D 1075 -13.54 -84.93 14.14
CA PHE D 1075 -14.04 -86.22 13.71
C PHE D 1075 -13.32 -86.65 12.45
N THR D 1076 -13.25 -87.96 12.23
CA THR D 1076 -12.66 -88.50 11.01
C THR D 1076 -13.63 -88.32 9.85
N THR D 1077 -13.14 -87.76 8.75
CA THR D 1077 -13.98 -87.42 7.61
C THR D 1077 -13.52 -88.17 6.38
N ALA D 1078 -14.27 -87.98 5.28
CA ALA D 1078 -13.99 -88.58 3.99
C ALA D 1078 -14.70 -87.74 2.94
N PRO D 1079 -14.10 -87.52 1.76
CA PRO D 1079 -14.79 -86.72 0.73
C PRO D 1079 -15.99 -87.41 0.10
N ALA D 1080 -15.94 -88.73 -0.07
CA ALA D 1080 -17.04 -89.50 -0.63
C ALA D 1080 -16.92 -90.93 -0.12
N ILE D 1081 -17.84 -91.79 -0.58
CA ILE D 1081 -17.83 -93.20 -0.23
C ILE D 1081 -17.89 -94.02 -1.50
N CYS D 1082 -17.76 -95.33 -1.35
CA CYS D 1082 -17.78 -96.27 -2.48
C CYS D 1082 -18.79 -97.36 -2.19
N HIS D 1083 -19.86 -97.41 -2.98
CA HIS D 1083 -20.90 -98.42 -2.82
C HIS D 1083 -20.64 -99.63 -3.72
N ASP D 1084 -20.50 -99.40 -5.02
CA ASP D 1084 -20.24 -100.46 -5.98
C ASP D 1084 -19.19 -100.02 -6.99
N GLY D 1085 -18.27 -99.15 -6.56
CA GLY D 1085 -17.22 -98.65 -7.41
C GLY D 1085 -17.38 -97.20 -7.83
N LYS D 1086 -18.54 -96.60 -7.57
CA LYS D 1086 -18.80 -95.21 -7.92
C LYS D 1086 -18.77 -94.34 -6.68
N ALA D 1087 -18.29 -93.11 -6.83
CA ALA D 1087 -18.19 -92.18 -5.72
C ALA D 1087 -19.54 -91.53 -5.46
N HIS D 1088 -19.91 -91.44 -4.18
CA HIS D 1088 -21.18 -90.84 -3.77
C HIS D 1088 -20.88 -89.62 -2.91
N PHE D 1089 -21.14 -88.44 -3.46
CA PHE D 1089 -20.99 -87.18 -2.75
C PHE D 1089 -22.33 -86.73 -2.19
N PRO D 1090 -22.33 -86.10 -1.00
CA PRO D 1090 -23.60 -85.66 -0.41
C PRO D 1090 -24.17 -84.45 -1.14
N ARG D 1091 -25.51 -84.34 -1.10
CA ARG D 1091 -26.16 -83.17 -1.69
C ARG D 1091 -25.93 -81.92 -0.86
N GLU D 1092 -25.97 -82.06 0.46
CA GLU D 1092 -25.70 -80.93 1.36
C GLU D 1092 -25.17 -81.50 2.67
N GLY D 1093 -23.86 -81.41 2.86
CA GLY D 1093 -23.21 -81.89 4.06
C GLY D 1093 -21.95 -82.65 3.72
N VAL D 1094 -21.29 -83.15 4.76
CA VAL D 1094 -20.03 -83.88 4.62
C VAL D 1094 -20.13 -85.19 5.38
N PHE D 1095 -19.21 -86.10 5.06
CA PHE D 1095 -19.12 -87.37 5.77
C PHE D 1095 -18.29 -87.23 7.04
N VAL D 1096 -18.78 -87.84 8.12
CA VAL D 1096 -18.05 -87.88 9.39
C VAL D 1096 -18.08 -89.32 9.90
N SER D 1097 -17.30 -89.55 10.96
CA SER D 1097 -17.21 -90.87 11.58
C SER D 1097 -17.07 -90.70 13.09
N ASN D 1098 -17.93 -91.38 13.84
CA ASN D 1098 -17.90 -91.33 15.29
C ASN D 1098 -17.10 -92.47 15.91
N GLY D 1099 -16.25 -93.12 15.14
CA GLY D 1099 -15.41 -94.21 15.61
C GLY D 1099 -15.91 -95.59 15.23
N THR D 1100 -17.21 -95.75 15.01
CA THR D 1100 -17.80 -97.04 14.68
C THR D 1100 -18.43 -97.08 13.30
N HIS D 1101 -19.20 -96.06 12.93
CA HIS D 1101 -19.88 -96.01 11.64
C HIS D 1101 -19.67 -94.64 11.01
N TRP D 1102 -20.13 -94.51 9.78
CA TRP D 1102 -20.06 -93.26 9.04
C TRP D 1102 -21.44 -92.65 8.91
N PHE D 1103 -21.52 -91.33 9.12
CA PHE D 1103 -22.77 -90.60 9.04
C PHE D 1103 -22.54 -89.30 8.28
N VAL D 1104 -23.64 -88.63 7.94
CA VAL D 1104 -23.61 -87.37 7.19
C VAL D 1104 -24.14 -86.26 8.08
N THR D 1105 -23.36 -85.19 8.20
CA THR D 1105 -23.77 -84.01 8.94
C THR D 1105 -23.33 -82.76 8.19
N GLN D 1106 -23.80 -81.61 8.66
CA GLN D 1106 -23.48 -80.33 8.05
C GLN D 1106 -22.26 -79.70 8.73
N ARG D 1107 -21.81 -78.58 8.17
CA ARG D 1107 -20.64 -77.89 8.68
C ARG D 1107 -20.96 -76.96 9.84
N ASN D 1108 -22.24 -76.75 10.14
CA ASN D 1108 -22.64 -75.83 11.21
C ASN D 1108 -23.10 -76.53 12.49
N PHE D 1109 -23.44 -77.82 12.40
CA PHE D 1109 -23.91 -78.55 13.57
C PHE D 1109 -23.60 -80.04 13.37
N TYR D 1110 -23.64 -80.78 14.47
CA TYR D 1110 -23.37 -82.21 14.46
C TYR D 1110 -24.69 -82.96 14.59
N GLU D 1111 -25.14 -83.57 13.48
CA GLU D 1111 -26.37 -84.36 13.46
C GLU D 1111 -26.12 -85.58 12.58
N PRO D 1112 -25.96 -86.75 13.18
CA PRO D 1112 -25.71 -87.96 12.39
C PRO D 1112 -26.95 -88.42 11.64
N GLN D 1113 -26.79 -88.64 10.34
CA GLN D 1113 -27.88 -89.07 9.47
C GLN D 1113 -27.49 -90.35 8.75
N ILE D 1114 -28.50 -91.16 8.44
CA ILE D 1114 -28.27 -92.41 7.72
C ILE D 1114 -28.00 -92.11 6.26
N ILE D 1115 -26.95 -92.73 5.71
CA ILE D 1115 -26.55 -92.51 4.32
C ILE D 1115 -27.55 -93.23 3.42
N THR D 1116 -28.42 -92.45 2.78
CA THR D 1116 -29.44 -92.99 1.87
C THR D 1116 -29.26 -92.37 0.50
N THR D 1117 -30.16 -92.74 -0.42
CA THR D 1117 -30.13 -92.18 -1.77
C THR D 1117 -30.66 -90.75 -1.80
N ASP D 1118 -31.44 -90.35 -0.79
CA ASP D 1118 -31.98 -89.00 -0.74
C ASP D 1118 -30.97 -87.98 -0.21
N ASN D 1119 -29.85 -88.43 0.34
CA ASN D 1119 -28.83 -87.52 0.87
C ASN D 1119 -27.56 -87.47 0.02
N THR D 1120 -27.30 -88.49 -0.78
CA THR D 1120 -26.12 -88.54 -1.63
C THR D 1120 -26.55 -88.71 -3.08
N PHE D 1121 -25.58 -88.59 -3.98
CA PHE D 1121 -25.83 -88.78 -5.41
C PHE D 1121 -24.57 -89.29 -6.08
N VAL D 1122 -24.75 -89.95 -7.21
CA VAL D 1122 -23.64 -90.52 -7.96
C VAL D 1122 -22.89 -89.41 -8.69
N SER D 1123 -21.58 -89.35 -8.48
CA SER D 1123 -20.74 -88.33 -9.11
C SER D 1123 -19.34 -88.88 -9.25
N GLY D 1124 -18.94 -89.18 -10.50
CA GLY D 1124 -17.60 -89.68 -10.74
C GLY D 1124 -17.45 -91.15 -10.38
N ASN D 1125 -16.20 -91.53 -10.06
CA ASN D 1125 -15.89 -92.90 -9.71
C ASN D 1125 -14.95 -92.91 -8.52
N CYS D 1126 -14.61 -94.11 -8.06
CA CYS D 1126 -13.79 -94.31 -6.87
C CYS D 1126 -12.32 -94.53 -7.19
N ASP D 1127 -11.82 -94.00 -8.30
CA ASP D 1127 -10.42 -94.12 -8.68
C ASP D 1127 -9.68 -92.78 -8.66
N VAL D 1128 -10.36 -91.68 -9.00
CA VAL D 1128 -9.70 -90.39 -9.08
C VAL D 1128 -9.76 -89.64 -7.74
N VAL D 1129 -10.66 -90.04 -6.85
CA VAL D 1129 -10.81 -89.35 -5.58
C VAL D 1129 -9.71 -89.78 -4.63
N ILE D 1130 -9.03 -88.81 -4.03
CA ILE D 1130 -7.91 -89.08 -3.12
C ILE D 1130 -8.45 -89.21 -1.70
N GLY D 1131 -8.08 -90.31 -1.04
CA GLY D 1131 -8.50 -90.53 0.33
C GLY D 1131 -9.94 -90.94 0.50
N ILE D 1132 -10.46 -91.78 -0.39
CA ILE D 1132 -11.85 -92.19 -0.33
C ILE D 1132 -11.96 -93.49 0.48
N VAL D 1133 -13.16 -93.74 1.01
CA VAL D 1133 -13.43 -94.93 1.81
C VAL D 1133 -14.59 -95.69 1.18
N ASN D 1134 -14.94 -96.81 1.80
CA ASN D 1134 -16.02 -97.67 1.34
C ASN D 1134 -17.15 -97.67 2.36
N ASN D 1135 -18.38 -97.74 1.84
CA ASN D 1135 -19.58 -97.75 2.67
C ASN D 1135 -20.70 -98.42 1.88
N THR D 1136 -21.93 -98.29 2.36
CA THR D 1136 -23.11 -98.86 1.72
C THR D 1136 -24.22 -97.83 1.69
N VAL D 1137 -24.73 -97.55 0.48
CA VAL D 1137 -25.82 -96.61 0.28
C VAL D 1137 -27.14 -97.36 0.38
N TYR D 1138 -28.06 -96.85 1.20
CA TYR D 1138 -29.36 -97.48 1.39
C TYR D 1138 -30.21 -97.26 0.15
N ASP D 1139 -30.31 -98.29 -0.69
CA ASP D 1139 -31.13 -98.23 -1.90
C ASP D 1139 -32.55 -98.65 -1.54
N PRO D 1140 -33.55 -97.79 -1.71
CA PRO D 1140 -34.93 -98.18 -1.38
C PRO D 1140 -35.54 -99.19 -2.35
N LEU D 1141 -34.95 -99.40 -3.52
CA LEU D 1141 -35.45 -100.39 -4.47
C LEU D 1141 -35.12 -101.82 -4.04
N GLN D 1142 -34.16 -102.01 -3.14
CA GLN D 1142 -33.78 -103.37 -2.75
C GLN D 1142 -34.78 -104.05 -1.80
N PRO D 1143 -35.17 -103.46 -0.64
CA PRO D 1143 -36.05 -104.22 0.25
C PRO D 1143 -37.51 -104.26 -0.20
N GLU D 1144 -37.89 -103.47 -1.19
CA GLU D 1144 -39.25 -103.54 -1.71
C GLU D 1144 -39.46 -104.80 -2.54
N LEU D 1145 -38.43 -105.21 -3.29
CA LEU D 1145 -38.54 -106.44 -4.08
C LEU D 1145 -38.45 -107.68 -3.20
N ASP D 1146 -37.72 -107.59 -2.09
CA ASP D 1146 -37.62 -108.73 -1.17
C ASP D 1146 -38.89 -108.90 -0.35
N SER D 1147 -39.64 -107.82 -0.14
CA SER D 1147 -40.88 -107.88 0.63
C SER D 1147 -42.00 -108.49 -0.20
N GLN E 1 -9.86 61.06 -39.43
CA GLN E 1 -10.88 60.71 -38.44
C GLN E 1 -10.95 61.77 -37.34
N VAL E 2 -9.90 62.57 -37.23
CA VAL E 2 -9.83 63.65 -36.24
C VAL E 2 -9.64 64.94 -37.01
N GLN E 3 -10.69 65.76 -37.07
CA GLN E 3 -10.66 67.05 -37.76
C GLN E 3 -10.83 68.16 -36.73
N LEU E 4 -9.76 68.93 -36.53
CA LEU E 4 -9.76 70.03 -35.57
C LEU E 4 -9.18 71.28 -36.20
N LYS E 5 -9.63 71.62 -37.40
CA LYS E 5 -9.13 72.79 -38.10
C LYS E 5 -9.81 74.06 -37.58
N GLN E 6 -9.18 75.20 -37.88
CA GLN E 6 -9.68 76.50 -37.45
C GLN E 6 -9.75 77.45 -38.63
N SER E 7 -10.70 78.38 -38.57
CA SER E 7 -10.91 79.39 -39.58
C SER E 7 -11.71 80.53 -38.96
N GLY E 8 -11.63 81.69 -39.60
CA GLY E 8 -12.40 82.85 -39.18
C GLY E 8 -11.60 84.09 -38.79
N PRO E 9 -10.60 83.97 -37.90
CA PRO E 9 -9.74 85.13 -37.65
C PRO E 9 -8.69 85.35 -38.73
N SER E 10 -8.65 86.57 -39.27
CA SER E 10 -7.67 86.96 -40.28
C SER E 10 -6.73 88.04 -39.79
N LEU E 11 -7.26 89.15 -39.30
CA LEU E 11 -6.45 90.24 -38.76
C LEU E 11 -7.28 91.00 -37.73
N VAL E 12 -6.82 91.00 -36.49
CA VAL E 12 -7.56 91.57 -35.38
C VAL E 12 -6.82 92.81 -34.87
N GLN E 13 -7.59 93.82 -34.48
CA GLN E 13 -7.09 95.04 -33.87
C GLN E 13 -6.93 94.82 -32.37
N PRO E 14 -6.00 95.54 -31.72
CA PRO E 14 -5.87 95.43 -30.27
C PRO E 14 -7.05 96.06 -29.55
N SER E 15 -7.25 95.58 -28.29
CA SER E 15 -8.38 95.96 -27.44
C SER E 15 -9.73 95.69 -28.11
N GLN E 16 -9.83 94.52 -28.74
CA GLN E 16 -11.04 94.08 -29.41
C GLN E 16 -11.39 92.67 -28.92
N SER E 17 -12.47 92.13 -29.48
CA SER E 17 -12.95 90.80 -29.12
C SER E 17 -13.24 90.00 -30.39
N LEU E 18 -12.83 88.73 -30.37
CA LEU E 18 -13.09 87.82 -31.49
C LEU E 18 -13.04 86.39 -30.96
N SER E 19 -13.95 85.56 -31.45
CA SER E 19 -14.06 84.17 -31.01
C SER E 19 -13.47 83.25 -32.07
N ILE E 20 -12.55 82.39 -31.65
CA ILE E 20 -11.93 81.42 -32.55
C ILE E 20 -12.79 80.16 -32.60
N THR E 21 -13.20 79.78 -33.81
CA THR E 21 -14.06 78.62 -34.01
C THR E 21 -13.22 77.46 -34.53
N CYS E 22 -13.18 76.38 -33.75
CA CYS E 22 -12.50 75.15 -34.14
C CYS E 22 -13.57 74.10 -34.43
N THR E 23 -13.72 73.74 -35.70
CA THR E 23 -14.75 72.80 -36.12
C THR E 23 -14.31 71.38 -35.76
N VAL E 24 -15.13 70.70 -34.96
CA VAL E 24 -14.85 69.34 -34.53
C VAL E 24 -15.69 68.39 -35.38
N SER E 25 -15.02 67.46 -36.06
CA SER E 25 -15.71 66.50 -36.92
C SER E 25 -14.93 65.18 -36.90
N GLY E 26 -15.63 64.11 -37.26
CA GLY E 26 -15.07 62.79 -37.31
C GLY E 26 -15.28 61.96 -36.06
N PHE E 27 -15.50 62.58 -34.92
CA PHE E 27 -15.72 61.86 -33.67
C PHE E 27 -16.72 62.63 -32.83
N SER E 28 -17.15 62.00 -31.74
CA SER E 28 -18.16 62.59 -30.86
C SER E 28 -17.54 63.69 -30.01
N LEU E 29 -18.10 64.90 -30.12
CA LEU E 29 -17.61 66.01 -29.30
C LEU E 29 -18.10 65.89 -27.86
N THR E 30 -19.24 65.23 -27.65
CA THR E 30 -19.82 65.11 -26.32
C THR E 30 -19.14 64.06 -25.45
N SER E 31 -18.12 63.38 -25.95
CA SER E 31 -17.38 62.38 -25.18
C SER E 31 -15.94 62.77 -24.91
N TYR E 32 -15.50 63.93 -25.39
CA TYR E 32 -14.13 64.37 -25.18
C TYR E 32 -14.13 65.87 -24.89
N GLY E 33 -12.99 66.36 -24.41
CA GLY E 33 -12.83 67.77 -24.10
C GLY E 33 -11.76 68.44 -24.93
N VAL E 34 -12.12 69.51 -25.64
CA VAL E 34 -11.18 70.21 -26.51
C VAL E 34 -10.29 71.13 -25.69
N HIS E 35 -8.98 70.97 -25.83
CA HIS E 35 -7.99 71.82 -25.18
C HIS E 35 -7.62 72.99 -26.08
N TRP E 36 -6.85 73.93 -25.53
CA TRP E 36 -6.41 75.10 -26.25
C TRP E 36 -5.00 75.46 -25.82
N VAL E 37 -4.11 75.65 -26.81
CA VAL E 37 -2.72 76.00 -26.58
C VAL E 37 -2.31 77.06 -27.61
N ARG E 38 -1.06 77.48 -27.53
CA ARG E 38 -0.48 78.42 -28.49
C ARG E 38 0.84 77.85 -29.00
N GLN E 39 1.22 78.25 -30.21
CA GLN E 39 2.44 77.77 -30.87
C GLN E 39 3.47 78.89 -30.86
N SER E 40 4.44 78.77 -29.96
CA SER E 40 5.61 79.65 -29.88
C SER E 40 5.30 81.14 -29.72
N PRO E 41 4.77 81.58 -28.56
CA PRO E 41 4.57 83.02 -28.37
C PRO E 41 5.80 83.70 -27.76
N GLY E 42 6.92 83.58 -28.46
CA GLY E 42 8.19 84.02 -27.93
C GLY E 42 8.94 82.88 -27.25
N LYS E 43 8.32 82.27 -26.26
CA LYS E 43 8.87 81.11 -25.58
C LYS E 43 8.39 79.84 -26.28
N GLY E 44 8.53 78.70 -25.61
CA GLY E 44 8.12 77.42 -26.18
C GLY E 44 6.63 77.17 -26.13
N LEU E 45 6.25 75.90 -25.89
CA LEU E 45 4.84 75.54 -25.87
C LEU E 45 4.17 76.04 -24.60
N GLU E 46 3.08 76.78 -24.77
CA GLU E 46 2.33 77.35 -23.66
C GLU E 46 0.90 76.83 -23.68
N TRP E 47 0.35 76.58 -22.48
CA TRP E 47 -0.97 76.01 -22.31
C TRP E 47 -1.92 77.09 -21.81
N LEU E 48 -3.15 77.10 -22.36
CA LEU E 48 -4.13 78.13 -22.06
C LEU E 48 -5.24 77.62 -21.15
N GLY E 49 -5.95 76.58 -21.57
CA GLY E 49 -7.09 76.11 -20.80
C GLY E 49 -7.57 74.77 -21.31
N VAL E 50 -8.64 74.29 -20.69
CA VAL E 50 -9.23 73.00 -21.04
C VAL E 50 -10.74 73.08 -20.85
N MET E 51 -11.48 72.72 -21.90
CA MET E 51 -12.93 72.64 -21.85
C MET E 51 -13.33 71.26 -21.34
N TRP E 52 -14.28 71.23 -20.39
CA TRP E 52 -14.75 69.97 -19.84
C TRP E 52 -15.68 69.26 -20.82
N ARG E 53 -16.19 68.11 -20.38
CA ARG E 53 -17.11 67.30 -21.19
C ARG E 53 -18.54 67.80 -20.98
N GLY E 54 -18.79 69.02 -21.44
CA GLY E 54 -20.09 69.63 -21.27
C GLY E 54 -20.34 70.22 -19.90
N GLY E 55 -19.30 70.76 -19.26
CA GLY E 55 -19.46 71.31 -17.92
C GLY E 55 -18.81 72.67 -17.73
N ASN E 56 -17.95 72.78 -16.72
CA ASN E 56 -17.31 74.03 -16.36
C ASN E 56 -16.06 74.23 -17.22
N THR E 57 -15.26 75.25 -16.88
CA THR E 57 -14.06 75.58 -17.62
C THR E 57 -12.90 75.78 -16.66
N ASP E 58 -11.71 75.42 -17.11
CA ASP E 58 -10.48 75.66 -16.37
C ASP E 58 -9.51 76.43 -17.26
N TYR E 59 -8.73 77.32 -16.64
CA TYR E 59 -7.82 78.18 -17.37
C TYR E 59 -6.49 78.24 -16.65
N ASN E 60 -5.52 78.90 -17.29
CA ASN E 60 -4.21 79.12 -16.70
C ASN E 60 -4.26 80.34 -15.77
N ALA E 61 -3.12 80.63 -15.14
CA ALA E 61 -3.06 81.76 -14.22
C ALA E 61 -3.02 83.09 -14.98
N ALA E 62 -2.29 83.14 -16.08
CA ALA E 62 -2.16 84.35 -16.88
C ALA E 62 -3.17 84.42 -18.02
N PHE E 63 -4.11 83.48 -18.10
CA PHE E 63 -5.08 83.46 -19.18
C PHE E 63 -6.52 83.26 -18.71
N MET E 64 -6.83 83.55 -17.44
CA MET E 64 -8.17 83.30 -16.93
C MET E 64 -9.06 84.54 -17.04
N SER E 65 -8.51 85.71 -16.73
CA SER E 65 -9.32 86.93 -16.68
C SER E 65 -9.63 87.51 -18.04
N ARG E 66 -8.97 87.03 -19.10
CA ARG E 66 -9.17 87.59 -20.43
C ARG E 66 -9.74 86.60 -21.44
N LEU E 67 -9.54 85.30 -21.25
CA LEU E 67 -9.96 84.30 -22.20
C LEU E 67 -11.17 83.53 -21.67
N SER E 68 -11.94 82.96 -22.60
CA SER E 68 -13.12 82.19 -22.27
C SER E 68 -13.36 81.14 -23.35
N ILE E 69 -13.85 79.98 -22.92
CA ILE E 69 -14.12 78.85 -23.81
C ILE E 69 -15.60 78.55 -23.78
N THR E 70 -16.21 78.46 -24.96
CA THR E 70 -17.63 78.16 -25.10
C THR E 70 -17.79 76.94 -25.99
N LYS E 71 -18.37 75.88 -25.46
CA LYS E 71 -18.54 74.62 -26.18
C LYS E 71 -19.99 74.52 -26.67
N ASP E 72 -20.15 74.35 -27.98
CA ASP E 72 -21.46 74.22 -28.61
C ASP E 72 -21.59 72.77 -29.09
N ASN E 73 -22.48 72.01 -28.44
CA ASN E 73 -22.67 70.62 -28.80
C ASN E 73 -23.59 70.42 -30.00
N SER E 74 -24.41 71.43 -30.34
CA SER E 74 -25.34 71.29 -31.45
C SER E 74 -24.63 71.45 -32.80
N LYS E 75 -23.77 72.44 -32.93
CA LYS E 75 -23.07 72.70 -34.18
C LYS E 75 -21.75 71.94 -34.28
N SER E 76 -21.40 71.15 -33.25
CA SER E 76 -20.16 70.37 -33.17
C SER E 76 -18.92 71.26 -33.33
N GLN E 77 -18.97 72.44 -32.71
CA GLN E 77 -17.88 73.40 -32.78
C GLN E 77 -17.60 73.94 -31.38
N VAL E 78 -16.33 74.15 -31.06
CA VAL E 78 -15.90 74.69 -29.79
C VAL E 78 -15.35 76.10 -30.04
N PHE E 79 -15.96 77.09 -29.39
CA PHE E 79 -15.58 78.48 -29.55
C PHE E 79 -14.59 78.88 -28.47
N PHE E 80 -13.66 79.76 -28.84
CA PHE E 80 -12.65 80.28 -27.92
C PHE E 80 -12.79 81.80 -27.91
N LYS E 81 -13.62 82.31 -27.00
CA LYS E 81 -13.90 83.74 -26.93
C LYS E 81 -12.71 84.46 -26.31
N MET E 82 -12.19 85.46 -27.02
CA MET E 82 -11.05 86.24 -26.56
C MET E 82 -11.49 87.65 -26.24
N ASN E 83 -11.07 88.16 -25.08
CA ASN E 83 -11.37 89.51 -24.65
C ASN E 83 -10.09 90.23 -24.28
N SER E 84 -10.05 91.54 -24.57
CA SER E 84 -8.91 92.43 -24.32
C SER E 84 -7.63 91.92 -24.99
N LEU E 85 -7.66 91.85 -26.32
CA LEU E 85 -6.52 91.34 -27.08
C LEU E 85 -5.43 92.39 -27.15
N GLN E 86 -4.18 91.95 -26.96
CA GLN E 86 -3.01 92.81 -27.04
C GLN E 86 -2.02 92.21 -28.05
N THR E 87 -0.83 92.79 -28.09
CA THR E 87 0.19 92.31 -29.03
C THR E 87 0.84 91.01 -28.58
N ASP E 88 0.69 90.64 -27.31
CA ASP E 88 1.29 89.42 -26.79
C ASP E 88 0.52 88.16 -27.17
N ASP E 89 -0.69 88.30 -27.74
CA ASP E 89 -1.52 87.17 -28.13
C ASP E 89 -1.30 86.75 -29.59
N THR E 90 -0.14 87.06 -30.16
CA THR E 90 0.16 86.72 -31.55
C THR E 90 0.82 85.35 -31.58
N ALA E 91 0.03 84.31 -31.82
CA ALA E 91 0.52 82.94 -31.87
C ALA E 91 -0.48 82.12 -32.66
N ILE E 92 -0.07 80.89 -33.00
CA ILE E 92 -0.93 79.95 -33.72
C ILE E 92 -1.65 79.09 -32.70
N TYR E 93 -2.98 79.16 -32.70
CA TYR E 93 -3.78 78.42 -31.74
C TYR E 93 -4.08 77.02 -32.27
N TYR E 94 -4.24 76.08 -31.34
CA TYR E 94 -4.51 74.69 -31.67
C TYR E 94 -5.59 74.12 -30.77
N CYS E 95 -6.34 73.16 -31.31
CA CYS E 95 -7.31 72.39 -30.56
C CYS E 95 -6.82 70.95 -30.45
N ALA E 96 -7.11 70.31 -29.32
CA ALA E 96 -6.59 68.97 -29.05
C ALA E 96 -7.71 68.05 -28.59
N LYS E 97 -7.54 66.76 -28.88
CA LYS E 97 -8.49 65.74 -28.46
C LYS E 97 -8.08 65.19 -27.10
N ASN E 98 -9.06 65.04 -26.22
CA ASN E 98 -8.79 64.58 -24.86
C ASN E 98 -8.51 63.08 -24.85
N GLY E 99 -7.62 62.66 -23.96
CA GLY E 99 -7.30 61.26 -23.77
C GLY E 99 -7.99 60.68 -22.56
N GLY E 100 -7.41 59.60 -22.03
CA GLY E 100 -7.96 58.94 -20.87
C GLY E 100 -7.64 59.64 -19.57
N ALA E 101 -6.35 59.71 -19.22
CA ALA E 101 -5.91 60.35 -17.99
C ALA E 101 -5.49 61.80 -18.25
N HIS E 102 -6.45 62.56 -18.77
CA HIS E 102 -6.30 63.99 -19.09
C HIS E 102 -5.15 64.25 -20.05
N ALA E 103 -5.04 63.42 -21.07
CA ALA E 103 -3.97 63.52 -22.06
C ALA E 103 -4.47 64.18 -23.33
N MET E 104 -3.52 64.71 -24.11
CA MET E 104 -3.81 65.38 -25.38
C MET E 104 -3.24 64.49 -26.48
N ASP E 105 -4.08 63.57 -26.98
CA ASP E 105 -3.61 62.55 -27.91
C ASP E 105 -3.48 63.11 -29.32
N PHE E 106 -4.59 63.58 -29.88
CA PHE E 106 -4.64 64.03 -31.27
C PHE E 106 -4.69 65.55 -31.33
N TRP E 107 -4.21 66.10 -32.45
CA TRP E 107 -4.07 67.53 -32.61
C TRP E 107 -4.69 67.95 -33.94
N GLY E 108 -4.81 69.26 -34.13
CA GLY E 108 -5.40 69.83 -35.31
C GLY E 108 -4.45 70.69 -36.11
N GLN E 109 -5.02 71.41 -37.08
CA GLN E 109 -4.24 72.28 -37.95
C GLN E 109 -4.20 73.72 -37.46
N GLY E 110 -5.32 74.24 -36.96
CA GLY E 110 -5.36 75.59 -36.41
C GLY E 110 -5.28 76.67 -37.48
N THR E 111 -5.10 77.90 -37.01
CA THR E 111 -4.97 79.06 -37.88
C THR E 111 -4.03 80.05 -37.23
N SER E 112 -3.56 81.01 -38.02
CA SER E 112 -2.64 82.04 -37.54
C SER E 112 -3.43 83.27 -37.12
N VAL E 113 -3.32 83.64 -35.85
CA VAL E 113 -3.99 84.82 -35.30
C VAL E 113 -2.92 85.86 -35.00
N THR E 114 -3.05 87.02 -35.64
CA THR E 114 -2.09 88.11 -35.46
C THR E 114 -2.84 89.37 -35.04
N VAL E 115 -2.50 89.87 -33.86
CA VAL E 115 -3.11 91.07 -33.30
C VAL E 115 -2.05 92.16 -33.24
N SER E 116 -2.27 93.25 -33.98
CA SER E 116 -1.32 94.36 -34.01
C SER E 116 -2.06 95.63 -34.38
N SER E 117 -1.51 96.77 -33.97
CA SER E 117 -2.14 98.05 -34.26
C SER E 117 -1.96 98.48 -35.70
N ALA E 118 -0.94 97.97 -36.40
CA ALA E 118 -0.71 98.33 -37.78
C ALA E 118 -1.69 97.60 -38.70
N LYS E 119 -1.87 98.16 -39.90
CA LYS E 119 -2.77 97.59 -40.89
C LYS E 119 -2.06 96.51 -41.69
N THR E 120 -2.78 95.96 -42.66
CA THR E 120 -2.23 94.91 -43.50
C THR E 120 -1.24 95.49 -44.51
N THR E 121 -0.27 94.67 -44.92
CA THR E 121 0.77 95.09 -45.84
C THR E 121 0.90 94.08 -46.97
N PRO E 122 0.87 94.53 -48.23
CA PRO E 122 1.06 93.61 -49.36
C PRO E 122 2.50 93.14 -49.43
N PRO E 123 2.75 91.92 -49.90
CA PRO E 123 4.12 91.40 -49.93
C PRO E 123 4.95 92.02 -51.05
N SER E 124 6.24 92.16 -50.78
CA SER E 124 7.22 92.68 -51.73
C SER E 124 7.96 91.47 -52.31
N VAL E 125 7.46 90.97 -53.44
CA VAL E 125 8.01 89.76 -54.05
C VAL E 125 9.27 90.10 -54.82
N TYR E 126 10.37 89.43 -54.49
CA TYR E 126 11.64 89.59 -55.19
C TYR E 126 12.27 88.22 -55.39
N PRO E 127 12.22 87.67 -56.60
CA PRO E 127 12.83 86.35 -56.84
C PRO E 127 14.35 86.43 -56.80
N LEU E 128 14.96 85.32 -56.41
CA LEU E 128 16.41 85.21 -56.28
C LEU E 128 16.93 84.40 -57.47
N ALA E 129 17.43 85.11 -58.48
CA ALA E 129 17.91 84.51 -59.72
C ALA E 129 19.43 84.59 -59.82
N PRO E 130 20.07 83.56 -60.35
CA PRO E 130 21.53 83.64 -60.55
C PRO E 130 21.90 84.56 -61.70
N GLY E 131 23.16 84.97 -61.70
CA GLY E 131 23.67 85.86 -62.73
C GLY E 131 24.07 85.13 -63.99
N SER E 132 24.52 85.92 -64.97
CA SER E 132 24.96 85.33 -66.24
C SER E 132 26.31 84.65 -66.11
N ALA E 133 27.15 85.11 -65.17
CA ALA E 133 28.47 84.54 -64.94
C ALA E 133 28.63 84.05 -63.51
N ALA E 134 27.52 83.79 -62.81
CA ALA E 134 27.60 83.31 -61.44
C ALA E 134 27.97 81.84 -61.40
N GLN E 135 28.82 81.48 -60.44
CA GLN E 135 29.28 80.11 -60.29
C GLN E 135 28.59 79.47 -59.07
N THR E 136 28.95 78.21 -58.82
CA THR E 136 28.37 77.45 -57.71
C THR E 136 29.39 76.43 -57.23
N ASN E 137 29.03 75.72 -56.17
CA ASN E 137 29.87 74.67 -55.58
C ASN E 137 29.02 73.41 -55.45
N SER E 138 28.93 72.65 -56.55
CA SER E 138 28.28 71.33 -56.68
C SER E 138 26.78 71.34 -56.38
N MET E 139 26.15 72.51 -56.27
CA MET E 139 24.72 72.60 -55.97
C MET E 139 24.17 73.97 -56.38
N VAL E 140 23.12 73.97 -57.18
CA VAL E 140 22.46 75.19 -57.63
C VAL E 140 21.13 75.31 -56.89
N THR E 141 20.90 76.45 -56.25
CA THR E 141 19.68 76.69 -55.50
C THR E 141 18.72 77.57 -56.30
N LEU E 142 17.51 77.73 -55.77
CA LEU E 142 16.49 78.59 -56.37
C LEU E 142 15.46 78.99 -55.32
N GLY E 143 15.11 80.27 -55.27
CA GLY E 143 14.12 80.72 -54.30
C GLY E 143 13.59 82.08 -54.66
N CYS E 144 12.57 82.49 -53.90
CA CYS E 144 11.98 83.82 -54.03
C CYS E 144 11.70 84.35 -52.63
N LEU E 145 12.28 85.52 -52.33
CA LEU E 145 12.20 86.09 -50.99
C LEU E 145 10.92 86.89 -50.85
N VAL E 146 10.08 86.50 -49.89
CA VAL E 146 8.86 87.23 -49.58
C VAL E 146 9.05 87.96 -48.26
N LYS E 147 9.47 89.22 -48.33
CA LYS E 147 9.75 90.02 -47.15
C LYS E 147 8.84 91.24 -47.12
N GLY E 148 8.24 91.49 -45.96
CA GLY E 148 7.38 92.62 -45.78
C GLY E 148 5.90 92.35 -45.93
N TYR E 149 5.46 91.12 -45.69
CA TYR E 149 4.05 90.76 -45.77
C TYR E 149 3.43 90.74 -44.38
N PHE E 150 2.13 91.03 -44.34
CA PHE E 150 1.39 91.10 -43.08
C PHE E 150 -0.10 90.93 -43.36
N PRO E 151 -0.79 89.98 -42.70
CA PRO E 151 -0.24 89.00 -41.76
C PRO E 151 0.06 87.64 -42.40
N GLU E 152 0.32 86.64 -41.55
CA GLU E 152 0.54 85.27 -42.00
C GLU E 152 -0.77 84.69 -42.54
N PRO E 153 -0.69 83.71 -43.46
CA PRO E 153 0.45 83.10 -44.14
C PRO E 153 0.61 83.50 -45.61
N VAL E 154 1.66 82.98 -46.24
CA VAL E 154 1.93 83.18 -47.67
C VAL E 154 2.36 81.85 -48.26
N THR E 155 1.70 81.42 -49.32
CA THR E 155 2.01 80.18 -50.01
C THR E 155 2.89 80.50 -51.23
N VAL E 156 4.08 79.91 -51.25
CA VAL E 156 5.05 80.13 -52.32
C VAL E 156 5.20 78.84 -53.12
N THR E 157 5.04 78.95 -54.43
CA THR E 157 5.19 77.80 -55.32
C THR E 157 5.97 78.22 -56.55
N TRP E 158 6.38 77.22 -57.34
CA TRP E 158 7.17 77.43 -58.54
C TRP E 158 6.52 76.70 -59.69
N ASN E 159 5.99 77.47 -60.66
CA ASN E 159 5.32 76.96 -61.87
C ASN E 159 4.14 76.04 -61.52
N SER E 160 3.33 76.49 -60.55
CA SER E 160 2.13 75.79 -60.06
C SER E 160 2.46 74.39 -59.53
N GLY E 161 3.56 74.28 -58.80
CA GLY E 161 3.92 73.02 -58.17
C GLY E 161 4.79 72.11 -59.00
N SER E 162 5.66 72.66 -59.86
CA SER E 162 6.53 71.82 -60.68
C SER E 162 7.71 71.30 -59.85
N LEU E 163 8.38 72.21 -59.13
CA LEU E 163 9.52 71.82 -58.31
C LEU E 163 9.01 71.30 -56.96
N SER E 164 9.30 70.03 -56.67
CA SER E 164 8.88 69.39 -55.43
C SER E 164 9.95 68.54 -54.76
N SER E 165 11.10 68.32 -55.39
CA SER E 165 12.10 67.41 -54.86
C SER E 165 12.86 68.01 -53.69
N GLY E 166 13.54 69.13 -53.91
CA GLY E 166 14.39 69.73 -52.88
C GLY E 166 13.86 71.04 -52.34
N VAL E 167 12.54 71.15 -52.16
CA VAL E 167 11.96 72.38 -51.64
C VAL E 167 12.16 72.44 -50.13
N HIS E 168 12.74 73.55 -49.67
CA HIS E 168 12.96 73.79 -48.24
C HIS E 168 12.20 75.04 -47.83
N THR E 169 11.25 74.87 -46.93
CA THR E 169 10.39 75.97 -46.47
C THR E 169 10.98 76.58 -45.21
N PHE E 170 11.29 77.86 -45.26
CA PHE E 170 11.81 78.62 -44.13
C PHE E 170 10.67 79.13 -43.27
N PRO E 171 10.85 79.21 -41.95
CA PRO E 171 9.80 79.74 -41.09
C PRO E 171 9.69 81.26 -41.18
N ALA E 172 8.53 81.76 -40.79
CA ALA E 172 8.27 83.19 -40.83
C ALA E 172 8.98 83.88 -39.67
N VAL E 173 9.81 84.88 -39.99
CA VAL E 173 10.54 85.62 -38.98
C VAL E 173 9.63 86.69 -38.39
N LEU E 174 9.50 86.70 -37.07
CA LEU E 174 8.64 87.66 -36.38
C LEU E 174 9.40 88.97 -36.20
N GLN E 175 8.92 90.02 -36.86
CA GLN E 175 9.52 91.35 -36.79
C GLN E 175 8.48 92.35 -36.26
N SER E 176 8.85 93.63 -36.30
CA SER E 176 7.97 94.69 -35.86
C SER E 176 6.85 94.93 -36.87
N ASP E 177 5.71 94.29 -36.65
CA ASP E 177 4.51 94.35 -37.51
C ASP E 177 4.79 93.91 -38.95
N LEU E 178 5.75 93.01 -39.13
CA LEU E 178 6.12 92.52 -40.44
C LEU E 178 6.54 91.06 -40.32
N TYR E 179 6.64 90.39 -41.47
CA TYR E 179 7.06 89.00 -41.54
C TYR E 179 7.93 88.80 -42.77
N THR E 180 8.81 87.81 -42.70
CA THR E 180 9.75 87.51 -43.76
C THR E 180 9.73 86.01 -44.03
N LEU E 181 9.54 85.63 -45.29
CA LEU E 181 9.50 84.23 -45.70
C LEU E 181 10.58 83.99 -46.76
N SER E 182 11.48 83.06 -46.47
CA SER E 182 12.53 82.68 -47.40
C SER E 182 12.22 81.32 -48.02
N SER E 183 12.99 80.97 -49.04
CA SER E 183 12.79 79.72 -49.76
C SER E 183 14.10 79.28 -50.41
N SER E 184 14.25 77.97 -50.60
CA SER E 184 15.44 77.41 -51.23
C SER E 184 15.07 76.07 -51.86
N VAL E 185 15.21 75.98 -53.18
CA VAL E 185 14.88 74.78 -53.93
C VAL E 185 16.11 74.33 -54.70
N THR E 186 16.51 73.08 -54.49
CA THR E 186 17.66 72.51 -55.20
C THR E 186 17.28 72.24 -56.66
N VAL E 187 17.95 72.94 -57.57
CA VAL E 187 17.63 72.85 -59.00
C VAL E 187 18.90 72.47 -59.75
N PRO E 188 18.75 71.84 -60.93
CA PRO E 188 19.92 71.61 -61.79
C PRO E 188 20.43 72.90 -62.40
N SER E 189 21.58 72.78 -63.08
CA SER E 189 22.26 73.96 -63.65
C SER E 189 21.55 74.49 -64.89
N SER E 190 20.67 73.71 -65.51
CA SER E 190 19.95 74.12 -66.70
C SER E 190 18.62 74.80 -66.39
N THR E 191 18.46 75.35 -65.18
CA THR E 191 17.21 75.98 -64.79
C THR E 191 17.14 77.44 -65.20
N TRP E 192 18.27 78.12 -65.34
CA TRP E 192 18.28 79.53 -65.71
C TRP E 192 19.53 79.82 -66.51
N PRO E 193 19.45 80.55 -67.64
CA PRO E 193 18.23 81.13 -68.22
C PRO E 193 17.57 80.22 -69.24
N SER E 194 17.84 78.91 -69.17
CA SER E 194 17.30 77.97 -70.15
C SER E 194 15.82 77.70 -69.89
N GLU E 195 15.49 77.28 -68.68
CA GLU E 195 14.11 76.94 -68.35
C GLU E 195 13.35 78.18 -67.90
N THR E 196 12.14 78.34 -68.43
CA THR E 196 11.27 79.46 -68.07
C THR E 196 10.59 79.14 -66.74
N VAL E 197 11.09 79.73 -65.67
CA VAL E 197 10.58 79.49 -64.32
C VAL E 197 9.91 80.76 -63.82
N THR E 198 8.73 80.61 -63.22
CA THR E 198 8.00 81.73 -62.66
C THR E 198 7.54 81.37 -61.25
N CYS E 199 8.03 82.11 -60.26
CA CYS E 199 7.67 81.87 -58.87
C CYS E 199 6.38 82.61 -58.54
N ASN E 200 5.33 81.85 -58.21
CA ASN E 200 4.03 82.42 -57.88
C ASN E 200 3.90 82.58 -56.37
N VAL E 201 3.58 83.80 -55.94
CA VAL E 201 3.42 84.12 -54.53
C VAL E 201 1.99 84.57 -54.30
N ALA E 202 1.28 83.87 -53.41
CA ALA E 202 -0.11 84.15 -53.10
C ALA E 202 -0.25 84.51 -51.63
N HIS E 203 -0.94 85.61 -51.35
CA HIS E 203 -1.19 86.04 -49.98
C HIS E 203 -2.68 85.96 -49.69
N PRO E 204 -3.15 84.87 -49.08
CA PRO E 204 -4.60 84.72 -48.84
C PRO E 204 -5.11 85.57 -47.69
N ALA E 205 -4.24 86.11 -46.84
CA ALA E 205 -4.69 86.92 -45.72
C ALA E 205 -5.14 88.30 -46.17
N SER E 206 -4.44 88.87 -47.16
CA SER E 206 -4.76 90.19 -47.68
C SER E 206 -5.37 90.14 -49.08
N SER E 207 -5.56 88.93 -49.63
CA SER E 207 -6.12 88.69 -50.98
C SER E 207 -5.31 89.41 -52.06
N THR E 208 -3.99 89.37 -51.94
CA THR E 208 -3.08 90.01 -52.88
C THR E 208 -2.24 88.96 -53.58
N LYS E 209 -2.27 88.98 -54.91
CA LYS E 209 -1.53 88.03 -55.74
C LYS E 209 -0.48 88.79 -56.54
N VAL E 210 0.78 88.67 -56.13
CA VAL E 210 1.90 89.32 -56.81
C VAL E 210 2.83 88.21 -57.28
N ASP E 211 2.82 87.95 -58.59
CA ASP E 211 3.68 86.93 -59.18
C ASP E 211 4.77 87.61 -60.02
N LYS E 212 6.02 87.20 -59.78
CA LYS E 212 7.16 87.74 -60.50
C LYS E 212 7.97 86.58 -61.06
N LYS E 213 8.46 86.74 -62.30
CA LYS E 213 9.24 85.70 -62.96
C LYS E 213 10.65 85.66 -62.39
N ILE E 214 11.31 84.52 -62.58
CA ILE E 214 12.68 84.34 -62.12
C ILE E 214 13.64 85.12 -63.02
N ASN F 1 0.34 77.55 -8.80
CA ASN F 1 1.14 77.45 -10.01
C ASN F 1 2.20 76.36 -9.89
N ILE F 2 2.27 75.50 -10.89
CA ILE F 2 3.22 74.39 -10.93
C ILE F 2 4.32 74.74 -11.92
N VAL F 3 5.55 74.85 -11.42
CA VAL F 3 6.70 75.19 -12.25
C VAL F 3 7.37 73.88 -12.66
N LEU F 4 7.21 73.51 -13.93
CA LEU F 4 7.80 72.27 -14.45
C LEU F 4 9.18 72.59 -14.99
N THR F 5 10.19 72.34 -14.15
CA THR F 5 11.58 72.58 -14.52
C THR F 5 12.06 71.45 -15.42
N GLN F 6 12.22 71.75 -16.71
CA GLN F 6 12.66 70.78 -17.70
C GLN F 6 14.14 71.02 -18.00
N SER F 7 14.95 69.98 -17.86
CA SER F 7 16.39 70.07 -18.05
C SER F 7 16.85 68.86 -18.85
N PRO F 8 17.81 69.04 -19.78
CA PRO F 8 18.48 70.29 -20.15
C PRO F 8 17.73 71.06 -21.24
N ALA F 9 18.34 72.15 -21.72
CA ALA F 9 17.70 72.94 -22.77
C ALA F 9 17.95 72.36 -24.15
N SER F 10 19.08 71.67 -24.34
CA SER F 10 19.41 71.11 -25.64
C SER F 10 20.24 69.84 -25.43
N LEU F 11 20.23 68.99 -26.45
CA LEU F 11 20.97 67.74 -26.42
C LEU F 11 21.55 67.45 -27.79
N ALA F 12 22.64 66.69 -27.81
CA ALA F 12 23.31 66.27 -29.05
C ALA F 12 23.49 64.75 -28.96
N VAL F 13 22.48 64.00 -29.39
CA VAL F 13 22.48 62.56 -29.35
C VAL F 13 22.50 62.02 -30.78
N SER F 14 23.47 61.15 -31.07
CA SER F 14 23.62 60.59 -32.40
C SER F 14 22.63 59.44 -32.62
N LEU F 15 22.75 58.82 -33.79
CA LEU F 15 21.87 57.71 -34.14
C LEU F 15 22.26 56.44 -33.37
N GLY F 16 21.24 55.70 -32.94
CA GLY F 16 21.45 54.46 -32.24
C GLY F 16 21.71 54.58 -30.75
N GLN F 17 21.77 55.80 -30.21
CA GLN F 17 22.03 56.01 -28.80
C GLN F 17 20.73 56.27 -28.06
N ARG F 18 20.85 56.56 -26.76
CA ARG F 18 19.70 56.80 -25.89
C ARG F 18 19.77 58.22 -25.35
N ALA F 19 18.67 58.96 -25.50
CA ALA F 19 18.58 60.33 -25.01
C ALA F 19 17.89 60.36 -23.65
N THR F 20 18.35 61.25 -22.78
CA THR F 20 17.80 61.39 -21.44
C THR F 20 17.31 62.82 -21.25
N ILE F 21 16.00 62.97 -21.06
CA ILE F 21 15.37 64.27 -20.85
C ILE F 21 14.65 64.24 -19.51
N SER F 22 15.01 65.15 -18.62
CA SER F 22 14.45 65.16 -17.27
C SER F 22 13.26 66.12 -17.18
N CYS F 23 12.45 65.91 -16.15
CA CYS F 23 11.27 66.74 -15.91
C CYS F 23 10.95 66.64 -14.42
N ARG F 24 10.89 67.79 -13.74
CA ARG F 24 10.65 67.82 -12.30
C ARG F 24 9.28 68.44 -12.02
N ALA F 25 8.53 67.78 -11.14
CA ALA F 25 7.20 68.24 -10.74
C ALA F 25 7.07 68.13 -9.24
N SER F 26 6.14 68.90 -8.67
CA SER F 26 5.91 68.93 -7.24
C SER F 26 4.49 68.46 -6.87
N GLU F 27 3.47 69.05 -7.49
CA GLU F 27 2.08 68.74 -7.16
C GLU F 27 1.31 68.48 -8.44
N SER F 28 0.47 67.44 -8.42
CA SER F 28 0.24 66.54 -7.29
C SER F 28 0.71 65.13 -7.59
N VAL F 29 0.52 64.22 -6.63
CA VAL F 29 0.91 62.83 -6.75
C VAL F 29 -0.27 61.94 -6.35
N ASP F 30 -0.10 60.63 -6.54
CA ASP F 30 -1.01 59.57 -6.08
C ASP F 30 -2.42 59.74 -6.67
N SER F 31 -2.49 59.61 -8.00
CA SER F 31 -3.78 59.69 -8.68
C SER F 31 -4.63 58.46 -8.37
N TYR F 32 -4.30 57.33 -8.96
CA TYR F 32 -4.96 56.09 -8.59
C TYR F 32 -3.97 55.00 -8.20
N GLY F 33 -2.84 54.91 -8.89
CA GLY F 33 -1.78 54.00 -8.49
C GLY F 33 -0.42 54.51 -8.90
N ASN F 34 -0.36 55.71 -9.47
CA ASN F 34 0.86 56.25 -10.03
C ASN F 34 0.76 57.77 -10.04
N SER F 35 1.90 58.41 -10.29
CA SER F 35 2.01 59.87 -10.26
C SER F 35 2.86 60.36 -11.41
N PHE F 36 2.65 59.82 -12.60
CA PHE F 36 3.46 60.18 -13.75
C PHE F 36 2.79 61.27 -14.57
N LEU F 37 3.54 61.80 -15.53
CA LEU F 37 3.08 62.86 -16.42
C LEU F 37 3.02 62.35 -17.86
N HIS F 38 2.70 63.26 -18.77
CA HIS F 38 2.64 62.96 -20.19
C HIS F 38 3.87 63.53 -20.90
N TRP F 39 4.21 62.92 -22.03
CA TRP F 39 5.33 63.36 -22.84
C TRP F 39 4.85 63.73 -24.23
N TYR F 40 5.48 64.76 -24.81
CA TYR F 40 5.11 65.25 -26.13
C TYR F 40 6.38 65.54 -26.93
N GLN F 41 6.20 65.68 -28.25
CA GLN F 41 7.30 65.99 -29.16
C GLN F 41 6.80 67.00 -30.18
N GLN F 42 7.36 68.20 -30.17
CA GLN F 42 6.92 69.29 -31.03
C GLN F 42 8.03 69.61 -32.03
N LYS F 43 7.72 69.47 -33.31
CA LYS F 43 8.63 69.84 -34.38
C LYS F 43 8.50 71.33 -34.69
N PRO F 44 9.56 71.96 -35.19
CA PRO F 44 9.47 73.39 -35.55
C PRO F 44 8.61 73.66 -36.78
N GLY F 45 8.27 72.65 -37.57
CA GLY F 45 7.41 72.85 -38.72
C GLY F 45 6.24 71.89 -38.77
N GLN F 46 5.78 71.46 -37.60
CA GLN F 46 4.70 70.49 -37.48
C GLN F 46 4.08 70.63 -36.10
N PRO F 47 2.76 70.54 -35.96
CA PRO F 47 2.13 70.53 -34.65
C PRO F 47 2.54 69.29 -33.84
N PRO F 48 2.56 69.38 -32.50
CA PRO F 48 3.07 68.26 -31.69
C PRO F 48 2.16 67.05 -31.66
N LYS F 49 2.57 66.04 -30.89
CA LYS F 49 1.84 64.79 -30.78
C LYS F 49 2.17 64.11 -29.46
N LEU F 50 1.25 63.26 -28.99
CA LEU F 50 1.45 62.53 -27.75
C LEU F 50 2.34 61.32 -28.00
N LEU F 51 3.37 61.16 -27.16
CA LEU F 51 4.29 60.05 -27.27
C LEU F 51 3.87 58.87 -26.39
N ILE F 52 3.77 59.11 -25.08
CA ILE F 52 3.44 58.07 -24.12
C ILE F 52 2.78 58.72 -22.90
N TYR F 53 1.62 58.20 -22.52
CA TYR F 53 0.88 58.71 -21.37
C TYR F 53 1.17 57.85 -20.14
N LEU F 54 1.37 58.52 -19.00
CA LEU F 54 1.59 57.95 -17.67
C LEU F 54 2.84 57.07 -17.56
N ALA F 55 3.76 57.15 -18.54
CA ALA F 55 5.08 56.53 -18.53
C ALA F 55 5.05 55.00 -18.37
N SER F 56 3.92 54.35 -18.66
CA SER F 56 3.83 52.91 -18.49
C SER F 56 2.98 52.24 -19.57
N ASN F 57 2.49 52.98 -20.56
CA ASN F 57 1.63 52.41 -21.59
C ASN F 57 2.13 52.77 -22.98
N LEU F 58 1.34 52.45 -23.99
CA LEU F 58 1.67 52.73 -25.38
C LEU F 58 0.61 53.63 -26.00
N GLU F 59 1.01 54.36 -27.04
CA GLU F 59 0.12 55.27 -27.75
C GLU F 59 0.31 55.10 -29.24
N SER F 60 -0.78 55.04 -29.98
CA SER F 60 -0.72 54.89 -31.43
C SER F 60 -0.31 56.19 -32.09
N GLY F 61 0.13 56.08 -33.34
CA GLY F 61 0.64 57.21 -34.08
C GLY F 61 2.13 57.45 -33.95
N VAL F 62 2.74 56.94 -32.89
CA VAL F 62 4.18 57.08 -32.67
C VAL F 62 4.77 55.68 -32.52
N PRO F 63 6.04 55.49 -32.90
CA PRO F 63 6.68 54.19 -32.70
C PRO F 63 6.96 53.92 -31.23
N ALA F 64 7.29 52.66 -30.94
CA ALA F 64 7.49 52.19 -29.58
C ALA F 64 8.89 52.47 -29.03
N ARG F 65 9.66 53.34 -29.69
CA ARG F 65 10.98 53.69 -29.18
C ARG F 65 10.92 54.63 -27.98
N PHE F 66 9.79 55.30 -27.78
CA PHE F 66 9.64 56.24 -26.68
C PHE F 66 9.12 55.52 -25.44
N SER F 67 9.88 55.61 -24.36
CA SER F 67 9.48 55.01 -23.08
C SER F 67 10.08 55.86 -21.96
N GLY F 68 10.05 55.33 -20.74
CA GLY F 68 10.66 56.02 -19.63
C GLY F 68 10.01 55.65 -18.33
N SER F 69 10.54 56.23 -17.26
CA SER F 69 10.05 56.02 -15.90
C SER F 69 10.44 57.23 -15.07
N GLY F 70 10.31 57.11 -13.76
CA GLY F 70 10.67 58.19 -12.86
C GLY F 70 10.05 58.03 -11.51
N SER F 71 10.44 58.92 -10.60
CA SER F 71 9.93 58.92 -9.24
C SER F 71 8.69 59.81 -9.16
N ARG F 72 8.27 60.15 -7.93
CA ARG F 72 7.10 61.00 -7.76
C ARG F 72 7.39 62.45 -8.14
N THR F 73 8.66 62.86 -8.08
CA THR F 73 9.06 64.22 -8.41
C THR F 73 9.79 64.31 -9.74
N ASP F 74 10.82 63.49 -9.94
CA ASP F 74 11.61 63.52 -11.17
C ASP F 74 11.08 62.50 -12.16
N PHE F 75 11.15 62.84 -13.45
CA PHE F 75 10.69 61.98 -14.52
C PHE F 75 11.74 61.93 -15.62
N THR F 76 11.82 60.79 -16.29
CA THR F 76 12.83 60.56 -17.32
C THR F 76 12.16 60.03 -18.58
N LEU F 77 12.51 60.63 -19.72
CA LEU F 77 12.04 60.19 -21.03
C LEU F 77 13.17 59.44 -21.72
N THR F 78 12.85 58.26 -22.24
CA THR F 78 13.83 57.37 -22.87
C THR F 78 13.52 57.28 -24.36
N ILE F 79 14.41 57.81 -25.18
CA ILE F 79 14.32 57.72 -26.63
C ILE F 79 15.41 56.76 -27.08
N ASP F 80 15.03 55.50 -27.34
CA ASP F 80 15.98 54.47 -27.68
C ASP F 80 15.38 53.50 -28.70
N PRO F 81 15.90 53.44 -29.93
CA PRO F 81 17.02 54.25 -30.44
C PRO F 81 16.58 55.57 -31.07
N VAL F 82 17.52 56.50 -31.21
CA VAL F 82 17.24 57.79 -31.84
C VAL F 82 17.37 57.63 -33.35
N GLU F 83 16.27 57.83 -34.06
CA GLU F 83 16.24 57.72 -35.51
C GLU F 83 16.43 59.10 -36.14
N ALA F 84 16.21 59.16 -37.46
CA ALA F 84 16.37 60.40 -38.22
C ALA F 84 15.10 61.26 -38.24
N ASP F 85 14.16 61.02 -37.31
CA ASP F 85 12.93 61.79 -37.24
C ASP F 85 12.67 62.27 -35.81
N ASP F 86 13.69 62.29 -34.96
CA ASP F 86 13.56 62.71 -33.57
C ASP F 86 14.16 64.08 -33.31
N ALA F 87 14.55 64.80 -34.36
CA ALA F 87 15.14 66.13 -34.21
C ALA F 87 14.02 67.15 -34.00
N ALA F 88 13.55 67.21 -32.75
CA ALA F 88 12.45 68.10 -32.39
C ALA F 88 12.55 68.42 -30.91
N THR F 89 11.71 69.36 -30.48
CA THR F 89 11.63 69.74 -29.08
C THR F 89 10.71 68.79 -28.32
N TYR F 90 10.92 68.71 -27.01
CA TYR F 90 10.17 67.81 -26.15
C TYR F 90 9.65 68.58 -24.94
N TYR F 91 8.46 68.22 -24.50
CA TYR F 91 7.82 68.87 -23.36
C TYR F 91 7.20 67.82 -22.46
N CYS F 92 6.94 68.21 -21.21
CA CYS F 92 6.22 67.38 -20.26
C CYS F 92 5.10 68.21 -19.65
N GLN F 93 3.92 67.61 -19.53
CA GLN F 93 2.71 68.32 -19.09
C GLN F 93 2.24 67.77 -17.76
N GLN F 94 1.97 68.66 -16.82
CA GLN F 94 1.39 68.28 -15.55
C GLN F 94 -0.08 67.91 -15.72
N ASN F 95 -0.50 66.81 -15.08
CA ASN F 95 -1.87 66.35 -15.18
C ASN F 95 -2.59 66.20 -13.84
N ASN F 96 -1.90 66.37 -12.71
CA ASN F 96 -2.50 66.15 -11.40
C ASN F 96 -2.89 67.45 -10.71
N GLU F 97 -2.52 68.61 -11.26
CA GLU F 97 -2.79 69.87 -10.59
C GLU F 97 -2.85 70.99 -11.62
N ASP F 98 -3.82 71.89 -11.45
CA ASP F 98 -4.01 73.10 -12.23
C ASP F 98 -2.99 74.16 -11.82
N PRO F 99 -2.33 74.85 -12.76
CA PRO F 99 -2.42 74.79 -14.23
C PRO F 99 -1.73 73.57 -14.86
N PHE F 100 -2.30 73.08 -15.95
CA PHE F 100 -1.76 71.93 -16.67
C PHE F 100 -0.83 72.41 -17.80
N THR F 101 0.19 73.16 -17.40
CA THR F 101 1.12 73.77 -18.34
C THR F 101 2.18 72.77 -18.80
N PHE F 102 3.04 73.23 -19.70
CA PHE F 102 4.12 72.41 -20.23
C PHE F 102 5.46 72.83 -19.62
N GLY F 103 6.53 72.19 -20.06
CA GLY F 103 7.86 72.50 -19.59
C GLY F 103 8.51 73.61 -20.38
N SER F 104 9.84 73.71 -20.25
CA SER F 104 10.59 74.74 -20.95
C SER F 104 10.90 74.32 -22.38
N GLY F 105 11.25 73.05 -22.59
CA GLY F 105 11.54 72.56 -23.93
C GLY F 105 12.98 72.12 -24.12
N THR F 106 13.18 70.82 -24.35
CA THR F 106 14.49 70.26 -24.63
C THR F 106 14.62 70.04 -26.13
N LYS F 107 15.46 70.84 -26.77
CA LYS F 107 15.67 70.76 -28.21
C LYS F 107 16.68 69.64 -28.50
N LEU F 108 16.16 68.48 -28.91
CA LEU F 108 17.01 67.35 -29.24
C LEU F 108 17.54 67.50 -30.66
N GLU F 109 18.86 67.49 -30.79
CA GLU F 109 19.52 67.59 -32.10
C GLU F 109 20.26 66.29 -32.38
N ILE F 110 20.15 65.82 -33.62
CA ILE F 110 20.79 64.58 -34.04
C ILE F 110 22.25 64.87 -34.34
N LYS F 111 23.16 64.22 -33.61
CA LYS F 111 24.59 64.43 -33.76
C LYS F 111 25.05 63.70 -35.02
N ARG F 112 25.11 64.42 -36.12
CA ARG F 112 25.55 63.89 -37.40
C ARG F 112 26.95 64.39 -37.73
N ALA F 113 27.42 64.02 -38.93
CA ALA F 113 28.73 64.45 -39.38
C ALA F 113 28.68 65.91 -39.82
N ASP F 114 29.77 66.63 -39.53
CA ASP F 114 29.85 68.04 -39.90
C ASP F 114 30.10 68.19 -41.40
N ALA F 115 29.58 69.28 -41.96
CA ALA F 115 29.70 69.52 -43.40
C ALA F 115 29.73 71.02 -43.65
N ALA F 116 30.37 71.40 -44.75
CA ALA F 116 30.48 72.80 -45.14
C ALA F 116 29.22 73.24 -45.89
N PRO F 117 28.80 74.49 -45.70
CA PRO F 117 27.63 74.99 -46.42
C PRO F 117 27.94 75.26 -47.89
N THR F 118 26.87 75.49 -48.65
CA THR F 118 27.00 75.76 -50.07
C THR F 118 27.54 77.17 -50.30
N VAL F 119 28.10 77.39 -51.49
CA VAL F 119 28.69 78.66 -51.87
C VAL F 119 27.84 79.23 -53.00
N SER F 120 26.87 80.08 -52.67
CA SER F 120 25.97 80.65 -53.66
C SER F 120 25.37 81.93 -53.10
N ILE F 121 25.19 82.91 -53.98
CA ILE F 121 24.55 84.18 -53.64
C ILE F 121 23.92 84.73 -54.91
N PHE F 122 22.66 85.15 -54.81
CA PHE F 122 21.87 85.54 -55.99
C PHE F 122 21.59 87.03 -55.99
N PRO F 123 22.11 87.78 -56.96
CA PRO F 123 21.75 89.19 -57.08
C PRO F 123 20.40 89.35 -57.74
N PRO F 124 19.71 90.46 -57.51
CA PRO F 124 18.43 90.69 -58.20
C PRO F 124 18.63 91.01 -59.67
N SER F 125 17.59 90.73 -60.46
CA SER F 125 17.64 90.96 -61.90
C SER F 125 17.37 92.43 -62.22
N SER F 126 17.33 92.73 -63.53
CA SER F 126 17.09 94.09 -63.97
C SER F 126 15.63 94.49 -63.78
N GLU F 127 14.71 93.52 -63.81
CA GLU F 127 13.30 93.83 -63.62
C GLU F 127 12.99 94.13 -62.16
N GLN F 128 13.76 93.56 -61.24
CA GLN F 128 13.54 93.83 -59.82
C GLN F 128 14.08 95.19 -59.40
N LEU F 129 15.05 95.73 -60.15
CA LEU F 129 15.59 97.04 -59.83
C LEU F 129 14.71 98.17 -60.34
N THR F 130 13.70 97.87 -61.16
CA THR F 130 12.79 98.90 -61.65
C THR F 130 11.87 99.39 -60.53
N SER F 131 11.57 98.54 -59.55
CA SER F 131 10.71 98.95 -58.45
C SER F 131 11.41 99.87 -57.46
N GLY F 132 12.75 99.89 -57.45
CA GLY F 132 13.52 100.76 -56.59
C GLY F 132 14.36 100.02 -55.57
N GLY F 133 13.94 98.83 -55.17
CA GLY F 133 14.66 98.06 -54.17
C GLY F 133 15.62 97.05 -54.78
N ALA F 134 16.31 96.33 -53.90
CA ALA F 134 17.27 95.31 -54.32
C ALA F 134 17.34 94.25 -53.23
N SER F 135 17.23 92.99 -53.63
CA SER F 135 17.22 91.86 -52.71
C SER F 135 18.41 90.95 -53.01
N VAL F 136 19.47 91.07 -52.23
CA VAL F 136 20.65 90.23 -52.34
C VAL F 136 20.62 89.23 -51.19
N VAL F 137 20.54 87.94 -51.53
CA VAL F 137 20.44 86.87 -50.55
C VAL F 137 21.57 85.88 -50.78
N CYS F 138 22.39 85.65 -49.76
CA CYS F 138 23.49 84.70 -49.82
C CYS F 138 22.99 83.35 -49.31
N PHE F 139 23.12 82.32 -50.14
CA PHE F 139 22.60 80.99 -49.81
C PHE F 139 23.66 80.17 -49.09
N LEU F 140 23.28 79.65 -47.91
CA LEU F 140 24.14 78.78 -47.10
C LEU F 140 23.27 77.61 -46.64
N ASN F 141 23.31 76.52 -47.37
CA ASN F 141 22.48 75.35 -47.10
C ASN F 141 23.34 74.10 -46.95
N ASN F 142 22.73 73.07 -46.35
CA ASN F 142 23.32 71.74 -46.15
C ASN F 142 24.62 71.81 -45.36
N PHE F 143 24.50 72.24 -44.11
CA PHE F 143 25.64 72.39 -43.20
C PHE F 143 25.28 71.83 -41.84
N TYR F 144 26.31 71.60 -41.02
CA TYR F 144 26.15 71.10 -39.67
C TYR F 144 27.40 71.46 -38.89
N PRO F 145 27.28 71.96 -37.65
CA PRO F 145 26.05 72.24 -36.91
C PRO F 145 25.47 73.63 -37.21
N LYS F 146 24.58 74.12 -36.34
CA LYS F 146 23.94 75.41 -36.55
C LYS F 146 24.82 76.58 -36.12
N ASP F 147 25.99 76.33 -35.56
CA ASP F 147 26.89 77.39 -35.13
C ASP F 147 27.56 77.99 -36.36
N ILE F 148 27.06 79.14 -36.82
CA ILE F 148 27.60 79.82 -37.99
C ILE F 148 27.37 81.31 -37.83
N ASN F 149 28.41 82.10 -38.06
CA ASN F 149 28.37 83.55 -37.94
C ASN F 149 28.37 84.14 -39.35
N VAL F 150 27.20 84.58 -39.80
CA VAL F 150 27.05 85.18 -41.12
C VAL F 150 27.12 86.69 -40.99
N LYS F 151 27.93 87.33 -41.84
CA LYS F 151 28.13 88.77 -41.79
C LYS F 151 28.29 89.31 -43.19
N TRP F 152 27.40 90.21 -43.60
CA TRP F 152 27.50 90.87 -44.90
C TRP F 152 28.60 91.91 -44.86
N LYS F 153 29.52 91.85 -45.81
CA LYS F 153 30.68 92.75 -45.86
C LYS F 153 30.76 93.38 -47.25
N ILE F 154 30.20 94.59 -47.38
CA ILE F 154 30.42 95.38 -48.58
C ILE F 154 31.86 95.88 -48.59
N ASP F 155 32.44 95.98 -49.79
CA ASP F 155 33.84 96.38 -49.93
C ASP F 155 34.07 97.82 -49.54
N GLY F 156 33.04 98.67 -49.60
CA GLY F 156 33.19 100.04 -49.14
C GLY F 156 33.19 100.14 -47.63
N SER F 157 32.11 99.71 -46.99
CA SER F 157 31.99 99.75 -45.54
C SER F 157 31.00 98.67 -45.12
N GLU F 158 31.14 98.22 -43.87
CA GLU F 158 30.28 97.16 -43.36
C GLU F 158 28.87 97.67 -43.11
N ARG F 159 27.89 96.84 -43.45
CA ARG F 159 26.48 97.19 -43.33
C ARG F 159 25.75 96.04 -42.65
N GLN F 160 25.34 96.25 -41.40
CA GLN F 160 24.61 95.24 -40.62
C GLN F 160 23.29 95.80 -40.12
N ASN F 161 22.74 96.81 -40.80
CA ASN F 161 21.51 97.46 -40.40
C ASN F 161 20.27 96.83 -41.05
N GLY F 162 20.28 96.64 -42.36
CA GLY F 162 19.14 96.07 -43.05
C GLY F 162 19.31 94.60 -43.37
N VAL F 163 19.92 93.85 -42.46
CA VAL F 163 20.15 92.43 -42.64
C VAL F 163 19.17 91.65 -41.77
N LEU F 164 18.89 90.42 -42.19
CA LEU F 164 17.98 89.54 -41.45
C LEU F 164 18.29 88.10 -41.82
N ASN F 165 18.47 87.25 -40.80
CA ASN F 165 18.77 85.85 -41.00
C ASN F 165 17.57 85.00 -40.60
N SER F 166 17.30 83.95 -41.38
CA SER F 166 16.22 83.02 -41.12
C SER F 166 16.83 81.70 -40.67
N TRP F 167 16.98 81.56 -39.35
CA TRP F 167 17.62 80.38 -38.76
C TRP F 167 16.58 79.28 -38.60
N THR F 168 16.73 78.22 -39.39
CA THR F 168 15.84 77.07 -39.34
C THR F 168 16.52 75.95 -38.57
N ASP F 169 15.74 75.19 -37.80
CA ASP F 169 16.26 74.07 -37.05
C ASP F 169 16.43 72.85 -37.97
N GLN F 170 16.74 71.70 -37.36
CA GLN F 170 16.96 70.48 -38.14
C GLN F 170 15.63 69.94 -38.65
N ASP F 171 15.55 69.79 -39.98
CA ASP F 171 14.31 69.34 -40.60
C ASP F 171 14.09 67.85 -40.37
N SER F 172 12.84 67.41 -40.55
CA SER F 172 12.50 66.01 -40.39
C SER F 172 13.06 65.17 -41.53
N LYS F 173 13.00 65.69 -42.76
CA LYS F 173 13.50 64.94 -43.90
C LYS F 173 15.00 65.16 -44.09
N ASP F 174 15.43 66.42 -44.16
CA ASP F 174 16.85 66.74 -44.33
C ASP F 174 17.50 66.82 -42.96
N SER F 175 18.56 66.03 -42.76
CA SER F 175 19.27 66.01 -41.48
C SER F 175 20.18 67.21 -41.29
N THR F 176 20.47 67.96 -42.34
CA THR F 176 21.34 69.13 -42.23
C THR F 176 20.52 70.40 -42.03
N TYR F 177 21.23 71.48 -41.74
CA TYR F 177 20.59 72.78 -41.51
C TYR F 177 20.56 73.59 -42.80
N SER F 178 19.72 74.63 -42.80
CA SER F 178 19.58 75.52 -43.94
C SER F 178 19.16 76.89 -43.44
N MET F 179 20.01 77.90 -43.68
CA MET F 179 19.74 79.26 -43.24
C MET F 179 19.87 80.20 -44.42
N SER F 180 19.01 81.22 -44.46
CA SER F 180 18.99 82.19 -45.55
C SER F 180 19.27 83.58 -44.97
N SER F 181 20.38 84.18 -45.39
CA SER F 181 20.74 85.53 -44.97
C SER F 181 20.29 86.53 -46.02
N THR F 182 19.52 87.54 -45.60
CA THR F 182 18.95 88.52 -46.49
C THR F 182 19.61 89.87 -46.30
N LEU F 183 19.48 90.73 -47.31
CA LEU F 183 20.03 92.08 -47.29
C LEU F 183 19.07 93.01 -48.01
N THR F 184 18.55 94.01 -47.28
CA THR F 184 17.62 94.98 -47.83
C THR F 184 18.36 96.25 -48.18
N LEU F 185 18.38 96.60 -49.47
CA LEU F 185 19.09 97.79 -49.93
C LEU F 185 18.36 98.36 -51.14
N THR F 186 18.62 99.63 -51.42
CA THR F 186 17.97 100.33 -52.51
C THR F 186 18.74 100.13 -53.82
N LYS F 187 18.27 100.82 -54.86
CA LYS F 187 18.92 100.73 -56.17
C LYS F 187 20.22 101.53 -56.19
N ASP F 188 20.27 102.65 -55.46
CA ASP F 188 21.47 103.47 -55.42
C ASP F 188 22.59 102.79 -54.64
N GLU F 189 22.23 102.01 -53.62
CA GLU F 189 23.24 101.25 -52.89
C GLU F 189 23.70 100.04 -53.69
N TYR F 190 22.85 99.54 -54.58
CA TYR F 190 23.24 98.40 -55.42
C TYR F 190 24.17 98.83 -56.54
N GLU F 191 24.00 100.05 -57.04
CA GLU F 191 24.85 100.59 -58.10
C GLU F 191 26.03 101.38 -57.55
N ARG F 192 26.30 101.28 -56.24
CA ARG F 192 27.42 102.01 -55.66
C ARG F 192 28.75 101.33 -55.99
N HIS F 193 28.89 100.06 -55.61
CA HIS F 193 30.09 99.29 -55.88
C HIS F 193 29.82 98.23 -56.94
N ASN F 194 30.89 97.71 -57.53
CA ASN F 194 30.76 96.70 -58.58
C ASN F 194 30.60 95.31 -58.00
N SER F 195 31.41 94.97 -56.99
CA SER F 195 31.39 93.65 -56.39
C SER F 195 30.95 93.73 -54.94
N TYR F 196 30.27 92.68 -54.49
CA TYR F 196 29.79 92.58 -53.12
C TYR F 196 30.10 91.20 -52.59
N THR F 197 30.73 91.15 -51.41
CA THR F 197 31.27 89.92 -50.86
C THR F 197 30.39 89.41 -49.72
N CYS F 198 30.02 88.13 -49.80
CA CYS F 198 29.28 87.46 -48.74
C CYS F 198 30.27 86.68 -47.88
N GLU F 199 30.41 87.11 -46.62
CA GLU F 199 31.34 86.49 -45.69
C GLU F 199 30.58 85.60 -44.71
N ALA F 200 31.12 84.42 -44.45
CA ALA F 200 30.51 83.48 -43.52
C ALA F 200 31.59 82.74 -42.77
N THR F 201 31.35 82.51 -41.48
CA THR F 201 32.28 81.80 -40.61
C THR F 201 31.57 80.58 -40.03
N HIS F 202 32.13 79.40 -40.27
CA HIS F 202 31.53 78.15 -39.86
C HIS F 202 32.48 77.42 -38.92
N LYS F 203 31.93 76.44 -38.19
CA LYS F 203 32.75 75.62 -37.30
C LYS F 203 33.67 74.70 -38.08
N THR F 204 33.17 74.10 -39.17
CA THR F 204 33.98 73.21 -39.98
C THR F 204 34.98 73.99 -40.82
N SER F 205 34.51 75.01 -41.54
CA SER F 205 35.38 75.84 -42.37
C SER F 205 35.89 76.99 -41.54
N THR F 206 37.12 76.85 -41.02
CA THR F 206 37.73 77.91 -40.24
C THR F 206 38.10 79.12 -41.09
N SER F 207 38.40 78.90 -42.36
CA SER F 207 38.65 80.01 -43.27
C SER F 207 37.33 80.71 -43.61
N PRO F 208 37.35 82.04 -43.74
CA PRO F 208 36.12 82.76 -44.10
C PRO F 208 35.74 82.51 -45.55
N ILE F 209 34.46 82.17 -45.77
CA ILE F 209 33.96 81.90 -47.10
C ILE F 209 33.84 83.21 -47.86
N VAL F 210 34.48 83.27 -49.04
CA VAL F 210 34.48 84.46 -49.87
C VAL F 210 33.78 84.12 -51.18
N LYS F 211 32.73 84.87 -51.50
CA LYS F 211 32.00 84.68 -52.75
C LYS F 211 31.42 86.02 -53.18
N SER F 212 31.84 86.49 -54.35
CA SER F 212 31.41 87.79 -54.87
C SER F 212 30.67 87.61 -56.19
N PHE F 213 30.02 88.68 -56.62
CA PHE F 213 29.30 88.70 -57.88
C PHE F 213 29.53 90.05 -58.56
N ASN F 214 28.85 90.25 -59.69
CA ASN F 214 28.93 91.49 -60.45
C ASN F 214 27.54 92.10 -60.58
N ARG F 215 27.48 93.43 -60.58
CA ARG F 215 26.21 94.13 -60.70
C ARG F 215 25.68 94.11 -62.13
N ASN F 216 26.54 93.83 -63.12
CA ASN F 216 26.10 93.77 -64.50
C ASN F 216 25.47 92.44 -64.88
N GLU F 217 25.49 91.45 -63.97
CA GLU F 217 24.91 90.14 -64.24
C GLU F 217 23.39 90.25 -64.10
N CYS F 218 22.76 90.69 -65.20
CA CYS F 218 21.30 90.84 -65.24
C CYS F 218 20.72 90.19 -66.48
N GLN G 1 64.78 31.24 7.99
CA GLN G 1 64.15 30.96 6.70
C GLN G 1 63.90 32.25 5.93
N VAL G 2 63.11 33.14 6.51
CA VAL G 2 62.78 34.42 5.90
C VAL G 2 63.82 35.46 6.32
N GLN G 3 64.45 36.09 5.34
CA GLN G 3 65.47 37.10 5.58
C GLN G 3 65.16 38.32 4.73
N LEU G 4 65.01 39.48 5.37
CA LEU G 4 64.73 40.73 4.67
C LEU G 4 65.56 41.86 5.28
N LYS G 5 66.84 41.60 5.51
CA LYS G 5 67.72 42.61 6.11
C LYS G 5 68.20 43.61 5.08
N GLN G 6 68.64 44.76 5.57
CA GLN G 6 69.13 45.84 4.73
C GLN G 6 70.53 46.25 5.15
N SER G 7 71.29 46.74 4.18
CA SER G 7 72.65 47.24 4.37
C SER G 7 73.00 48.14 3.20
N GLY G 8 74.02 48.97 3.40
CA GLY G 8 74.50 49.84 2.35
C GLY G 8 74.48 51.35 2.60
N PRO G 9 73.36 51.92 3.08
CA PRO G 9 73.39 53.34 3.44
C PRO G 9 74.17 53.59 4.72
N SER G 10 75.15 54.49 4.63
CA SER G 10 75.93 54.92 5.79
C SER G 10 75.78 56.41 6.07
N LEU G 11 75.96 57.26 5.05
CA LEU G 11 75.79 58.70 5.20
C LEU G 11 75.25 59.25 3.90
N VAL G 12 74.13 59.99 4.00
CA VAL G 12 73.45 60.54 2.84
C VAL G 12 73.44 62.06 2.95
N GLN G 13 73.88 62.72 1.90
CA GLN G 13 73.82 64.17 1.77
C GLN G 13 72.52 64.58 1.07
N PRO G 14 72.00 65.77 1.36
CA PRO G 14 70.77 66.21 0.68
C PRO G 14 71.04 66.53 -0.79
N SER G 15 69.97 66.40 -1.59
CA SER G 15 69.98 66.56 -3.06
C SER G 15 71.01 65.63 -3.71
N GLN G 16 71.04 64.39 -3.23
CA GLN G 16 71.92 63.35 -3.75
C GLN G 16 71.11 62.09 -4.02
N SER G 17 71.79 61.04 -4.45
CA SER G 17 71.16 59.77 -4.78
C SER G 17 71.88 58.62 -4.08
N LEU G 18 71.10 57.65 -3.63
CA LEU G 18 71.63 56.47 -2.96
C LEU G 18 70.60 55.35 -3.07
N SER G 19 71.08 54.12 -3.16
CA SER G 19 70.22 52.94 -3.32
C SER G 19 70.41 52.01 -2.13
N ILE G 20 69.29 51.50 -1.61
CA ILE G 20 69.29 50.56 -0.50
C ILE G 20 68.99 49.17 -1.04
N THR G 21 69.84 48.20 -0.70
CA THR G 21 69.70 46.83 -1.15
C THR G 21 69.14 45.98 -0.01
N CYS G 22 67.97 45.39 -0.23
CA CYS G 22 67.34 44.48 0.73
C CYS G 22 67.35 43.08 0.13
N THR G 23 68.09 42.17 0.75
CA THR G 23 68.14 40.78 0.29
C THR G 23 66.84 40.08 0.62
N VAL G 24 66.22 39.47 -0.38
CA VAL G 24 64.93 38.82 -0.23
C VAL G 24 65.12 37.31 -0.30
N SER G 25 64.65 36.62 0.74
CA SER G 25 64.73 35.17 0.81
C SER G 25 63.61 34.66 1.71
N GLY G 26 63.23 33.40 1.49
CA GLY G 26 62.20 32.75 2.26
C GLY G 26 60.90 32.51 1.52
N PHE G 27 60.69 33.19 0.38
CA PHE G 27 59.46 33.01 -0.38
C PHE G 27 59.76 33.26 -1.85
N SER G 28 58.74 33.02 -2.68
CA SER G 28 58.87 33.20 -4.12
C SER G 28 58.81 34.69 -4.46
N LEU G 29 59.89 35.21 -5.04
CA LEU G 29 59.94 36.63 -5.38
C LEU G 29 59.07 36.96 -6.57
N THR G 30 58.91 36.02 -7.51
CA THR G 30 58.10 36.25 -8.70
C THR G 30 56.60 36.14 -8.40
N SER G 31 56.22 35.57 -7.26
CA SER G 31 54.81 35.40 -6.94
C SER G 31 54.24 36.54 -6.12
N TYR G 32 55.05 37.18 -5.27
CA TYR G 32 54.58 38.26 -4.41
C TYR G 32 55.59 39.39 -4.42
N GLY G 33 55.09 40.62 -4.32
CA GLY G 33 55.94 41.80 -4.37
C GLY G 33 56.54 42.16 -3.02
N VAL G 34 57.33 43.23 -3.03
CA VAL G 34 58.03 43.71 -1.85
C VAL G 34 57.55 45.13 -1.54
N HIS G 35 57.07 45.34 -0.32
CA HIS G 35 56.60 46.65 0.12
C HIS G 35 57.77 47.52 0.57
N TRP G 36 57.48 48.81 0.75
CA TRP G 36 58.46 49.78 1.19
C TRP G 36 57.77 50.85 2.03
N VAL G 37 58.08 50.88 3.33
CA VAL G 37 57.46 51.81 4.27
C VAL G 37 58.56 52.52 5.05
N ARG G 38 58.15 53.47 5.88
CA ARG G 38 59.04 54.21 6.76
C ARG G 38 58.54 54.11 8.19
N GLN G 39 59.47 54.25 9.14
CA GLN G 39 59.15 54.09 10.56
C GLN G 39 58.98 55.47 11.20
N SER G 40 57.79 56.04 10.99
CA SER G 40 57.28 57.29 11.56
C SER G 40 58.19 58.49 11.34
N PRO G 41 58.22 59.06 10.12
CA PRO G 41 59.00 60.31 9.92
C PRO G 41 58.22 61.55 10.33
N GLY G 42 58.13 61.78 11.64
CA GLY G 42 57.25 62.82 12.13
C GLY G 42 55.89 62.26 12.50
N LYS G 43 54.98 62.26 11.53
CA LYS G 43 53.65 61.69 11.70
C LYS G 43 53.72 60.17 11.58
N GLY G 44 52.56 59.53 11.38
CA GLY G 44 52.46 58.08 11.30
C GLY G 44 53.15 57.42 10.12
N LEU G 45 52.95 56.11 9.98
CA LEU G 45 53.65 55.34 8.96
C LEU G 45 53.15 55.69 7.57
N GLU G 46 54.06 55.75 6.61
CA GLU G 46 53.77 56.13 5.24
C GLU G 46 54.15 55.02 4.29
N TRP G 47 53.46 54.98 3.15
CA TRP G 47 53.69 53.97 2.11
C TRP G 47 54.43 54.63 0.95
N LEU G 48 55.50 53.98 0.50
CA LEU G 48 56.34 54.51 -0.56
C LEU G 48 56.09 53.84 -1.91
N GLY G 49 56.13 52.51 -1.95
CA GLY G 49 55.91 51.81 -3.21
C GLY G 49 55.90 50.31 -2.98
N VAL G 50 55.56 49.59 -4.05
CA VAL G 50 55.50 48.13 -4.03
C VAL G 50 55.83 47.64 -5.43
N MET G 51 56.25 46.39 -5.52
CA MET G 51 56.58 45.77 -6.80
C MET G 51 55.49 44.79 -7.22
N TRP G 52 55.36 44.61 -8.54
CA TRP G 52 54.40 43.66 -9.09
C TRP G 52 55.08 42.31 -9.28
N ARG G 53 54.40 41.42 -10.02
CA ARG G 53 54.94 40.11 -10.35
C ARG G 53 55.70 40.20 -11.68
N GLY G 54 56.78 40.98 -11.65
CA GLY G 54 57.58 41.20 -12.84
C GLY G 54 56.92 42.08 -13.88
N GLY G 55 56.22 43.13 -13.45
CA GLY G 55 55.54 44.01 -14.38
C GLY G 55 55.83 45.47 -14.14
N ASN G 56 54.77 46.28 -13.99
CA ASN G 56 54.91 47.71 -13.77
C ASN G 56 55.15 48.00 -12.29
N THR G 57 55.22 49.28 -11.94
CA THR G 57 55.47 49.69 -10.57
C THR G 57 54.39 50.68 -10.13
N ASP G 58 54.14 50.69 -8.82
CA ASP G 58 53.21 51.61 -8.20
C ASP G 58 53.90 52.35 -7.06
N TYR G 59 53.62 53.65 -6.95
CA TYR G 59 54.22 54.47 -5.91
C TYR G 59 53.16 55.37 -5.30
N ASN G 60 53.58 56.17 -4.33
CA ASN G 60 52.71 57.13 -3.67
C ASN G 60 52.50 58.36 -4.56
N ALA G 61 51.58 59.22 -4.15
CA ALA G 61 51.30 60.43 -4.91
C ALA G 61 52.43 61.45 -4.77
N ALA G 62 53.09 61.47 -3.61
CA ALA G 62 54.17 62.42 -3.37
C ALA G 62 55.55 61.83 -3.58
N PHE G 63 55.67 60.51 -3.67
CA PHE G 63 56.96 59.84 -3.80
C PHE G 63 57.10 59.12 -5.13
N MET G 64 56.31 59.49 -6.15
CA MET G 64 56.42 58.82 -7.44
C MET G 64 57.61 59.31 -8.23
N SER G 65 57.81 60.63 -8.30
CA SER G 65 58.91 61.20 -9.08
C SER G 65 60.22 61.25 -8.30
N ARG G 66 60.19 60.94 -7.00
CA ARG G 66 61.40 60.99 -6.18
C ARG G 66 62.00 59.62 -5.91
N LEU G 67 61.18 58.59 -5.77
CA LEU G 67 61.65 57.26 -5.42
C LEU G 67 61.36 56.27 -6.54
N SER G 68 62.20 55.24 -6.63
CA SER G 68 62.06 54.20 -7.63
C SER G 68 62.58 52.90 -7.06
N ILE G 69 61.84 51.82 -7.33
CA ILE G 69 62.15 50.50 -6.81
C ILE G 69 62.46 49.57 -7.98
N THR G 70 63.57 48.84 -7.87
CA THR G 70 63.99 47.91 -8.92
C THR G 70 64.19 46.53 -8.31
N LYS G 71 63.55 45.52 -8.90
CA LYS G 71 63.63 44.16 -8.42
C LYS G 71 64.56 43.36 -9.32
N ASP G 72 65.56 42.71 -8.72
CA ASP G 72 66.52 41.88 -9.45
C ASP G 72 66.21 40.42 -9.11
N ASN G 73 65.68 39.68 -10.09
CA ASN G 73 65.33 38.28 -9.87
C ASN G 73 66.54 37.35 -9.93
N SER G 74 67.68 37.83 -10.44
CA SER G 74 68.85 36.97 -10.55
C SER G 74 69.54 36.79 -9.20
N LYS G 75 69.73 37.87 -8.45
CA LYS G 75 70.38 37.82 -7.15
C LYS G 75 69.41 37.76 -5.99
N SER G 76 68.10 37.77 -6.27
CA SER G 76 67.01 37.74 -5.28
C SER G 76 67.12 38.91 -4.29
N GLN G 77 67.46 40.08 -4.83
CA GLN G 77 67.61 41.29 -4.03
C GLN G 77 66.83 42.41 -4.70
N VAL G 78 66.05 43.14 -3.90
CA VAL G 78 65.23 44.24 -4.39
C VAL G 78 65.89 45.55 -4.01
N PHE G 79 66.23 46.35 -5.01
CA PHE G 79 66.90 47.63 -4.79
C PHE G 79 65.89 48.73 -4.59
N PHE G 80 66.21 49.68 -3.71
CA PHE G 80 65.36 50.83 -3.41
C PHE G 80 66.17 52.09 -3.74
N LYS G 81 66.02 52.57 -4.97
CA LYS G 81 66.78 53.73 -5.44
C LYS G 81 66.09 55.00 -4.95
N MET G 82 66.79 55.78 -4.13
CA MET G 82 66.29 57.04 -3.61
C MET G 82 66.96 58.21 -4.32
N ASN G 83 66.14 59.17 -4.76
CA ASN G 83 66.63 60.33 -5.48
C ASN G 83 66.04 61.60 -4.87
N SER G 84 66.87 62.64 -4.79
CA SER G 84 66.50 63.98 -4.30
C SER G 84 65.96 63.93 -2.88
N LEU G 85 66.74 63.37 -1.97
CA LEU G 85 66.35 63.27 -0.57
C LEU G 85 66.58 64.59 0.15
N GLN G 86 65.75 64.87 1.14
CA GLN G 86 65.84 66.08 1.95
C GLN G 86 66.12 65.71 3.40
N THR G 87 66.23 66.74 4.24
CA THR G 87 66.55 66.51 5.65
C THR G 87 65.35 65.97 6.42
N ASP G 88 64.13 66.15 5.90
CA ASP G 88 62.94 65.65 6.55
C ASP G 88 62.64 64.19 6.22
N ASP G 89 63.47 63.54 5.41
CA ASP G 89 63.28 62.16 5.03
C ASP G 89 64.02 61.18 5.94
N THR G 90 64.41 61.61 7.14
CA THR G 90 65.12 60.74 8.06
C THR G 90 64.14 59.76 8.71
N ALA G 91 64.21 58.50 8.29
CA ALA G 91 63.32 57.46 8.81
C ALA G 91 64.00 56.11 8.59
N ILE G 92 63.41 55.07 9.17
CA ILE G 92 63.90 53.71 9.04
C ILE G 92 63.04 52.97 8.03
N TYR G 93 63.69 52.43 7.00
CA TYR G 93 63.00 51.73 5.91
C TYR G 93 62.93 50.24 6.20
N TYR G 94 61.91 49.60 5.64
CA TYR G 94 61.68 48.17 5.84
C TYR G 94 61.17 47.55 4.55
N CYS G 95 61.54 46.28 4.34
CA CYS G 95 61.02 45.47 3.26
C CYS G 95 60.09 44.40 3.82
N ALA G 96 59.04 44.07 3.07
CA ALA G 96 58.02 43.16 3.57
C ALA G 96 57.39 42.41 2.41
N LYS G 97 56.97 41.17 2.68
CA LYS G 97 56.32 40.35 1.68
C LYS G 97 54.88 40.79 1.47
N ASN G 98 54.49 40.95 0.20
CA ASN G 98 53.11 41.28 -0.13
C ASN G 98 52.22 40.06 0.07
N GLY G 99 51.10 40.26 0.74
CA GLY G 99 50.15 39.19 1.00
C GLY G 99 49.13 39.05 -0.12
N GLY G 100 48.08 38.29 0.18
CA GLY G 100 46.99 38.13 -0.78
C GLY G 100 46.13 39.36 -0.89
N ALA G 101 45.88 40.03 0.23
CA ALA G 101 45.10 41.27 0.26
C ALA G 101 45.99 42.50 0.38
N HIS G 102 47.17 42.45 -0.26
CA HIS G 102 48.19 43.51 -0.24
C HIS G 102 48.63 43.83 1.19
N ALA G 103 48.85 42.80 1.99
CA ALA G 103 49.27 42.96 3.37
C ALA G 103 50.77 42.71 3.50
N MET G 104 51.34 43.26 4.57
CA MET G 104 52.76 43.07 4.88
C MET G 104 52.89 41.87 5.80
N ASP G 105 53.19 40.71 5.20
CA ASP G 105 53.20 39.47 5.94
C ASP G 105 54.43 39.36 6.84
N PHE G 106 55.62 39.35 6.24
CA PHE G 106 56.86 39.21 6.98
C PHE G 106 57.52 40.58 7.18
N TRP G 107 58.69 40.56 7.81
CA TRP G 107 59.40 41.78 8.13
C TRP G 107 60.89 41.48 8.25
N GLY G 108 61.70 42.53 8.10
CA GLY G 108 63.14 42.40 8.21
C GLY G 108 63.72 43.34 9.25
N GLN G 109 65.05 43.40 9.32
CA GLN G 109 65.71 44.25 10.30
C GLN G 109 65.76 45.71 9.86
N GLY G 110 66.19 45.97 8.62
CA GLY G 110 66.26 47.32 8.12
C GLY G 110 67.43 48.10 8.68
N THR G 111 67.46 49.39 8.33
CA THR G 111 68.51 50.29 8.78
C THR G 111 67.97 51.71 8.83
N SER G 112 68.58 52.54 9.67
CA SER G 112 68.17 53.93 9.82
C SER G 112 69.01 54.81 8.88
N VAL G 113 68.34 55.62 8.08
CA VAL G 113 68.98 56.50 7.12
C VAL G 113 68.81 57.94 7.60
N THR G 114 69.92 58.63 7.81
CA THR G 114 69.92 60.03 8.23
C THR G 114 70.49 60.88 7.12
N VAL G 115 69.73 61.89 6.69
CA VAL G 115 70.11 62.75 5.57
C VAL G 115 70.41 64.13 6.13
N SER G 116 71.68 64.53 6.08
CA SER G 116 72.10 65.86 6.53
C SER G 116 73.40 66.21 5.83
N SER G 117 73.72 67.51 5.81
CA SER G 117 74.90 68.00 5.12
C SER G 117 76.17 67.84 5.95
N ALA G 118 76.07 67.43 7.21
CA ALA G 118 77.25 67.30 8.05
C ALA G 118 78.04 66.04 7.68
N LYS G 119 79.33 66.07 8.01
CA LYS G 119 80.23 64.95 7.74
C LYS G 119 80.27 64.01 8.94
N THR G 120 81.04 62.93 8.79
CA THR G 120 81.13 61.92 9.83
C THR G 120 81.92 62.44 11.03
N THR G 121 81.52 61.99 12.22
CA THR G 121 82.17 62.37 13.46
C THR G 121 82.24 61.17 14.40
N PRO G 122 83.42 60.79 14.87
CA PRO G 122 83.52 59.64 15.78
C PRO G 122 82.99 59.99 17.16
N PRO G 123 82.43 59.02 17.87
CA PRO G 123 81.88 59.31 19.21
C PRO G 123 82.98 59.49 20.25
N SER G 124 82.84 60.55 21.05
CA SER G 124 83.77 60.84 22.14
C SER G 124 83.21 60.22 23.40
N VAL G 125 83.46 58.92 23.58
CA VAL G 125 82.90 58.14 24.66
C VAL G 125 83.76 58.29 25.91
N TYR G 126 83.13 58.60 27.04
CA TYR G 126 83.79 58.67 28.32
C TYR G 126 82.99 57.85 29.33
N PRO G 127 83.65 57.06 30.16
CA PRO G 127 82.93 56.25 31.14
C PRO G 127 82.45 57.08 32.32
N LEU G 128 81.44 56.55 33.01
CA LEU G 128 80.86 57.16 34.20
C LEU G 128 81.06 56.19 35.36
N ALA G 129 82.20 56.31 36.04
CA ALA G 129 82.55 55.45 37.14
C ALA G 129 82.40 56.19 38.47
N PRO G 130 81.89 55.53 39.51
CA PRO G 130 81.78 56.17 40.81
C PRO G 130 83.13 56.31 41.50
N GLY G 131 83.14 57.13 42.55
CA GLY G 131 84.35 57.37 43.29
C GLY G 131 84.76 56.20 44.17
N SER G 132 85.96 56.31 44.73
CA SER G 132 86.47 55.27 45.62
C SER G 132 85.78 55.31 46.96
N ALA G 133 85.29 56.48 47.38
CA ALA G 133 84.59 56.64 48.64
C ALA G 133 83.10 56.87 48.45
N ALA G 134 82.56 56.62 47.26
CA ALA G 134 81.14 56.82 47.02
C ALA G 134 80.33 55.67 47.61
N GLN G 135 79.22 56.00 48.25
CA GLN G 135 78.36 55.02 48.90
C GLN G 135 77.06 54.84 48.10
N THR G 136 76.41 53.72 48.37
CA THR G 136 75.16 53.37 47.70
C THR G 136 74.40 52.41 48.61
N ASN G 137 73.33 51.80 48.09
CA ASN G 137 72.54 50.81 48.83
C ASN G 137 72.62 49.49 48.07
N SER G 138 73.70 48.73 48.32
CA SER G 138 73.92 47.35 47.91
C SER G 138 74.04 47.16 46.39
N MET G 139 73.93 48.22 45.58
CA MET G 139 74.01 48.11 44.13
C MET G 139 74.78 49.31 43.60
N VAL G 140 75.76 49.06 42.74
CA VAL G 140 76.60 50.09 42.15
C VAL G 140 76.27 50.17 40.66
N THR G 141 75.57 51.22 40.27
CA THR G 141 75.21 51.41 38.87
C THR G 141 76.37 52.00 38.09
N LEU G 142 76.41 51.68 36.80
CA LEU G 142 77.47 52.15 35.90
C LEU G 142 76.84 52.85 34.71
N GLY G 143 77.65 53.65 34.02
CA GLY G 143 77.17 54.39 32.88
C GLY G 143 78.29 54.79 31.95
N CYS G 144 77.91 55.30 30.78
CA CYS G 144 78.84 55.83 29.80
C CYS G 144 78.16 56.93 28.99
N LEU G 145 78.90 58.00 28.72
CA LEU G 145 78.36 59.17 28.02
C LEU G 145 78.84 59.12 26.57
N VAL G 146 77.88 59.15 25.64
CA VAL G 146 78.20 59.19 24.21
C VAL G 146 77.78 60.56 23.67
N LYS G 147 78.73 61.50 23.62
CA LYS G 147 78.46 62.86 23.18
C LYS G 147 79.33 63.20 21.98
N GLY G 148 78.71 63.81 20.97
CA GLY G 148 79.42 64.24 19.78
C GLY G 148 79.64 63.13 18.77
N TYR G 149 78.55 62.53 18.30
CA TYR G 149 78.61 61.48 17.30
C TYR G 149 77.63 61.79 16.18
N PHE G 150 77.97 61.32 14.98
CA PHE G 150 77.18 61.56 13.77
C PHE G 150 77.52 60.53 12.71
N PRO G 151 76.54 59.97 11.99
CA PRO G 151 75.10 60.16 12.18
C PRO G 151 74.39 58.98 12.84
N GLU G 152 73.06 59.08 12.95
CA GLU G 152 72.24 57.97 13.40
C GLU G 152 72.24 56.86 12.34
N PRO G 153 72.09 55.59 12.75
CA PRO G 153 71.87 55.02 14.08
C PRO G 153 73.14 54.71 14.85
N VAL G 154 72.98 54.23 16.08
CA VAL G 154 74.10 53.84 16.94
C VAL G 154 73.59 52.76 17.89
N THR G 155 74.49 51.88 18.33
CA THR G 155 74.15 50.78 19.22
C THR G 155 75.12 50.77 20.40
N VAL G 156 74.58 50.97 21.60
CA VAL G 156 75.37 50.96 22.82
C VAL G 156 74.90 49.78 23.67
N THR G 157 75.83 48.89 24.01
CA THR G 157 75.53 47.71 24.80
C THR G 157 76.46 47.68 26.01
N TRP G 158 76.41 46.58 26.75
CA TRP G 158 77.22 46.41 27.95
C TRP G 158 77.88 45.04 27.91
N ASN G 159 79.22 45.04 27.86
CA ASN G 159 80.06 43.83 27.85
C ASN G 159 79.71 42.91 26.68
N SER G 160 79.53 43.50 25.50
CA SER G 160 79.20 42.81 24.24
C SER G 160 77.91 42.00 24.35
N GLY G 161 76.91 42.57 25.02
CA GLY G 161 75.62 41.92 25.16
C GLY G 161 75.47 41.03 26.36
N SER G 162 76.34 41.14 27.37
CA SER G 162 76.22 40.31 28.56
C SER G 162 75.11 40.81 29.47
N LEU G 163 74.99 42.13 29.64
CA LEU G 163 73.97 42.72 30.49
C LEU G 163 72.78 43.12 29.63
N SER G 164 71.59 42.67 30.03
CA SER G 164 70.36 42.97 29.30
C SER G 164 69.20 43.39 30.18
N SER G 165 69.27 43.20 31.50
CA SER G 165 68.14 43.54 32.36
C SER G 165 68.07 45.04 32.61
N GLY G 166 69.15 45.63 33.10
CA GLY G 166 69.18 47.04 33.44
C GLY G 166 69.47 47.99 32.30
N VAL G 167 69.54 47.50 31.07
CA VAL G 167 69.84 48.36 29.92
C VAL G 167 68.55 49.02 29.45
N HIS G 168 68.56 50.35 29.40
CA HIS G 168 67.43 51.13 28.92
C HIS G 168 67.81 51.86 27.64
N THR G 169 66.85 51.95 26.71
CA THR G 169 67.07 52.61 25.44
C THR G 169 66.75 54.10 25.58
N PHE G 170 67.78 54.93 25.51
CA PHE G 170 67.65 56.37 25.63
C PHE G 170 67.57 57.03 24.26
N PRO G 171 66.82 58.11 24.12
CA PRO G 171 66.78 58.83 22.84
C PRO G 171 68.00 59.71 22.65
N ALA G 172 68.20 60.10 21.39
CA ALA G 172 69.35 60.93 21.02
C ALA G 172 68.95 62.40 21.07
N VAL G 173 69.77 63.22 21.72
CA VAL G 173 69.51 64.65 21.82
C VAL G 173 70.01 65.34 20.57
N LEU G 174 69.15 66.11 19.92
CA LEU G 174 69.49 66.80 18.69
C LEU G 174 70.30 68.05 19.01
N GLN G 175 71.55 68.08 18.57
CA GLN G 175 72.45 69.21 18.77
C GLN G 175 72.73 69.88 17.43
N SER G 176 73.64 70.85 17.46
CA SER G 176 74.05 71.57 16.26
C SER G 176 74.95 70.66 15.43
N ASP G 177 74.34 69.95 14.46
CA ASP G 177 74.99 68.99 13.57
C ASP G 177 75.68 67.85 14.32
N LEU G 178 75.20 67.52 15.52
CA LEU G 178 75.77 66.45 16.33
C LEU G 178 74.65 65.77 17.10
N TYR G 179 75.02 64.78 17.89
CA TYR G 179 74.07 64.07 18.73
C TYR G 179 74.72 63.75 20.08
N THR G 180 73.88 63.58 21.08
CA THR G 180 74.31 63.27 22.45
C THR G 180 73.45 62.15 22.99
N LEU G 181 74.08 61.06 23.40
CA LEU G 181 73.38 59.89 23.90
C LEU G 181 73.89 59.53 25.29
N SER G 182 72.96 59.14 26.17
CA SER G 182 73.29 58.65 27.50
C SER G 182 72.98 57.15 27.57
N SER G 183 73.68 56.48 28.48
CA SER G 183 73.51 55.05 28.66
C SER G 183 73.87 54.68 30.09
N SER G 184 73.14 53.72 30.64
CA SER G 184 73.39 53.24 32.00
C SER G 184 72.91 51.80 32.10
N VAL G 185 73.24 51.18 33.24
CA VAL G 185 72.86 49.80 33.49
C VAL G 185 72.60 49.65 34.99
N THR G 186 71.75 48.70 35.35
CA THR G 186 71.42 48.41 36.74
C THR G 186 72.10 47.11 37.15
N VAL G 187 73.19 47.23 37.92
CA VAL G 187 73.99 46.07 38.32
C VAL G 187 74.33 46.20 39.80
N PRO G 188 74.45 45.07 40.50
CA PRO G 188 74.83 45.12 41.92
C PRO G 188 76.31 45.44 42.10
N SER G 189 76.72 45.45 43.37
CA SER G 189 78.07 45.85 43.73
C SER G 189 79.13 44.79 43.40
N SER G 190 78.71 43.58 43.06
CA SER G 190 79.67 42.52 42.75
C SER G 190 80.25 42.64 41.34
N THR G 191 79.76 43.55 40.51
CA THR G 191 80.25 43.71 39.16
C THR G 191 81.32 44.79 39.03
N TRP G 192 81.38 45.74 39.97
CA TRP G 192 82.34 46.83 39.89
C TRP G 192 82.62 47.33 41.30
N PRO G 193 83.89 47.55 41.68
CA PRO G 193 85.09 47.35 40.87
C PRO G 193 85.68 45.95 40.98
N SER G 194 84.84 44.97 41.32
CA SER G 194 85.33 43.59 41.45
C SER G 194 85.62 42.98 40.09
N GLU G 195 84.72 43.16 39.13
CA GLU G 195 84.87 42.63 37.79
C GLU G 195 85.16 43.75 36.80
N THR G 196 85.66 43.37 35.63
CA THR G 196 85.98 44.33 34.57
C THR G 196 84.76 44.52 33.68
N VAL G 197 84.22 45.73 33.66
CA VAL G 197 83.06 46.09 32.86
C VAL G 197 83.51 47.07 31.78
N THR G 198 83.16 46.76 30.53
CA THR G 198 83.52 47.61 29.40
C THR G 198 82.25 47.99 28.64
N CYS G 199 81.97 49.29 28.57
CA CYS G 199 80.82 49.80 27.83
C CYS G 199 81.20 49.96 26.36
N ASN G 200 80.60 49.14 25.52
CA ASN G 200 80.91 49.11 24.08
C ASN G 200 79.91 49.99 23.34
N VAL G 201 80.43 50.89 22.50
CA VAL G 201 79.61 51.78 21.69
C VAL G 201 79.87 51.43 20.23
N ALA G 202 78.90 50.82 19.57
CA ALA G 202 79.02 50.40 18.19
C ALA G 202 78.29 51.41 17.31
N HIS G 203 79.03 52.06 16.41
CA HIS G 203 78.46 53.03 15.49
C HIS G 203 78.50 52.44 14.08
N PRO G 204 77.39 51.87 13.59
CA PRO G 204 77.42 51.25 12.26
C PRO G 204 77.39 52.25 11.11
N ALA G 205 77.02 53.50 11.36
CA ALA G 205 76.97 54.49 10.28
C ALA G 205 78.37 54.96 9.90
N SER G 206 79.18 55.33 10.88
CA SER G 206 80.53 55.80 10.62
C SER G 206 81.58 54.69 10.71
N SER G 207 81.15 53.45 10.98
CA SER G 207 82.00 52.26 11.10
C SER G 207 83.08 52.44 12.18
N THR G 208 82.69 53.04 13.31
CA THR G 208 83.59 53.30 14.42
C THR G 208 83.14 52.49 15.62
N LYS G 209 84.09 51.78 16.25
CA LYS G 209 83.82 50.98 17.44
C LYS G 209 84.74 51.47 18.55
N VAL G 210 84.16 52.14 19.54
CA VAL G 210 84.90 52.72 20.66
C VAL G 210 84.61 51.90 21.90
N ASP G 211 85.66 51.38 22.53
CA ASP G 211 85.55 50.59 23.75
C ASP G 211 86.20 51.36 24.89
N LYS G 212 85.43 51.64 25.94
CA LYS G 212 85.92 52.38 27.10
C LYS G 212 85.63 51.58 28.35
N LYS G 213 86.67 51.24 29.10
CA LYS G 213 86.51 50.50 30.34
C LYS G 213 86.00 51.40 31.45
N ILE G 214 85.12 50.86 32.28
CA ILE G 214 84.54 51.63 33.38
C ILE G 214 85.54 51.72 34.53
N ASN H 1 43.71 59.50 -2.27
CA ASN H 1 44.08 59.93 -0.93
C ASN H 1 42.96 59.65 0.05
N ILE H 2 43.18 58.69 0.95
CA ILE H 2 42.20 58.31 1.96
C ILE H 2 42.73 58.72 3.33
N VAL H 3 41.97 59.57 4.02
CA VAL H 3 42.36 60.05 5.34
C VAL H 3 41.83 59.03 6.36
N LEU H 4 42.73 58.16 6.82
CA LEU H 4 42.36 57.15 7.80
C LEU H 4 42.32 57.75 9.21
N THR H 5 41.13 58.12 9.67
CA THR H 5 40.98 58.74 10.98
C THR H 5 41.08 57.71 12.09
N GLN H 6 42.25 57.61 12.71
CA GLN H 6 42.48 56.69 13.81
C GLN H 6 42.26 57.40 15.14
N SER H 7 41.49 56.75 16.02
CA SER H 7 41.14 57.33 17.31
C SER H 7 41.11 56.20 18.34
N PRO H 8 41.63 56.43 19.56
CA PRO H 8 42.27 57.66 20.02
C PRO H 8 43.77 57.71 19.70
N ALA H 9 44.45 58.75 20.21
CA ALA H 9 45.88 58.88 19.96
C ALA H 9 46.71 58.08 20.94
N SER H 10 46.17 57.78 22.13
CA SER H 10 46.89 57.05 23.15
C SER H 10 45.90 56.34 24.06
N LEU H 11 46.36 55.25 24.67
CA LEU H 11 45.57 54.48 25.61
C LEU H 11 46.43 54.09 26.81
N ALA H 12 45.81 54.04 27.99
CA ALA H 12 46.49 53.68 29.23
C ALA H 12 45.57 52.78 30.04
N VAL H 13 45.75 51.47 29.90
CA VAL H 13 44.96 50.47 30.61
C VAL H 13 45.91 49.58 31.39
N SER H 14 45.37 48.93 32.43
CA SER H 14 46.15 48.04 33.27
C SER H 14 46.20 46.64 32.66
N LEU H 15 46.76 45.70 33.43
CA LEU H 15 46.84 44.32 32.97
C LEU H 15 45.47 43.65 33.04
N GLY H 16 45.16 42.85 32.02
CA GLY H 16 43.90 42.15 31.96
C GLY H 16 42.75 42.93 31.38
N GLN H 17 42.98 44.14 30.87
CA GLN H 17 41.93 44.96 30.30
C GLN H 17 41.83 44.72 28.80
N ARG H 18 40.97 45.49 28.15
CA ARG H 18 40.75 45.39 26.70
C ARG H 18 41.01 46.74 26.05
N ALA H 19 41.89 46.77 25.07
CA ALA H 19 42.20 47.98 24.34
C ALA H 19 41.33 48.09 23.09
N THR H 20 40.83 49.28 22.83
CA THR H 20 39.96 49.55 21.69
C THR H 20 40.58 50.64 20.83
N ILE H 21 40.91 50.29 19.59
CA ILE H 21 41.50 51.22 18.64
C ILE H 21 40.57 51.29 17.43
N SER H 22 40.05 52.49 17.14
CA SER H 22 39.11 52.66 16.04
C SER H 22 39.83 53.10 14.77
N CYS H 23 39.17 52.86 13.65
CA CYS H 23 39.72 53.20 12.33
C CYS H 23 38.55 53.42 11.38
N ARG H 24 38.55 54.55 10.67
CA ARG H 24 37.46 54.92 9.79
C ARG H 24 37.95 55.01 8.36
N ALA H 25 37.20 54.39 7.44
CA ALA H 25 37.50 54.45 6.02
C ALA H 25 36.19 54.56 5.25
N SER H 26 36.28 55.11 4.04
CA SER H 26 35.09 55.33 3.21
C SER H 26 35.26 54.94 1.74
N GLU H 27 36.48 54.68 1.26
CA GLU H 27 36.69 54.37 -0.14
C GLU H 27 37.92 53.49 -0.27
N SER H 28 37.79 52.34 -0.92
CA SER H 28 36.54 51.87 -1.53
C SER H 28 35.88 50.77 -0.71
N VAL H 29 34.75 50.28 -1.21
CA VAL H 29 33.97 49.22 -0.56
C VAL H 29 33.75 48.10 -1.56
N ASP H 30 33.33 46.95 -1.02
CA ASP H 30 32.97 45.73 -1.78
C ASP H 30 34.14 45.24 -2.65
N SER H 31 35.21 44.84 -1.96
CA SER H 31 36.37 44.29 -2.67
C SER H 31 36.04 42.91 -3.23
N TYR H 32 35.92 41.91 -2.36
CA TYR H 32 35.46 40.59 -2.79
C TYR H 32 34.14 40.29 -2.11
N GLY H 33 34.05 40.52 -0.80
CA GLY H 33 32.79 40.41 -0.10
C GLY H 33 32.65 41.41 1.03
N ASN H 34 33.69 42.21 1.24
CA ASN H 34 33.77 43.15 2.35
C ASN H 34 34.83 44.19 2.01
N SER H 35 35.09 45.09 2.96
CA SER H 35 36.08 46.16 2.78
C SER H 35 36.90 46.33 4.05
N PHE H 36 37.34 45.23 4.64
CA PHE H 36 38.09 45.28 5.88
C PHE H 36 39.53 45.74 5.64
N LEU H 37 40.15 46.26 6.69
CA LEU H 37 41.52 46.75 6.68
C LEU H 37 42.41 45.84 7.50
N HIS H 38 43.70 46.16 7.49
CA HIS H 38 44.69 45.40 8.25
C HIS H 38 45.03 46.13 9.54
N TRP H 39 45.80 45.45 10.39
CA TRP H 39 46.25 45.99 11.67
C TRP H 39 47.71 45.62 11.89
N TYR H 40 48.48 46.56 12.43
CA TYR H 40 49.90 46.36 12.67
C TYR H 40 50.26 46.89 14.05
N GLN H 41 51.43 46.47 14.53
CA GLN H 41 51.98 46.92 15.79
C GLN H 41 53.40 47.42 15.56
N GLN H 42 53.68 48.65 15.97
CA GLN H 42 54.98 49.29 15.73
C GLN H 42 55.64 49.55 17.08
N LYS H 43 56.68 48.78 17.37
CA LYS H 43 57.44 48.95 18.61
C LYS H 43 58.59 49.93 18.39
N PRO H 44 58.93 50.72 19.40
CA PRO H 44 60.04 51.67 19.25
C PRO H 44 61.42 51.04 19.26
N GLY H 45 61.56 49.78 19.66
CA GLY H 45 62.84 49.12 19.66
C GLY H 45 62.80 47.76 19.00
N GLN H 46 61.88 47.59 18.05
CA GLN H 46 61.68 46.32 17.36
C GLN H 46 61.00 46.61 16.04
N PRO H 47 61.36 45.91 14.96
CA PRO H 47 60.66 46.06 13.68
C PRO H 47 59.21 45.61 13.79
N PRO H 48 58.31 46.21 13.00
CA PRO H 48 56.88 45.92 13.15
C PRO H 48 56.51 44.55 12.60
N LYS H 49 55.25 44.18 12.85
CA LYS H 49 54.76 42.86 12.45
C LYS H 49 53.26 42.95 12.20
N LEU H 50 52.75 42.01 11.42
CA LEU H 50 51.33 41.94 11.12
C LEU H 50 50.60 41.18 12.23
N LEU H 51 49.61 41.84 12.84
CA LEU H 51 48.85 41.20 13.90
C LEU H 51 47.75 40.32 13.34
N ILE H 52 46.74 40.93 12.70
CA ILE H 52 45.63 40.20 12.07
C ILE H 52 45.34 40.86 10.73
N TYR H 53 45.41 40.09 9.65
CA TYR H 53 45.10 40.62 8.33
C TYR H 53 43.60 40.48 8.08
N LEU H 54 43.01 41.53 7.49
CA LEU H 54 41.58 41.64 7.12
C LEU H 54 40.63 41.52 8.32
N ALA H 55 41.15 41.67 9.55
CA ALA H 55 40.40 41.85 10.79
C ALA H 55 39.51 40.66 11.18
N SER H 56 39.54 39.56 10.42
CA SER H 56 38.66 38.42 10.72
C SER H 56 39.33 37.08 10.44
N ASN H 57 40.66 37.01 10.44
CA ASN H 57 41.37 35.78 10.11
C ASN H 57 42.45 35.52 11.15
N LEU H 58 43.25 34.50 10.91
CA LEU H 58 44.37 34.15 11.78
C LEU H 58 45.69 34.53 11.13
N GLU H 59 46.73 34.58 11.95
CA GLU H 59 48.06 34.95 11.48
C GLU H 59 49.10 34.30 12.37
N SER H 60 50.15 33.76 11.75
CA SER H 60 51.23 33.10 12.47
C SER H 60 52.23 34.11 12.97
N GLY H 61 52.98 33.72 14.01
CA GLY H 61 53.97 34.58 14.62
C GLY H 61 53.46 35.45 15.75
N VAL H 62 52.15 35.59 15.88
CA VAL H 62 51.54 36.43 16.92
C VAL H 62 50.67 35.53 17.78
N PRO H 63 50.49 35.87 19.06
CA PRO H 63 49.58 35.12 19.91
C PRO H 63 48.12 35.41 19.55
N ALA H 64 47.22 34.64 20.17
CA ALA H 64 45.79 34.70 19.86
C ALA H 64 45.07 35.82 20.61
N ARG H 65 45.79 36.72 21.29
CA ARG H 65 45.13 37.80 22.00
C ARG H 65 44.67 38.91 21.08
N PHE H 66 45.19 38.97 19.85
CA PHE H 66 44.83 40.01 18.89
C PHE H 66 43.65 39.54 18.04
N SER H 67 42.57 40.30 18.08
CA SER H 67 41.38 40.02 17.29
C SER H 67 40.69 41.34 16.96
N GLY H 68 39.46 41.27 16.50
CA GLY H 68 38.70 42.48 16.22
C GLY H 68 37.59 42.21 15.24
N SER H 69 36.85 43.27 14.95
CA SER H 69 35.76 43.25 13.99
C SER H 69 35.56 44.66 13.46
N GLY H 70 34.45 44.89 12.77
CA GLY H 70 34.16 46.21 12.26
C GLY H 70 33.10 46.17 11.18
N SER H 71 32.55 47.35 10.91
CA SER H 71 31.55 47.52 9.86
C SER H 71 32.24 47.89 8.55
N ARG H 72 31.46 48.35 7.57
CA ARG H 72 32.03 48.77 6.30
C ARG H 72 32.80 50.08 6.42
N THR H 73 32.46 50.91 7.41
CA THR H 73 33.10 52.20 7.63
C THR H 73 34.03 52.20 8.83
N ASP H 74 33.56 51.74 9.98
CA ASP H 74 34.35 51.71 11.20
C ASP H 74 34.99 50.34 11.38
N PHE H 75 36.21 50.34 11.93
CA PHE H 75 36.95 49.12 12.19
C PHE H 75 37.52 49.17 13.60
N THR H 76 37.52 48.02 14.29
CA THR H 76 37.92 47.94 15.68
C THR H 76 38.96 46.84 15.87
N LEU H 77 40.03 47.17 16.59
CA LEU H 77 41.06 46.21 16.97
C LEU H 77 40.87 45.82 18.42
N THR H 78 40.77 44.51 18.67
CA THR H 78 40.52 43.98 20.01
C THR H 78 41.80 43.37 20.55
N ILE H 79 42.28 43.90 21.67
CA ILE H 79 43.47 43.39 22.36
C ILE H 79 43.00 42.89 23.71
N ASP H 80 42.82 41.58 23.84
CA ASP H 80 42.28 41.00 25.06
C ASP H 80 42.92 39.64 25.33
N PRO H 81 43.68 39.50 26.42
CA PRO H 81 44.01 40.53 27.42
C PRO H 81 45.27 41.32 27.07
N VAL H 82 45.39 42.52 27.63
CA VAL H 82 46.58 43.35 27.44
C VAL H 82 47.63 42.87 28.45
N GLU H 83 48.69 42.24 27.94
CA GLU H 83 49.76 41.73 28.77
C GLU H 83 50.84 42.79 28.92
N ALA H 84 52.01 42.39 29.43
CA ALA H 84 53.13 43.29 29.65
C ALA H 84 54.08 43.36 28.46
N ASP H 85 53.57 43.10 27.25
CA ASP H 85 54.38 43.18 26.03
C ASP H 85 53.64 43.91 24.92
N ASP H 86 52.69 44.78 25.27
CA ASP H 86 51.91 45.52 24.29
C ASP H 86 52.18 47.02 24.33
N ALA H 87 53.33 47.42 24.90
CA ALA H 87 53.69 48.84 25.00
C ALA H 87 54.26 49.31 23.66
N ALA H 88 53.34 49.56 22.71
CA ALA H 88 53.72 49.97 21.37
C ALA H 88 52.55 50.72 20.74
N THR H 89 52.78 51.23 19.54
CA THR H 89 51.75 51.91 18.78
C THR H 89 51.10 50.95 17.80
N TYR H 90 49.89 51.32 17.35
CA TYR H 90 49.10 50.49 16.46
C TYR H 90 48.57 51.32 15.30
N TYR H 91 48.54 50.73 14.11
CA TYR H 91 48.14 51.42 12.90
C TYR H 91 47.18 50.54 12.11
N CYS H 92 46.32 51.18 11.32
CA CYS H 92 45.47 50.50 10.37
C CYS H 92 45.81 50.96 8.95
N GLN H 93 45.88 50.01 8.03
CA GLN H 93 46.32 50.29 6.67
C GLN H 93 45.17 50.09 5.68
N GLN H 94 44.99 51.08 4.81
CA GLN H 94 44.00 50.98 3.74
C GLN H 94 44.53 50.04 2.65
N ASN H 95 43.67 49.11 2.21
CA ASN H 95 44.06 48.11 1.23
C ASN H 95 43.19 48.08 -0.02
N ASN H 96 42.15 48.90 -0.08
CA ASN H 96 41.22 48.87 -1.21
C ASN H 96 41.51 49.93 -2.26
N GLU H 97 42.43 50.87 -1.99
CA GLU H 97 42.72 51.93 -2.94
C GLU H 97 44.15 52.42 -2.70
N ASP H 98 44.90 52.58 -3.79
CA ASP H 98 46.24 53.14 -3.70
C ASP H 98 46.19 54.64 -3.41
N PRO H 99 47.10 55.15 -2.56
CA PRO H 99 48.19 54.48 -1.85
C PRO H 99 47.75 53.74 -0.59
N PHE H 100 48.55 52.78 -0.15
CA PHE H 100 48.24 51.96 1.02
C PHE H 100 48.82 52.58 2.28
N THR H 101 48.32 53.79 2.59
CA THR H 101 48.83 54.55 3.72
C THR H 101 48.30 53.96 5.03
N PHE H 102 48.87 54.44 6.13
CA PHE H 102 48.54 53.97 7.47
C PHE H 102 47.80 55.06 8.24
N GLY H 103 47.44 54.74 9.48
CA GLY H 103 46.72 55.66 10.33
C GLY H 103 47.64 56.62 11.07
N SER H 104 47.10 57.24 12.11
CA SER H 104 47.87 58.19 12.91
C SER H 104 48.72 57.48 13.96
N GLY H 105 48.13 56.53 14.68
CA GLY H 105 48.87 55.78 15.69
C GLY H 105 48.32 55.91 17.08
N THR H 106 47.90 54.80 17.68
CA THR H 106 47.40 54.77 19.05
C THR H 106 48.48 54.14 19.93
N LYS H 107 49.11 54.97 20.77
CA LYS H 107 50.20 54.51 21.63
C LYS H 107 49.60 53.88 22.88
N LEU H 108 49.62 52.55 22.94
CA LEU H 108 49.08 51.81 24.07
C LEU H 108 50.17 51.62 25.12
N GLU H 109 49.86 51.96 26.36
CA GLU H 109 50.78 51.79 27.47
C GLU H 109 50.09 50.99 28.57
N ILE H 110 50.90 50.25 29.34
CA ILE H 110 50.40 49.44 30.44
C ILE H 110 50.41 50.28 31.70
N LYS H 111 49.24 50.43 32.32
CA LYS H 111 49.09 51.24 33.53
C LYS H 111 49.40 50.37 34.74
N ARG H 112 50.61 50.52 35.28
CA ARG H 112 51.05 49.78 36.44
C ARG H 112 50.91 50.62 37.70
N ALA H 113 51.39 50.09 38.82
CA ALA H 113 51.35 50.80 40.08
C ALA H 113 52.52 51.77 40.18
N ASP H 114 52.42 52.69 41.15
CA ASP H 114 53.47 53.67 41.36
C ASP H 114 54.67 53.03 42.06
N ALA H 115 55.85 53.61 41.83
CA ALA H 115 57.08 53.09 42.40
C ALA H 115 58.05 54.26 42.62
N ALA H 116 58.91 54.10 43.62
CA ALA H 116 59.90 55.12 43.93
C ALA H 116 61.15 54.94 43.06
N PRO H 117 61.71 56.02 42.54
CA PRO H 117 62.91 55.91 41.71
C PRO H 117 64.15 55.63 42.54
N THR H 118 65.19 55.18 41.84
CA THR H 118 66.46 54.86 42.49
C THR H 118 67.23 56.14 42.79
N VAL H 119 68.30 55.99 43.58
CA VAL H 119 69.16 57.11 43.96
C VAL H 119 70.58 56.78 43.53
N SER H 120 71.09 57.54 42.55
CA SER H 120 72.43 57.29 42.02
C SER H 120 72.95 58.57 41.40
N ILE H 121 74.28 58.70 41.38
CA ILE H 121 74.96 59.83 40.76
C ILE H 121 76.27 59.32 40.16
N PHE H 122 76.83 60.08 39.23
CA PHE H 122 78.06 59.70 38.55
C PHE H 122 79.07 60.85 38.60
N PRO H 123 80.17 60.72 39.33
CA PRO H 123 81.24 61.72 39.25
C PRO H 123 82.02 61.57 37.97
N PRO H 124 82.76 62.60 37.55
CA PRO H 124 83.60 62.45 36.36
C PRO H 124 84.76 61.48 36.60
N SER H 125 85.03 60.65 35.60
CA SER H 125 86.04 59.62 35.71
C SER H 125 87.44 60.20 35.51
N SER H 126 88.44 59.31 35.57
CA SER H 126 89.82 59.75 35.40
C SER H 126 90.13 60.10 33.95
N GLU H 127 89.47 59.44 33.01
CA GLU H 127 89.66 59.76 31.60
C GLU H 127 88.99 61.08 31.23
N GLN H 128 87.89 61.41 31.90
CA GLN H 128 87.20 62.68 31.63
C GLN H 128 87.99 63.86 32.19
N LEU H 129 88.59 63.70 33.36
CA LEU H 129 89.37 64.78 33.95
C LEU H 129 90.72 64.96 33.26
N THR H 130 91.20 63.93 32.58
CA THR H 130 92.47 64.05 31.87
C THR H 130 92.31 64.89 30.61
N SER H 131 91.18 64.75 29.92
CA SER H 131 90.93 65.53 28.70
C SER H 131 90.62 66.99 29.00
N GLY H 132 90.11 67.30 30.19
CA GLY H 132 89.82 68.66 30.60
C GLY H 132 88.36 68.93 30.89
N GLY H 133 87.46 67.97 30.62
CA GLY H 133 86.05 68.13 30.87
C GLY H 133 85.61 67.50 32.17
N ALA H 134 84.29 67.56 32.39
CA ALA H 134 83.69 66.98 33.59
C ALA H 134 82.27 66.55 33.25
N SER H 135 81.93 65.30 33.52
CA SER H 135 80.63 64.73 33.20
C SER H 135 79.97 64.27 34.49
N VAL H 136 79.01 65.05 34.99
CA VAL H 136 78.22 64.69 36.16
C VAL H 136 76.83 64.31 35.69
N VAL H 137 76.50 63.02 35.77
CA VAL H 137 75.24 62.49 35.26
C VAL H 137 74.46 61.90 36.43
N CYS H 138 73.20 62.32 36.55
CA CYS H 138 72.29 61.82 37.59
C CYS H 138 71.29 60.89 36.92
N PHE H 139 71.45 59.59 37.14
CA PHE H 139 70.65 58.57 36.48
C PHE H 139 69.58 58.06 37.44
N LEU H 140 68.31 58.25 37.06
CA LEU H 140 67.17 57.83 37.86
C LEU H 140 66.28 56.94 37.00
N ASN H 141 65.97 55.74 37.51
CA ASN H 141 65.14 54.80 36.77
C ASN H 141 64.20 54.10 37.75
N ASN H 142 63.35 53.21 37.20
CA ASN H 142 62.41 52.38 37.93
C ASN H 142 61.42 53.21 38.76
N PHE H 143 60.61 53.99 38.05
CA PHE H 143 59.60 54.82 38.68
C PHE H 143 58.33 54.83 37.82
N TYR H 144 57.25 55.34 38.40
CA TYR H 144 55.97 55.48 37.71
C TYR H 144 55.19 56.60 38.38
N PRO H 145 54.60 57.53 37.62
CA PRO H 145 54.63 57.65 36.16
C PRO H 145 55.89 58.36 35.64
N LYS H 146 55.83 58.84 34.39
CA LYS H 146 56.97 59.47 33.76
C LYS H 146 57.16 60.93 34.18
N ASP H 147 56.28 61.47 35.03
CA ASP H 147 56.40 62.85 35.47
C ASP H 147 57.54 62.96 36.49
N ILE H 148 58.67 63.51 36.05
CA ILE H 148 59.84 63.67 36.91
C ILE H 148 60.61 64.90 36.45
N ASN H 149 61.01 65.75 37.41
CA ASN H 149 61.74 66.97 37.12
C ASN H 149 63.05 66.96 37.88
N VAL H 150 64.16 66.90 37.15
CA VAL H 150 65.50 66.91 37.72
C VAL H 150 66.09 68.30 37.51
N LYS H 151 66.44 68.97 38.61
CA LYS H 151 67.00 70.32 38.57
C LYS H 151 68.37 70.30 39.24
N TRP H 152 69.41 70.62 38.48
CA TRP H 152 70.76 70.65 39.02
C TRP H 152 70.94 71.87 39.91
N LYS H 153 71.05 71.63 41.23
CA LYS H 153 71.22 72.70 42.21
C LYS H 153 72.42 72.35 43.08
N ILE H 154 73.60 72.82 42.67
CA ILE H 154 74.81 72.62 43.45
C ILE H 154 74.79 73.55 44.66
N ASP H 155 75.42 73.11 45.74
CA ASP H 155 75.44 73.90 46.98
C ASP H 155 76.27 75.16 46.84
N GLY H 156 77.30 75.14 46.00
CA GLY H 156 78.11 76.31 45.76
C GLY H 156 77.47 77.28 44.82
N SER H 157 77.23 76.85 43.58
CA SER H 157 76.60 77.69 42.57
C SER H 157 75.91 76.78 41.55
N GLU H 158 74.66 77.10 41.23
CA GLU H 158 73.87 76.26 40.33
C GLU H 158 74.35 76.40 38.89
N ARG H 159 74.18 75.32 38.13
CA ARG H 159 74.55 75.27 36.72
C ARG H 159 73.35 74.77 35.93
N GLN H 160 72.68 75.69 35.21
CA GLN H 160 71.49 75.35 34.43
C GLN H 160 71.70 75.62 32.94
N ASN H 161 72.94 75.56 32.47
CA ASN H 161 73.25 75.82 31.06
C ASN H 161 73.44 74.53 30.25
N GLY H 162 74.20 73.57 30.78
CA GLY H 162 74.45 72.34 30.06
C GLY H 162 73.61 71.18 30.54
N VAL H 163 72.36 71.45 30.88
CA VAL H 163 71.43 70.42 31.36
C VAL H 163 70.74 69.78 30.17
N LEU H 164 70.95 68.48 30.00
CA LEU H 164 70.32 67.71 28.92
C LEU H 164 69.61 66.52 29.50
N ASN H 165 68.32 66.38 29.17
CA ASN H 165 67.50 65.30 29.68
C ASN H 165 67.25 64.27 28.59
N SER H 166 67.08 63.02 29.01
CA SER H 166 66.80 61.90 28.10
C SER H 166 65.54 61.20 28.60
N TRP H 167 64.42 61.44 27.94
CA TRP H 167 63.13 60.88 28.34
C TRP H 167 62.95 59.51 27.72
N THR H 168 62.95 58.47 28.55
CA THR H 168 62.75 57.10 28.12
C THR H 168 61.33 56.67 28.43
N ASP H 169 60.63 56.16 27.43
CA ASP H 169 59.26 55.70 27.60
C ASP H 169 59.25 54.30 28.22
N GLN H 170 58.05 53.69 28.23
CA GLN H 170 57.89 52.37 28.82
C GLN H 170 58.52 51.32 27.91
N ASP H 171 59.42 50.52 28.49
CA ASP H 171 60.15 49.53 27.72
C ASP H 171 59.30 48.29 27.46
N SER H 172 59.90 47.31 26.77
CA SER H 172 59.20 46.08 26.43
C SER H 172 59.00 45.20 27.66
N LYS H 173 60.09 44.82 28.32
CA LYS H 173 59.98 43.97 29.51
C LYS H 173 59.78 44.81 30.77
N ASP H 174 60.59 45.84 30.95
CA ASP H 174 60.47 46.72 32.10
C ASP H 174 59.27 47.65 31.90
N SER H 175 58.29 47.55 32.79
CA SER H 175 57.07 48.36 32.70
C SER H 175 57.22 49.74 33.32
N THR H 176 58.38 50.06 33.87
CA THR H 176 58.63 51.36 34.49
C THR H 176 59.31 52.29 33.48
N TYR H 177 59.48 53.55 33.89
CA TYR H 177 60.10 54.56 33.06
C TYR H 177 61.53 54.85 33.53
N SER H 178 62.22 55.67 32.76
CA SER H 178 63.59 56.06 33.07
C SER H 178 63.82 57.48 32.59
N MET H 179 64.67 58.21 33.33
CA MET H 179 64.98 59.59 32.98
C MET H 179 66.35 59.92 33.56
N SER H 180 67.34 60.07 32.69
CA SER H 180 68.70 60.39 33.10
C SER H 180 69.03 61.81 32.63
N SER H 181 69.56 62.61 33.55
CA SER H 181 69.94 64.00 33.26
C SER H 181 71.46 64.12 33.31
N THR H 182 72.02 64.87 32.36
CA THR H 182 73.46 65.08 32.26
C THR H 182 73.79 66.54 32.52
N LEU H 183 75.05 66.79 32.85
CA LEU H 183 75.54 68.13 33.11
C LEU H 183 76.96 68.24 32.60
N THR H 184 77.17 69.11 31.61
CA THR H 184 78.49 69.29 31.00
C THR H 184 79.25 70.37 31.77
N LEU H 185 80.38 69.99 32.36
CA LEU H 185 81.23 70.92 33.11
C LEU H 185 82.67 70.74 32.65
N THR H 186 83.54 71.62 33.14
CA THR H 186 84.95 71.60 32.83
C THR H 186 85.77 71.19 34.05
N LYS H 187 87.09 71.11 33.86
CA LYS H 187 87.98 70.75 34.96
C LYS H 187 88.08 71.87 35.98
N ASP H 188 87.94 73.12 35.55
CA ASP H 188 87.96 74.24 36.49
C ASP H 188 86.67 74.27 37.32
N GLU H 189 85.55 73.81 36.76
CA GLU H 189 84.31 73.73 37.52
C GLU H 189 84.34 72.53 38.47
N TYR H 190 85.14 71.51 38.16
CA TYR H 190 85.26 70.37 39.05
C TYR H 190 86.07 70.71 40.29
N GLU H 191 87.11 71.52 40.13
CA GLU H 191 87.94 71.95 41.25
C GLU H 191 87.44 73.25 41.88
N ARG H 192 86.29 73.75 41.45
CA ARG H 192 85.75 74.99 42.02
C ARG H 192 85.13 74.74 43.38
N HIS H 193 84.13 73.87 43.45
CA HIS H 193 83.45 73.54 44.68
C HIS H 193 83.79 72.12 45.12
N ASN H 194 83.44 71.81 46.37
CA ASN H 194 83.74 70.49 46.92
C ASN H 194 82.59 69.52 46.70
N SER H 195 81.38 69.91 47.08
CA SER H 195 80.22 69.04 47.00
C SER H 195 79.40 69.33 45.75
N TYR H 196 78.86 68.27 45.15
CA TYR H 196 78.01 68.37 43.97
C TYR H 196 76.81 67.46 44.18
N THR H 197 75.65 68.07 44.38
CA THR H 197 74.44 67.36 44.77
C THR H 197 73.42 67.36 43.65
N CYS H 198 72.85 66.20 43.36
CA CYS H 198 71.75 66.06 42.41
C CYS H 198 70.42 66.17 43.14
N GLU H 199 69.56 67.07 42.67
CA GLU H 199 68.26 67.30 43.27
C GLU H 199 67.18 66.99 42.26
N ALA H 200 66.15 66.27 42.70
CA ALA H 200 65.03 65.92 41.83
C ALA H 200 63.77 65.80 42.67
N THR H 201 62.62 65.85 41.99
CA THR H 201 61.33 65.77 42.65
C THR H 201 60.38 64.95 41.79
N HIS H 202 59.95 63.80 42.31
CA HIS H 202 59.01 62.94 41.62
C HIS H 202 57.57 63.33 41.97
N LYS H 203 56.64 62.90 41.12
CA LYS H 203 55.24 63.23 41.33
C LYS H 203 54.64 62.44 42.50
N THR H 204 54.93 61.14 42.56
CA THR H 204 54.40 60.29 43.62
C THR H 204 55.28 60.29 44.87
N SER H 205 56.60 60.42 44.71
CA SER H 205 57.50 60.40 45.86
C SER H 205 57.50 61.77 46.52
N THR H 206 57.07 61.83 47.78
CA THR H 206 57.05 63.10 48.50
C THR H 206 58.44 63.49 48.99
N SER H 207 59.32 62.52 49.21
CA SER H 207 60.67 62.82 49.68
C SER H 207 61.54 63.27 48.52
N PRO H 208 62.37 64.30 48.72
CA PRO H 208 63.25 64.76 47.64
C PRO H 208 64.43 63.82 47.44
N ILE H 209 64.92 63.77 46.20
CA ILE H 209 66.04 62.92 45.83
C ILE H 209 67.32 63.72 46.06
N VAL H 210 68.08 63.32 47.08
CA VAL H 210 69.32 64.00 47.45
C VAL H 210 70.46 63.00 47.34
N LYS H 211 71.44 63.31 46.49
CA LYS H 211 72.61 62.45 46.31
C LYS H 211 73.80 63.33 45.96
N SER H 212 74.83 63.29 46.79
CA SER H 212 76.01 64.13 46.63
C SER H 212 77.26 63.27 46.69
N PHE H 213 78.39 63.89 46.32
CA PHE H 213 79.69 63.23 46.37
C PHE H 213 80.75 64.29 46.65
N ASN H 214 82.01 63.86 46.69
CA ASN H 214 83.13 64.74 46.91
C ASN H 214 84.11 64.65 45.76
N ARG H 215 84.86 65.74 45.55
CA ARG H 215 85.85 65.77 44.47
C ARG H 215 87.13 65.01 44.84
N ASN H 216 87.34 64.73 46.12
CA ASN H 216 88.52 64.01 46.58
C ASN H 216 88.33 62.50 46.61
N GLU H 217 87.26 61.99 46.00
CA GLU H 217 86.98 60.56 45.98
C GLU H 217 87.73 59.91 44.81
N CYS H 218 89.04 59.78 44.99
CA CYS H 218 89.90 59.19 43.97
C CYS H 218 91.11 58.51 44.60
N GLN I 14 -48.60 37.38 -9.55
CA GLN I 14 -48.89 37.70 -8.16
C GLN I 14 -49.69 36.57 -7.49
N CYS I 15 -50.43 36.92 -6.44
CA CYS I 15 -51.24 35.96 -5.71
C CYS I 15 -52.68 35.89 -6.23
N VAL I 16 -52.93 36.36 -7.44
CA VAL I 16 -54.26 36.34 -8.03
C VAL I 16 -54.47 35.01 -8.73
N ASN I 17 -55.43 34.22 -8.25
CA ASN I 17 -55.77 32.93 -8.84
C ASN I 17 -57.05 33.03 -9.66
N LEU I 18 -57.42 31.92 -10.28
CA LEU I 18 -58.63 31.88 -11.07
C LEU I 18 -59.87 31.82 -10.18
N THR I 19 -60.92 32.52 -10.61
CA THR I 19 -62.16 32.56 -9.85
C THR I 19 -63.15 31.47 -10.25
N THR I 20 -62.92 30.78 -11.36
CA THR I 20 -63.80 29.72 -11.83
C THR I 20 -63.40 28.34 -11.32
N ARG I 21 -62.63 28.27 -10.23
CA ARG I 21 -62.18 26.99 -9.70
C ARG I 21 -63.25 26.42 -8.76
N THR I 22 -63.68 25.19 -9.05
CA THR I 22 -64.65 24.49 -8.22
C THR I 22 -63.92 23.62 -7.21
N GLN I 23 -64.28 23.76 -5.93
CA GLN I 23 -63.62 23.00 -4.88
C GLN I 23 -64.08 21.55 -4.88
N LEU I 24 -63.11 20.64 -4.80
CA LEU I 24 -63.37 19.21 -4.78
C LEU I 24 -62.53 18.58 -3.67
N PRO I 25 -63.02 17.53 -3.03
CA PRO I 25 -62.23 16.86 -1.99
C PRO I 25 -61.08 16.08 -2.60
N PRO I 26 -59.94 15.98 -1.90
CA PRO I 26 -58.77 15.26 -2.45
C PRO I 26 -58.94 13.75 -2.43
N ALA I 27 -59.55 13.22 -3.48
CA ALA I 27 -59.72 11.79 -3.62
C ALA I 27 -58.42 11.12 -4.05
N TYR I 28 -58.32 9.82 -3.80
CA TYR I 28 -57.13 9.05 -4.12
C TYR I 28 -57.53 7.75 -4.82
N THR I 29 -56.55 7.16 -5.49
CA THR I 29 -56.72 5.88 -6.17
C THR I 29 -55.45 5.07 -5.98
N ASN I 30 -55.37 3.92 -6.66
CA ASN I 30 -54.25 2.99 -6.51
C ASN I 30 -53.74 2.58 -7.88
N SER I 31 -52.41 2.57 -8.03
CA SER I 31 -51.80 2.12 -9.27
C SER I 31 -51.53 0.62 -9.22
N PHE I 32 -51.69 -0.05 -10.35
CA PHE I 32 -51.54 -1.50 -10.42
C PHE I 32 -50.14 -1.90 -10.90
N THR I 33 -49.79 -1.55 -12.14
CA THR I 33 -48.47 -1.91 -12.66
C THR I 33 -47.79 -0.77 -13.40
N ARG I 34 -48.20 0.48 -13.22
CA ARG I 34 -47.58 1.58 -13.93
C ARG I 34 -46.26 1.98 -13.27
N GLY I 35 -45.49 2.80 -13.98
CA GLY I 35 -44.25 3.34 -13.44
C GLY I 35 -43.05 2.43 -13.58
N VAL I 36 -42.98 1.69 -14.70
CA VAL I 36 -41.87 0.81 -14.99
C VAL I 36 -41.18 1.30 -16.25
N TYR I 37 -39.86 1.45 -16.20
CA TYR I 37 -39.09 1.99 -17.30
C TYR I 37 -37.75 1.27 -17.36
N TYR I 38 -36.91 1.71 -18.30
CA TYR I 38 -35.56 1.18 -18.44
C TYR I 38 -34.59 1.96 -17.55
N PRO I 39 -34.00 1.33 -16.54
CA PRO I 39 -33.10 2.06 -15.65
C PRO I 39 -31.73 2.34 -16.22
N ASP I 40 -31.34 1.67 -17.31
CA ASP I 40 -30.02 1.86 -17.89
C ASP I 40 -30.12 1.63 -19.39
N LYS I 41 -29.00 1.87 -20.08
CA LYS I 41 -28.92 1.73 -21.53
C LYS I 41 -28.27 0.40 -21.94
N VAL I 42 -28.47 -0.65 -21.14
CA VAL I 42 -27.92 -1.98 -21.44
C VAL I 42 -29.03 -2.84 -22.02
N PHE I 43 -28.81 -3.37 -23.21
CA PHE I 43 -29.80 -4.21 -23.88
C PHE I 43 -29.75 -5.61 -23.30
N ARG I 44 -30.75 -5.97 -22.50
CA ARG I 44 -30.87 -7.30 -21.94
C ARG I 44 -32.02 -8.03 -22.64
N SER I 45 -31.82 -9.31 -22.93
CA SER I 45 -32.78 -10.09 -23.68
C SER I 45 -32.91 -11.47 -23.08
N SER I 46 -34.18 -11.92 -22.92
CA SER I 46 -34.54 -13.26 -22.45
C SER I 46 -33.98 -13.56 -21.06
N VAL I 47 -33.88 -12.54 -20.22
CA VAL I 47 -33.38 -12.66 -18.85
C VAL I 47 -34.36 -12.01 -17.91
N LEU I 48 -34.10 -12.16 -16.61
CA LEU I 48 -34.88 -11.52 -15.55
C LEU I 48 -33.89 -10.77 -14.66
N HIS I 49 -33.72 -9.48 -14.95
CA HIS I 49 -32.76 -8.66 -14.24
C HIS I 49 -33.41 -8.05 -12.99
N SER I 50 -32.71 -8.11 -11.87
CA SER I 50 -33.18 -7.53 -10.62
C SER I 50 -32.33 -6.30 -10.28
N THR I 51 -33.00 -5.19 -10.01
CA THR I 51 -32.31 -3.95 -9.69
C THR I 51 -33.17 -3.13 -8.74
N GLN I 52 -32.54 -2.17 -8.06
CA GLN I 52 -33.19 -1.29 -7.11
C GLN I 52 -33.00 0.15 -7.59
N ASP I 53 -34.07 0.76 -8.10
CA ASP I 53 -34.01 2.12 -8.60
C ASP I 53 -35.33 2.81 -8.29
N LEU I 54 -35.45 4.06 -8.73
CA LEU I 54 -36.61 4.88 -8.43
C LEU I 54 -37.77 4.46 -9.34
N PHE I 55 -38.49 3.43 -8.92
CA PHE I 55 -39.66 2.95 -9.63
C PHE I 55 -40.91 3.18 -8.79
N LEU I 56 -42.06 3.12 -9.44
CA LEU I 56 -43.32 3.30 -8.74
C LEU I 56 -43.71 2.01 -8.02
N PRO I 57 -43.96 2.05 -6.72
CA PRO I 57 -44.40 0.84 -6.02
C PRO I 57 -45.84 0.49 -6.38
N PHE I 58 -46.09 -0.80 -6.49
CA PHE I 58 -47.41 -1.29 -6.87
C PHE I 58 -48.35 -1.24 -5.68
N PHE I 59 -49.64 -1.02 -5.99
CA PHE I 59 -50.72 -0.89 -4.99
C PHE I 59 -50.43 0.21 -3.97
N SER I 60 -49.90 1.33 -4.45
CA SER I 60 -49.52 2.45 -3.61
C SER I 60 -50.57 3.54 -3.67
N ASN I 61 -50.45 4.50 -2.75
CA ASN I 61 -51.39 5.60 -2.67
C ASN I 61 -50.97 6.70 -3.64
N VAL I 62 -51.75 6.90 -4.70
CA VAL I 62 -51.50 7.95 -5.67
C VAL I 62 -52.70 8.90 -5.66
N THR I 63 -52.46 10.11 -6.19
CA THR I 63 -53.46 11.16 -6.12
C THR I 63 -54.43 11.07 -7.29
N TRP I 64 -55.35 12.03 -7.35
CA TRP I 64 -56.39 12.05 -8.39
C TRP I 64 -56.82 13.50 -8.58
N PHE I 65 -56.46 14.09 -9.72
CA PHE I 65 -56.81 15.46 -10.03
C PHE I 65 -57.50 15.53 -11.40
N HIS I 66 -58.17 16.65 -11.63
CA HIS I 66 -58.86 16.90 -12.89
C HIS I 66 -58.59 18.33 -13.34
N ALA I 67 -58.62 18.53 -14.66
CA ALA I 67 -58.41 19.85 -15.26
C ALA I 67 -59.48 20.05 -16.33
N ILE I 68 -60.65 20.53 -15.89
CA ILE I 68 -61.80 20.74 -16.76
C ILE I 68 -62.25 22.19 -16.61
N HIS I 69 -63.36 22.52 -17.28
CA HIS I 69 -63.85 23.89 -17.26
C HIS I 69 -64.48 24.25 -15.93
N ARG I 78 -63.73 22.29 -12.66
CA ARG I 78 -62.71 22.07 -11.63
C ARG I 78 -61.33 22.38 -12.20
N PHE I 79 -60.57 23.19 -11.47
CA PHE I 79 -59.23 23.60 -11.86
C PHE I 79 -58.28 23.30 -10.71
N ASP I 80 -57.35 22.38 -10.93
CA ASP I 80 -56.43 21.92 -9.89
C ASP I 80 -54.99 22.16 -10.34
N ASN I 81 -54.21 22.82 -9.47
CA ASN I 81 -52.77 22.95 -9.68
C ASN I 81 -52.09 23.02 -8.32
N PRO I 82 -51.90 21.86 -7.65
CA PRO I 82 -51.32 21.88 -6.31
C PRO I 82 -49.80 21.80 -6.33
N VAL I 83 -49.19 21.76 -5.15
CA VAL I 83 -47.74 21.63 -5.00
C VAL I 83 -47.45 20.28 -4.37
N LEU I 84 -46.68 19.46 -5.06
CA LEU I 84 -46.33 18.12 -4.61
C LEU I 84 -44.83 17.98 -4.40
N PRO I 85 -44.39 17.21 -3.41
CA PRO I 85 -42.95 17.07 -3.14
C PRO I 85 -42.24 16.18 -4.15
N PHE I 86 -40.96 16.49 -4.34
CA PHE I 86 -40.05 15.77 -5.23
C PHE I 86 -38.85 15.25 -4.46
N ASN I 87 -39.11 14.56 -3.34
CA ASN I 87 -38.01 14.08 -2.49
C ASN I 87 -37.23 12.97 -3.16
N ASP I 88 -37.93 12.06 -3.85
CA ASP I 88 -37.27 10.94 -4.53
C ASP I 88 -37.56 10.87 -6.01
N GLY I 89 -38.80 11.12 -6.44
CA GLY I 89 -39.16 11.01 -7.83
C GLY I 89 -40.65 11.12 -7.99
N VAL I 90 -41.08 11.05 -9.26
CA VAL I 90 -42.49 11.19 -9.59
C VAL I 90 -42.79 10.37 -10.83
N TYR I 91 -44.06 10.00 -10.99
CA TYR I 91 -44.57 9.36 -12.19
C TYR I 91 -45.84 10.10 -12.62
N PHE I 92 -45.98 10.32 -13.93
CA PHE I 92 -47.09 11.07 -14.48
C PHE I 92 -47.83 10.22 -15.51
N ALA I 93 -49.15 10.45 -15.59
CA ALA I 93 -50.02 9.82 -16.58
C ALA I 93 -50.92 10.91 -17.13
N SER I 94 -50.48 11.58 -18.19
CA SER I 94 -51.19 12.72 -18.75
C SER I 94 -52.21 12.24 -19.78
N THR I 95 -53.49 12.45 -19.49
CA THR I 95 -54.57 12.15 -20.41
C THR I 95 -54.97 13.44 -21.13
N GLU I 96 -54.70 13.52 -22.42
CA GLU I 96 -54.90 14.72 -23.20
C GLU I 96 -55.96 14.50 -24.27
N LYS I 97 -56.71 15.56 -24.55
CA LYS I 97 -57.68 15.60 -25.65
C LYS I 97 -57.44 16.76 -26.59
N SER I 98 -56.97 17.90 -26.08
CA SER I 98 -56.71 19.08 -26.90
C SER I 98 -55.41 19.75 -26.52
N ASN I 99 -54.47 18.99 -25.96
CA ASN I 99 -53.13 19.44 -25.53
C ASN I 99 -53.23 20.57 -24.51
N ILE I 100 -53.81 20.25 -23.35
CA ILE I 100 -53.98 21.24 -22.29
C ILE I 100 -52.70 21.40 -21.49
N ILE I 101 -52.11 20.30 -21.04
CA ILE I 101 -50.91 20.34 -20.24
C ILE I 101 -49.72 20.62 -21.15
N ARG I 102 -48.96 21.67 -20.83
CA ARG I 102 -47.83 22.08 -21.64
C ARG I 102 -46.49 21.59 -21.11
N GLY I 103 -46.41 21.26 -19.83
CA GLY I 103 -45.16 20.80 -19.25
C GLY I 103 -45.21 20.87 -17.74
N TRP I 104 -44.04 20.68 -17.14
CA TRP I 104 -43.90 20.71 -15.68
C TRP I 104 -42.71 21.56 -15.30
N ILE I 105 -42.93 22.49 -14.37
CA ILE I 105 -41.88 23.37 -13.89
C ILE I 105 -41.20 22.70 -12.70
N PHE I 106 -39.88 22.55 -12.79
CA PHE I 106 -39.09 21.89 -11.74
C PHE I 106 -38.19 22.93 -11.08
N GLY I 107 -38.14 22.90 -9.76
CA GLY I 107 -37.31 23.84 -9.02
C GLY I 107 -37.31 23.51 -7.54
N THR I 108 -36.67 24.39 -6.78
CA THR I 108 -36.62 24.21 -5.33
C THR I 108 -37.94 24.62 -4.69
N THR I 109 -38.25 25.92 -4.74
CA THR I 109 -39.49 26.45 -4.20
C THR I 109 -40.22 27.35 -5.19
N LEU I 110 -39.83 27.32 -6.47
CA LEU I 110 -40.41 28.10 -7.56
C LEU I 110 -40.31 29.61 -7.28
N ASP I 111 -39.07 30.07 -7.16
CA ASP I 111 -38.79 31.48 -6.90
C ASP I 111 -37.44 31.81 -7.52
N SER I 112 -37.06 33.08 -7.41
CA SER I 112 -35.82 33.57 -8.01
C SER I 112 -34.61 33.44 -7.09
N LYS I 113 -34.75 32.80 -5.94
CA LYS I 113 -33.60 32.62 -5.05
C LYS I 113 -32.64 31.56 -5.58
N THR I 114 -33.15 30.51 -6.19
CA THR I 114 -32.33 29.44 -6.75
C THR I 114 -32.74 29.20 -8.19
N GLN I 115 -31.95 28.38 -8.88
CA GLN I 115 -32.24 28.03 -10.27
C GLN I 115 -33.40 27.04 -10.34
N SER I 116 -34.09 27.05 -11.49
CA SER I 116 -35.26 26.21 -11.67
C SER I 116 -35.32 25.75 -13.12
N LEU I 117 -35.70 24.49 -13.32
CA LEU I 117 -35.87 23.93 -14.65
C LEU I 117 -37.23 24.34 -15.21
N LEU I 118 -37.22 24.98 -16.38
CA LEU I 118 -38.44 25.50 -16.99
C LEU I 118 -38.75 24.68 -18.23
N ILE I 119 -39.73 23.79 -18.12
CA ILE I 119 -40.20 22.97 -19.24
C ILE I 119 -41.60 23.46 -19.58
N VAL I 120 -41.71 24.29 -20.62
CA VAL I 120 -42.97 24.88 -21.03
C VAL I 120 -43.21 24.57 -22.51
N ASN I 121 -44.39 24.95 -22.98
CA ASN I 121 -44.78 24.79 -24.38
C ASN I 121 -45.81 25.86 -24.71
N ASN I 122 -45.42 26.85 -25.51
CA ASN I 122 -46.29 27.93 -25.92
C ASN I 122 -46.97 27.66 -27.26
N ALA I 123 -47.26 26.38 -27.56
CA ALA I 123 -47.89 25.85 -28.76
C ALA I 123 -47.08 26.06 -30.03
N THR I 124 -45.85 26.53 -29.94
CA THR I 124 -44.95 26.68 -31.09
C THR I 124 -43.62 25.99 -30.88
N ASN I 125 -43.05 26.08 -29.68
CA ASN I 125 -41.75 25.48 -29.38
C ASN I 125 -41.75 24.96 -27.96
N VAL I 126 -40.94 23.93 -27.73
CA VAL I 126 -40.72 23.40 -26.39
C VAL I 126 -39.46 24.06 -25.83
N VAL I 127 -39.63 25.02 -24.93
CA VAL I 127 -38.52 25.81 -24.39
C VAL I 127 -38.05 25.16 -23.10
N ILE I 128 -36.77 24.81 -23.06
CA ILE I 128 -36.13 24.21 -21.88
C ILE I 128 -35.00 25.15 -21.46
N LYS I 129 -35.23 25.94 -20.42
CA LYS I 129 -34.24 26.87 -19.91
C LYS I 129 -34.07 26.66 -18.41
N VAL I 130 -32.84 26.86 -17.94
CA VAL I 130 -32.49 26.72 -16.52
C VAL I 130 -31.96 28.07 -16.05
N CYS I 131 -32.83 28.88 -15.47
CA CYS I 131 -32.46 30.16 -14.89
C CYS I 131 -33.14 30.28 -13.54
N GLU I 132 -33.01 31.46 -12.91
CA GLU I 132 -33.68 31.74 -11.65
C GLU I 132 -34.97 32.52 -11.92
N PHE I 133 -35.95 31.81 -12.49
CA PHE I 133 -37.23 32.40 -12.80
C PHE I 133 -38.03 32.61 -11.52
N GLN I 134 -38.72 33.76 -11.42
CA GLN I 134 -39.59 34.06 -10.31
C GLN I 134 -41.02 33.65 -10.69
N PHE I 135 -41.57 32.68 -9.97
CA PHE I 135 -42.88 32.13 -10.26
C PHE I 135 -43.92 32.66 -9.28
N CYS I 136 -45.18 32.60 -9.70
CA CYS I 136 -46.31 32.99 -8.87
C CYS I 136 -46.91 31.75 -8.21
N ASN I 137 -48.06 31.93 -7.57
CA ASN I 137 -48.73 30.81 -6.90
C ASN I 137 -49.40 29.87 -7.88
N ASP I 138 -49.80 30.34 -9.05
CA ASP I 138 -50.48 29.51 -10.05
C ASP I 138 -50.26 30.10 -11.43
N PRO I 139 -49.23 29.63 -12.13
CA PRO I 139 -49.03 30.07 -13.52
C PRO I 139 -49.85 29.25 -14.50
N PHE I 140 -50.25 29.90 -15.59
CA PHE I 140 -51.05 29.26 -16.62
C PHE I 140 -50.87 30.01 -17.93
N LEU I 141 -51.47 29.46 -18.98
CA LEU I 141 -51.55 30.11 -20.28
C LEU I 141 -53.03 30.27 -20.66
N GLY I 142 -53.34 31.35 -21.36
CA GLY I 142 -54.71 31.66 -21.67
C GLY I 142 -54.90 32.04 -23.12
N VAL I 143 -55.92 31.44 -23.74
CA VAL I 143 -56.31 31.74 -25.11
C VAL I 143 -57.72 32.29 -25.09
N TYR I 144 -57.92 33.44 -25.73
CA TYR I 144 -59.20 34.12 -25.76
C TYR I 144 -59.83 33.96 -27.15
N TYR I 145 -61.16 34.09 -27.17
CA TYR I 145 -62.00 33.97 -28.37
C TYR I 145 -61.82 32.61 -29.06
N HIS I 146 -62.27 31.57 -28.36
CA HIS I 146 -62.10 30.20 -28.86
C HIS I 146 -63.02 29.90 -30.03
N LYS I 147 -64.22 30.49 -30.03
CA LYS I 147 -65.20 30.16 -31.06
C LYS I 147 -64.89 30.86 -32.38
N ASN I 148 -64.89 32.19 -32.37
CA ASN I 148 -64.64 32.99 -33.57
C ASN I 148 -63.41 33.87 -33.35
N ASN I 149 -62.68 34.11 -34.45
CA ASN I 149 -61.45 34.90 -34.47
C ASN I 149 -60.40 34.36 -33.52
N LYS I 150 -60.11 33.06 -33.65
CA LYS I 150 -59.17 32.40 -32.76
C LYS I 150 -57.74 32.50 -33.28
N SER I 151 -57.52 32.09 -34.52
CA SER I 151 -56.26 32.08 -35.28
C SER I 151 -55.18 31.16 -34.69
N TRP I 152 -55.50 30.38 -33.64
CA TRP I 152 -54.62 29.37 -33.04
C TRP I 152 -53.30 29.96 -32.56
N MET I 153 -53.41 30.96 -31.69
CA MET I 153 -52.24 31.63 -31.14
C MET I 153 -52.42 31.81 -29.63
N GLU I 154 -51.30 31.86 -28.92
CA GLU I 154 -51.29 32.08 -27.48
C GLU I 154 -51.21 33.57 -27.19
N SER I 155 -51.95 34.00 -26.17
CA SER I 155 -52.03 35.40 -25.79
C SER I 155 -51.48 35.67 -24.39
N GLU I 156 -51.94 34.94 -23.39
CA GLU I 156 -51.54 35.17 -22.00
C GLU I 156 -50.27 34.36 -21.70
N PHE I 157 -49.24 35.06 -21.24
CA PHE I 157 -47.97 34.46 -20.85
C PHE I 157 -47.68 34.88 -19.41
N ARG I 158 -48.19 34.10 -18.46
CA ARG I 158 -48.02 34.38 -17.03
C ARG I 158 -47.18 33.30 -16.35
N VAL I 159 -46.13 32.84 -17.03
CA VAL I 159 -45.31 31.77 -16.48
C VAL I 159 -44.36 32.31 -15.42
N TYR I 160 -43.50 33.26 -15.80
CA TYR I 160 -42.51 33.79 -14.88
C TYR I 160 -42.47 35.30 -15.02
N SER I 161 -41.67 35.94 -14.15
CA SER I 161 -41.50 37.38 -14.17
C SER I 161 -40.20 37.80 -14.84
N SER I 162 -39.07 37.28 -14.37
CA SER I 162 -37.77 37.64 -14.92
C SER I 162 -36.89 36.39 -14.92
N ALA I 163 -35.62 36.58 -15.29
CA ALA I 163 -34.67 35.49 -15.37
C ALA I 163 -33.26 36.02 -15.14
N ASN I 164 -32.52 35.36 -14.26
CA ASN I 164 -31.15 35.74 -13.95
C ASN I 164 -30.33 34.48 -13.70
N ASN I 165 -29.03 34.57 -14.03
CA ASN I 165 -28.02 33.53 -13.79
C ASN I 165 -28.39 32.21 -14.48
N CYS I 166 -28.48 32.27 -15.81
CA CYS I 166 -28.82 31.10 -16.59
C CYS I 166 -27.60 30.21 -16.81
N THR I 167 -27.83 28.90 -16.80
CA THR I 167 -26.77 27.93 -17.02
C THR I 167 -27.04 26.94 -18.15
N PHE I 168 -28.28 26.77 -18.58
CA PHE I 168 -28.62 25.79 -19.60
C PHE I 168 -29.87 26.25 -20.34
N GLU I 169 -29.80 26.24 -21.67
CA GLU I 169 -30.92 26.63 -22.52
C GLU I 169 -31.06 25.63 -23.66
N TYR I 170 -32.31 25.41 -24.08
CA TYR I 170 -32.59 24.47 -25.17
C TYR I 170 -33.88 24.89 -25.85
N VAL I 171 -33.81 25.09 -27.16
CA VAL I 171 -34.96 25.46 -27.98
C VAL I 171 -35.16 24.39 -29.03
N SER I 172 -36.37 23.81 -29.07
CA SER I 172 -36.66 22.73 -30.01
C SER I 172 -37.10 23.29 -31.36
N GLN I 173 -37.53 22.40 -32.24
CA GLN I 173 -37.98 22.77 -33.57
C GLN I 173 -39.39 23.35 -33.51
N PRO I 174 -39.70 24.30 -34.40
CA PRO I 174 -41.05 24.86 -34.41
C PRO I 174 -42.07 23.90 -35.00
N PHE I 175 -43.29 23.98 -34.49
CA PHE I 175 -44.38 23.12 -34.94
C PHE I 175 -45.69 23.88 -34.79
N LEU I 176 -46.79 23.18 -35.04
CA LEU I 176 -48.14 23.75 -34.95
C LEU I 176 -48.98 22.86 -34.05
N MET I 177 -49.38 23.39 -32.90
CA MET I 177 -50.20 22.65 -31.95
C MET I 177 -51.68 22.98 -32.15
N ASP I 178 -52.51 21.95 -32.20
CA ASP I 178 -53.95 22.10 -32.38
C ASP I 178 -54.55 22.59 -31.06
N LEU I 179 -55.03 23.84 -31.04
CA LEU I 179 -55.60 24.44 -29.85
C LEU I 179 -57.12 24.35 -29.82
N GLU I 180 -57.73 23.59 -30.73
CA GLU I 180 -59.17 23.43 -30.77
C GLU I 180 -59.59 22.41 -29.71
N GLY I 181 -60.57 22.79 -28.88
CA GLY I 181 -61.01 21.92 -27.80
C GLY I 181 -61.85 20.77 -28.32
N LYS I 182 -61.60 19.57 -27.80
CA LYS I 182 -62.31 18.37 -28.19
C LYS I 182 -63.17 17.87 -27.04
N GLN I 183 -64.22 17.12 -27.39
CA GLN I 183 -65.14 16.54 -26.41
C GLN I 183 -65.01 15.02 -26.41
N GLY I 184 -65.68 14.42 -25.43
CA GLY I 184 -65.67 12.98 -25.29
C GLY I 184 -64.67 12.49 -24.26
N ASN I 185 -64.37 11.19 -24.36
CA ASN I 185 -63.43 10.56 -23.45
C ASN I 185 -61.99 10.89 -23.86
N PHE I 186 -61.06 10.58 -22.96
CA PHE I 186 -59.65 10.85 -23.20
C PHE I 186 -59.11 9.89 -24.25
N LYS I 187 -58.37 10.43 -25.22
CA LYS I 187 -57.85 9.65 -26.34
C LYS I 187 -56.36 9.37 -26.27
N ASN I 188 -55.55 10.33 -25.80
CA ASN I 188 -54.11 10.19 -25.78
C ASN I 188 -53.63 10.06 -24.35
N LEU I 189 -52.79 9.07 -24.10
CA LEU I 189 -52.19 8.83 -22.78
C LEU I 189 -50.69 9.05 -22.90
N ARG I 190 -50.19 10.07 -22.21
CA ARG I 190 -48.77 10.42 -22.23
C ARG I 190 -48.19 10.15 -20.85
N GLU I 191 -47.39 9.11 -20.74
CA GLU I 191 -46.74 8.75 -19.48
C GLU I 191 -45.36 9.37 -19.41
N PHE I 192 -45.04 9.94 -18.24
CA PHE I 192 -43.75 10.58 -18.03
C PHE I 192 -43.18 10.17 -16.68
N VAL I 193 -41.86 10.01 -16.64
CA VAL I 193 -41.12 9.71 -15.42
C VAL I 193 -39.97 10.71 -15.31
N PHE I 194 -39.95 11.46 -14.21
CA PHE I 194 -38.90 12.46 -13.97
C PHE I 194 -38.18 12.12 -12.68
N LYS I 195 -36.86 12.13 -12.73
CA LYS I 195 -36.03 11.90 -11.56
C LYS I 195 -34.73 12.68 -11.69
N ASN I 196 -34.14 13.03 -10.55
CA ASN I 196 -32.90 13.81 -10.52
C ASN I 196 -31.91 13.09 -9.62
N ILE I 197 -30.92 12.45 -10.24
CA ILE I 197 -29.88 11.70 -9.52
C ILE I 197 -28.55 12.39 -9.84
N ASP I 198 -28.10 13.25 -8.91
CA ASP I 198 -26.82 13.97 -8.97
C ASP I 198 -26.70 14.83 -10.23
N GLY I 199 -27.79 15.51 -10.57
CA GLY I 199 -27.83 16.37 -11.73
C GLY I 199 -28.25 15.70 -13.03
N TYR I 200 -28.16 14.38 -13.11
CA TYR I 200 -28.55 13.64 -14.31
C TYR I 200 -30.07 13.52 -14.32
N PHE I 201 -30.72 14.53 -14.90
CA PHE I 201 -32.19 14.57 -14.97
C PHE I 201 -32.63 13.81 -16.21
N LYS I 202 -32.93 12.53 -16.03
CA LYS I 202 -33.38 11.67 -17.11
C LYS I 202 -34.88 11.83 -17.32
N ILE I 203 -35.28 11.92 -18.59
CA ILE I 203 -36.68 12.10 -18.96
C ILE I 203 -37.14 10.87 -19.74
N TYR I 204 -38.16 10.21 -19.22
CA TYR I 204 -38.76 9.05 -19.87
C TYR I 204 -40.14 9.43 -20.40
N SER I 205 -40.46 8.91 -21.58
CA SER I 205 -41.72 9.27 -22.23
C SER I 205 -42.24 8.06 -23.01
N LYS I 206 -43.56 7.97 -23.10
CA LYS I 206 -44.23 6.89 -23.82
C LYS I 206 -45.62 7.37 -24.20
N HIS I 207 -45.98 7.21 -25.47
CA HIS I 207 -47.26 7.64 -25.99
C HIS I 207 -48.07 6.42 -26.44
N THR I 208 -49.32 6.34 -26.00
CA THR I 208 -50.20 5.23 -26.32
C THR I 208 -51.64 5.72 -26.32
N PRO I 209 -52.48 5.22 -27.22
CA PRO I 209 -53.89 5.60 -27.19
C PRO I 209 -54.64 4.96 -26.02
N ILE I 210 -55.78 5.55 -25.69
CA ILE I 210 -56.56 5.13 -24.53
C ILE I 210 -58.00 5.55 -24.76
N ASN I 211 -58.92 4.95 -24.01
CA ASN I 211 -60.32 5.35 -23.95
C ASN I 211 -60.70 5.34 -22.47
N LEU I 212 -60.53 6.48 -21.81
CA LEU I 212 -60.65 6.58 -20.36
C LEU I 212 -61.80 7.49 -19.98
N VAL I 213 -62.61 7.04 -19.01
CA VAL I 213 -63.74 7.80 -18.49
C VAL I 213 -63.66 7.84 -16.97
N ARG I 214 -62.50 7.50 -16.42
CA ARG I 214 -62.36 7.34 -14.98
C ARG I 214 -60.92 7.72 -14.60
N ASP I 215 -60.46 7.21 -13.46
CA ASP I 215 -59.13 7.51 -12.93
C ASP I 215 -58.03 6.75 -13.67
N LEU I 216 -56.80 6.78 -13.11
CA LEU I 216 -55.54 6.24 -13.64
C LEU I 216 -55.68 4.80 -14.13
N PRO I 217 -55.24 4.51 -15.35
CA PRO I 217 -55.47 3.19 -15.94
C PRO I 217 -54.57 2.12 -15.32
N GLN I 218 -55.14 0.94 -15.10
CA GLN I 218 -54.39 -0.19 -14.56
C GLN I 218 -53.84 -1.00 -15.74
N GLY I 219 -52.55 -0.83 -16.01
CA GLY I 219 -51.94 -1.53 -17.10
C GLY I 219 -50.42 -1.50 -17.01
N PHE I 220 -49.78 -1.87 -18.11
CA PHE I 220 -48.33 -1.92 -18.16
C PHE I 220 -47.85 -1.30 -19.46
N SER I 221 -46.80 -0.48 -19.35
CA SER I 221 -46.22 0.18 -20.52
C SER I 221 -44.79 0.55 -20.20
N ALA I 222 -43.85 0.10 -21.03
CA ALA I 222 -42.43 0.38 -20.83
C ALA I 222 -42.12 1.77 -21.37
N LEU I 223 -41.58 2.63 -20.51
CA LEU I 223 -41.23 3.99 -20.88
C LEU I 223 -39.79 4.05 -21.37
N GLU I 224 -39.59 4.59 -22.56
CA GLU I 224 -38.27 4.71 -23.17
C GLU I 224 -37.63 6.04 -22.78
N PRO I 225 -36.30 6.06 -22.62
CA PRO I 225 -35.62 7.33 -22.30
C PRO I 225 -35.61 8.26 -23.51
N LEU I 226 -35.93 9.53 -23.25
CA LEU I 226 -35.99 10.54 -24.31
C LEU I 226 -34.73 11.41 -24.34
N VAL I 227 -34.46 12.13 -23.26
CA VAL I 227 -33.31 13.02 -23.16
C VAL I 227 -32.75 12.94 -21.74
N ASP I 228 -31.64 13.63 -21.51
CA ASP I 228 -31.00 13.69 -20.20
C ASP I 228 -30.49 15.12 -20.01
N LEU I 229 -31.19 15.89 -19.18
CA LEU I 229 -30.86 17.29 -18.99
C LEU I 229 -29.81 17.45 -17.90
N PRO I 230 -28.66 18.07 -18.20
CA PRO I 230 -27.65 18.34 -17.15
C PRO I 230 -27.94 19.64 -16.40
N ILE I 231 -28.90 19.58 -15.48
CA ILE I 231 -29.32 20.79 -14.78
C ILE I 231 -28.34 21.13 -13.66
N GLY I 232 -27.85 20.13 -12.93
CA GLY I 232 -26.92 20.37 -11.84
C GLY I 232 -27.53 21.05 -10.64
N ILE I 233 -28.84 20.95 -10.46
CA ILE I 233 -29.55 21.57 -9.35
C ILE I 233 -30.46 20.55 -8.69
N ASN I 234 -30.91 20.89 -7.48
CA ASN I 234 -31.80 20.03 -6.72
C ASN I 234 -33.24 20.47 -6.90
N ILE I 235 -34.16 19.50 -6.94
CA ILE I 235 -35.58 19.76 -7.15
C ILE I 235 -36.35 19.20 -5.97
N THR I 236 -37.19 20.05 -5.36
CA THR I 236 -38.03 19.63 -4.24
C THR I 236 -39.52 19.79 -4.49
N ARG I 237 -39.97 20.83 -5.17
CA ARG I 237 -41.38 21.05 -5.45
C ARG I 237 -41.56 21.27 -6.95
N PHE I 238 -42.79 21.06 -7.42
CA PHE I 238 -43.08 21.20 -8.84
C PHE I 238 -44.55 21.52 -9.04
N GLN I 239 -44.83 22.26 -10.12
CA GLN I 239 -46.19 22.59 -10.52
C GLN I 239 -46.31 22.32 -12.02
N THR I 240 -47.44 22.71 -12.61
CA THR I 240 -47.67 22.49 -14.02
C THR I 240 -48.46 23.65 -14.61
N LEU I 241 -48.54 23.67 -15.93
CA LEU I 241 -49.33 24.65 -16.66
C LEU I 241 -50.57 24.00 -17.25
N LEU I 242 -51.66 24.77 -17.28
CA LEU I 242 -52.93 24.30 -17.84
C LEU I 242 -53.45 25.35 -18.80
N ALA I 243 -53.83 24.93 -20.00
CA ALA I 243 -54.33 25.85 -21.01
C ALA I 243 -55.75 26.31 -20.66
N LEU I 244 -56.05 27.56 -21.00
CA LEU I 244 -57.35 28.14 -20.72
C LEU I 244 -58.03 28.56 -22.02
N HIS I 245 -59.37 28.60 -21.96
CA HIS I 245 -60.18 29.00 -23.10
C HIS I 245 -61.32 29.87 -22.60
N ARG I 246 -61.39 31.11 -23.08
CA ARG I 246 -62.40 32.07 -22.67
C ARG I 246 -62.96 32.74 -23.92
N SER I 247 -64.14 32.30 -24.35
CA SER I 247 -64.77 32.86 -25.53
C SER I 247 -65.44 34.20 -25.22
N SER I 255 -59.51 40.32 -15.71
CA SER I 255 -58.69 39.27 -16.31
C SER I 255 -58.52 38.09 -15.37
N SER I 256 -59.63 37.69 -14.73
CA SER I 256 -59.60 36.57 -13.79
C SER I 256 -60.72 35.57 -14.01
N GLY I 257 -61.72 35.87 -14.83
CA GLY I 257 -62.81 34.94 -15.09
C GLY I 257 -62.55 34.05 -16.29
N TRP I 258 -61.44 33.32 -16.27
CA TRP I 258 -61.04 32.46 -17.36
C TRP I 258 -61.42 31.02 -17.07
N THR I 259 -61.92 30.32 -18.09
CA THR I 259 -62.27 28.92 -17.99
C THR I 259 -61.22 28.06 -18.69
N ALA I 260 -61.20 26.78 -18.33
CA ALA I 260 -60.23 25.82 -18.85
C ALA I 260 -60.89 24.91 -19.88
N GLY I 261 -60.10 23.97 -20.39
CA GLY I 261 -60.59 23.00 -21.35
C GLY I 261 -61.13 21.75 -20.69
N ALA I 262 -60.55 20.60 -21.00
CA ALA I 262 -60.97 19.33 -20.40
C ALA I 262 -59.77 18.38 -20.47
N ALA I 263 -59.17 18.10 -19.30
CA ALA I 263 -58.04 17.18 -19.22
C ALA I 263 -57.99 16.61 -17.81
N ALA I 264 -56.99 15.76 -17.58
CA ALA I 264 -56.78 15.14 -16.27
C ALA I 264 -55.33 14.70 -16.19
N TYR I 265 -54.83 14.60 -14.96
CA TYR I 265 -53.47 14.15 -14.71
C TYR I 265 -53.40 13.48 -13.35
N TYR I 266 -52.39 12.62 -13.18
CA TYR I 266 -52.20 11.87 -11.95
C TYR I 266 -50.76 11.97 -11.51
N VAL I 267 -50.54 12.07 -10.20
CA VAL I 267 -49.23 12.20 -9.60
C VAL I 267 -48.95 10.95 -8.77
N GLY I 268 -47.86 10.26 -9.09
CA GLY I 268 -47.46 9.07 -8.35
C GLY I 268 -46.05 9.17 -7.81
N TYR I 269 -45.89 8.97 -6.50
CA TYR I 269 -44.61 9.12 -5.84
C TYR I 269 -43.78 7.85 -5.98
N LEU I 270 -42.56 7.99 -6.49
CA LEU I 270 -41.67 6.85 -6.66
C LEU I 270 -40.97 6.51 -5.34
N GLN I 271 -40.68 5.23 -5.17
CA GLN I 271 -39.95 4.74 -4.00
C GLN I 271 -38.83 3.82 -4.46
N PRO I 272 -37.62 3.98 -3.91
CA PRO I 272 -36.48 3.14 -4.35
C PRO I 272 -36.53 1.72 -3.78
N ARG I 273 -37.42 0.91 -4.34
CA ARG I 273 -37.56 -0.48 -3.95
C ARG I 273 -36.92 -1.41 -4.98
N THR I 274 -36.90 -2.70 -4.66
CA THR I 274 -36.37 -3.70 -5.57
C THR I 274 -37.45 -4.19 -6.53
N PHE I 275 -37.16 -4.13 -7.82
CA PHE I 275 -38.11 -4.51 -8.84
C PHE I 275 -37.45 -5.47 -9.83
N LEU I 276 -38.26 -6.37 -10.38
CA LEU I 276 -37.80 -7.31 -11.40
C LEU I 276 -38.12 -6.75 -12.79
N LEU I 277 -37.26 -7.11 -13.75
CA LEU I 277 -37.38 -6.64 -15.12
C LEU I 277 -37.43 -7.85 -16.04
N LYS I 278 -38.61 -8.13 -16.60
CA LYS I 278 -38.79 -9.28 -17.49
C LYS I 278 -38.51 -8.84 -18.92
N TYR I 279 -37.33 -9.21 -19.43
CA TYR I 279 -36.94 -8.88 -20.79
C TYR I 279 -37.34 -10.02 -21.73
N ASN I 280 -37.97 -9.67 -22.83
CA ASN I 280 -38.36 -10.66 -23.84
C ASN I 280 -37.21 -10.84 -24.82
N GLU I 281 -37.48 -11.51 -25.95
CA GLU I 281 -36.44 -11.71 -26.96
C GLU I 281 -36.15 -10.43 -27.72
N ASN I 282 -37.07 -9.46 -27.71
CA ASN I 282 -36.85 -8.18 -28.36
C ASN I 282 -36.20 -7.14 -27.44
N GLY I 283 -36.06 -7.45 -26.15
CA GLY I 283 -35.43 -6.54 -25.21
C GLY I 283 -36.35 -5.58 -24.49
N THR I 284 -37.66 -5.76 -24.61
CA THR I 284 -38.62 -4.88 -23.97
C THR I 284 -39.09 -5.44 -22.64
N ILE I 285 -39.41 -4.55 -21.71
CA ILE I 285 -39.89 -4.94 -20.39
C ILE I 285 -41.39 -5.21 -20.48
N THR I 286 -41.80 -6.43 -20.16
CA THR I 286 -43.20 -6.83 -20.27
C THR I 286 -43.90 -6.96 -18.92
N ASP I 287 -43.17 -7.19 -17.84
CA ASP I 287 -43.78 -7.35 -16.52
C ASP I 287 -42.78 -6.97 -15.45
N ALA I 288 -43.30 -6.62 -14.28
CA ALA I 288 -42.48 -6.23 -13.15
C ALA I 288 -43.16 -6.70 -11.86
N VAL I 289 -42.35 -6.91 -10.83
CA VAL I 289 -42.82 -7.40 -9.54
C VAL I 289 -42.22 -6.54 -8.44
N ASP I 290 -43.08 -5.96 -7.60
CA ASP I 290 -42.64 -5.21 -6.43
C ASP I 290 -42.27 -6.18 -5.32
N CYS I 291 -41.04 -6.09 -4.83
CA CYS I 291 -40.57 -7.05 -3.83
C CYS I 291 -41.02 -6.67 -2.42
N ALA I 292 -41.13 -5.37 -2.16
CA ALA I 292 -41.50 -4.88 -0.83
C ALA I 292 -42.99 -4.59 -0.70
N LEU I 293 -43.83 -5.20 -1.54
CA LEU I 293 -45.27 -4.98 -1.45
C LEU I 293 -45.89 -5.85 -0.36
N ASP I 294 -45.74 -7.16 -0.47
CA ASP I 294 -46.37 -8.10 0.45
C ASP I 294 -45.53 -9.36 0.48
N PRO I 295 -45.68 -10.20 1.53
CA PRO I 295 -44.94 -11.47 1.55
C PRO I 295 -45.35 -12.47 0.48
N LEU I 296 -46.47 -12.26 -0.20
CA LEU I 296 -46.81 -13.10 -1.35
C LEU I 296 -45.87 -12.84 -2.52
N SER I 297 -45.54 -11.57 -2.79
CA SER I 297 -44.63 -11.26 -3.88
C SER I 297 -43.16 -11.36 -3.47
N GLU I 298 -42.88 -11.64 -2.19
CA GLU I 298 -41.50 -11.79 -1.75
C GLU I 298 -40.89 -13.09 -2.26
N THR I 299 -41.72 -14.08 -2.59
CA THR I 299 -41.22 -15.32 -3.17
C THR I 299 -40.79 -15.15 -4.61
N LYS I 300 -41.30 -14.12 -5.31
CA LYS I 300 -40.95 -13.91 -6.70
C LYS I 300 -39.55 -13.32 -6.85
N CYS I 301 -39.20 -12.35 -6.02
CA CYS I 301 -37.86 -11.77 -6.05
C CYS I 301 -36.81 -12.67 -5.39
N THR I 302 -37.24 -13.62 -4.56
CA THR I 302 -36.28 -14.54 -3.93
C THR I 302 -35.90 -15.66 -4.88
N LEU I 303 -36.90 -16.29 -5.51
CA LEU I 303 -36.66 -17.40 -6.42
C LEU I 303 -36.29 -16.96 -7.83
N LYS I 304 -36.44 -15.65 -8.13
CA LYS I 304 -36.16 -15.05 -9.43
C LYS I 304 -36.97 -15.71 -10.55
N SER I 305 -38.28 -15.82 -10.31
CA SER I 305 -39.19 -16.45 -11.26
C SER I 305 -40.59 -15.93 -11.01
N PHE I 306 -41.36 -15.77 -12.09
CA PHE I 306 -42.74 -15.32 -11.96
C PHE I 306 -43.66 -16.44 -11.48
N THR I 307 -43.45 -17.66 -11.97
CA THR I 307 -44.26 -18.80 -11.59
C THR I 307 -43.71 -19.44 -10.32
N VAL I 308 -44.53 -19.50 -9.28
CA VAL I 308 -44.14 -20.08 -8.00
C VAL I 308 -44.79 -21.45 -7.90
N GLU I 309 -43.95 -22.48 -7.80
CA GLU I 309 -44.43 -23.85 -7.74
C GLU I 309 -44.94 -24.19 -6.34
N LYS I 310 -45.45 -25.40 -6.19
CA LYS I 310 -45.96 -25.86 -4.91
C LYS I 310 -44.82 -26.18 -3.95
N GLY I 311 -44.86 -25.58 -2.77
CA GLY I 311 -43.82 -25.79 -1.79
C GLY I 311 -43.72 -24.60 -0.85
N ILE I 312 -42.71 -24.67 0.01
CA ILE I 312 -42.44 -23.65 1.00
C ILE I 312 -41.07 -23.04 0.73
N TYR I 313 -41.01 -21.70 0.66
CA TYR I 313 -39.78 -20.99 0.37
C TYR I 313 -39.56 -19.92 1.42
N GLN I 314 -38.33 -19.86 1.93
CA GLN I 314 -37.95 -18.88 2.94
C GLN I 314 -37.48 -17.61 2.24
N THR I 315 -38.25 -16.53 2.40
CA THR I 315 -37.92 -15.27 1.71
C THR I 315 -36.80 -14.53 2.43
N SER I 316 -37.02 -14.15 3.69
CA SER I 316 -36.04 -13.39 4.45
C SER I 316 -35.96 -13.97 5.86
N ASN I 317 -35.09 -13.38 6.68
CA ASN I 317 -34.89 -13.80 8.05
C ASN I 317 -35.72 -12.93 8.99
N PHE I 318 -36.31 -13.56 10.00
CA PHE I 318 -37.14 -12.86 10.97
C PHE I 318 -36.29 -12.35 12.12
N ARG I 319 -36.30 -11.03 12.32
CA ARG I 319 -35.56 -10.39 13.41
C ARG I 319 -36.47 -9.37 14.07
N VAL I 320 -36.43 -9.32 15.40
CA VAL I 320 -37.29 -8.41 16.14
C VAL I 320 -36.74 -6.99 16.04
N GLN I 321 -37.61 -6.05 15.68
CA GLN I 321 -37.25 -4.64 15.53
C GLN I 321 -37.23 -3.95 16.89
N PRO I 322 -36.36 -2.94 17.06
CA PRO I 322 -36.33 -2.21 18.34
C PRO I 322 -37.54 -1.32 18.54
N THR I 323 -38.63 -1.90 19.03
CA THR I 323 -39.84 -1.12 19.29
C THR I 323 -39.68 -0.24 20.52
N GLU I 324 -39.40 -0.84 21.68
CA GLU I 324 -39.17 -0.11 22.91
C GLU I 324 -37.89 -0.61 23.58
N SER I 325 -37.02 0.34 23.91
CA SER I 325 -35.67 0.01 24.37
C SER I 325 -35.68 -0.54 25.78
N ILE I 326 -35.03 -1.70 25.96
CA ILE I 326 -34.84 -2.27 27.28
C ILE I 326 -33.54 -1.72 27.85
N VAL I 327 -33.60 -0.56 28.48
CA VAL I 327 -32.38 0.08 28.97
C VAL I 327 -32.30 -0.05 30.49
N ARG I 328 -31.09 -0.02 31.01
CA ARG I 328 -30.82 0.06 32.43
C ARG I 328 -30.00 1.32 32.70
N PHE I 329 -30.29 1.97 33.81
CA PHE I 329 -29.62 3.22 34.16
C PHE I 329 -28.59 2.93 35.26
N PRO I 330 -27.51 3.73 35.33
CA PRO I 330 -26.46 3.45 36.32
C PRO I 330 -26.75 3.98 37.72
N ASN I 331 -28.03 4.22 38.03
CA ASN I 331 -28.54 4.73 39.30
C ASN I 331 -27.92 6.09 39.63
N ILE I 332 -28.20 7.08 38.78
CA ILE I 332 -27.81 8.47 39.01
C ILE I 332 -28.50 8.96 40.28
N THR I 333 -27.74 9.59 41.16
CA THR I 333 -28.11 9.98 42.51
C THR I 333 -28.17 11.50 42.58
N ASN I 334 -28.11 12.04 43.79
CA ASN I 334 -27.89 13.48 44.00
C ASN I 334 -26.57 13.81 43.31
N LEU I 335 -25.42 13.38 43.85
CA LEU I 335 -24.11 13.38 43.19
C LEU I 335 -23.09 12.64 44.04
N CYS I 336 -22.02 12.17 43.41
CA CYS I 336 -20.79 11.75 44.07
C CYS I 336 -19.87 12.97 44.06
N PRO I 337 -18.74 12.99 44.81
CA PRO I 337 -17.80 14.12 44.67
C PRO I 337 -17.07 14.16 43.33
N PHE I 338 -17.82 14.41 42.25
CA PHE I 338 -17.29 14.62 40.92
C PHE I 338 -17.25 16.11 40.56
N GLY I 339 -18.17 16.90 41.11
CA GLY I 339 -18.23 18.33 40.85
C GLY I 339 -17.25 19.17 41.61
N GLU I 340 -16.33 18.56 42.37
CA GLU I 340 -15.29 19.32 43.05
C GLU I 340 -14.18 19.72 42.09
N VAL I 341 -14.19 19.17 40.88
CA VAL I 341 -13.31 19.66 39.82
C VAL I 341 -13.74 21.07 39.42
N PHE I 342 -15.05 21.32 39.40
CA PHE I 342 -15.55 22.66 39.14
C PHE I 342 -15.34 23.56 40.35
N ASN I 343 -15.45 23.00 41.56
CA ASN I 343 -15.31 23.81 42.77
C ASN I 343 -13.90 23.68 43.36
N ALA I 344 -12.91 23.39 42.52
CA ALA I 344 -11.53 23.27 42.95
C ALA I 344 -10.94 24.62 43.35
N THR I 345 -9.94 24.60 44.22
CA THR I 345 -9.34 25.85 44.70
C THR I 345 -8.45 26.47 43.63
N ARG I 346 -7.41 25.75 43.22
CA ARG I 346 -6.47 26.25 42.21
C ARG I 346 -6.13 25.14 41.24
N PHE I 347 -6.28 25.42 39.95
CA PHE I 347 -5.85 24.48 38.92
C PHE I 347 -4.35 24.61 38.67
N ALA I 348 -3.82 23.65 37.92
CA ALA I 348 -2.41 23.63 37.61
C ALA I 348 -2.14 24.36 36.29
N SER I 349 -0.90 24.28 35.82
CA SER I 349 -0.50 24.94 34.60
C SER I 349 -0.92 24.11 33.38
N VAL I 350 -0.58 24.61 32.18
CA VAL I 350 -0.96 23.94 30.96
C VAL I 350 0.00 22.81 30.60
N TYR I 351 1.15 22.74 31.26
CA TYR I 351 2.11 21.66 31.03
C TYR I 351 2.15 20.66 32.18
N ALA I 352 1.91 21.11 33.41
CA ALA I 352 1.86 20.25 34.58
C ALA I 352 0.43 19.92 34.99
N TRP I 353 -0.45 19.70 34.01
CA TRP I 353 -1.87 19.47 34.27
C TRP I 353 -2.09 18.15 35.00
N ASN I 354 -3.02 18.17 35.96
CA ASN I 354 -3.31 17.00 36.78
C ASN I 354 -4.20 16.04 36.01
N ARG I 355 -3.72 14.82 35.79
CA ARG I 355 -4.48 13.78 35.11
C ARG I 355 -5.32 13.06 36.16
N LYS I 356 -6.51 13.58 36.41
CA LYS I 356 -7.41 13.03 37.42
C LYS I 356 -8.19 11.87 36.81
N ARG I 357 -7.76 10.65 37.11
CA ARG I 357 -8.46 9.46 36.62
C ARG I 357 -9.71 9.22 37.46
N ILE I 358 -10.86 9.18 36.80
CA ILE I 358 -12.15 9.04 37.46
C ILE I 358 -12.80 7.76 36.95
N SER I 359 -13.19 6.89 37.88
CA SER I 359 -13.81 5.62 37.52
C SER I 359 -14.73 5.17 38.64
N ASN I 360 -15.53 4.15 38.34
CA ASN I 360 -16.46 3.48 39.27
C ASN I 360 -17.50 4.45 39.82
N CYS I 361 -17.96 5.35 38.95
CA CYS I 361 -19.01 6.30 39.30
C CYS I 361 -19.68 6.73 38.00
N VAL I 362 -20.49 7.78 38.07
CA VAL I 362 -21.19 8.34 36.93
C VAL I 362 -20.71 9.78 36.73
N ALA I 363 -20.99 10.31 35.55
CA ALA I 363 -20.63 11.69 35.19
C ALA I 363 -21.89 12.36 34.64
N ASP I 364 -22.49 13.23 35.47
CA ASP I 364 -23.73 13.89 35.08
C ASP I 364 -23.40 15.09 34.20
N TYR I 365 -24.21 15.29 33.15
CA TYR I 365 -24.05 16.41 32.25
C TYR I 365 -25.21 17.41 32.30
N SER I 366 -26.35 17.01 32.88
CA SER I 366 -27.49 17.92 32.96
C SER I 366 -27.31 18.93 34.09
N VAL I 367 -26.54 18.57 35.12
CA VAL I 367 -26.29 19.50 36.22
C VAL I 367 -25.19 20.50 35.88
N LEU I 368 -24.46 20.28 34.79
CA LEU I 368 -23.42 21.21 34.36
C LEU I 368 -23.86 22.11 33.21
N TYR I 369 -24.91 21.74 32.49
CA TYR I 369 -25.38 22.53 31.37
C TYR I 369 -26.46 23.54 31.79
N ASN I 370 -27.35 23.15 32.70
CA ASN I 370 -28.44 24.01 33.15
C ASN I 370 -28.16 24.70 34.48
N SER I 371 -26.88 24.81 34.87
CA SER I 371 -26.54 25.45 36.14
C SER I 371 -26.33 26.95 36.01
N ALA I 372 -26.35 27.49 34.79
CA ALA I 372 -26.17 28.92 34.47
C ALA I 372 -24.85 29.47 35.00
N SER I 373 -23.80 28.65 35.01
CA SER I 373 -22.47 29.06 35.44
C SER I 373 -21.38 28.53 34.53
N PHE I 374 -21.74 27.99 33.37
CA PHE I 374 -20.79 27.44 32.41
C PHE I 374 -20.85 28.22 31.11
N SER I 375 -19.75 28.19 30.36
CA SER I 375 -19.60 29.02 29.17
C SER I 375 -19.52 28.20 27.88
N THR I 376 -18.59 27.27 27.80
CA THR I 376 -18.27 26.59 26.55
C THR I 376 -18.66 25.11 26.62
N PHE I 377 -19.37 24.65 25.59
CA PHE I 377 -19.70 23.23 25.41
C PHE I 377 -19.43 22.87 23.96
N LYS I 378 -18.23 22.35 23.69
CA LYS I 378 -17.84 21.98 22.33
C LYS I 378 -17.18 20.61 22.37
N CYS I 379 -17.77 19.64 21.68
CA CYS I 379 -17.26 18.29 21.60
C CYS I 379 -16.58 18.07 20.25
N TYR I 380 -15.81 16.98 20.16
CA TYR I 380 -15.06 16.65 18.96
C TYR I 380 -15.22 15.17 18.65
N GLY I 381 -15.81 14.87 17.49
CA GLY I 381 -15.94 13.50 17.04
C GLY I 381 -17.25 12.85 17.44
N VAL I 382 -17.59 12.94 18.72
CA VAL I 382 -18.81 12.32 19.25
C VAL I 382 -19.71 13.42 19.78
N SER I 383 -20.99 13.39 19.39
CA SER I 383 -21.96 14.35 19.87
C SER I 383 -22.22 14.14 21.36
N PRO I 384 -22.48 15.21 22.12
CA PRO I 384 -22.76 15.04 23.56
C PRO I 384 -24.10 14.37 23.84
N THR I 385 -25.03 14.38 22.88
CA THR I 385 -26.26 13.63 23.05
C THR I 385 -26.04 12.14 22.82
N LYS I 386 -24.99 11.79 22.07
CA LYS I 386 -24.68 10.38 21.83
C LYS I 386 -23.96 9.76 23.02
N LEU I 387 -23.39 10.58 23.91
CA LEU I 387 -22.69 10.05 25.07
C LEU I 387 -23.64 9.58 26.16
N ASN I 388 -24.93 9.87 26.04
CA ASN I 388 -25.90 9.42 27.04
C ASN I 388 -26.13 7.92 26.93
N ASP I 389 -26.01 7.36 25.73
CA ASP I 389 -26.23 5.94 25.50
C ASP I 389 -24.94 5.20 25.16
N LEU I 390 -23.79 5.73 25.57
CA LEU I 390 -22.51 5.09 25.35
C LEU I 390 -21.76 4.97 26.67
N CYS I 391 -21.12 3.82 26.88
CA CYS I 391 -20.39 3.53 28.11
C CYS I 391 -18.90 3.36 27.79
N PHE I 392 -18.07 3.88 28.69
CA PHE I 392 -16.62 3.84 28.52
C PHE I 392 -15.97 3.30 29.80
N THR I 393 -14.73 2.85 29.65
CA THR I 393 -14.04 2.20 30.75
C THR I 393 -13.50 3.21 31.76
N ASN I 394 -12.61 4.10 31.31
CA ASN I 394 -11.99 5.08 32.19
C ASN I 394 -12.00 6.45 31.51
N VAL I 395 -12.22 7.49 32.32
CA VAL I 395 -12.19 8.87 31.85
C VAL I 395 -11.11 9.62 32.64
N TYR I 396 -10.73 10.78 32.12
CA TYR I 396 -9.71 11.61 32.73
C TYR I 396 -10.15 13.07 32.70
N ALA I 397 -9.77 13.82 33.73
CA ALA I 397 -10.12 15.23 33.86
C ALA I 397 -8.83 16.04 33.89
N ASP I 398 -8.35 16.43 32.72
CA ASP I 398 -7.14 17.24 32.62
C ASP I 398 -7.46 18.70 32.91
N SER I 399 -6.91 19.21 34.01
CA SER I 399 -7.22 20.55 34.50
C SER I 399 -6.13 21.52 34.09
N PHE I 400 -6.49 22.53 33.30
CA PHE I 400 -5.57 23.59 32.93
C PHE I 400 -6.38 24.85 32.64
N VAL I 401 -5.73 26.00 32.80
CA VAL I 401 -6.37 27.30 32.63
C VAL I 401 -5.74 28.03 31.46
N ILE I 402 -6.56 28.37 30.48
CA ILE I 402 -6.14 29.14 29.31
C ILE I 402 -7.13 30.28 29.11
N ARG I 403 -6.92 31.05 28.05
CA ARG I 403 -7.82 32.15 27.74
C ARG I 403 -9.10 31.64 27.08
N GLY I 404 -10.02 32.58 26.81
CA GLY I 404 -11.29 32.19 26.22
C GLY I 404 -11.18 31.83 24.75
N ASP I 405 -10.27 32.48 24.03
CA ASP I 405 -10.09 32.21 22.61
C ASP I 405 -9.15 31.05 22.33
N GLU I 406 -8.46 30.53 23.35
CA GLU I 406 -7.51 29.44 23.17
C GLU I 406 -8.15 28.06 23.33
N VAL I 407 -9.48 27.99 23.48
CA VAL I 407 -10.14 26.71 23.64
C VAL I 407 -10.25 25.95 22.33
N ARG I 408 -10.05 26.62 21.20
CA ARG I 408 -10.12 25.96 19.90
C ARG I 408 -8.84 25.18 19.58
N GLN I 409 -7.76 25.41 20.33
CA GLN I 409 -6.51 24.72 20.07
C GLN I 409 -6.53 23.27 20.55
N ILE I 410 -7.44 22.92 21.46
CA ILE I 410 -7.56 21.55 21.96
C ILE I 410 -8.54 20.84 21.04
N ALA I 411 -8.01 20.14 20.03
CA ALA I 411 -8.81 19.44 19.03
C ALA I 411 -7.92 18.39 18.38
N PRO I 412 -8.49 17.24 17.98
CA PRO I 412 -7.70 16.23 17.27
C PRO I 412 -7.30 16.70 15.88
N GLY I 413 -6.01 16.93 15.69
CA GLY I 413 -5.51 17.47 14.43
C GLY I 413 -5.49 18.99 14.42
N GLN I 414 -4.99 19.58 15.51
CA GLN I 414 -4.93 21.02 15.65
C GLN I 414 -3.68 21.40 16.43
N THR I 415 -2.97 22.40 15.91
CA THR I 415 -1.74 22.89 16.55
C THR I 415 -2.07 24.04 17.49
N GLY I 416 -1.03 24.56 18.12
CA GLY I 416 -1.15 25.64 19.07
C GLY I 416 0.03 25.68 20.01
N LYS I 417 0.03 26.71 20.87
CA LYS I 417 1.12 26.84 21.83
C LYS I 417 1.00 25.82 22.95
N ILE I 418 -0.23 25.40 23.28
CA ILE I 418 -0.42 24.43 24.35
C ILE I 418 -0.49 23.01 23.80
N ALA I 419 -0.82 22.85 22.52
CA ALA I 419 -1.00 21.53 21.93
C ALA I 419 0.31 20.90 21.48
N ASP I 420 1.39 21.67 21.35
CA ASP I 420 2.64 21.13 20.84
C ASP I 420 3.55 20.64 21.96
N TYR I 421 3.88 21.51 22.91
CA TYR I 421 4.87 21.20 23.94
C TYR I 421 4.32 21.28 25.35
N ASN I 422 3.02 21.51 25.54
CA ASN I 422 2.44 21.63 26.87
C ASN I 422 1.42 20.53 27.17
N TYR I 423 0.43 20.35 26.31
CA TYR I 423 -0.62 19.36 26.51
C TYR I 423 -0.54 18.35 25.38
N LYS I 424 -0.27 17.10 25.74
CA LYS I 424 -0.15 16.01 24.76
C LYS I 424 -1.52 15.34 24.61
N LEU I 425 -2.25 15.70 23.55
CA LEU I 425 -3.53 15.10 23.29
C LEU I 425 -3.35 13.70 22.69
N PRO I 426 -4.14 12.72 23.13
CA PRO I 426 -4.09 11.40 22.51
C PRO I 426 -4.62 11.43 21.07
N ASP I 427 -4.12 10.50 20.25
CA ASP I 427 -4.51 10.46 18.85
C ASP I 427 -5.93 9.94 18.67
N ASP I 428 -6.41 9.12 19.60
CA ASP I 428 -7.77 8.57 19.55
C ASP I 428 -8.74 9.34 20.44
N PHE I 429 -8.52 10.65 20.60
CA PHE I 429 -9.39 11.45 21.46
C PHE I 429 -10.69 11.77 20.73
N THR I 430 -11.81 11.29 21.27
CA THR I 430 -13.13 11.57 20.73
C THR I 430 -14.07 12.10 21.81
N GLY I 431 -13.55 12.90 22.73
CA GLY I 431 -14.31 13.38 23.87
C GLY I 431 -14.84 14.79 23.67
N CYS I 432 -14.96 15.53 24.77
CA CYS I 432 -15.51 16.88 24.76
C CYS I 432 -14.56 17.81 25.50
N VAL I 433 -14.70 19.11 25.20
CA VAL I 433 -13.93 20.15 25.85
C VAL I 433 -14.90 21.18 26.41
N ILE I 434 -14.89 21.36 27.74
CA ILE I 434 -15.77 22.30 28.40
C ILE I 434 -14.95 23.38 29.07
N ALA I 435 -15.59 24.53 29.31
CA ALA I 435 -14.93 25.66 29.94
C ALA I 435 -15.98 26.53 30.61
N TRP I 436 -15.55 27.29 31.61
CA TRP I 436 -16.43 28.22 32.30
C TRP I 436 -15.61 29.41 32.78
N ASN I 437 -16.30 30.53 33.00
CA ASN I 437 -15.65 31.78 33.39
C ASN I 437 -15.20 31.69 34.85
N SER I 438 -13.89 31.71 35.06
CA SER I 438 -13.30 31.63 36.40
C SER I 438 -12.70 32.96 36.86
N ASN I 439 -13.34 34.08 36.50
CA ASN I 439 -12.83 35.38 36.92
C ASN I 439 -13.06 35.63 38.40
N ASN I 440 -14.12 35.06 38.97
CA ASN I 440 -14.42 35.19 40.38
C ASN I 440 -13.85 34.06 41.22
N LEU I 441 -13.05 33.18 40.60
CA LEU I 441 -12.48 32.03 41.30
C LEU I 441 -10.96 32.08 41.38
N ASP I 442 -10.29 32.31 40.26
CA ASP I 442 -8.83 32.25 40.21
C ASP I 442 -8.18 33.63 40.15
N SER I 443 -8.77 34.58 39.45
CA SER I 443 -8.17 35.90 39.32
C SER I 443 -8.34 36.70 40.60
N LYS I 444 -7.52 37.74 40.74
CA LYS I 444 -7.53 38.59 41.92
C LYS I 444 -7.23 40.02 41.51
N VAL I 445 -7.11 40.89 42.52
CA VAL I 445 -6.80 42.29 42.27
C VAL I 445 -5.33 42.43 41.91
N GLY I 446 -5.06 43.00 40.73
CA GLY I 446 -3.71 43.19 40.25
C GLY I 446 -3.30 42.25 39.13
N GLY I 447 -4.03 41.15 38.95
CA GLY I 447 -3.72 40.19 37.89
C GLY I 447 -3.12 38.91 38.45
N ASN I 448 -3.49 37.79 37.86
CA ASN I 448 -3.00 36.48 38.26
C ASN I 448 -2.00 36.00 37.21
N TYR I 449 -0.71 36.05 37.55
CA TYR I 449 0.36 35.65 36.65
C TYR I 449 0.98 34.31 37.05
N ASN I 450 0.17 33.40 37.62
CA ASN I 450 0.67 32.11 38.05
C ASN I 450 0.60 31.05 36.96
N TYR I 451 -0.23 31.25 35.94
CA TYR I 451 -0.38 30.30 34.84
C TYR I 451 0.49 30.73 33.67
N LEU I 452 1.40 29.86 33.25
CA LEU I 452 2.33 30.15 32.17
C LEU I 452 2.29 28.99 31.17
N TYR I 453 3.03 29.16 30.08
CA TYR I 453 3.14 28.14 29.05
C TYR I 453 4.58 28.07 28.55
N ARG I 454 4.92 26.94 27.95
CA ARG I 454 6.28 26.69 27.46
C ARG I 454 6.33 26.96 25.96
N LEU I 455 7.38 27.66 25.53
CA LEU I 455 7.55 27.96 24.11
C LEU I 455 8.05 26.75 23.33
N PHE I 456 9.08 26.08 23.85
CA PHE I 456 9.65 24.92 23.17
C PHE I 456 10.17 23.94 24.22
N ARG I 457 10.05 22.66 23.92
CA ARG I 457 10.49 21.59 24.81
C ARG I 457 11.56 20.76 24.11
N LYS I 458 12.60 20.41 24.88
CA LYS I 458 13.71 19.63 24.34
C LYS I 458 13.29 18.19 24.08
N SER I 459 12.66 17.56 25.06
CA SER I 459 12.22 16.17 24.94
C SER I 459 10.83 16.11 24.32
N ASN I 460 10.43 14.88 23.95
CA ASN I 460 9.13 14.64 23.36
C ASN I 460 8.14 14.18 24.43
N LEU I 461 6.86 14.44 24.18
CA LEU I 461 5.79 14.12 25.12
C LEU I 461 5.09 12.83 24.72
N LYS I 462 4.80 12.00 25.70
CA LYS I 462 4.05 10.76 25.56
C LYS I 462 2.59 10.99 25.91
N PRO I 463 1.67 10.19 25.35
CA PRO I 463 0.27 10.31 25.76
C PRO I 463 0.07 9.83 27.19
N PHE I 464 -0.78 10.56 27.93
CA PHE I 464 -1.06 10.37 29.36
C PHE I 464 0.23 10.45 30.18
N GLU I 465 0.90 11.59 30.06
CA GLU I 465 2.16 11.85 30.77
C GLU I 465 2.14 13.26 31.31
N ARG I 466 2.49 13.41 32.58
CA ARG I 466 2.56 14.71 33.24
C ARG I 466 4.00 15.18 33.33
N ASP I 467 4.21 16.47 33.12
CA ASP I 467 5.55 17.06 33.21
C ASP I 467 6.00 17.10 34.66
N ILE I 468 7.15 16.49 34.95
CA ILE I 468 7.67 16.46 36.32
C ILE I 468 8.27 17.78 36.73
N SER I 469 8.58 18.67 35.79
CA SER I 469 9.14 19.98 36.09
C SER I 469 8.01 20.90 36.50
N THR I 470 7.67 20.87 37.79
CA THR I 470 6.59 21.69 38.33
C THR I 470 7.07 22.83 39.19
N GLU I 471 8.37 22.89 39.51
CA GLU I 471 8.89 23.96 40.35
C GLU I 471 9.14 25.21 39.52
N ILE I 472 8.71 26.35 40.06
CA ILE I 472 8.90 27.64 39.39
C ILE I 472 10.34 28.09 39.63
N TYR I 473 11.13 28.11 38.57
CA TYR I 473 12.53 28.52 38.66
C TYR I 473 12.65 30.03 38.51
N GLN I 474 13.80 30.55 38.95
CA GLN I 474 14.10 31.97 38.87
C GLN I 474 15.13 32.23 37.77
N ALA I 475 15.38 33.51 37.51
CA ALA I 475 16.36 33.88 36.50
C ALA I 475 17.78 33.70 37.01
N GLY I 476 18.00 33.92 38.30
CA GLY I 476 19.32 33.77 38.89
C GLY I 476 19.45 32.53 39.76
N SER I 477 20.01 32.70 40.95
CA SER I 477 20.19 31.60 41.88
C SER I 477 19.36 31.73 43.15
N THR I 478 18.97 32.95 43.52
CA THR I 478 18.18 33.16 44.73
C THR I 478 16.70 33.09 44.38
N PRO I 479 15.91 32.23 45.02
CA PRO I 479 14.48 32.17 44.72
C PRO I 479 13.73 33.35 45.32
N CYS I 480 12.63 33.72 44.66
CA CYS I 480 11.81 34.85 45.07
C CYS I 480 10.60 34.43 45.90
N ASN I 481 10.08 33.22 45.70
CA ASN I 481 8.95 32.64 46.43
C ASN I 481 7.70 33.51 46.32
N GLY I 482 7.19 33.61 45.09
CA GLY I 482 6.01 34.41 44.85
C GLY I 482 6.17 35.43 43.74
N VAL I 483 6.08 36.71 44.08
CA VAL I 483 6.16 37.76 43.08
C VAL I 483 7.60 37.92 42.58
N GLU I 484 7.74 38.56 41.43
CA GLU I 484 9.03 38.75 40.79
C GLU I 484 9.68 40.05 41.24
N GLY I 485 11.01 40.08 41.17
CA GLY I 485 11.77 41.26 41.54
C GLY I 485 13.23 40.97 41.77
N PHE I 486 14.09 41.88 41.29
CA PHE I 486 15.56 41.78 41.35
C PHE I 486 16.07 40.50 40.68
N ASN I 487 15.69 40.34 39.41
CA ASN I 487 16.18 39.29 38.49
C ASN I 487 15.89 37.88 39.01
N CYS I 488 14.60 37.57 39.11
CA CYS I 488 14.12 36.22 39.41
C CYS I 488 12.98 35.84 38.49
N TYR I 489 13.02 36.30 37.24
CA TYR I 489 11.93 36.13 36.31
C TYR I 489 11.88 34.70 35.77
N PHE I 490 10.67 34.27 35.41
CA PHE I 490 10.48 32.97 34.78
C PHE I 490 10.75 33.12 33.29
N PRO I 491 11.64 32.30 32.70
CA PRO I 491 11.84 32.37 31.25
C PRO I 491 10.63 31.93 30.43
N LEU I 492 9.70 31.18 31.01
CA LEU I 492 8.45 30.87 30.33
C LEU I 492 7.57 32.11 30.23
N GLN I 493 6.73 32.14 29.20
CA GLN I 493 5.86 33.27 28.95
C GLN I 493 4.57 33.13 29.74
N SER I 494 4.12 34.22 30.34
CA SER I 494 2.92 34.21 31.18
C SER I 494 1.70 34.68 30.40
N TYR I 495 0.53 34.36 30.93
CA TYR I 495 -0.74 34.79 30.36
C TYR I 495 -1.21 36.09 31.01
N GLY I 496 -2.06 36.80 30.29
CA GLY I 496 -2.70 37.99 30.83
C GLY I 496 -4.06 37.68 31.42
N PHE I 497 -4.12 37.52 32.74
CA PHE I 497 -5.34 37.18 33.45
C PHE I 497 -5.69 38.34 34.38
N GLN I 498 -6.43 39.30 33.87
CA GLN I 498 -6.85 40.48 34.61
C GLN I 498 -8.36 40.44 34.87
N PRO I 499 -8.80 40.97 36.03
CA PRO I 499 -10.24 40.99 36.30
C PRO I 499 -11.01 42.00 35.46
N THR I 500 -10.34 43.01 34.91
CA THR I 500 -10.97 44.00 34.03
C THR I 500 -10.67 43.74 32.57
N ASN I 501 -10.30 42.51 32.21
CA ASN I 501 -9.97 42.18 30.84
C ASN I 501 -11.24 41.83 30.05
N GLY I 502 -11.05 41.59 28.76
CA GLY I 502 -12.15 41.24 27.89
C GLY I 502 -12.64 39.82 28.11
N VAL I 503 -13.71 39.48 27.39
CA VAL I 503 -14.32 38.16 27.54
C VAL I 503 -13.49 37.08 26.86
N GLY I 504 -12.62 37.46 25.93
CA GLY I 504 -11.74 36.53 25.25
C GLY I 504 -10.35 36.41 25.85
N TYR I 505 -10.09 37.07 26.97
CA TYR I 505 -8.78 37.02 27.61
C TYR I 505 -8.84 36.72 29.11
N GLN I 506 -10.03 36.55 29.69
CA GLN I 506 -10.17 36.17 31.08
C GLN I 506 -9.71 34.72 31.27
N PRO I 507 -9.27 34.35 32.48
CA PRO I 507 -8.91 32.95 32.73
C PRO I 507 -10.13 32.04 32.72
N TYR I 508 -10.07 31.01 31.88
CA TYR I 508 -11.15 30.02 31.75
C TYR I 508 -10.61 28.66 32.17
N ARG I 509 -11.25 28.05 33.15
CA ARG I 509 -10.87 26.71 33.59
C ARG I 509 -11.38 25.69 32.59
N VAL I 510 -10.46 25.04 31.87
CA VAL I 510 -10.80 24.06 30.85
C VAL I 510 -10.49 22.67 31.37
N VAL I 511 -11.49 21.79 31.35
CA VAL I 511 -11.34 20.40 31.74
C VAL I 511 -11.67 19.55 30.52
N VAL I 512 -10.67 18.81 30.04
CA VAL I 512 -10.84 17.96 28.86
C VAL I 512 -11.28 16.57 29.31
N LEU I 513 -12.45 16.15 28.86
CA LEU I 513 -13.01 14.83 29.21
C LEU I 513 -12.51 13.82 28.19
N SER I 514 -11.43 13.12 28.55
CA SER I 514 -10.88 12.09 27.68
C SER I 514 -11.63 10.77 27.87
N PHE I 515 -11.61 9.94 26.84
CA PHE I 515 -12.27 8.65 26.87
C PHE I 515 -11.33 7.59 26.30
N GLU I 516 -11.34 6.42 26.91
CA GLU I 516 -10.52 5.30 26.45
C GLU I 516 -11.25 4.00 26.77
N LEU I 517 -10.82 2.94 26.10
CA LEU I 517 -11.40 1.61 26.27
C LEU I 517 -10.29 0.59 26.43
N LEU I 518 -10.44 -0.31 27.41
CA LEU I 518 -9.44 -1.34 27.68
C LEU I 518 -10.10 -2.71 27.69
N HIS I 519 -9.36 -3.73 28.13
CA HIS I 519 -9.92 -5.08 28.24
C HIS I 519 -10.92 -5.19 29.38
N ALA I 520 -10.83 -4.31 30.38
CA ALA I 520 -11.79 -4.25 31.47
C ALA I 520 -13.13 -3.73 30.96
N PRO I 521 -14.24 -4.16 31.58
CA PRO I 521 -15.55 -3.63 31.17
C PRO I 521 -15.73 -2.18 31.55
N ALA I 522 -16.76 -1.56 30.96
CA ALA I 522 -17.02 -0.15 31.17
C ALA I 522 -17.57 0.10 32.57
N THR I 523 -17.17 1.22 33.16
CA THR I 523 -17.57 1.59 34.51
C THR I 523 -18.23 2.95 34.60
N VAL I 524 -17.78 3.92 33.81
CA VAL I 524 -18.28 5.29 33.88
C VAL I 524 -19.15 5.57 32.66
N CYS I 525 -20.39 5.98 32.91
CA CYS I 525 -21.33 6.32 31.86
C CYS I 525 -22.40 7.25 32.43
N GLY I 526 -22.87 8.15 31.58
CA GLY I 526 -23.90 9.09 31.97
C GLY I 526 -24.12 10.18 30.94
N PRO I 527 -25.28 10.86 31.01
CA PRO I 527 -26.38 10.59 31.95
C PRO I 527 -27.49 9.72 31.35
N LYS I 528 -28.28 9.09 32.21
CA LYS I 528 -29.38 8.24 31.75
C LYS I 528 -30.65 8.48 32.57
N LYS I 529 -31.43 9.46 32.15
CA LYS I 529 -32.68 9.80 32.85
C LYS I 529 -33.85 9.01 32.29
N SER I 530 -34.74 8.57 33.18
CA SER I 530 -34.59 8.84 34.61
C SER I 530 -34.89 7.59 35.43
N THR I 531 -36.06 7.00 35.21
CA THR I 531 -36.47 5.80 35.94
C THR I 531 -37.45 4.97 35.11
N ASN I 532 -36.98 4.44 33.99
CA ASN I 532 -37.81 3.61 33.13
C ASN I 532 -37.57 2.13 33.36
N LEU I 533 -38.54 1.31 32.98
CA LEU I 533 -38.45 -0.14 33.15
C LEU I 533 -39.40 -0.87 32.23
N VAL I 534 -38.86 -1.78 31.43
CA VAL I 534 -39.68 -2.59 30.52
C VAL I 534 -38.85 -3.84 30.21
N LYS I 535 -39.50 -4.95 29.88
CA LYS I 535 -38.80 -6.21 29.66
C LYS I 535 -39.47 -6.98 28.53
N ASN I 536 -38.98 -8.21 28.30
CA ASN I 536 -39.58 -9.21 27.40
C ASN I 536 -39.64 -8.74 25.95
N LYS I 537 -38.59 -8.08 25.48
CA LYS I 537 -38.50 -7.63 24.10
C LYS I 537 -37.06 -7.80 23.62
N CYS I 538 -36.89 -8.35 22.41
CA CYS I 538 -35.57 -8.49 21.80
C CYS I 538 -35.20 -7.16 21.15
N VAL I 539 -34.55 -6.30 21.93
CA VAL I 539 -34.15 -4.97 21.49
C VAL I 539 -32.68 -4.78 21.85
N ASN I 540 -31.90 -4.23 20.93
CA ASN I 540 -30.51 -3.89 21.20
C ASN I 540 -30.41 -2.85 22.31
N PHE I 541 -29.53 -3.10 23.27
CA PHE I 541 -29.42 -2.26 24.46
C PHE I 541 -27.99 -1.75 24.60
N ASN I 542 -27.77 -0.98 25.67
CA ASN I 542 -26.44 -0.47 26.03
C ASN I 542 -26.34 -0.54 27.55
N PHE I 543 -25.80 -1.63 28.07
CA PHE I 543 -25.62 -1.78 29.50
C PHE I 543 -24.22 -1.35 29.92
N ASN I 544 -23.97 -1.42 31.23
CA ASN I 544 -22.67 -1.00 31.76
C ASN I 544 -21.59 -2.05 31.50
N GLY I 545 -21.95 -3.33 31.54
CA GLY I 545 -20.97 -4.38 31.40
C GLY I 545 -20.83 -4.95 30.01
N LEU I 546 -21.94 -5.07 29.30
CA LEU I 546 -21.92 -5.65 27.96
C LEU I 546 -23.07 -5.08 27.14
N THR I 547 -22.75 -4.72 25.90
CA THR I 547 -23.73 -4.19 24.96
C THR I 547 -24.05 -5.24 23.91
N GLY I 548 -25.29 -5.23 23.46
CA GLY I 548 -25.75 -6.19 22.48
C GLY I 548 -27.27 -6.23 22.44
N THR I 549 -27.80 -7.37 22.00
CA THR I 549 -29.23 -7.56 21.83
C THR I 549 -29.64 -8.84 22.57
N GLY I 550 -30.74 -8.75 23.32
CA GLY I 550 -31.21 -9.88 24.08
C GLY I 550 -32.59 -9.62 24.63
N VAL I 551 -33.06 -10.56 25.46
CA VAL I 551 -34.36 -10.46 26.12
C VAL I 551 -34.12 -10.46 27.62
N LEU I 552 -34.70 -9.49 28.32
CA LEU I 552 -34.54 -9.34 29.76
C LEU I 552 -35.68 -10.08 30.47
N THR I 553 -35.32 -11.10 31.25
CA THR I 553 -36.29 -11.85 32.05
C THR I 553 -35.76 -11.97 33.47
N GLU I 554 -36.51 -12.69 34.30
CA GLU I 554 -36.14 -12.91 35.69
C GLU I 554 -35.99 -14.40 35.96
N SER I 555 -35.04 -14.73 36.84
CA SER I 555 -34.79 -16.12 37.21
C SER I 555 -34.21 -16.13 38.62
N ASN I 556 -33.87 -17.34 39.09
CA ASN I 556 -33.31 -17.53 40.42
C ASN I 556 -31.80 -17.81 40.40
N LYS I 557 -31.08 -17.28 39.41
CA LYS I 557 -29.65 -17.49 39.34
C LYS I 557 -28.93 -16.57 40.33
N LYS I 558 -27.68 -16.91 40.63
CA LYS I 558 -26.86 -16.11 41.52
C LYS I 558 -25.83 -15.31 40.72
N PHE I 559 -25.27 -14.29 41.38
CA PHE I 559 -24.33 -13.39 40.71
C PHE I 559 -23.42 -12.76 41.74
N LEU I 560 -22.15 -12.55 41.36
CA LEU I 560 -21.15 -11.93 42.23
C LEU I 560 -21.13 -10.42 42.02
N PRO I 561 -21.21 -9.64 43.10
CA PRO I 561 -21.32 -8.17 42.94
C PRO I 561 -20.04 -7.50 42.45
N PHE I 562 -18.90 -8.19 42.49
CA PHE I 562 -17.65 -7.63 41.99
C PHE I 562 -17.49 -7.76 40.48
N GLN I 563 -18.44 -8.39 39.80
CA GLN I 563 -18.40 -8.58 38.36
C GLN I 563 -19.34 -7.62 37.66
N GLN I 564 -18.98 -7.22 36.44
CA GLN I 564 -19.76 -6.28 35.65
C GLN I 564 -20.78 -6.97 34.75
N PHE I 565 -20.34 -7.95 33.95
CA PHE I 565 -21.23 -8.69 33.08
C PHE I 565 -20.89 -10.16 33.15
N GLY I 566 -21.82 -11.00 32.70
CA GLY I 566 -21.66 -12.43 32.77
C GLY I 566 -21.78 -13.08 31.40
N ARG I 567 -21.18 -14.26 31.28
CA ARG I 567 -21.22 -15.04 30.06
C ARG I 567 -21.55 -16.48 30.39
N ASP I 568 -22.13 -17.18 29.42
CA ASP I 568 -22.56 -18.56 29.61
C ASP I 568 -21.41 -19.51 29.29
N ILE I 569 -21.72 -20.80 29.17
CA ILE I 569 -20.70 -21.80 28.88
C ILE I 569 -20.27 -21.70 27.41
N ALA I 570 -21.22 -21.40 26.52
CA ALA I 570 -20.95 -21.29 25.10
C ALA I 570 -20.57 -19.88 24.66
N ASP I 571 -20.04 -19.07 25.59
CA ASP I 571 -19.58 -17.70 25.35
C ASP I 571 -20.68 -16.79 24.80
N THR I 572 -21.90 -16.99 25.27
CA THR I 572 -23.02 -16.15 24.89
C THR I 572 -23.36 -15.18 26.02
N THR I 573 -24.36 -14.34 25.77
CA THR I 573 -24.77 -13.36 26.77
C THR I 573 -25.59 -14.02 27.87
N ASP I 574 -25.22 -13.78 29.12
CA ASP I 574 -25.87 -14.38 30.27
C ASP I 574 -26.34 -13.28 31.23
N ALA I 575 -26.72 -13.67 32.45
CA ALA I 575 -27.12 -12.70 33.47
C ALA I 575 -25.96 -11.79 33.84
N VAL I 576 -26.27 -10.50 34.02
CA VAL I 576 -25.28 -9.47 34.28
C VAL I 576 -25.60 -8.78 35.59
N ARG I 577 -24.76 -7.81 35.94
CA ARG I 577 -24.98 -7.02 37.14
C ARG I 577 -26.07 -5.98 36.88
N ASP I 578 -26.91 -5.74 37.87
CA ASP I 578 -27.93 -4.70 37.77
C ASP I 578 -27.35 -3.39 38.29
N PRO I 579 -27.25 -2.34 37.46
CA PRO I 579 -26.77 -1.05 37.97
C PRO I 579 -27.80 -0.31 38.80
N GLN I 580 -29.03 -0.80 38.86
CA GLN I 580 -30.10 -0.27 39.71
C GLN I 580 -29.95 -0.78 41.14
N THR I 581 -31.01 -0.63 41.93
CA THR I 581 -31.10 -1.27 43.24
C THR I 581 -30.89 -2.78 43.09
N LEU I 582 -30.15 -3.36 44.03
CA LEU I 582 -29.42 -4.61 43.82
C LEU I 582 -30.34 -5.82 43.69
N GLU I 583 -30.65 -6.17 42.44
CA GLU I 583 -31.36 -7.40 42.09
C GLU I 583 -30.51 -8.19 41.10
N ILE I 584 -31.04 -9.34 40.69
CA ILE I 584 -30.36 -10.22 39.74
C ILE I 584 -31.24 -10.36 38.50
N LEU I 585 -30.76 -9.83 37.39
CA LEU I 585 -31.49 -9.83 36.12
C LEU I 585 -30.83 -10.81 35.15
N ASP I 586 -31.65 -11.67 34.55
CA ASP I 586 -31.18 -12.69 33.62
C ASP I 586 -31.44 -12.23 32.20
N ILE I 587 -30.48 -12.46 31.32
CA ILE I 587 -30.62 -12.11 29.90
C ILE I 587 -30.89 -13.40 29.13
N THR I 588 -32.07 -13.47 28.49
CA THR I 588 -32.58 -14.53 27.63
C THR I 588 -32.18 -14.26 26.18
N PRO I 589 -31.74 -15.29 25.44
CA PRO I 589 -31.46 -15.11 24.02
C PRO I 589 -32.70 -14.76 23.22
N CYS I 590 -32.48 -14.10 22.08
CA CYS I 590 -33.55 -13.55 21.27
C CYS I 590 -34.30 -14.66 20.53
N SER I 591 -35.57 -14.36 20.21
CA SER I 591 -36.39 -15.24 19.40
C SER I 591 -36.34 -14.79 17.95
N PHE I 592 -35.92 -15.70 17.06
CA PHE I 592 -35.71 -15.35 15.67
C PHE I 592 -35.94 -16.58 14.81
N GLY I 593 -36.05 -16.35 13.49
CA GLY I 593 -36.25 -17.42 12.55
C GLY I 593 -36.20 -16.95 11.11
N GLY I 594 -37.10 -17.47 10.29
CA GLY I 594 -37.16 -17.08 8.89
C GLY I 594 -38.60 -16.92 8.44
N VAL I 595 -38.79 -16.03 7.47
CA VAL I 595 -40.12 -15.74 6.92
C VAL I 595 -40.37 -16.81 5.85
N SER I 596 -41.02 -17.89 6.26
CA SER I 596 -41.35 -19.00 5.36
C SER I 596 -42.77 -18.81 4.85
N VAL I 597 -42.91 -18.59 3.54
CA VAL I 597 -44.20 -18.40 2.90
C VAL I 597 -44.63 -19.73 2.30
N ILE I 598 -45.80 -20.22 2.72
CA ILE I 598 -46.34 -21.48 2.25
C ILE I 598 -47.29 -21.17 1.09
N THR I 599 -47.07 -21.84 -0.05
CA THR I 599 -47.88 -21.58 -1.23
C THR I 599 -48.15 -22.88 -1.97
N PRO I 600 -49.38 -23.08 -2.47
CA PRO I 600 -49.66 -24.27 -3.29
C PRO I 600 -49.28 -24.05 -4.74
N GLY I 601 -49.64 -25.01 -5.60
CA GLY I 601 -49.35 -24.87 -7.01
C GLY I 601 -50.22 -23.82 -7.68
N THR I 602 -49.85 -23.50 -8.92
CA THR I 602 -50.56 -22.46 -9.66
C THR I 602 -51.93 -22.94 -10.12
N ASN I 603 -52.06 -24.23 -10.43
CA ASN I 603 -53.32 -24.80 -10.85
C ASN I 603 -54.16 -25.33 -9.68
N THR I 604 -53.66 -25.22 -8.45
CA THR I 604 -54.37 -25.71 -7.28
C THR I 604 -55.21 -24.63 -6.62
N SER I 605 -54.56 -23.58 -6.12
CA SER I 605 -55.25 -22.51 -5.41
C SER I 605 -54.35 -21.27 -5.42
N ASN I 606 -54.89 -20.18 -4.87
CA ASN I 606 -54.15 -18.93 -4.74
C ASN I 606 -54.01 -18.46 -3.30
N GLN I 607 -54.65 -19.12 -2.35
CA GLN I 607 -54.52 -18.75 -0.95
C GLN I 607 -53.18 -19.21 -0.39
N VAL I 608 -52.45 -18.28 0.24
CA VAL I 608 -51.13 -18.55 0.78
C VAL I 608 -51.15 -18.25 2.29
N ALA I 609 -50.07 -18.62 2.95
CA ALA I 609 -49.90 -18.40 4.38
C ALA I 609 -48.46 -18.02 4.67
N VAL I 610 -48.28 -17.22 5.71
CA VAL I 610 -46.97 -16.76 6.14
C VAL I 610 -46.65 -17.42 7.47
N LEU I 611 -45.54 -18.14 7.52
CA LEU I 611 -45.10 -18.86 8.72
C LEU I 611 -43.75 -18.33 9.17
N TYR I 612 -43.67 -17.92 10.43
CA TYR I 612 -42.43 -17.44 11.03
C TYR I 612 -41.87 -18.56 11.90
N GLN I 613 -40.60 -18.92 11.66
CA GLN I 613 -40.04 -20.12 12.25
C GLN I 613 -39.55 -19.87 13.68
N ASP I 614 -39.87 -20.82 14.58
CA ASP I 614 -39.29 -20.94 15.92
C ASP I 614 -39.61 -19.73 16.80
N VAL I 615 -40.74 -19.08 16.56
CA VAL I 615 -41.22 -17.98 17.38
C VAL I 615 -42.69 -18.18 17.68
N ASN I 616 -43.18 -17.50 18.71
CA ASN I 616 -44.58 -17.53 19.06
C ASN I 616 -45.34 -16.40 18.37
N CYS I 617 -46.66 -16.41 18.53
CA CYS I 617 -47.49 -15.38 17.93
C CYS I 617 -47.55 -14.11 18.76
N THR I 618 -46.91 -14.08 19.94
CA THR I 618 -46.94 -12.89 20.78
C THR I 618 -45.96 -11.82 20.32
N GLU I 619 -45.07 -12.15 19.37
CA GLU I 619 -44.12 -11.15 18.88
C GLU I 619 -44.80 -10.12 18.00
N VAL I 620 -45.85 -10.49 17.29
CA VAL I 620 -46.57 -9.57 16.41
C VAL I 620 -47.48 -8.67 17.23
N ASN I 641 -57.02 -17.35 11.44
CA ASN I 641 -55.78 -17.42 10.68
C ASN I 641 -54.58 -17.59 11.60
N VAL I 642 -54.60 -16.90 12.73
CA VAL I 642 -53.49 -16.94 13.69
C VAL I 642 -53.61 -18.22 14.50
N PHE I 643 -52.70 -19.16 14.29
CA PHE I 643 -52.68 -20.42 15.01
C PHE I 643 -51.24 -20.76 15.37
N GLN I 644 -51.01 -21.12 16.64
CA GLN I 644 -49.68 -21.45 17.11
C GLN I 644 -49.37 -22.91 16.80
N THR I 645 -48.31 -23.14 16.03
CA THR I 645 -47.87 -24.48 15.67
C THR I 645 -46.55 -24.80 16.35
N ARG I 646 -46.09 -26.04 16.16
CA ARG I 646 -44.83 -26.46 16.76
C ARG I 646 -43.64 -25.86 16.02
N ALA I 647 -43.77 -25.63 14.72
CA ALA I 647 -42.69 -25.02 13.95
C ALA I 647 -42.61 -23.52 14.22
N GLY I 648 -43.73 -22.89 14.54
CA GLY I 648 -43.75 -21.46 14.81
C GLY I 648 -45.17 -20.92 14.69
N CYS I 649 -45.25 -19.61 14.56
CA CYS I 649 -46.54 -18.93 14.42
C CYS I 649 -46.97 -18.98 12.95
N LEU I 650 -48.09 -19.64 12.68
CA LEU I 650 -48.63 -19.76 11.33
C LEU I 650 -49.83 -18.84 11.20
N ILE I 651 -49.74 -17.89 10.28
CA ILE I 651 -50.80 -16.91 10.03
C ILE I 651 -51.25 -17.08 8.58
N GLY I 652 -52.50 -17.49 8.39
CA GLY I 652 -53.05 -17.65 7.05
C GLY I 652 -53.52 -19.05 6.75
N ALA I 653 -53.71 -19.86 7.80
CA ALA I 653 -54.18 -21.22 7.63
C ALA I 653 -54.91 -21.65 8.89
N GLU I 654 -55.91 -22.51 8.71
CA GLU I 654 -56.72 -23.02 9.80
C GLU I 654 -56.19 -24.39 10.21
N HIS I 655 -55.79 -24.52 11.47
CA HIS I 655 -55.23 -25.77 11.95
C HIS I 655 -56.33 -26.81 12.16
N VAL I 656 -56.12 -28.00 11.64
CA VAL I 656 -57.06 -29.11 11.76
C VAL I 656 -56.40 -30.21 12.58
N ASN I 657 -57.12 -30.71 13.59
CA ASN I 657 -56.56 -31.74 14.46
C ASN I 657 -56.47 -33.09 13.76
N ASN I 658 -57.28 -33.32 12.72
CA ASN I 658 -57.22 -34.57 11.99
C ASN I 658 -55.97 -34.60 11.10
N SER I 659 -55.32 -35.76 11.07
CA SER I 659 -54.09 -35.93 10.31
C SER I 659 -54.40 -36.40 8.89
N TYR I 660 -53.60 -35.93 7.94
CA TYR I 660 -53.77 -36.29 6.53
C TYR I 660 -52.42 -36.61 5.93
N GLU I 661 -52.42 -36.89 4.63
CA GLU I 661 -51.18 -37.18 3.92
C GLU I 661 -50.39 -35.90 3.71
N CYS I 662 -49.08 -35.98 3.93
CA CYS I 662 -48.21 -34.81 3.83
C CYS I 662 -48.02 -34.43 2.36
N ASP I 663 -48.44 -33.21 2.02
CA ASP I 663 -48.28 -32.67 0.66
C ASP I 663 -47.18 -31.62 0.59
N ILE I 664 -47.25 -30.60 1.44
CA ILE I 664 -46.21 -29.58 1.52
C ILE I 664 -45.52 -29.71 2.87
N PRO I 665 -44.32 -30.31 2.94
CA PRO I 665 -43.66 -30.49 4.23
C PRO I 665 -43.11 -29.18 4.77
N ILE I 666 -43.56 -28.82 5.98
CA ILE I 666 -43.16 -27.55 6.61
C ILE I 666 -42.06 -27.83 7.62
N GLY I 667 -42.35 -28.65 8.61
CA GLY I 667 -41.40 -28.99 9.65
C GLY I 667 -42.12 -29.38 10.92
N ALA I 668 -41.37 -30.07 11.80
CA ALA I 668 -41.83 -30.55 13.11
C ALA I 668 -43.05 -31.45 12.99
N GLY I 669 -43.10 -32.27 11.94
CA GLY I 669 -44.20 -33.18 11.74
C GLY I 669 -45.48 -32.53 11.28
N ILE I 670 -45.41 -31.31 10.76
CA ILE I 670 -46.58 -30.55 10.32
C ILE I 670 -46.46 -30.31 8.82
N CYS I 671 -47.52 -30.62 8.09
CA CYS I 671 -47.59 -30.39 6.65
C CYS I 671 -48.86 -29.61 6.33
N ALA I 672 -48.99 -29.22 5.06
CA ALA I 672 -50.12 -28.43 4.62
C ALA I 672 -50.57 -28.91 3.25
N SER I 673 -51.86 -28.74 2.98
CA SER I 673 -52.45 -29.10 1.69
C SER I 673 -53.70 -28.27 1.48
N TYR I 674 -54.25 -28.36 0.27
CA TYR I 674 -55.45 -27.64 -0.11
C TYR I 674 -56.57 -28.66 -0.31
N GLN I 675 -57.36 -28.87 0.74
CA GLN I 675 -58.47 -29.82 0.71
C GLN I 675 -59.48 -29.41 1.77
N THR I 676 -60.52 -30.23 1.92
CA THR I 676 -61.56 -29.97 2.91
C THR I 676 -61.07 -30.31 4.32
N SER I 689 -65.18 -25.14 -0.12
CA SER I 689 -64.97 -25.94 1.08
C SER I 689 -63.49 -26.22 1.32
N GLN I 690 -62.73 -26.32 0.23
CA GLN I 690 -61.30 -26.57 0.34
C GLN I 690 -60.55 -25.29 0.69
N SER I 691 -59.56 -25.42 1.56
CA SER I 691 -58.76 -24.29 2.00
C SER I 691 -57.41 -24.81 2.47
N ILE I 692 -56.47 -23.88 2.64
CA ILE I 692 -55.15 -24.24 3.14
C ILE I 692 -55.25 -24.55 4.63
N ILE I 693 -54.94 -25.80 4.99
CA ILE I 693 -55.08 -26.27 6.35
C ILE I 693 -53.73 -26.74 6.87
N ALA I 694 -53.63 -26.88 8.19
CA ALA I 694 -52.45 -27.39 8.86
C ALA I 694 -52.80 -28.66 9.62
N TYR I 695 -51.94 -29.66 9.53
CA TYR I 695 -52.25 -30.96 10.12
C TYR I 695 -50.95 -31.68 10.44
N THR I 696 -51.08 -32.77 11.19
CA THR I 696 -49.94 -33.61 11.53
C THR I 696 -49.66 -34.58 10.39
N MET I 697 -48.38 -34.81 10.13
CA MET I 697 -47.96 -35.70 9.04
C MET I 697 -48.26 -37.15 9.40
N SER I 698 -49.09 -37.79 8.60
CA SER I 698 -49.43 -39.20 8.79
C SER I 698 -48.40 -40.07 8.07
N LEU I 699 -47.93 -41.10 8.75
CA LEU I 699 -46.91 -41.99 8.21
C LEU I 699 -47.49 -43.16 7.43
N GLY I 700 -48.80 -43.33 7.44
CA GLY I 700 -49.44 -44.42 6.73
C GLY I 700 -50.64 -44.94 7.49
N ALA I 701 -51.47 -45.71 6.81
CA ALA I 701 -52.67 -46.27 7.41
C ALA I 701 -52.33 -47.47 8.28
N GLU I 702 -53.29 -47.87 9.11
CA GLU I 702 -53.11 -49.02 9.98
C GLU I 702 -53.22 -50.32 9.18
N ASN I 703 -52.22 -51.19 9.33
CA ASN I 703 -52.15 -52.47 8.63
C ASN I 703 -52.02 -53.56 9.69
N SER I 704 -53.16 -54.07 10.15
CA SER I 704 -53.19 -55.15 11.15
C SER I 704 -53.15 -56.48 10.41
N VAL I 705 -51.97 -57.08 10.33
CA VAL I 705 -51.80 -58.35 9.63
C VAL I 705 -52.30 -59.48 10.54
N ALA I 706 -53.20 -60.30 10.01
CA ALA I 706 -53.69 -61.44 10.75
C ALA I 706 -52.61 -62.51 10.87
N TYR I 707 -52.52 -63.13 12.05
CA TYR I 707 -51.46 -64.08 12.33
C TYR I 707 -52.01 -65.23 13.17
N SER I 708 -51.58 -66.45 12.83
CA SER I 708 -51.89 -67.63 13.61
C SER I 708 -50.80 -68.66 13.35
N ASN I 709 -50.89 -69.78 14.07
CA ASN I 709 -49.89 -70.83 13.96
C ASN I 709 -50.21 -71.85 12.86
N ASN I 710 -51.32 -71.68 12.14
CA ASN I 710 -51.70 -72.64 11.11
C ASN I 710 -52.27 -71.96 9.87
N SER I 711 -51.76 -70.77 9.54
CA SER I 711 -52.19 -70.07 8.33
C SER I 711 -50.99 -69.43 7.64
N ILE I 712 -51.08 -69.34 6.31
CA ILE I 712 -50.04 -68.73 5.51
C ILE I 712 -50.69 -68.07 4.31
N ALA I 713 -50.01 -67.08 3.73
CA ALA I 713 -50.50 -66.35 2.58
C ALA I 713 -49.54 -66.56 1.42
N ILE I 714 -50.02 -67.24 0.38
CA ILE I 714 -49.20 -67.54 -0.80
C ILE I 714 -49.83 -66.84 -2.01
N PRO I 715 -49.06 -66.07 -2.78
CA PRO I 715 -49.63 -65.38 -3.94
C PRO I 715 -49.91 -66.37 -5.08
N THR I 716 -51.08 -66.21 -5.70
CA THR I 716 -51.49 -67.07 -6.81
C THR I 716 -51.35 -66.39 -8.16
N ASN I 717 -51.16 -65.08 -8.21
CA ASN I 717 -51.02 -64.36 -9.45
C ASN I 717 -49.94 -63.31 -9.28
N PHE I 718 -49.45 -62.79 -10.42
CA PHE I 718 -48.37 -61.81 -10.42
C PHE I 718 -48.58 -60.84 -11.57
N THR I 719 -47.79 -59.77 -11.55
CA THR I 719 -47.83 -58.76 -12.60
C THR I 719 -46.42 -58.23 -12.82
N ILE I 720 -45.91 -58.40 -14.04
CA ILE I 720 -44.55 -58.00 -14.34
C ILE I 720 -44.48 -56.48 -14.48
N SER I 721 -43.64 -55.85 -13.68
CA SER I 721 -43.45 -54.40 -13.71
C SER I 721 -41.97 -54.10 -13.80
N VAL I 722 -41.63 -53.06 -14.56
CA VAL I 722 -40.25 -52.65 -14.78
C VAL I 722 -40.05 -51.28 -14.16
N THR I 723 -39.04 -51.16 -13.30
CA THR I 723 -38.72 -49.92 -12.62
C THR I 723 -37.58 -49.21 -13.34
N THR I 724 -37.76 -47.90 -13.55
CA THR I 724 -36.78 -47.08 -14.27
C THR I 724 -35.93 -46.32 -13.26
N GLU I 725 -34.62 -46.50 -13.35
CA GLU I 725 -33.67 -45.80 -12.50
C GLU I 725 -32.69 -45.02 -13.37
N ILE I 726 -32.46 -43.76 -13.03
CA ILE I 726 -31.63 -42.85 -13.80
C ILE I 726 -30.44 -42.42 -12.96
N LEU I 727 -29.24 -42.61 -13.49
CA LEU I 727 -28.01 -42.24 -12.82
C LEU I 727 -27.14 -41.39 -13.74
N PRO I 728 -26.55 -40.31 -13.22
CA PRO I 728 -25.66 -39.49 -14.05
C PRO I 728 -24.29 -40.11 -14.21
N VAL I 729 -23.68 -39.85 -15.37
CA VAL I 729 -22.36 -40.40 -15.69
C VAL I 729 -21.38 -39.27 -15.96
N SER I 730 -21.66 -38.45 -16.97
CA SER I 730 -20.74 -37.43 -17.43
C SER I 730 -21.31 -36.03 -17.18
N MET I 731 -20.42 -35.04 -17.29
CA MET I 731 -20.77 -33.64 -17.15
C MET I 731 -20.23 -32.85 -18.34
N THR I 732 -20.36 -31.54 -18.27
CA THR I 732 -19.89 -30.66 -19.34
C THR I 732 -18.42 -30.33 -19.12
N LYS I 733 -17.58 -30.60 -20.12
CA LYS I 733 -16.16 -30.32 -20.06
C LYS I 733 -15.91 -28.88 -20.48
N THR I 734 -15.31 -28.10 -19.58
CA THR I 734 -15.00 -26.70 -19.86
C THR I 734 -13.64 -26.38 -19.26
N SER I 735 -12.72 -25.90 -20.10
CA SER I 735 -11.36 -25.57 -19.67
C SER I 735 -11.35 -24.13 -19.15
N VAL I 736 -11.48 -23.99 -17.84
CA VAL I 736 -11.45 -22.68 -17.20
C VAL I 736 -10.06 -22.49 -16.61
N ASP I 737 -9.24 -21.67 -17.27
CA ASP I 737 -7.88 -21.41 -16.81
C ASP I 737 -7.91 -20.39 -15.68
N CYS I 738 -6.94 -20.51 -14.76
CA CYS I 738 -6.86 -19.59 -13.64
C CYS I 738 -6.37 -18.22 -14.09
N THR I 739 -5.47 -18.19 -15.08
CA THR I 739 -4.89 -16.93 -15.53
C THR I 739 -5.86 -16.16 -16.41
N MET I 740 -6.57 -16.86 -17.29
CA MET I 740 -7.48 -16.19 -18.22
C MET I 740 -8.74 -15.71 -17.53
N TYR I 741 -9.10 -16.32 -16.40
CA TYR I 741 -10.30 -15.89 -15.67
C TYR I 741 -10.04 -14.62 -14.88
N ILE I 742 -8.95 -14.58 -14.11
CA ILE I 742 -8.65 -13.42 -13.29
C ILE I 742 -8.13 -12.27 -14.15
N CYS I 743 -7.22 -12.58 -15.07
CA CYS I 743 -6.61 -11.58 -15.94
C CYS I 743 -7.20 -11.71 -17.34
N GLY I 744 -7.79 -10.63 -17.83
CA GLY I 744 -8.33 -10.62 -19.18
C GLY I 744 -7.29 -10.30 -20.23
N ASP I 745 -6.39 -11.26 -20.48
CA ASP I 745 -5.29 -11.17 -21.46
C ASP I 745 -4.38 -9.97 -21.15
N SER I 746 -3.75 -10.03 -19.98
CA SER I 746 -2.86 -8.95 -19.52
C SER I 746 -1.63 -9.58 -18.90
N THR I 747 -0.45 -9.12 -19.33
CA THR I 747 0.80 -9.67 -18.81
C THR I 747 1.18 -9.05 -17.47
N GLU I 748 0.78 -7.81 -17.23
CA GLU I 748 1.07 -7.17 -15.93
C GLU I 748 0.25 -7.79 -14.82
N CYS I 749 -0.97 -8.24 -15.12
CA CYS I 749 -1.81 -8.90 -14.13
C CYS I 749 -1.26 -10.28 -13.79
N SER I 750 -0.63 -10.95 -14.75
CA SER I 750 -0.09 -12.29 -14.51
C SER I 750 1.19 -12.26 -13.69
N ASN I 751 1.86 -11.11 -13.60
CA ASN I 751 3.07 -11.02 -12.78
C ASN I 751 2.75 -11.05 -11.30
N LEU I 752 1.57 -10.54 -10.92
CA LEU I 752 1.15 -10.59 -9.52
C LEU I 752 0.62 -11.97 -9.13
N LEU I 753 0.25 -12.79 -10.12
CA LEU I 753 -0.17 -14.15 -9.83
C LEU I 753 1.00 -15.04 -9.45
N LEU I 754 2.21 -14.68 -9.89
CA LEU I 754 3.39 -15.46 -9.52
C LEU I 754 3.84 -15.15 -8.09
N GLN I 755 3.36 -14.05 -7.51
CA GLN I 755 3.69 -13.73 -6.13
C GLN I 755 2.98 -14.66 -5.15
N TYR I 756 1.83 -15.20 -5.54
CA TYR I 756 1.09 -16.14 -4.72
C TYR I 756 1.52 -17.58 -4.91
N GLY I 757 2.54 -17.83 -5.73
CA GLY I 757 3.06 -19.16 -5.91
C GLY I 757 2.30 -20.01 -6.90
N SER I 758 2.25 -21.32 -6.66
CA SER I 758 1.58 -22.27 -7.53
C SER I 758 0.13 -22.52 -7.15
N PHE I 759 -0.50 -21.59 -6.41
CA PHE I 759 -1.91 -21.75 -6.06
C PHE I 759 -2.81 -21.56 -7.28
N CYS I 760 -2.35 -20.79 -8.26
CA CYS I 760 -3.10 -20.65 -9.51
C CYS I 760 -3.09 -21.95 -10.30
N THR I 761 -1.92 -22.60 -10.38
CA THR I 761 -1.81 -23.84 -11.14
C THR I 761 -2.43 -25.02 -10.40
N GLN I 762 -2.51 -24.96 -9.06
CA GLN I 762 -3.16 -26.02 -8.30
C GLN I 762 -4.66 -26.02 -8.49
N LEU I 763 -5.25 -24.85 -8.72
CA LEU I 763 -6.68 -24.79 -9.01
C LEU I 763 -6.96 -25.25 -10.44
N ASN I 764 -6.00 -25.07 -11.34
CA ASN I 764 -6.14 -25.61 -12.70
C ASN I 764 -5.93 -27.11 -12.71
N ARG I 765 -5.07 -27.62 -11.82
CA ARG I 765 -4.81 -29.05 -11.76
C ARG I 765 -5.99 -29.81 -11.17
N ALA I 766 -6.64 -29.22 -10.16
CA ALA I 766 -7.80 -29.87 -9.53
C ALA I 766 -9.01 -29.81 -10.45
N LEU I 767 -9.14 -28.74 -11.24
CA LEU I 767 -10.28 -28.63 -12.14
C LEU I 767 -10.12 -29.53 -13.36
N THR I 768 -8.88 -29.73 -13.81
CA THR I 768 -8.64 -30.63 -14.94
C THR I 768 -8.83 -32.08 -14.52
N GLY I 769 -8.56 -32.40 -13.25
CA GLY I 769 -8.76 -33.75 -12.77
C GLY I 769 -10.22 -34.13 -12.67
N ILE I 770 -11.10 -33.13 -12.54
CA ILE I 770 -12.54 -33.38 -12.62
C ILE I 770 -12.92 -33.75 -14.05
N ALA I 771 -12.35 -33.03 -15.03
CA ALA I 771 -12.69 -33.28 -16.43
C ALA I 771 -12.09 -34.61 -16.93
N VAL I 772 -11.04 -35.09 -16.28
CA VAL I 772 -10.54 -36.42 -16.58
C VAL I 772 -11.52 -37.48 -16.10
N GLU I 773 -12.09 -37.28 -14.90
CA GLU I 773 -13.05 -38.24 -14.35
C GLU I 773 -14.38 -38.20 -15.08
N GLN I 774 -14.67 -37.11 -15.80
CA GLN I 774 -15.87 -37.07 -16.63
C GLN I 774 -15.75 -38.03 -17.81
N ASP I 775 -14.53 -38.22 -18.33
CA ASP I 775 -14.31 -39.21 -19.37
C ASP I 775 -14.06 -40.59 -18.79
N LYS I 776 -13.56 -40.67 -17.56
CA LYS I 776 -13.33 -41.97 -16.93
C LYS I 776 -14.63 -42.64 -16.50
N ASN I 777 -15.67 -41.84 -16.21
CA ASN I 777 -16.96 -42.41 -15.85
C ASN I 777 -17.64 -43.03 -17.06
N THR I 778 -17.37 -42.50 -18.26
CA THR I 778 -17.90 -43.11 -19.47
C THR I 778 -17.16 -44.40 -19.81
N GLN I 779 -15.91 -44.54 -19.36
CA GLN I 779 -15.16 -45.76 -19.63
C GLN I 779 -15.52 -46.87 -18.66
N GLU I 780 -15.84 -46.51 -17.41
CA GLU I 780 -16.16 -47.52 -16.41
C GLU I 780 -17.58 -48.06 -16.57
N VAL I 781 -18.45 -47.32 -17.27
CA VAL I 781 -19.83 -47.73 -17.44
C VAL I 781 -20.07 -48.25 -18.85
N PHE I 782 -19.83 -47.41 -19.85
CA PHE I 782 -20.20 -47.77 -21.22
C PHE I 782 -19.15 -48.65 -21.88
N ALA I 783 -17.87 -48.37 -21.64
CA ALA I 783 -16.77 -49.12 -22.26
C ALA I 783 -16.46 -50.34 -21.39
N GLN I 784 -17.39 -51.31 -21.40
CA GLN I 784 -17.21 -52.54 -20.65
C GLN I 784 -17.47 -53.78 -21.51
N VAL I 785 -17.59 -53.63 -22.83
CA VAL I 785 -17.85 -54.76 -23.72
C VAL I 785 -16.57 -55.13 -24.45
N LYS I 786 -16.52 -56.39 -24.90
CA LYS I 786 -15.36 -56.86 -25.65
C LYS I 786 -15.59 -56.71 -27.15
N GLN I 787 -16.72 -57.22 -27.65
CA GLN I 787 -17.06 -57.14 -29.06
C GLN I 787 -18.45 -56.54 -29.22
N ILE I 788 -18.71 -55.96 -30.39
CA ILE I 788 -19.97 -55.30 -30.67
C ILE I 788 -20.93 -56.33 -31.26
N TYR I 789 -22.08 -56.51 -30.62
CA TYR I 789 -23.10 -57.44 -31.09
C TYR I 789 -24.26 -56.68 -31.70
N LYS I 790 -24.97 -57.34 -32.62
CA LYS I 790 -26.09 -56.75 -33.33
C LYS I 790 -27.33 -57.61 -33.17
N THR I 791 -28.45 -57.08 -33.64
CA THR I 791 -29.72 -57.80 -33.53
C THR I 791 -29.81 -58.90 -34.57
N PRO I 792 -30.05 -60.15 -34.17
CA PRO I 792 -30.20 -61.23 -35.15
C PRO I 792 -31.55 -61.15 -35.83
N PRO I 793 -31.68 -61.70 -37.05
CA PRO I 793 -32.98 -61.66 -37.74
C PRO I 793 -34.00 -62.61 -37.15
N ILE I 794 -33.59 -63.61 -36.37
CA ILE I 794 -34.51 -64.54 -35.75
C ILE I 794 -35.15 -63.84 -34.55
N LYS I 795 -36.43 -63.51 -34.67
CA LYS I 795 -37.16 -62.80 -33.63
C LYS I 795 -37.89 -63.74 -32.68
N ASP I 796 -37.51 -65.02 -32.62
CA ASP I 796 -38.15 -65.99 -31.74
C ASP I 796 -37.49 -65.91 -30.37
N PHE I 797 -37.88 -64.89 -29.61
CA PHE I 797 -37.39 -64.68 -28.25
C PHE I 797 -38.39 -65.13 -27.20
N GLY I 798 -39.36 -65.96 -27.60
CA GLY I 798 -40.38 -66.40 -26.67
C GLY I 798 -41.54 -65.45 -26.50
N GLY I 799 -41.87 -64.65 -27.51
CA GLY I 799 -42.95 -63.71 -27.43
C GLY I 799 -42.59 -62.38 -26.81
N PHE I 800 -41.34 -62.19 -26.39
CA PHE I 800 -40.90 -60.94 -25.78
C PHE I 800 -40.53 -59.95 -26.88
N ASN I 801 -41.29 -58.86 -26.97
CA ASN I 801 -41.06 -57.84 -27.99
C ASN I 801 -40.05 -56.83 -27.45
N PHE I 802 -38.91 -56.70 -28.14
CA PHE I 802 -37.86 -55.76 -27.77
C PHE I 802 -37.79 -54.58 -28.72
N SER I 803 -38.90 -54.18 -29.33
CA SER I 803 -38.87 -53.11 -30.32
C SER I 803 -38.70 -51.74 -29.66
N GLN I 804 -38.98 -51.62 -28.37
CA GLN I 804 -38.87 -50.33 -27.69
C GLN I 804 -37.44 -50.04 -27.24
N ILE I 805 -36.66 -51.07 -26.93
CA ILE I 805 -35.30 -50.84 -26.42
C ILE I 805 -34.24 -51.02 -27.50
N LEU I 806 -34.54 -51.76 -28.56
CA LEU I 806 -33.58 -51.91 -29.66
C LEU I 806 -33.56 -50.64 -30.51
N PRO I 807 -32.38 -50.25 -31.01
CA PRO I 807 -32.29 -49.02 -31.79
C PRO I 807 -32.97 -49.13 -33.15
N ASP I 808 -33.39 -47.98 -33.67
CA ASP I 808 -34.13 -47.92 -34.92
C ASP I 808 -33.20 -48.19 -36.09
N PRO I 809 -33.45 -49.21 -36.92
CA PRO I 809 -32.60 -49.42 -38.10
C PRO I 809 -32.84 -48.40 -39.21
N SER I 810 -33.99 -47.74 -39.21
CA SER I 810 -34.25 -46.71 -40.23
C SER I 810 -33.57 -45.39 -39.88
N LYS I 811 -33.41 -45.09 -38.60
CA LYS I 811 -32.76 -43.86 -38.17
C LYS I 811 -31.45 -44.15 -37.44
N SER I 813 -29.59 -40.12 -35.70
CA SER I 813 -28.68 -40.86 -34.83
C SER I 813 -29.25 -42.25 -34.53
N LYS I 814 -28.37 -43.14 -34.07
CA LYS I 814 -28.76 -44.51 -33.74
C LYS I 814 -29.24 -44.55 -32.30
N ARG I 815 -30.56 -44.66 -32.13
CA ARG I 815 -31.14 -44.71 -30.80
C ARG I 815 -32.48 -45.43 -30.88
N SER I 816 -32.98 -45.85 -29.72
CA SER I 816 -34.26 -46.56 -29.67
C SER I 816 -35.40 -45.55 -29.53
N PHE I 817 -36.61 -46.09 -29.29
CA PHE I 817 -37.76 -45.23 -29.06
C PHE I 817 -37.71 -44.60 -27.67
N ILE I 818 -37.20 -45.34 -26.68
CA ILE I 818 -37.06 -44.80 -25.33
C ILE I 818 -35.84 -43.87 -25.27
N GLU I 819 -34.78 -44.22 -26.00
CA GLU I 819 -33.56 -43.40 -26.00
C GLU I 819 -33.76 -42.09 -26.77
N ASP I 820 -34.73 -42.05 -27.68
CA ASP I 820 -35.03 -40.80 -28.37
C ASP I 820 -35.70 -39.81 -27.43
N LEU I 821 -36.46 -40.31 -26.45
CA LEU I 821 -37.11 -39.42 -25.49
C LEU I 821 -36.13 -38.96 -24.41
N LEU I 822 -34.99 -39.65 -24.27
CA LEU I 822 -34.00 -39.25 -23.27
C LEU I 822 -33.27 -37.99 -23.70
N PHE I 823 -32.97 -37.87 -25.00
CA PHE I 823 -32.26 -36.70 -25.50
C PHE I 823 -33.18 -35.49 -25.69
N ASN I 824 -34.48 -35.74 -25.86
CA ASN I 824 -35.39 -34.63 -26.11
C ASN I 824 -35.84 -33.94 -24.82
N LYS I 825 -35.88 -34.65 -23.71
CA LYS I 825 -36.29 -34.06 -22.44
C LYS I 825 -35.15 -33.38 -21.70
N VAL I 826 -33.93 -33.41 -22.24
CA VAL I 826 -32.78 -32.74 -21.65
C VAL I 826 -32.20 -31.78 -22.68
N THR I 827 -32.24 -30.50 -22.38
CA THR I 827 -31.72 -29.48 -23.29
C THR I 827 -30.55 -28.72 -22.66
N LYS I 854 -17.81 -18.15 -21.89
CA LYS I 854 -18.05 -18.59 -23.25
C LYS I 854 -17.05 -17.96 -24.22
N PHE I 855 -16.83 -16.65 -24.06
CA PHE I 855 -15.91 -15.91 -24.93
C PHE I 855 -14.92 -15.09 -24.12
N ASN I 856 -14.69 -15.47 -22.86
CA ASN I 856 -13.77 -14.76 -21.97
C ASN I 856 -12.51 -15.58 -21.71
N GLY I 857 -12.03 -16.31 -22.72
CA GLY I 857 -10.86 -17.16 -22.56
C GLY I 857 -11.16 -18.60 -22.23
N LEU I 858 -12.42 -19.02 -22.28
CA LEU I 858 -12.80 -20.39 -21.98
C LEU I 858 -12.82 -21.23 -23.25
N THR I 859 -12.39 -22.48 -23.14
CA THR I 859 -12.34 -23.40 -24.26
C THR I 859 -13.24 -24.59 -23.95
N VAL I 860 -14.27 -24.79 -24.77
CA VAL I 860 -15.20 -25.91 -24.60
C VAL I 860 -14.51 -27.18 -25.08
N LEU I 861 -14.13 -28.05 -24.16
CA LEU I 861 -13.44 -29.27 -24.53
C LEU I 861 -14.44 -30.35 -24.93
N PRO I 862 -14.22 -31.04 -26.04
CA PRO I 862 -15.12 -32.13 -26.43
C PRO I 862 -14.85 -33.38 -25.62
N PRO I 863 -15.87 -34.19 -25.37
CA PRO I 863 -15.66 -35.44 -24.65
C PRO I 863 -14.98 -36.49 -25.51
N LEU I 864 -14.41 -37.50 -24.83
CA LEU I 864 -13.74 -38.58 -25.54
C LEU I 864 -14.75 -39.49 -26.24
N LEU I 865 -15.80 -39.88 -25.51
CA LEU I 865 -16.86 -40.70 -26.06
C LEU I 865 -18.07 -39.82 -26.37
N THR I 866 -18.41 -39.73 -27.65
CA THR I 866 -19.54 -38.91 -28.06
C THR I 866 -20.86 -39.65 -27.79
N ASP I 867 -21.97 -38.97 -28.14
CA ASP I 867 -23.29 -39.55 -27.92
C ASP I 867 -23.57 -40.71 -28.87
N GLU I 868 -22.90 -40.73 -30.03
CA GLU I 868 -23.08 -41.84 -30.97
C GLU I 868 -22.35 -43.08 -30.48
N MET I 869 -21.13 -42.91 -29.97
CA MET I 869 -20.35 -44.06 -29.51
C MET I 869 -20.86 -44.58 -28.17
N ILE I 870 -21.53 -43.72 -27.39
CA ILE I 870 -22.18 -44.17 -26.17
C ILE I 870 -23.37 -45.05 -26.50
N ALA I 871 -24.15 -44.69 -27.51
CA ALA I 871 -25.30 -45.48 -27.92
C ALA I 871 -24.88 -46.79 -28.58
N GLN I 872 -23.70 -46.81 -29.22
CA GLN I 872 -23.20 -48.06 -29.78
C GLN I 872 -22.65 -48.97 -28.69
N TYR I 873 -22.22 -48.40 -27.56
CA TYR I 873 -21.81 -49.21 -26.43
C TYR I 873 -23.02 -49.85 -25.75
N THR I 874 -24.14 -49.13 -25.69
CA THR I 874 -25.36 -49.70 -25.13
C THR I 874 -26.01 -50.66 -26.10
N SER I 875 -25.72 -50.54 -27.40
CA SER I 875 -26.30 -51.46 -28.37
C SER I 875 -25.69 -52.85 -28.26
N ALA I 876 -24.41 -52.93 -27.87
CA ALA I 876 -23.80 -54.22 -27.64
C ALA I 876 -24.27 -54.83 -26.33
N LEU I 877 -24.65 -53.99 -25.37
CA LEU I 877 -25.18 -54.50 -24.09
C LEU I 877 -26.59 -55.03 -24.27
N LEU I 878 -27.40 -54.38 -25.11
CA LEU I 878 -28.77 -54.82 -25.32
C LEU I 878 -28.81 -56.07 -26.20
N ALA I 879 -27.95 -56.14 -27.21
CA ALA I 879 -27.90 -57.32 -28.06
C ALA I 879 -27.23 -58.49 -27.37
N GLY I 880 -26.36 -58.20 -26.40
CA GLY I 880 -25.68 -59.27 -25.69
C GLY I 880 -26.54 -59.89 -24.59
N THR I 881 -27.42 -59.09 -23.99
CA THR I 881 -28.27 -59.59 -22.91
C THR I 881 -29.38 -60.48 -23.44
N ILE I 882 -29.90 -60.19 -24.63
CA ILE I 882 -30.98 -60.98 -25.18
C ILE I 882 -30.45 -62.27 -25.80
N THR I 883 -29.39 -62.17 -26.61
CA THR I 883 -28.87 -63.32 -27.33
C THR I 883 -27.92 -64.16 -26.48
N SER I 884 -26.88 -63.54 -25.93
CA SER I 884 -25.85 -64.26 -25.18
C SER I 884 -26.10 -64.25 -23.67
N GLY I 885 -27.06 -63.46 -23.20
CA GLY I 885 -27.32 -63.43 -21.77
C GLY I 885 -26.28 -62.63 -21.02
N TRP I 886 -25.83 -63.16 -19.89
CA TRP I 886 -24.81 -62.52 -19.06
C TRP I 886 -23.43 -63.14 -19.25
N THR I 887 -23.25 -63.95 -20.29
CA THR I 887 -21.98 -64.65 -20.51
C THR I 887 -21.00 -63.86 -21.35
N PHE I 888 -21.47 -62.88 -22.14
CA PHE I 888 -20.56 -62.11 -22.98
C PHE I 888 -19.75 -61.11 -22.19
N GLY I 889 -20.20 -60.70 -21.00
CA GLY I 889 -19.44 -59.77 -20.20
C GLY I 889 -18.33 -60.43 -19.40
N ALA I 890 -18.57 -61.64 -18.90
CA ALA I 890 -17.55 -62.34 -18.12
C ALA I 890 -16.61 -63.14 -19.03
N GLY I 891 -17.08 -63.55 -20.21
CA GLY I 891 -16.27 -64.33 -21.11
C GLY I 891 -16.78 -64.32 -22.54
N ALA I 892 -16.73 -65.49 -23.18
CA ALA I 892 -17.18 -65.60 -24.56
C ALA I 892 -18.70 -65.57 -24.65
N ALA I 893 -19.22 -65.22 -25.82
CA ALA I 893 -20.65 -65.14 -26.03
C ALA I 893 -21.23 -66.55 -26.15
N LEU I 894 -22.04 -66.93 -25.17
CA LEU I 894 -22.70 -68.24 -25.16
C LEU I 894 -24.15 -68.03 -25.60
N GLN I 895 -24.47 -68.47 -26.81
CA GLN I 895 -25.79 -68.26 -27.38
C GLN I 895 -26.82 -69.17 -26.72
N ILE I 896 -27.66 -68.58 -25.87
CA ILE I 896 -28.74 -69.29 -25.19
C ILE I 896 -30.06 -68.64 -25.62
N PRO I 897 -31.09 -69.43 -25.93
CA PRO I 897 -32.39 -68.82 -26.27
C PRO I 897 -33.01 -68.09 -25.09
N PHE I 898 -33.77 -67.04 -25.40
CA PHE I 898 -34.30 -66.17 -24.36
C PHE I 898 -35.42 -66.84 -23.57
N ALA I 899 -36.07 -67.85 -24.15
CA ALA I 899 -37.05 -68.63 -23.39
C ALA I 899 -36.36 -69.51 -22.35
N MET I 900 -35.10 -69.86 -22.58
CA MET I 900 -34.36 -70.66 -21.61
C MET I 900 -33.52 -69.79 -20.68
N GLN I 901 -33.26 -68.54 -21.06
CA GLN I 901 -32.52 -67.63 -20.18
C GLN I 901 -33.38 -67.15 -19.03
N MET I 902 -34.69 -66.97 -19.26
CA MET I 902 -35.58 -66.52 -18.21
C MET I 902 -35.91 -67.62 -17.23
N ALA I 903 -35.68 -68.88 -17.60
CA ALA I 903 -35.93 -69.99 -16.68
C ALA I 903 -34.89 -70.02 -15.57
N TYR I 904 -33.65 -69.57 -15.87
CA TYR I 904 -32.63 -69.50 -14.85
C TYR I 904 -32.79 -68.25 -13.98
N ARG I 905 -33.37 -67.18 -14.54
CA ARG I 905 -33.57 -65.96 -13.76
C ARG I 905 -34.73 -66.11 -12.79
N PHE I 906 -35.78 -66.84 -13.19
CA PHE I 906 -36.88 -67.11 -12.28
C PHE I 906 -36.50 -68.12 -11.21
N ASN I 907 -35.53 -68.99 -11.51
CA ASN I 907 -35.13 -70.01 -10.54
C ASN I 907 -34.32 -69.40 -9.40
N GLY I 908 -33.69 -68.25 -9.62
CA GLY I 908 -32.90 -67.61 -8.60
C GLY I 908 -33.72 -66.97 -7.48
N ILE I 909 -34.99 -66.71 -7.72
CA ILE I 909 -35.86 -66.09 -6.73
C ILE I 909 -36.86 -67.08 -6.16
N GLY I 910 -36.62 -68.38 -6.35
CA GLY I 910 -37.48 -69.41 -5.79
C GLY I 910 -38.63 -69.85 -6.67
N VAL I 911 -38.89 -69.16 -7.78
CA VAL I 911 -39.98 -69.53 -8.67
C VAL I 911 -39.53 -70.71 -9.52
N THR I 912 -40.37 -71.73 -9.61
CA THR I 912 -40.05 -72.91 -10.40
C THR I 912 -40.11 -72.58 -11.89
N GLN I 913 -39.41 -73.39 -12.69
CA GLN I 913 -39.26 -73.09 -14.11
C GLN I 913 -40.48 -73.48 -14.92
N ASN I 914 -41.40 -74.26 -14.35
CA ASN I 914 -42.59 -74.65 -15.09
C ASN I 914 -43.62 -73.53 -15.15
N VAL I 915 -43.46 -72.47 -14.36
CA VAL I 915 -44.37 -71.33 -14.42
C VAL I 915 -44.14 -70.54 -15.71
N LEU I 916 -42.88 -70.48 -16.16
CA LEU I 916 -42.55 -69.68 -17.33
C LEU I 916 -43.04 -70.33 -18.62
N TYR I 917 -42.81 -71.63 -18.78
CA TYR I 917 -43.14 -72.30 -20.03
C TYR I 917 -44.63 -72.53 -20.19
N GLU I 918 -45.37 -72.60 -19.08
CA GLU I 918 -46.82 -72.74 -19.17
C GLU I 918 -47.52 -71.40 -19.32
N ASN I 919 -46.84 -70.31 -18.98
CA ASN I 919 -47.41 -68.97 -19.11
C ASN I 919 -46.54 -68.09 -20.00
N GLN I 920 -46.19 -68.60 -21.18
CA GLN I 920 -45.36 -67.83 -22.11
C GLN I 920 -46.09 -66.62 -22.66
N LYS I 921 -47.42 -66.73 -22.82
CA LYS I 921 -48.19 -65.60 -23.32
C LYS I 921 -48.54 -64.62 -22.20
N LEU I 922 -48.44 -65.06 -20.95
CA LEU I 922 -48.80 -64.19 -19.82
C LEU I 922 -47.65 -63.27 -19.45
N ILE I 923 -46.44 -63.82 -19.33
CA ILE I 923 -45.30 -63.02 -18.85
C ILE I 923 -44.79 -62.10 -19.94
N ALA I 924 -44.83 -62.55 -21.20
CA ALA I 924 -44.29 -61.74 -22.30
C ALA I 924 -45.20 -60.56 -22.63
N ASN I 925 -46.52 -60.73 -22.49
CA ASN I 925 -47.44 -59.62 -22.73
C ASN I 925 -47.39 -58.61 -21.59
N GLN I 926 -47.13 -59.08 -20.37
CA GLN I 926 -46.96 -58.15 -19.25
C GLN I 926 -45.62 -57.44 -19.32
N PHE I 927 -44.63 -58.05 -19.99
CA PHE I 927 -43.34 -57.39 -20.16
C PHE I 927 -43.44 -56.26 -21.19
N ASN I 928 -44.18 -56.51 -22.28
CA ASN I 928 -44.35 -55.48 -23.31
C ASN I 928 -45.26 -54.37 -22.83
N SER I 929 -46.19 -54.69 -21.93
CA SER I 929 -47.07 -53.66 -21.37
C SER I 929 -46.33 -52.80 -20.35
N ALA I 930 -45.35 -53.38 -19.66
CA ALA I 930 -44.60 -52.62 -18.65
C ALA I 930 -43.64 -51.65 -19.31
N ILE I 931 -42.97 -52.07 -20.38
CA ILE I 931 -42.05 -51.19 -21.10
C ILE I 931 -42.84 -50.10 -21.84
N GLY I 932 -44.03 -50.42 -22.33
CA GLY I 932 -44.84 -49.43 -23.03
C GLY I 932 -45.40 -48.36 -22.11
N LYS I 933 -45.59 -48.69 -20.83
CA LYS I 933 -46.01 -47.68 -19.87
C LYS I 933 -44.85 -46.77 -19.47
N ILE I 934 -43.61 -47.25 -19.62
CA ILE I 934 -42.45 -46.41 -19.35
C ILE I 934 -42.30 -45.36 -20.45
N GLN I 935 -42.51 -45.76 -21.71
CA GLN I 935 -42.37 -44.83 -22.83
C GLN I 935 -43.48 -43.78 -22.83
N ASP I 936 -44.68 -44.15 -22.38
CA ASP I 936 -45.77 -43.19 -22.29
C ASP I 936 -45.56 -42.22 -21.13
N SER I 937 -44.98 -42.69 -20.03
CA SER I 937 -44.75 -41.83 -18.88
C SER I 937 -43.54 -40.93 -19.09
N LEU I 938 -42.59 -41.37 -19.93
CA LEU I 938 -41.40 -40.56 -20.18
C LEU I 938 -41.72 -39.39 -21.11
N SER I 939 -42.60 -39.61 -22.10
CA SER I 939 -42.99 -38.55 -23.01
C SER I 939 -44.07 -37.64 -22.43
N SER I 940 -44.66 -38.01 -21.30
CA SER I 940 -45.73 -37.20 -20.73
C SER I 940 -45.19 -35.99 -20.00
N THR I 941 -44.02 -36.11 -19.36
CA THR I 941 -43.44 -35.01 -18.62
C THR I 941 -41.92 -35.17 -18.60
N ALA I 942 -41.22 -34.05 -18.38
CA ALA I 942 -39.77 -34.05 -18.30
C ALA I 942 -39.25 -34.19 -16.87
N SER I 943 -40.14 -34.35 -15.89
CA SER I 943 -39.71 -34.45 -14.50
C SER I 943 -39.14 -35.82 -14.15
N ALA I 944 -39.31 -36.82 -15.03
CA ALA I 944 -38.73 -38.14 -14.76
C ALA I 944 -37.21 -38.12 -14.92
N LEU I 945 -36.69 -37.25 -15.78
CA LEU I 945 -35.26 -37.08 -15.98
C LEU I 945 -34.70 -35.87 -15.24
N GLY I 946 -35.23 -35.60 -14.04
CA GLY I 946 -34.79 -34.42 -13.29
C GLY I 946 -33.38 -34.55 -12.74
N LYS I 947 -32.88 -35.78 -12.61
CA LYS I 947 -31.51 -35.96 -12.15
C LYS I 947 -30.50 -35.56 -13.23
N LEU I 948 -30.81 -35.89 -14.49
CA LEU I 948 -29.93 -35.48 -15.58
C LEU I 948 -30.07 -34.00 -15.90
N GLN I 949 -31.23 -33.41 -15.64
CA GLN I 949 -31.41 -31.99 -15.87
C GLN I 949 -30.67 -31.16 -14.83
N ASP I 950 -30.47 -31.72 -13.63
CA ASP I 950 -29.71 -31.03 -12.61
C ASP I 950 -28.21 -31.07 -12.89
N VAL I 951 -27.77 -31.98 -13.76
CA VAL I 951 -26.36 -32.03 -14.12
C VAL I 951 -26.03 -30.93 -15.13
N VAL I 952 -26.86 -30.78 -16.16
CA VAL I 952 -26.57 -29.84 -17.24
C VAL I 952 -26.81 -28.40 -16.79
N ASN I 953 -27.85 -28.18 -15.98
CA ASN I 953 -28.20 -26.82 -15.58
C ASN I 953 -27.22 -26.26 -14.55
N GLN I 954 -26.81 -27.08 -13.58
CA GLN I 954 -25.91 -26.59 -12.53
C GLN I 954 -24.51 -26.36 -13.08
N ASN I 955 -24.09 -27.16 -14.05
CA ASN I 955 -22.79 -26.93 -14.68
C ASN I 955 -22.83 -25.71 -15.60
N ALA I 956 -24.02 -25.31 -16.04
CA ALA I 956 -24.14 -24.11 -16.87
C ALA I 956 -24.37 -22.87 -16.03
N GLN I 957 -25.14 -22.99 -14.94
CA GLN I 957 -25.45 -21.82 -14.13
C GLN I 957 -24.29 -21.41 -13.24
N ALA I 958 -23.59 -22.38 -12.64
CA ALA I 958 -22.44 -22.03 -11.79
C ALA I 958 -21.26 -21.55 -12.62
N LEU I 959 -21.20 -21.97 -13.89
CA LEU I 959 -20.21 -21.40 -14.79
C LEU I 959 -20.55 -19.95 -15.14
N ASN I 960 -21.85 -19.67 -15.32
CA ASN I 960 -22.27 -18.30 -15.58
C ASN I 960 -22.21 -17.45 -14.32
N THR I 961 -22.37 -18.08 -13.15
CA THR I 961 -22.23 -17.36 -11.89
C THR I 961 -20.77 -17.01 -11.62
N LEU I 962 -19.84 -17.79 -12.19
CA LEU I 962 -18.43 -17.49 -12.06
C LEU I 962 -18.07 -16.24 -12.86
N VAL I 963 -18.73 -16.02 -14.01
CA VAL I 963 -18.53 -14.80 -14.77
C VAL I 963 -19.21 -13.62 -14.07
N LYS I 964 -20.26 -13.88 -13.30
CA LYS I 964 -20.92 -12.81 -12.55
C LYS I 964 -20.07 -12.33 -11.39
N GLN I 965 -19.09 -13.13 -10.95
CA GLN I 965 -18.17 -12.68 -9.92
C GLN I 965 -17.10 -11.75 -10.47
N LEU I 966 -16.95 -11.66 -11.79
CA LEU I 966 -16.00 -10.72 -12.38
C LEU I 966 -16.48 -9.28 -12.23
N SER I 967 -17.80 -9.07 -12.14
CA SER I 967 -18.36 -7.75 -11.89
C SER I 967 -18.28 -7.34 -10.43
N SER I 968 -17.93 -8.26 -9.53
CA SER I 968 -17.80 -7.94 -8.12
C SER I 968 -16.49 -7.20 -7.86
N ASN I 969 -16.54 -6.27 -6.91
CA ASN I 969 -15.38 -5.43 -6.60
C ASN I 969 -14.45 -6.07 -5.59
N PHE I 970 -14.98 -6.91 -4.70
CA PHE I 970 -14.24 -7.59 -3.62
C PHE I 970 -13.50 -6.62 -2.72
N GLY I 971 -14.09 -5.45 -2.46
CA GLY I 971 -13.48 -4.43 -1.64
C GLY I 971 -12.55 -3.48 -2.36
N ALA I 972 -12.26 -3.72 -3.63
CA ALA I 972 -11.37 -2.85 -4.38
C ALA I 972 -12.14 -1.63 -4.90
N ILE I 973 -11.42 -0.79 -5.66
CA ILE I 973 -12.03 0.43 -6.18
C ILE I 973 -12.92 0.11 -7.40
N SER I 974 -12.54 -0.89 -8.20
CA SER I 974 -13.30 -1.22 -9.39
C SER I 974 -13.11 -2.71 -9.70
N SER I 975 -14.04 -3.25 -10.48
CA SER I 975 -13.99 -4.64 -10.89
C SER I 975 -13.28 -4.85 -12.23
N VAL I 976 -13.16 -3.79 -13.03
CA VAL I 976 -12.52 -3.91 -14.35
C VAL I 976 -11.00 -3.94 -14.17
N LEU I 977 -10.34 -4.84 -14.90
CA LEU I 977 -8.89 -4.97 -14.81
C LEU I 977 -8.18 -3.79 -15.47
N ASN I 978 -8.69 -3.35 -16.63
CA ASN I 978 -8.04 -2.27 -17.37
C ASN I 978 -8.26 -0.91 -16.74
N ASP I 979 -9.24 -0.77 -15.85
CA ASP I 979 -9.51 0.50 -15.19
C ASP I 979 -8.69 0.71 -13.92
N ILE I 980 -7.75 -0.19 -13.61
CA ILE I 980 -6.91 -0.08 -12.44
C ILE I 980 -5.43 -0.02 -12.80
N LEU I 981 -4.98 -0.92 -13.69
CA LEU I 981 -3.57 -0.96 -14.06
C LEU I 981 -3.19 0.21 -14.95
N SER I 982 -4.07 0.61 -15.86
CA SER I 982 -3.78 1.72 -16.75
C SER I 982 -4.18 3.07 -16.16
N ARG I 983 -4.96 3.08 -15.09
CA ARG I 983 -5.43 4.33 -14.50
C ARG I 983 -4.62 4.71 -13.26
N LEU I 984 -4.52 3.81 -12.29
CA LEU I 984 -3.87 4.11 -11.02
C LEU I 984 -2.36 3.96 -11.14
N ASP I 985 -1.66 4.44 -10.10
CA ASP I 985 -0.23 4.33 -10.03
C ASP I 985 0.18 2.89 -9.74
N PRO I 986 1.36 2.46 -10.20
CA PRO I 986 1.85 1.10 -9.90
C PRO I 986 2.09 0.83 -8.42
N PRO I 987 2.44 1.82 -7.57
CA PRO I 987 2.29 1.56 -6.12
C PRO I 987 0.85 1.51 -5.64
N GLU I 988 -0.10 2.08 -6.39
CA GLU I 988 -1.48 2.11 -5.93
C GLU I 988 -2.35 1.02 -6.56
N ALA I 989 -1.97 0.56 -7.76
CA ALA I 989 -2.79 -0.45 -8.44
C ALA I 989 -2.58 -1.84 -7.85
N GLU I 990 -1.40 -2.09 -7.29
CA GLU I 990 -1.08 -3.44 -6.79
C GLU I 990 -1.87 -3.77 -5.54
N VAL I 991 -2.32 -2.75 -4.80
CA VAL I 991 -3.18 -3.00 -3.65
C VAL I 991 -4.59 -3.35 -4.12
N GLN I 992 -5.04 -2.73 -5.21
CA GLN I 992 -6.40 -2.95 -5.69
C GLN I 992 -6.53 -4.26 -6.47
N ILE I 993 -5.48 -4.64 -7.20
CA ILE I 993 -5.53 -5.89 -7.97
C ILE I 993 -5.42 -7.09 -7.05
N ASP I 994 -4.64 -6.98 -5.95
CA ASP I 994 -4.54 -8.07 -4.99
C ASP I 994 -5.84 -8.29 -4.23
N ARG I 995 -6.69 -7.26 -4.13
CA ARG I 995 -8.04 -7.47 -3.63
C ARG I 995 -8.90 -8.18 -4.66
N LEU I 996 -8.63 -7.94 -5.94
CA LEU I 996 -9.36 -8.64 -7.01
C LEU I 996 -8.81 -10.04 -7.22
N ILE I 997 -7.51 -10.24 -6.99
CA ILE I 997 -6.91 -11.56 -7.15
C ILE I 997 -7.39 -12.49 -6.04
N THR I 998 -7.28 -12.05 -4.78
CA THR I 998 -7.72 -12.87 -3.66
C THR I 998 -9.23 -13.00 -3.60
N GLY I 999 -9.96 -12.05 -4.20
CA GLY I 999 -11.39 -12.16 -4.30
C GLY I 999 -11.83 -13.19 -5.33
N ARG I 1000 -11.09 -13.27 -6.44
CA ARG I 1000 -11.43 -14.24 -7.48
C ARG I 1000 -10.83 -15.61 -7.19
N LEU I 1001 -9.75 -15.67 -6.40
CA LEU I 1001 -9.22 -16.97 -6.00
C LEU I 1001 -10.13 -17.67 -5.00
N GLN I 1002 -10.82 -16.90 -4.15
CA GLN I 1002 -11.87 -17.48 -3.32
C GLN I 1002 -13.09 -17.84 -4.14
N SER I 1003 -13.32 -17.11 -5.24
CA SER I 1003 -14.39 -17.47 -6.16
C SER I 1003 -14.04 -18.73 -6.94
N LEU I 1004 -12.76 -18.90 -7.29
CA LEU I 1004 -12.33 -20.15 -7.92
C LEU I 1004 -12.23 -21.28 -6.91
N GLN I 1005 -12.04 -20.97 -5.63
CA GLN I 1005 -12.05 -22.00 -4.60
C GLN I 1005 -13.45 -22.55 -4.38
N THR I 1006 -14.46 -21.67 -4.35
CA THR I 1006 -15.83 -22.12 -4.19
C THR I 1006 -16.37 -22.75 -5.45
N TYR I 1007 -15.78 -22.45 -6.61
CA TYR I 1007 -16.24 -23.05 -7.86
C TYR I 1007 -15.73 -24.48 -8.00
N VAL I 1008 -14.48 -24.73 -7.60
CA VAL I 1008 -13.90 -26.06 -7.75
C VAL I 1008 -14.41 -27.01 -6.68
N THR I 1009 -14.49 -26.54 -5.44
CA THR I 1009 -14.83 -27.41 -4.31
C THR I 1009 -16.29 -27.84 -4.36
N GLN I 1010 -17.19 -26.92 -4.73
CA GLN I 1010 -18.60 -27.28 -4.86
C GLN I 1010 -18.84 -28.17 -6.07
N GLN I 1011 -18.00 -28.04 -7.10
CA GLN I 1011 -18.11 -28.94 -8.25
C GLN I 1011 -17.52 -30.31 -7.92
N LEU I 1012 -16.47 -30.35 -7.10
CA LEU I 1012 -15.83 -31.61 -6.74
C LEU I 1012 -16.71 -32.45 -5.84
N ILE I 1013 -17.54 -31.81 -5.01
CA ILE I 1013 -18.55 -32.54 -4.25
C ILE I 1013 -19.61 -33.09 -5.19
N ARG I 1014 -20.03 -32.30 -6.19
CA ARG I 1014 -20.98 -32.78 -7.18
C ARG I 1014 -20.35 -33.80 -8.11
N ALA I 1015 -19.04 -33.72 -8.35
CA ALA I 1015 -18.38 -34.71 -9.18
C ALA I 1015 -18.19 -36.02 -8.42
N ALA I 1016 -18.03 -35.94 -7.09
CA ALA I 1016 -17.86 -37.16 -6.30
C ALA I 1016 -19.16 -37.94 -6.19
N GLU I 1017 -20.30 -37.26 -6.24
CA GLU I 1017 -21.58 -37.95 -6.18
C GLU I 1017 -21.90 -38.64 -7.49
N ILE I 1018 -21.51 -38.03 -8.62
CA ILE I 1018 -21.75 -38.65 -9.93
C ILE I 1018 -20.77 -39.79 -10.15
N ARG I 1019 -19.52 -39.64 -9.70
CA ARG I 1019 -18.53 -40.71 -9.83
C ARG I 1019 -18.89 -41.90 -8.95
N ALA I 1020 -19.45 -41.65 -7.76
CA ALA I 1020 -19.97 -42.74 -6.95
C ALA I 1020 -21.22 -43.35 -7.58
N SER I 1021 -22.02 -42.52 -8.27
CA SER I 1021 -23.15 -43.05 -9.02
C SER I 1021 -22.69 -43.81 -10.25
N ALA I 1022 -21.58 -43.38 -10.86
CA ALA I 1022 -21.02 -44.10 -12.00
C ALA I 1022 -20.37 -45.41 -11.55
N ASN I 1023 -19.80 -45.42 -10.35
CA ASN I 1023 -19.32 -46.68 -9.77
C ASN I 1023 -20.48 -47.59 -9.40
N LEU I 1024 -21.61 -47.00 -9.00
CA LEU I 1024 -22.81 -47.79 -8.80
C LEU I 1024 -23.42 -48.21 -10.13
N ALA I 1025 -23.26 -47.38 -11.17
CA ALA I 1025 -23.74 -47.75 -12.50
C ALA I 1025 -22.90 -48.88 -13.09
N ALA I 1026 -21.61 -48.91 -12.76
CA ALA I 1026 -20.79 -50.07 -13.10
C ALA I 1026 -21.15 -51.27 -12.22
N THR I 1027 -21.62 -51.01 -11.00
CA THR I 1027 -22.08 -52.08 -10.13
C THR I 1027 -23.45 -52.59 -10.58
N LYS I 1028 -24.33 -51.69 -11.02
CA LYS I 1028 -25.64 -52.11 -11.51
C LYS I 1028 -25.52 -52.81 -12.86
N MET I 1029 -24.47 -52.51 -13.62
CA MET I 1029 -24.27 -53.22 -14.88
C MET I 1029 -23.67 -54.60 -14.66
N SER I 1030 -22.75 -54.72 -13.70
CA SER I 1030 -22.09 -56.01 -13.48
C SER I 1030 -22.97 -56.99 -12.71
N GLU I 1031 -23.77 -56.49 -11.77
CA GLU I 1031 -24.54 -57.37 -10.90
C GLU I 1031 -25.97 -57.59 -11.39
N CYS I 1032 -26.61 -56.57 -11.94
CA CYS I 1032 -28.01 -56.67 -12.36
C CYS I 1032 -28.17 -56.87 -13.87
N VAL I 1033 -27.42 -56.12 -14.68
CA VAL I 1033 -27.51 -56.31 -16.13
C VAL I 1033 -26.75 -57.56 -16.54
N LEU I 1034 -25.55 -57.77 -16.00
CA LEU I 1034 -24.76 -58.95 -16.29
C LEU I 1034 -24.92 -60.02 -15.21
N GLY I 1035 -26.10 -60.13 -14.61
CA GLY I 1035 -26.33 -61.16 -13.62
C GLY I 1035 -27.72 -61.05 -13.04
N GLN I 1036 -27.85 -61.50 -11.80
CA GLN I 1036 -29.11 -61.44 -11.07
C GLN I 1036 -28.80 -61.08 -9.62
N SER I 1037 -29.34 -59.96 -9.15
CA SER I 1037 -29.07 -59.46 -7.82
C SER I 1037 -30.27 -59.70 -6.91
N LYS I 1038 -29.98 -59.89 -5.61
CA LYS I 1038 -31.00 -60.05 -4.59
C LYS I 1038 -30.99 -58.91 -3.58
N ARG I 1039 -30.24 -57.85 -3.86
CA ARG I 1039 -30.16 -56.70 -2.95
C ARG I 1039 -31.41 -55.84 -3.12
N VAL I 1040 -32.14 -55.64 -2.03
CA VAL I 1040 -33.38 -54.88 -2.07
C VAL I 1040 -33.05 -53.39 -2.17
N ASP I 1041 -33.91 -52.65 -2.90
CA ASP I 1041 -33.79 -51.21 -3.13
C ASP I 1041 -32.48 -50.83 -3.81
N PHE I 1042 -31.99 -51.71 -4.69
CA PHE I 1042 -30.79 -51.45 -5.49
C PHE I 1042 -31.08 -51.49 -6.98
N CYS I 1043 -31.77 -52.54 -7.44
CA CYS I 1043 -32.16 -52.69 -8.85
C CYS I 1043 -33.65 -52.98 -8.89
N GLY I 1044 -34.46 -51.92 -8.91
CA GLY I 1044 -35.89 -52.06 -8.96
C GLY I 1044 -36.53 -52.42 -7.64
N LYS I 1045 -37.86 -52.47 -7.59
CA LYS I 1045 -38.60 -52.84 -6.40
C LYS I 1045 -39.07 -54.28 -6.51
N GLY I 1046 -38.65 -55.11 -5.57
CA GLY I 1046 -39.04 -56.51 -5.57
C GLY I 1046 -37.91 -57.43 -6.01
N TYR I 1047 -38.31 -58.62 -6.44
CA TYR I 1047 -37.36 -59.64 -6.89
C TYR I 1047 -36.86 -59.26 -8.28
N HIS I 1048 -35.56 -58.98 -8.38
CA HIS I 1048 -34.98 -58.54 -9.63
C HIS I 1048 -34.78 -59.73 -10.58
N LEU I 1049 -35.22 -59.56 -11.83
CA LEU I 1049 -35.03 -60.57 -12.87
C LEU I 1049 -33.89 -60.19 -13.82
N MET I 1050 -34.01 -59.04 -14.48
CA MET I 1050 -33.00 -58.58 -15.43
C MET I 1050 -33.11 -57.06 -15.54
N SER I 1051 -32.16 -56.47 -16.25
CA SER I 1051 -32.11 -55.03 -16.45
C SER I 1051 -31.56 -54.73 -17.84
N PHE I 1052 -32.07 -53.66 -18.45
CA PHE I 1052 -31.66 -53.24 -19.78
C PHE I 1052 -31.15 -51.81 -19.73
N PRO I 1053 -29.91 -51.54 -20.12
CA PRO I 1053 -29.41 -50.16 -20.13
C PRO I 1053 -29.90 -49.38 -21.35
N GLN I 1054 -30.03 -48.08 -21.16
CA GLN I 1054 -30.47 -47.17 -22.20
C GLN I 1054 -29.47 -46.03 -22.33
N SER I 1055 -29.20 -45.61 -23.57
CA SER I 1055 -28.26 -44.54 -23.83
C SER I 1055 -28.90 -43.19 -23.51
N ALA I 1056 -28.44 -42.55 -22.45
CA ALA I 1056 -28.95 -41.28 -21.99
C ALA I 1056 -27.90 -40.19 -22.16
N PRO I 1057 -28.32 -38.95 -22.44
CA PRO I 1057 -27.35 -37.84 -22.54
C PRO I 1057 -26.73 -37.50 -21.19
N HIS I 1058 -25.39 -37.65 -21.10
CA HIS I 1058 -24.60 -37.42 -19.89
C HIS I 1058 -25.10 -38.26 -18.72
N GLY I 1059 -25.49 -39.49 -19.00
CA GLY I 1059 -25.98 -40.38 -17.96
C GLY I 1059 -26.32 -41.73 -18.52
N VAL I 1060 -26.96 -42.55 -17.68
CA VAL I 1060 -27.37 -43.89 -18.06
C VAL I 1060 -28.73 -44.17 -17.43
N VAL I 1061 -29.58 -44.90 -18.16
CA VAL I 1061 -30.91 -45.28 -17.71
C VAL I 1061 -31.03 -46.79 -17.77
N PHE I 1062 -31.33 -47.40 -16.63
CA PHE I 1062 -31.53 -48.84 -16.53
C PHE I 1062 -33.01 -49.14 -16.36
N LEU I 1063 -33.48 -50.19 -17.04
CA LEU I 1063 -34.86 -50.65 -16.95
C LEU I 1063 -34.86 -51.99 -16.22
N HIS I 1064 -34.96 -51.93 -14.89
CA HIS I 1064 -34.87 -53.12 -14.05
C HIS I 1064 -36.20 -53.87 -14.12
N VAL I 1065 -36.20 -55.00 -14.80
CA VAL I 1065 -37.38 -55.86 -14.86
C VAL I 1065 -37.48 -56.63 -13.55
N THR I 1066 -38.59 -56.44 -12.84
CA THR I 1066 -38.77 -57.02 -11.51
C THR I 1066 -40.01 -57.91 -11.49
N TYR I 1067 -40.00 -58.87 -10.57
CA TYR I 1067 -41.12 -59.79 -10.36
C TYR I 1067 -41.93 -59.29 -9.17
N VAL I 1068 -43.15 -58.84 -9.43
CA VAL I 1068 -44.02 -58.27 -8.41
C VAL I 1068 -45.32 -59.09 -8.36
N PRO I 1069 -45.66 -59.70 -7.22
CA PRO I 1069 -46.94 -60.41 -7.13
C PRO I 1069 -48.11 -59.43 -7.01
N ALA I 1070 -49.27 -59.88 -7.48
CA ALA I 1070 -50.47 -59.06 -7.51
C ALA I 1070 -51.55 -59.54 -6.57
N GLN I 1071 -51.98 -60.79 -6.71
CA GLN I 1071 -53.05 -61.35 -5.89
C GLN I 1071 -52.47 -62.19 -4.75
N GLU I 1072 -53.35 -62.55 -3.82
CA GLU I 1072 -52.95 -63.36 -2.67
C GLU I 1072 -54.15 -64.15 -2.17
N LYS I 1073 -53.87 -65.25 -1.48
CA LYS I 1073 -54.90 -66.11 -0.95
C LYS I 1073 -54.34 -66.84 0.28
N ASN I 1074 -55.17 -66.95 1.32
CA ASN I 1074 -54.77 -67.59 2.56
C ASN I 1074 -54.93 -69.09 2.46
N PHE I 1075 -53.98 -69.83 3.06
CA PHE I 1075 -54.02 -71.28 3.08
C PHE I 1075 -53.60 -71.77 4.46
N THR I 1076 -53.99 -73.00 4.76
CA THR I 1076 -53.63 -73.64 6.03
C THR I 1076 -52.24 -74.24 5.91
N THR I 1077 -51.36 -73.90 6.86
CA THR I 1077 -49.98 -74.37 6.80
C THR I 1077 -49.62 -75.21 8.00
N ALA I 1078 -48.41 -75.78 8.00
CA ALA I 1078 -47.90 -76.63 9.07
C ALA I 1078 -46.37 -76.66 8.99
N PRO I 1079 -45.67 -76.77 10.12
CA PRO I 1079 -44.20 -76.89 10.05
C PRO I 1079 -43.73 -78.23 9.52
N ALA I 1080 -44.45 -79.31 9.81
CA ALA I 1080 -44.11 -80.64 9.31
C ALA I 1080 -45.38 -81.49 9.35
N ILE I 1081 -45.29 -82.70 8.80
CA ILE I 1081 -46.40 -83.63 8.75
C ILE I 1081 -45.96 -84.98 9.31
N CYS I 1082 -46.94 -85.79 9.68
CA CYS I 1082 -46.71 -87.10 10.29
C CYS I 1082 -47.33 -88.16 9.40
N HIS I 1083 -46.49 -88.97 8.75
CA HIS I 1083 -46.95 -90.05 7.88
C HIS I 1083 -47.07 -91.37 8.64
N ASP I 1084 -46.00 -91.81 9.29
CA ASP I 1084 -45.99 -93.06 10.04
C ASP I 1084 -45.30 -92.86 11.39
N GLY I 1085 -45.59 -91.73 12.05
CA GLY I 1085 -45.00 -91.42 13.32
C GLY I 1085 -43.78 -90.54 13.27
N LYS I 1086 -43.16 -90.40 12.10
CA LYS I 1086 -41.97 -89.58 11.93
C LYS I 1086 -42.31 -88.28 11.21
N ALA I 1087 -41.55 -87.23 11.50
CA ALA I 1087 -41.79 -85.93 10.90
C ALA I 1087 -41.21 -85.86 9.50
N HIS I 1088 -41.93 -85.20 8.60
CA HIS I 1088 -41.51 -85.02 7.22
C HIS I 1088 -41.47 -83.54 6.87
N PHE I 1089 -40.40 -83.13 6.22
CA PHE I 1089 -40.19 -81.74 5.83
C PHE I 1089 -39.68 -81.72 4.39
N PRO I 1090 -40.14 -80.77 3.59
CA PRO I 1090 -39.69 -80.69 2.19
C PRO I 1090 -38.30 -80.09 2.08
N ARG I 1091 -37.79 -80.08 0.84
CA ARG I 1091 -36.47 -79.53 0.59
C ARG I 1091 -36.50 -78.01 0.63
N GLU I 1092 -37.38 -77.39 -0.15
CA GLU I 1092 -37.50 -75.94 -0.17
C GLU I 1092 -38.94 -75.59 -0.54
N GLY I 1093 -39.67 -75.03 0.41
CA GLY I 1093 -41.04 -74.62 0.19
C GLY I 1093 -41.82 -74.67 1.49
N VAL I 1094 -43.12 -74.39 1.40
CA VAL I 1094 -44.02 -74.36 2.55
C VAL I 1094 -45.22 -75.25 2.25
N PHE I 1095 -45.93 -75.63 3.31
CA PHE I 1095 -47.14 -76.42 3.18
C PHE I 1095 -48.36 -75.52 2.99
N VAL I 1096 -49.28 -75.95 2.14
CA VAL I 1096 -50.55 -75.28 1.94
C VAL I 1096 -51.66 -76.32 1.95
N SER I 1097 -52.88 -75.85 2.19
CA SER I 1097 -54.03 -76.76 2.26
C SER I 1097 -55.28 -75.99 1.86
N ASN I 1098 -56.11 -76.60 1.02
CA ASN I 1098 -57.36 -76.02 0.57
C ASN I 1098 -58.56 -76.59 1.32
N GLY I 1099 -58.34 -77.23 2.46
CA GLY I 1099 -59.40 -77.80 3.25
C GLY I 1099 -59.56 -79.31 3.09
N THR I 1100 -59.12 -79.88 1.97
CA THR I 1100 -59.25 -81.30 1.71
C THR I 1100 -57.92 -82.02 1.62
N HIS I 1101 -56.95 -81.46 0.90
CA HIS I 1101 -55.65 -82.08 0.72
C HIS I 1101 -54.55 -81.07 1.01
N TRP I 1102 -53.35 -81.58 1.26
CA TRP I 1102 -52.18 -80.76 1.53
C TRP I 1102 -51.23 -80.78 0.34
N PHE I 1103 -50.58 -79.64 0.09
CA PHE I 1103 -49.66 -79.51 -1.02
C PHE I 1103 -48.43 -78.73 -0.56
N VAL I 1104 -47.37 -78.80 -1.37
CA VAL I 1104 -46.12 -78.10 -1.10
C VAL I 1104 -45.88 -77.11 -2.23
N THR I 1105 -45.72 -75.84 -1.88
CA THR I 1105 -45.46 -74.80 -2.86
C THR I 1105 -44.43 -73.83 -2.29
N GLN I 1106 -44.01 -72.90 -3.14
CA GLN I 1106 -43.03 -71.90 -2.76
C GLN I 1106 -43.72 -70.66 -2.19
N ARG I 1107 -42.94 -69.78 -1.58
CA ARG I 1107 -43.47 -68.58 -0.96
C ARG I 1107 -43.74 -67.46 -1.96
N ASN I 1108 -43.24 -67.58 -3.19
CA ASN I 1108 -43.41 -66.54 -4.20
C ASN I 1108 -44.46 -66.88 -5.24
N PHE I 1109 -44.87 -68.14 -5.36
CA PHE I 1109 -45.89 -68.52 -6.33
C PHE I 1109 -46.59 -69.78 -5.82
N TYR I 1110 -47.89 -69.88 -6.10
CA TYR I 1110 -48.70 -71.00 -5.66
C TYR I 1110 -48.70 -72.10 -6.72
N GLU I 1111 -48.27 -73.30 -6.33
CA GLU I 1111 -48.24 -74.45 -7.23
C GLU I 1111 -48.56 -75.68 -6.42
N PRO I 1112 -49.77 -76.24 -6.56
CA PRO I 1112 -50.16 -77.40 -5.75
C PRO I 1112 -49.46 -78.69 -6.17
N GLN I 1113 -48.20 -78.84 -5.74
CA GLN I 1113 -47.44 -80.04 -6.06
C GLN I 1113 -47.84 -81.18 -5.13
N ILE I 1114 -47.80 -82.40 -5.67
CA ILE I 1114 -48.15 -83.58 -4.89
C ILE I 1114 -47.02 -83.90 -3.92
N ILE I 1115 -47.39 -84.13 -2.66
CA ILE I 1115 -46.41 -84.46 -1.62
C ILE I 1115 -45.92 -85.89 -1.85
N THR I 1116 -44.68 -86.02 -2.32
CA THR I 1116 -44.09 -87.32 -2.61
C THR I 1116 -42.87 -87.54 -1.71
N THR I 1117 -42.32 -88.75 -1.78
CA THR I 1117 -41.14 -89.08 -0.99
C THR I 1117 -39.88 -88.44 -1.57
N ASP I 1118 -39.89 -88.14 -2.87
CA ASP I 1118 -38.73 -87.51 -3.50
C ASP I 1118 -38.63 -86.02 -3.18
N ASN I 1119 -39.71 -85.40 -2.73
CA ASN I 1119 -39.71 -83.98 -2.41
C ASN I 1119 -39.54 -83.69 -0.92
N THR I 1120 -39.89 -84.64 -0.06
CA THR I 1120 -39.79 -84.46 1.39
C THR I 1120 -38.73 -85.38 1.97
N PHE I 1121 -38.24 -85.02 3.16
CA PHE I 1121 -37.24 -85.78 3.87
C PHE I 1121 -37.72 -86.08 5.27
N VAL I 1122 -37.32 -87.25 5.79
CA VAL I 1122 -37.75 -87.72 7.10
C VAL I 1122 -36.60 -87.60 8.08
N SER I 1123 -36.83 -86.91 9.19
CA SER I 1123 -35.83 -86.76 10.25
C SER I 1123 -36.53 -86.50 11.56
N GLY I 1124 -36.02 -87.12 12.63
CA GLY I 1124 -36.61 -86.91 13.96
C GLY I 1124 -37.88 -87.71 14.14
N ASN I 1125 -38.82 -87.13 14.89
CA ASN I 1125 -40.08 -87.79 15.18
C ASN I 1125 -41.17 -86.73 15.31
N CYS I 1126 -42.38 -87.20 15.60
CA CYS I 1126 -43.56 -86.35 15.70
C CYS I 1126 -43.97 -86.03 17.14
N ASP I 1127 -43.01 -86.00 18.06
CA ASP I 1127 -43.29 -85.69 19.46
C ASP I 1127 -42.66 -84.38 19.91
N VAL I 1128 -41.45 -84.08 19.47
CA VAL I 1128 -40.77 -82.87 19.92
C VAL I 1128 -41.21 -81.65 19.14
N VAL I 1129 -41.80 -81.83 17.96
CA VAL I 1129 -42.24 -80.72 17.13
C VAL I 1129 -43.57 -80.18 17.67
N ILE I 1130 -43.61 -78.88 17.95
CA ILE I 1130 -44.81 -78.27 18.50
C ILE I 1130 -45.71 -77.80 17.37
N GLY I 1131 -46.99 -78.15 17.43
CA GLY I 1131 -47.93 -77.73 16.41
C GLY I 1131 -47.89 -78.55 15.14
N ILE I 1132 -47.63 -79.84 15.24
CA ILE I 1132 -47.53 -80.70 14.06
C ILE I 1132 -48.89 -81.30 13.76
N VAL I 1133 -49.09 -81.71 12.49
CA VAL I 1133 -50.33 -82.31 12.05
C VAL I 1133 -50.02 -83.67 11.43
N ASN I 1134 -51.09 -84.37 11.05
CA ASN I 1134 -50.98 -85.68 10.42
C ASN I 1134 -51.37 -85.58 8.95
N ASN I 1135 -50.71 -86.37 8.11
CA ASN I 1135 -50.95 -86.37 6.68
C ASN I 1135 -50.53 -87.72 6.12
N THR I 1136 -50.59 -87.84 4.80
CA THR I 1136 -50.18 -89.05 4.09
C THR I 1136 -49.22 -88.67 2.97
N VAL I 1137 -48.01 -89.23 3.01
CA VAL I 1137 -46.98 -88.97 2.00
C VAL I 1137 -47.11 -90.04 0.93
N TYR I 1138 -47.24 -89.61 -0.33
CA TYR I 1138 -47.38 -90.53 -1.44
C TYR I 1138 -46.04 -91.19 -1.75
N ASP I 1139 -46.00 -92.52 -1.66
CA ASP I 1139 -44.80 -93.28 -1.98
C ASP I 1139 -44.99 -93.94 -3.34
N PRO I 1140 -44.22 -93.57 -4.36
CA PRO I 1140 -44.40 -94.17 -5.69
C PRO I 1140 -43.89 -95.59 -5.80
N LEU I 1141 -43.11 -96.08 -4.83
CA LEU I 1141 -42.61 -97.44 -4.88
C LEU I 1141 -43.66 -98.47 -4.48
N GLN I 1142 -44.74 -98.03 -3.80
CA GLN I 1142 -45.76 -98.99 -3.36
C GLN I 1142 -46.69 -99.46 -4.47
N PRO I 1143 -47.31 -98.59 -5.31
CA PRO I 1143 -48.18 -99.15 -6.35
C PRO I 1143 -47.41 -99.76 -7.52
N GLU I 1144 -46.14 -99.39 -7.71
CA GLU I 1144 -45.36 -100.02 -8.77
C GLU I 1144 -44.91 -101.42 -8.38
N LEU I 1145 -44.87 -101.73 -7.08
CA LEU I 1145 -44.52 -103.07 -6.64
C LEU I 1145 -45.66 -104.04 -6.90
N ASP I 1146 -46.89 -103.64 -6.57
CA ASP I 1146 -48.05 -104.51 -6.75
C ASP I 1146 -48.47 -104.64 -8.21
N SER I 1147 -48.08 -103.69 -9.06
CA SER I 1147 -48.43 -103.73 -10.48
C SER I 1147 -47.60 -104.79 -11.21
#